data_7LPS
#
_entry.id   7LPS
#
_cell.length_a   151.800
_cell.length_b   117.292
_cell.length_c   196.713
_cell.angle_alpha   90.00
_cell.angle_beta   97.30
_cell.angle_gamma   90.00
#
_symmetry.space_group_name_H-M   'P 1 21 1'
#
loop_
_entity.id
_entity.type
_entity.pdbx_description
1 polymer 'DNA damage-binding protein 1'
2 polymer 'Protein cereblon'
3 polymer 'Zinc finger protein Helios'
4 non-polymer 'ZINC ION'
5 non-polymer 3-[3-[[1-[(3~{S})-2,6-bis(oxidanylidene)piperidin-3-yl]-2,5-bis(oxidanylidene)pyrrol-3-yl]amino]phenyl]-~{N}-(3-chloranyl-4-methyl-phenyl)propanamide
#
loop_
_entity_poly.entity_id
_entity_poly.type
_entity_poly.pdbx_seq_one_letter_code
_entity_poly.pdbx_strand_id
1 'polypeptide(L)'
;MSYNYVVTAQKPTAVNGCVTGHFTSAEDLNLLIAKNTRLEIYVVTAEGLRPVKEVGMYGKIAVMELFRPKGESKDLLFIL
TAKYNACILEYKQSGESIDIITRAHGNVQDRIGRPSETGIIGIIDPECRMIGLRLYDGLFKVIPLDRDNKELKAFNIRLE
ELHVIDVKFLYGCQAPTICFVYQDPQGRHVKTYEVSLREKEFNKGPWKQENVEAEASMVIAVPEPFGGAIIIGQESITYH
NGDKYLAIAPPIIKQSTIVCHNRVDPNGSRYLLGDMEGRLFMLLLEKEEQMDGTVTLKDLRVELLGETSIAECLTYLDNG
VVFVGSRLGDSQLVKLNVDSNEQGSYVVAMETFTNLGPIVDMCVVDLERQGQGQLVTCSGAFKEGSLRIIRNGIGIHEHA
SIDLPGIKGLWPLRSDPNRETDDTLVLSFVGQTRVLMLNGEEVEETELMGFVDDQQTFFCGNVAHQQLIQITSASVRLVS
QEPKALVSEWKEPQAKNISVASCNSSQVVVAVGRALYYLQIHPQELRQISHTEMEHEVACLDITPLGDSNGLSPLCAIGL
WTDISARILKLPSFELLHKEMLGGEIIPRSILMTTFESSHYLLCALGDGALFYFGLNIETGLLSDRKKVTLGTQPTVLRT
FRSLSTTNVFACSDRPTVIYSSNHKLVFSNVNLKEVNYMCPLNSDGYPDSLALANNSTLTIGTIDEIQKLHIRTVPLYES
PRKICYQEVSQCFGVLSSRIEVQDTSGGTTALRPSASTQALSSSVSSSKLFSSSTAPHETSFGEEVEVHNLLIIDQHTFE
VLHAHQFLQNEYALSLVSCKLGKDPNTYFIVGTAMVYPEEAEPKQGRIVVFQYSDGKLQTVAEKEVKGAVYSMVEFNGKL
LASINSTVRLYEWTTEKELRTECNHYNNIMALYLKTKGDFILVGDLMRSVLLLAYKPMEGNFEEIARDFNPNWMSAVEIL
DDDNFLGAENAFNLFVCQKDSAATTDEERQHLQEVGLFHLGEFVNVFCHGSLVMQNLGETSTPTQGSVLFGTVNGMIGLV
TSLSESWYNLLLDMQNRLNKVIKSVGKIEHSFWRSFHTERKTEPATGFIDGDLIESFLDISRPKMQEVVANLQYDDGSGM
KREATADDLIKVVEELTRIH
;
A,D,G,J
2 'polypeptide(L)'
;INFDTSLPTSHTYLGADMEEFHGRTLHDDDSCQVIPVLPQVMMILIPGQTLPLQLFHPQEVSMVRNLIQKDRTFAVLAYS
NVQEREAQFGTTAEIYAYREEQDFGIEIVKVKAIGRQRFKVLELRTQSDGIQQAKVQILPECVLPSTMSAVQLESLNKCQ
IFPSKPVSREDQCSYKWWQKYQKRKFHCANLTSWPRWLYSLYDAETLMDRIKKQLREWDENLKDDSLPSNPIDFSYRVAA
CLPIDDVLRIQLLKIGSAIQRLRCELDIMNKCTSLCCKQCQETEITTKNEIFSLSLCGPMAAYVNPHGYVHETLTVYKAC
NLNLIGRPSTEHSWFPGYAWTVAQCKICASHIGWKFTATKKDMSPQKFWGLTRSALLPTIPDTEDEISPD
;
B,E,H,K
3 'polypeptide(L)' GERPFHCNQCGASFTQKGNLLRHIKLHSG C,F,I,L
#
# COMPACT_ATOMS: atom_id res chain seq x y z
N MET A 1 26.08 -69.09 -27.61
CA MET A 1 27.53 -69.19 -27.56
C MET A 1 28.04 -70.18 -26.51
N SER A 2 27.24 -70.47 -25.49
CA SER A 2 27.66 -71.38 -24.43
C SER A 2 27.28 -72.85 -24.65
N TYR A 3 25.99 -73.14 -24.88
CA TYR A 3 25.42 -74.47 -25.08
C TYR A 3 25.73 -75.43 -23.93
N ASN A 4 24.81 -75.56 -22.99
CA ASN A 4 24.97 -76.46 -21.85
C ASN A 4 23.73 -77.37 -21.67
N TYR A 5 23.85 -78.40 -20.84
CA TYR A 5 22.79 -79.36 -20.59
C TYR A 5 22.63 -79.56 -19.09
N VAL A 6 21.43 -79.32 -18.57
CA VAL A 6 21.16 -79.47 -17.14
C VAL A 6 20.11 -80.54 -16.87
N VAL A 7 20.45 -81.57 -16.11
CA VAL A 7 19.54 -82.66 -15.80
C VAL A 7 19.45 -82.92 -14.29
N THR A 8 18.32 -83.45 -13.83
CA THR A 8 18.12 -83.77 -12.43
C THR A 8 18.48 -85.23 -12.19
N ALA A 9 19.45 -85.47 -11.30
CA ALA A 9 19.84 -86.83 -10.95
C ALA A 9 19.06 -87.35 -9.73
N GLN A 10 18.64 -86.46 -8.84
CA GLN A 10 17.87 -86.82 -7.66
C GLN A 10 16.73 -85.82 -7.49
N LYS A 11 15.50 -86.32 -7.37
CA LYS A 11 14.32 -85.49 -7.16
C LYS A 11 14.40 -84.78 -5.80
N PRO A 12 13.84 -83.57 -5.70
CA PRO A 12 13.86 -82.87 -4.41
C PRO A 12 13.08 -83.63 -3.35
N THR A 13 13.70 -83.86 -2.20
CA THR A 13 13.10 -84.64 -1.11
C THR A 13 12.46 -83.78 -0.01
N ALA A 14 12.81 -82.48 0.05
CA ALA A 14 12.28 -81.60 1.09
C ALA A 14 10.78 -81.39 0.97
N VAL A 15 10.06 -81.63 2.06
CA VAL A 15 8.62 -81.48 2.09
C VAL A 15 8.23 -80.08 2.52
N ASN A 16 7.64 -79.30 1.61
CA ASN A 16 7.20 -77.94 1.92
C ASN A 16 5.69 -77.78 2.18
N GLY A 17 4.94 -78.87 2.02
CA GLY A 17 3.49 -78.83 2.25
C GLY A 17 2.85 -80.20 2.18
N CYS A 18 1.77 -80.38 2.96
CA CYS A 18 1.04 -81.65 2.99
C CYS A 18 -0.42 -81.41 3.38
N VAL A 19 -1.34 -82.15 2.76
CA VAL A 19 -2.76 -82.03 3.02
C VAL A 19 -3.44 -83.41 2.99
N THR A 20 -4.62 -83.51 3.60
CA THR A 20 -5.42 -84.73 3.60
C THR A 20 -6.83 -84.47 3.10
N GLY A 21 -7.46 -85.50 2.57
CA GLY A 21 -8.81 -85.39 2.06
C GLY A 21 -9.27 -86.62 1.31
N HIS A 22 -10.10 -86.41 0.28
CA HIS A 22 -10.65 -87.47 -0.56
C HIS A 22 -10.50 -87.03 -2.02
N PHE A 23 -9.28 -87.14 -2.55
CA PHE A 23 -8.96 -86.71 -3.89
C PHE A 23 -9.24 -87.72 -5.00
N THR A 24 -8.90 -88.99 -4.79
CA THR A 24 -9.10 -90.05 -5.77
C THR A 24 -10.54 -90.53 -5.80
N SER A 25 -11.15 -90.68 -4.63
CA SER A 25 -12.53 -91.14 -4.50
C SER A 25 -13.07 -90.76 -3.12
N ALA A 26 -14.40 -90.62 -3.01
CA ALA A 26 -15.05 -90.26 -1.74
C ALA A 26 -14.82 -91.27 -0.61
N GLU A 27 -14.49 -92.52 -0.95
CA GLU A 27 -14.25 -93.56 0.03
C GLU A 27 -12.79 -93.61 0.47
N ASP A 28 -11.85 -93.52 -0.49
CA ASP A 28 -10.42 -93.57 -0.19
C ASP A 28 -9.97 -92.34 0.58
N LEU A 29 -9.06 -92.53 1.53
CA LEU A 29 -8.52 -91.44 2.32
C LEU A 29 -7.17 -91.07 1.71
N ASN A 30 -7.07 -89.89 1.13
CA ASN A 30 -5.86 -89.47 0.44
C ASN A 30 -4.98 -88.51 1.22
N LEU A 31 -3.67 -88.65 1.02
CA LEU A 31 -2.65 -87.81 1.63
C LEU A 31 -1.77 -87.31 0.49
N LEU A 32 -1.73 -85.99 0.32
CA LEU A 32 -0.96 -85.39 -0.75
C LEU A 32 0.25 -84.70 -0.15
N ILE A 33 1.43 -84.98 -0.71
CA ILE A 33 2.67 -84.40 -0.24
C ILE A 33 3.34 -83.64 -1.36
N ALA A 34 3.67 -82.36 -1.12
CA ALA A 34 4.35 -81.54 -2.12
C ALA A 34 5.83 -81.49 -1.82
N LYS A 35 6.66 -81.65 -2.85
CA LYS A 35 8.11 -81.59 -2.71
C LYS A 35 8.64 -80.61 -3.75
N ASN A 36 8.40 -79.32 -3.50
CA ASN A 36 8.78 -78.22 -4.37
C ASN A 36 8.09 -78.30 -5.75
N THR A 37 8.69 -78.98 -6.75
CA THR A 37 8.11 -79.12 -8.09
C THR A 37 7.39 -80.44 -8.34
N ARG A 38 7.43 -81.36 -7.36
CA ARG A 38 6.81 -82.67 -7.47
C ARG A 38 5.62 -82.77 -6.53
N LEU A 39 4.66 -83.61 -6.90
CA LEU A 39 3.51 -83.87 -6.06
C LEU A 39 3.30 -85.38 -6.00
N GLU A 40 3.10 -85.90 -4.79
CA GLU A 40 2.89 -87.33 -4.60
C GLU A 40 1.56 -87.58 -3.92
N ILE A 41 0.79 -88.54 -4.45
CA ILE A 41 -0.50 -88.91 -3.88
C ILE A 41 -0.39 -90.28 -3.25
N TYR A 42 -0.94 -90.45 -2.05
CA TYR A 42 -0.94 -91.73 -1.36
C TYR A 42 -2.32 -92.02 -0.78
N VAL A 43 -2.65 -93.30 -0.67
CA VAL A 43 -3.90 -93.72 -0.07
C VAL A 43 -3.57 -94.22 1.33
N VAL A 44 -4.19 -93.63 2.34
CA VAL A 44 -3.97 -94.01 3.73
C VAL A 44 -4.62 -95.34 4.01
N THR A 45 -3.80 -96.38 4.15
CA THR A 45 -4.29 -97.71 4.44
C THR A 45 -4.00 -98.08 5.90
N ALA A 46 -4.59 -99.19 6.38
CA ALA A 46 -4.37 -99.64 7.75
C ALA A 46 -2.90 -100.00 8.00
N GLU A 47 -2.22 -100.53 6.99
CA GLU A 47 -0.82 -100.93 7.11
C GLU A 47 0.12 -99.72 7.08
N GLY A 48 -0.06 -98.86 6.08
CA GLY A 48 0.76 -97.68 5.92
C GLY A 48 0.22 -96.81 4.80
N LEU A 49 1.09 -96.37 3.89
CA LEU A 49 0.68 -95.55 2.76
C LEU A 49 0.78 -96.34 1.46
N ARG A 50 -0.16 -96.13 0.56
CA ARG A 50 -0.19 -96.83 -0.72
C ARG A 50 0.04 -95.84 -1.85
N PRO A 51 1.21 -95.89 -2.49
CA PRO A 51 1.49 -94.94 -3.58
C PRO A 51 0.61 -95.19 -4.79
N VAL A 52 0.12 -94.12 -5.41
CA VAL A 52 -0.76 -94.23 -6.56
C VAL A 52 -0.23 -93.45 -7.76
N LYS A 53 0.16 -92.19 -7.54
CA LYS A 53 0.64 -91.35 -8.63
C LYS A 53 1.64 -90.32 -8.13
N GLU A 54 2.65 -90.01 -8.96
CA GLU A 54 3.67 -89.01 -8.68
C GLU A 54 3.80 -88.16 -9.93
N VAL A 55 3.48 -86.86 -9.83
CA VAL A 55 3.53 -85.97 -10.98
C VAL A 55 4.56 -84.86 -10.83
N GLY A 56 5.02 -84.35 -11.97
CA GLY A 56 5.98 -83.27 -12.02
C GLY A 56 5.38 -82.05 -12.68
N MET A 57 5.29 -80.95 -11.93
CA MET A 57 4.71 -79.71 -12.40
C MET A 57 5.73 -78.75 -13.00
N TYR A 58 5.25 -77.72 -13.71
CA TYR A 58 6.10 -76.68 -14.27
C TYR A 58 5.91 -75.43 -13.44
N GLY A 59 6.15 -75.56 -12.15
CA GLY A 59 6.00 -74.49 -11.18
C GLY A 59 6.37 -74.92 -9.77
N LYS A 60 6.85 -73.98 -8.96
CA LYS A 60 7.23 -74.28 -7.59
C LYS A 60 6.00 -74.19 -6.70
N ILE A 61 5.47 -75.34 -6.26
CA ILE A 61 4.29 -75.39 -5.40
C ILE A 61 4.41 -74.50 -4.17
N ALA A 62 3.67 -73.39 -4.18
CA ALA A 62 3.67 -72.45 -3.07
C ALA A 62 2.47 -72.71 -2.18
N VAL A 63 1.27 -72.87 -2.78
CA VAL A 63 0.05 -73.16 -2.02
C VAL A 63 -0.58 -74.42 -2.60
N MET A 64 -1.02 -75.32 -1.73
CA MET A 64 -1.65 -76.56 -2.13
C MET A 64 -2.77 -76.87 -1.15
N GLU A 65 -4.03 -76.76 -1.61
CA GLU A 65 -5.18 -77.00 -0.73
C GLU A 65 -6.27 -77.81 -1.43
N LEU A 66 -6.91 -78.72 -0.70
CA LEU A 66 -8.02 -79.53 -1.21
C LEU A 66 -9.35 -78.91 -0.77
N PHE A 67 -10.40 -79.13 -1.54
CA PHE A 67 -11.72 -78.59 -1.22
C PHE A 67 -12.83 -79.34 -1.97
N ARG A 68 -14.08 -79.23 -1.50
CA ARG A 68 -15.19 -79.86 -2.19
C ARG A 68 -16.35 -78.92 -2.44
N PRO A 69 -16.55 -78.50 -3.69
CA PRO A 69 -17.71 -77.67 -4.00
C PRO A 69 -19.01 -78.48 -3.88
N LYS A 70 -20.13 -77.83 -3.57
CA LYS A 70 -21.40 -78.55 -3.43
C LYS A 70 -21.87 -79.08 -4.78
N GLY A 71 -22.13 -80.38 -4.82
CA GLY A 71 -22.54 -81.06 -6.04
C GLY A 71 -21.48 -81.99 -6.61
N GLU A 72 -20.22 -81.82 -6.19
CA GLU A 72 -19.10 -82.62 -6.66
C GLU A 72 -19.01 -83.97 -5.97
N SER A 73 -18.60 -85.00 -6.71
CA SER A 73 -18.49 -86.36 -6.20
C SER A 73 -17.32 -86.53 -5.24
N LYS A 74 -16.23 -85.82 -5.50
CA LYS A 74 -15.04 -85.91 -4.66
C LYS A 74 -14.31 -84.56 -4.56
N ASP A 75 -13.23 -84.50 -3.74
CA ASP A 75 -12.47 -83.27 -3.55
C ASP A 75 -11.61 -82.92 -4.77
N LEU A 76 -11.50 -81.62 -5.04
CA LEU A 76 -10.66 -81.07 -6.10
C LEU A 76 -9.45 -80.38 -5.44
N LEU A 77 -8.31 -80.36 -6.12
CA LEU A 77 -7.10 -79.75 -5.59
C LEU A 77 -6.83 -78.39 -6.22
N PHE A 78 -6.22 -77.49 -5.48
CA PHE A 78 -5.84 -76.18 -5.98
C PHE A 78 -4.36 -75.99 -5.69
N ILE A 79 -3.60 -75.63 -6.71
CA ILE A 79 -2.18 -75.39 -6.55
C ILE A 79 -1.83 -74.03 -7.12
N LEU A 80 -1.00 -73.29 -6.39
CA LEU A 80 -0.52 -72.00 -6.84
C LEU A 80 1.00 -72.07 -6.80
N THR A 81 1.64 -71.75 -7.91
CA THR A 81 3.09 -71.81 -8.04
C THR A 81 3.78 -70.52 -7.53
N ALA A 82 5.12 -70.49 -7.52
CA ALA A 82 5.89 -69.32 -7.13
C ALA A 82 5.72 -68.22 -8.18
N LYS A 83 5.63 -68.58 -9.48
CA LYS A 83 5.42 -67.63 -10.55
C LYS A 83 3.96 -67.18 -10.70
N TYR A 84 3.14 -67.40 -9.66
CA TYR A 84 1.74 -66.99 -9.59
C TYR A 84 0.84 -67.71 -10.58
N ASN A 85 1.18 -68.95 -10.95
CA ASN A 85 0.35 -69.74 -11.84
C ASN A 85 -0.60 -70.56 -11.00
N ALA A 86 -1.89 -70.31 -11.11
CA ALA A 86 -2.89 -71.04 -10.35
C ALA A 86 -3.60 -72.05 -11.22
N CYS A 87 -3.94 -73.21 -10.64
CA CYS A 87 -4.66 -74.26 -11.36
C CYS A 87 -5.46 -75.15 -10.41
N ILE A 88 -6.65 -75.55 -10.86
CA ILE A 88 -7.49 -76.48 -10.13
C ILE A 88 -7.41 -77.81 -10.85
N LEU A 89 -7.14 -78.88 -10.10
CA LEU A 89 -6.97 -80.19 -10.68
C LEU A 89 -7.96 -81.21 -10.14
N GLU A 90 -8.26 -82.22 -10.95
CA GLU A 90 -9.15 -83.33 -10.60
C GLU A 90 -8.45 -84.64 -10.92
N TYR A 91 -8.74 -85.69 -10.16
CA TYR A 91 -8.17 -87.00 -10.39
C TYR A 91 -9.10 -87.82 -11.25
N LYS A 92 -8.57 -88.46 -12.29
CA LYS A 92 -9.38 -89.30 -13.16
C LYS A 92 -8.67 -90.61 -13.42
N GLN A 93 -9.37 -91.71 -13.19
CA GLN A 93 -8.84 -93.04 -13.37
C GLN A 93 -9.81 -93.85 -14.21
N SER A 94 -9.34 -94.31 -15.39
CA SER A 94 -10.18 -95.09 -16.29
C SER A 94 -9.58 -96.49 -16.44
N GLY A 95 -9.74 -97.30 -15.40
CA GLY A 95 -9.21 -98.66 -15.38
C GLY A 95 -7.81 -98.65 -14.80
N GLU A 96 -6.80 -98.73 -15.66
CA GLU A 96 -5.40 -98.69 -15.22
C GLU A 96 -4.66 -97.42 -15.65
N SER A 97 -5.30 -96.54 -16.45
CA SER A 97 -4.69 -95.31 -16.90
C SER A 97 -4.98 -94.20 -15.92
N ILE A 98 -3.95 -93.67 -15.26
CA ILE A 98 -4.13 -92.60 -14.29
C ILE A 98 -3.55 -91.30 -14.82
N ASP A 99 -4.41 -90.31 -15.03
CA ASP A 99 -4.01 -89.00 -15.52
C ASP A 99 -4.61 -87.91 -14.65
N ILE A 100 -3.86 -86.84 -14.43
CA ILE A 100 -4.34 -85.71 -13.62
C ILE A 100 -4.84 -84.63 -14.56
N ILE A 101 -6.13 -84.32 -14.50
CA ILE A 101 -6.72 -83.33 -15.39
C ILE A 101 -6.74 -81.93 -14.79
N THR A 102 -6.74 -80.93 -15.67
CA THR A 102 -6.77 -79.52 -15.27
C THR A 102 -8.15 -78.93 -15.59
N ARG A 103 -8.92 -78.59 -14.55
CA ARG A 103 -10.24 -78.02 -14.73
C ARG A 103 -10.18 -76.55 -15.12
N ALA A 104 -9.30 -75.79 -14.46
CA ALA A 104 -9.14 -74.37 -14.74
C ALA A 104 -7.69 -73.95 -14.47
N HIS A 105 -7.16 -73.05 -15.29
CA HIS A 105 -5.78 -72.57 -15.15
C HIS A 105 -5.67 -71.10 -15.52
N GLY A 106 -4.63 -70.44 -15.00
CA GLY A 106 -4.39 -69.03 -15.31
C GLY A 106 -3.37 -68.39 -14.40
N ASN A 107 -2.88 -67.21 -14.79
CA ASN A 107 -1.88 -66.48 -14.00
C ASN A 107 -2.54 -65.30 -13.29
N VAL A 108 -2.21 -65.09 -12.01
CA VAL A 108 -2.76 -64.00 -11.22
C VAL A 108 -1.78 -62.86 -10.95
N GLN A 109 -0.56 -62.94 -11.48
CA GLN A 109 0.47 -61.94 -11.24
C GLN A 109 0.05 -60.57 -11.74
N ASP A 110 0.04 -59.58 -10.84
CA ASP A 110 -0.29 -58.20 -11.20
C ASP A 110 0.94 -57.55 -11.83
N ARG A 111 0.74 -56.57 -12.72
CA ARG A 111 1.88 -55.89 -13.35
C ARG A 111 2.63 -55.01 -12.35
N ILE A 112 1.92 -54.48 -11.35
CA ILE A 112 2.51 -53.64 -10.31
C ILE A 112 2.10 -54.15 -8.92
N GLY A 113 3.03 -54.10 -7.97
CA GLY A 113 2.78 -54.54 -6.60
C GLY A 113 4.02 -55.00 -5.88
N ARG A 114 4.04 -54.83 -4.56
CA ARG A 114 5.18 -55.24 -3.75
C ARG A 114 4.90 -56.58 -3.10
N PRO A 115 5.63 -57.63 -3.49
CA PRO A 115 5.41 -58.95 -2.87
C PRO A 115 5.53 -58.89 -1.35
N SER A 116 4.57 -59.49 -0.65
CA SER A 116 4.53 -59.42 0.80
C SER A 116 5.73 -60.01 1.51
N GLU A 117 5.99 -59.53 2.74
CA GLU A 117 7.10 -60.00 3.56
C GLU A 117 6.80 -61.39 4.10
N THR A 118 5.54 -61.63 4.51
CA THR A 118 5.11 -62.94 5.04
C THR A 118 4.78 -63.96 3.90
N GLY A 119 5.26 -63.70 2.69
CA GLY A 119 5.07 -64.58 1.55
C GLY A 119 3.64 -64.69 1.06
N ILE A 120 3.45 -65.52 0.04
CA ILE A 120 2.15 -65.75 -0.56
C ILE A 120 1.26 -66.52 0.40
N ILE A 121 0.02 -66.07 0.58
CA ILE A 121 -0.95 -66.74 1.43
C ILE A 121 -2.14 -67.14 0.57
N GLY A 122 -2.64 -68.36 0.76
CA GLY A 122 -3.78 -68.86 0.02
C GLY A 122 -4.77 -69.61 0.90
N ILE A 123 -6.03 -69.16 0.89
CA ILE A 123 -7.08 -69.78 1.70
C ILE A 123 -8.35 -70.04 0.88
N ILE A 124 -9.13 -71.02 1.32
CA ILE A 124 -10.39 -71.37 0.66
C ILE A 124 -11.53 -71.31 1.68
N ASP A 125 -12.68 -70.76 1.26
CA ASP A 125 -13.86 -70.63 2.10
C ASP A 125 -14.40 -72.01 2.48
N PRO A 126 -14.91 -72.20 3.71
CA PRO A 126 -15.44 -73.51 4.10
C PRO A 126 -16.54 -74.06 3.19
N GLU A 127 -17.42 -73.18 2.70
CA GLU A 127 -18.49 -73.61 1.78
C GLU A 127 -18.04 -73.66 0.30
N CYS A 128 -16.77 -73.35 0.02
CA CYS A 128 -16.15 -73.33 -1.30
C CYS A 128 -16.84 -72.34 -2.22
N ARG A 129 -16.88 -71.10 -1.79
CA ARG A 129 -17.50 -70.01 -2.54
C ARG A 129 -16.50 -69.15 -3.30
N MET A 130 -15.24 -69.10 -2.83
CA MET A 130 -14.18 -68.31 -3.45
C MET A 130 -12.79 -68.71 -2.92
N ILE A 131 -11.73 -68.26 -3.60
CA ILE A 131 -10.37 -68.49 -3.17
C ILE A 131 -9.76 -67.13 -2.88
N GLY A 132 -9.23 -66.97 -1.67
CA GLY A 132 -8.60 -65.73 -1.27
C GLY A 132 -7.09 -65.83 -1.28
N LEU A 133 -6.43 -64.85 -1.90
CA LEU A 133 -4.99 -64.83 -1.99
C LEU A 133 -4.42 -63.52 -1.50
N ARG A 134 -3.26 -63.59 -0.85
CA ARG A 134 -2.56 -62.41 -0.38
C ARG A 134 -1.19 -62.49 -1.04
N LEU A 135 -0.96 -61.63 -2.03
CA LEU A 135 0.29 -61.61 -2.79
C LEU A 135 1.03 -60.29 -2.62
N TYR A 136 0.30 -59.19 -2.50
CA TYR A 136 0.91 -57.87 -2.37
C TYR A 136 0.32 -57.18 -1.16
N ASP A 137 1.17 -56.51 -0.37
CA ASP A 137 0.74 -55.82 0.85
C ASP A 137 -0.32 -54.76 0.55
N GLY A 138 -1.48 -54.89 1.17
CA GLY A 138 -2.60 -53.97 0.98
C GLY A 138 -3.61 -54.38 -0.07
N LEU A 139 -3.33 -55.47 -0.81
CA LEU A 139 -4.24 -55.95 -1.84
C LEU A 139 -4.66 -57.38 -1.57
N PHE A 140 -5.96 -57.62 -1.51
CA PHE A 140 -6.49 -58.97 -1.30
C PHE A 140 -7.17 -59.43 -2.58
N LYS A 141 -6.56 -60.41 -3.25
CA LYS A 141 -7.09 -60.92 -4.51
C LYS A 141 -8.12 -61.99 -4.26
N VAL A 142 -9.28 -61.88 -4.92
CA VAL A 142 -10.37 -62.82 -4.78
C VAL A 142 -10.65 -63.52 -6.10
N ILE A 143 -10.73 -64.85 -6.07
CA ILE A 143 -11.01 -65.64 -7.26
C ILE A 143 -12.31 -66.38 -7.06
N PRO A 144 -13.37 -66.00 -7.79
CA PRO A 144 -14.65 -66.69 -7.64
C PRO A 144 -14.57 -68.16 -8.08
N LEU A 145 -15.13 -69.07 -7.27
CA LEU A 145 -15.11 -70.51 -7.54
C LEU A 145 -16.29 -70.95 -8.40
N ASP A 146 -16.35 -70.44 -9.63
CA ASP A 146 -17.44 -70.73 -10.56
C ASP A 146 -16.98 -71.70 -11.65
N ARG A 147 -17.94 -72.43 -12.22
CA ARG A 147 -17.66 -73.38 -13.30
C ARG A 147 -17.24 -72.65 -14.58
N ASP A 148 -17.86 -71.50 -14.85
CA ASP A 148 -17.55 -70.70 -16.04
C ASP A 148 -16.20 -69.99 -15.97
N ASN A 149 -15.64 -69.80 -14.76
CA ASN A 149 -14.37 -69.13 -14.61
C ASN A 149 -13.20 -70.08 -14.90
N LYS A 150 -13.13 -70.59 -16.13
CA LYS A 150 -12.05 -71.47 -16.56
C LYS A 150 -10.72 -70.71 -16.64
N GLU A 151 -10.77 -69.41 -16.95
CA GLU A 151 -9.57 -68.59 -17.02
C GLU A 151 -9.07 -68.11 -15.66
N LEU A 152 -9.83 -68.35 -14.58
CA LEU A 152 -9.50 -67.98 -13.22
C LEU A 152 -9.29 -66.49 -13.03
N LYS A 153 -10.20 -65.69 -13.59
CA LYS A 153 -10.20 -64.24 -13.46
C LYS A 153 -10.39 -63.88 -11.99
N ALA A 154 -9.65 -62.87 -11.54
CA ALA A 154 -9.68 -62.44 -10.15
C ALA A 154 -9.83 -60.92 -10.03
N PHE A 155 -10.21 -60.43 -8.83
CA PHE A 155 -10.33 -59.00 -8.59
C PHE A 155 -9.71 -58.62 -7.25
N ASN A 156 -9.11 -57.43 -7.18
CA ASN A 156 -8.46 -56.98 -5.97
C ASN A 156 -9.34 -56.11 -5.11
N ILE A 157 -9.17 -56.20 -3.79
CA ILE A 157 -9.88 -55.37 -2.83
C ILE A 157 -8.83 -54.67 -1.97
N ARG A 158 -8.98 -53.35 -1.77
CA ARG A 158 -8.04 -52.56 -0.99
C ARG A 158 -8.14 -52.82 0.51
N LEU A 159 -6.98 -53.00 1.15
CA LEU A 159 -6.87 -53.22 2.58
C LEU A 159 -6.09 -52.08 3.19
N GLU A 160 -6.56 -51.57 4.32
CA GLU A 160 -5.83 -50.52 5.03
C GLU A 160 -4.71 -51.08 5.92
N GLU A 161 -4.86 -52.33 6.36
CA GLU A 161 -3.89 -53.04 7.18
C GLU A 161 -2.83 -53.54 6.21
N LEU A 162 -1.64 -52.98 6.29
CA LEU A 162 -0.56 -53.32 5.35
C LEU A 162 0.26 -54.52 5.78
N HIS A 163 0.71 -54.53 7.03
CA HIS A 163 1.53 -55.62 7.54
C HIS A 163 0.67 -56.70 8.16
N VAL A 164 0.03 -57.51 7.32
CA VAL A 164 -0.80 -58.60 7.80
C VAL A 164 0.06 -59.83 8.01
N ILE A 165 0.07 -60.36 9.23
CA ILE A 165 0.85 -61.52 9.59
C ILE A 165 0.20 -62.81 9.10
N ASP A 166 -1.09 -63.01 9.37
CA ASP A 166 -1.79 -64.21 8.93
C ASP A 166 -3.27 -63.91 8.69
N VAL A 167 -3.94 -64.76 7.90
CA VAL A 167 -5.36 -64.61 7.59
C VAL A 167 -5.97 -65.99 7.30
N LYS A 168 -7.22 -66.19 7.74
CA LYS A 168 -7.97 -67.44 7.57
C LYS A 168 -9.46 -67.16 7.35
N PHE A 169 -10.21 -68.15 6.87
CA PHE A 169 -11.66 -68.04 6.71
C PHE A 169 -12.35 -68.55 7.98
N LEU A 170 -13.57 -68.08 8.26
CA LEU A 170 -14.31 -68.51 9.44
C LEU A 170 -15.39 -69.52 9.11
N TYR A 171 -15.67 -70.42 10.05
CA TYR A 171 -16.69 -71.44 9.91
C TYR A 171 -17.97 -71.02 10.61
N GLY A 172 -19.10 -71.53 10.13
CA GLY A 172 -20.40 -71.21 10.71
C GLY A 172 -20.83 -69.77 10.53
N CYS A 173 -20.27 -69.10 9.52
CA CYS A 173 -20.61 -67.72 9.22
C CYS A 173 -21.39 -67.67 7.94
N GLN A 174 -22.59 -67.08 7.98
CA GLN A 174 -23.49 -66.96 6.82
C GLN A 174 -22.84 -66.23 5.65
N ALA A 175 -21.96 -65.27 5.94
CA ALA A 175 -21.22 -64.52 4.94
C ALA A 175 -19.76 -64.95 4.95
N PRO A 176 -19.07 -64.91 3.79
CA PRO A 176 -17.66 -65.32 3.74
C PRO A 176 -16.77 -64.36 4.52
N THR A 177 -16.60 -64.63 5.80
CA THR A 177 -15.85 -63.78 6.71
C THR A 177 -14.39 -64.21 6.83
N ILE A 178 -13.48 -63.23 6.81
CA ILE A 178 -12.05 -63.48 6.97
C ILE A 178 -11.59 -62.90 8.30
N CYS A 179 -10.78 -63.66 9.02
CA CYS A 179 -10.22 -63.20 10.29
C CYS A 179 -8.71 -63.17 10.11
N PHE A 180 -8.09 -62.04 10.40
CA PHE A 180 -6.67 -61.86 10.20
C PHE A 180 -5.97 -61.13 11.34
N VAL A 181 -4.68 -61.43 11.53
CA VAL A 181 -3.87 -60.78 12.54
C VAL A 181 -2.85 -59.91 11.81
N TYR A 182 -2.79 -58.62 12.16
CA TYR A 182 -1.88 -57.67 11.54
C TYR A 182 -1.12 -56.85 12.62
N GLN A 183 -0.20 -55.96 12.18
CA GLN A 183 0.51 -55.09 13.09
C GLN A 183 0.42 -53.63 12.65
N ASP A 184 0.34 -52.73 13.61
CA ASP A 184 0.31 -51.28 13.42
C ASP A 184 1.20 -50.61 14.51
N PRO A 185 1.48 -49.28 14.46
CA PRO A 185 2.32 -48.67 15.50
C PRO A 185 1.84 -48.89 16.94
N GLN A 186 0.53 -49.10 17.14
CA GLN A 186 -0.02 -49.33 18.47
C GLN A 186 0.14 -50.77 19.00
N GLY A 187 0.55 -51.69 18.13
CA GLY A 187 0.75 -53.09 18.49
C GLY A 187 0.14 -54.06 17.49
N ARG A 188 0.06 -55.33 17.86
CA ARG A 188 -0.54 -56.35 16.99
C ARG A 188 -2.00 -56.53 17.34
N HIS A 189 -2.86 -56.62 16.33
CA HIS A 189 -4.30 -56.75 16.56
C HIS A 189 -4.94 -57.80 15.66
N VAL A 190 -6.09 -58.32 16.09
CA VAL A 190 -6.89 -59.25 15.32
C VAL A 190 -8.11 -58.50 14.81
N LYS A 191 -8.46 -58.68 13.53
CA LYS A 191 -9.58 -57.97 12.93
C LYS A 191 -10.35 -58.87 11.96
N THR A 192 -11.64 -58.58 11.76
CA THR A 192 -12.49 -59.37 10.87
C THR A 192 -13.13 -58.52 9.79
N TYR A 193 -13.38 -59.13 8.63
CA TYR A 193 -14.04 -58.48 7.49
C TYR A 193 -14.99 -59.45 6.78
N GLU A 194 -15.98 -58.91 6.09
CA GLU A 194 -16.92 -59.72 5.32
C GLU A 194 -16.69 -59.45 3.84
N VAL A 195 -16.37 -60.50 3.08
CA VAL A 195 -16.10 -60.34 1.65
C VAL A 195 -17.41 -60.41 0.87
N SER A 196 -17.77 -59.31 0.19
CA SER A 196 -19.00 -59.25 -0.59
C SER A 196 -18.68 -59.35 -2.07
N LEU A 197 -19.27 -60.32 -2.76
CA LEU A 197 -19.04 -60.55 -4.19
C LEU A 197 -19.84 -59.60 -5.06
N ARG A 198 -21.07 -59.27 -4.66
CA ARG A 198 -21.92 -58.34 -5.41
C ARG A 198 -21.29 -56.94 -5.37
N GLU A 199 -20.84 -56.53 -4.18
CA GLU A 199 -20.20 -55.23 -4.03
C GLU A 199 -18.72 -55.25 -4.42
N LYS A 200 -18.10 -56.44 -4.50
CA LYS A 200 -16.68 -56.63 -4.80
C LYS A 200 -15.82 -55.83 -3.81
N GLU A 201 -16.25 -55.79 -2.54
CA GLU A 201 -15.63 -55.00 -1.50
C GLU A 201 -15.73 -55.69 -0.11
N PHE A 202 -15.38 -54.96 0.96
CA PHE A 202 -15.46 -55.45 2.33
C PHE A 202 -16.58 -54.78 3.10
N ASN A 203 -17.15 -55.50 4.06
CA ASN A 203 -18.19 -55.01 4.95
C ASN A 203 -17.77 -55.27 6.40
N LYS A 204 -18.33 -54.51 7.35
CA LYS A 204 -18.02 -54.63 8.78
C LYS A 204 -18.01 -56.07 9.29
N GLY A 205 -16.93 -56.44 9.97
CA GLY A 205 -16.77 -57.78 10.51
C GLY A 205 -17.74 -58.09 11.63
N PRO A 206 -17.90 -59.38 11.95
CA PRO A 206 -18.84 -59.77 13.01
C PRO A 206 -18.43 -59.30 14.40
N TRP A 207 -17.13 -59.26 14.67
CA TRP A 207 -16.64 -58.82 15.97
C TRP A 207 -15.68 -57.63 15.87
N LYS A 208 -15.51 -56.89 16.98
CA LYS A 208 -14.64 -55.73 17.06
C LYS A 208 -13.14 -56.09 17.07
N GLN A 209 -12.28 -55.09 16.88
CA GLN A 209 -10.84 -55.28 16.88
C GLN A 209 -10.30 -55.42 18.30
N GLU A 210 -9.74 -56.59 18.62
CA GLU A 210 -9.17 -56.84 19.94
C GLU A 210 -7.66 -56.82 19.86
N ASN A 211 -7.01 -56.25 20.89
CA ASN A 211 -5.57 -56.20 20.96
C ASN A 211 -5.05 -57.57 21.42
N VAL A 212 -3.97 -58.06 20.81
CA VAL A 212 -3.42 -59.37 21.15
C VAL A 212 -1.92 -59.28 21.53
N GLU A 213 -1.28 -60.43 21.81
CA GLU A 213 0.14 -60.53 22.14
C GLU A 213 0.99 -59.90 21.03
N ALA A 214 2.05 -59.20 21.41
CA ALA A 214 2.95 -58.58 20.46
C ALA A 214 3.71 -59.61 19.59
N GLU A 215 3.69 -60.90 19.98
CA GLU A 215 4.35 -61.96 19.24
C GLU A 215 3.36 -62.94 18.60
N ALA A 216 2.10 -62.51 18.35
CA ALA A 216 1.08 -63.35 17.73
C ALA A 216 1.51 -63.67 16.30
N SER A 217 1.79 -64.94 16.02
CA SER A 217 2.29 -65.33 14.70
C SER A 217 1.33 -66.18 13.86
N MET A 218 0.60 -67.11 14.49
CA MET A 218 -0.25 -68.04 13.76
C MET A 218 -1.75 -67.91 14.07
N VAL A 219 -2.60 -68.17 13.06
CA VAL A 219 -4.04 -68.15 13.21
C VAL A 219 -4.61 -69.51 12.79
N ILE A 220 -5.56 -70.04 13.57
CA ILE A 220 -6.19 -71.32 13.29
C ILE A 220 -7.71 -71.19 13.22
N ALA A 221 -8.31 -71.61 12.09
CA ALA A 221 -9.76 -71.56 11.89
C ALA A 221 -10.46 -72.68 12.62
N VAL A 222 -11.33 -72.33 13.57
CA VAL A 222 -12.05 -73.32 14.36
C VAL A 222 -13.34 -73.71 13.64
N PRO A 223 -13.58 -75.02 13.45
CA PRO A 223 -14.82 -75.44 12.80
C PRO A 223 -15.99 -75.55 13.79
N GLU A 224 -17.19 -75.86 13.27
CA GLU A 224 -18.39 -76.04 14.09
C GLU A 224 -18.24 -77.25 15.02
N PRO A 225 -18.93 -77.26 16.17
CA PRO A 225 -19.88 -76.26 16.67
C PRO A 225 -19.27 -75.08 17.42
N PHE A 226 -17.95 -75.08 17.60
CA PHE A 226 -17.29 -74.01 18.33
C PHE A 226 -17.26 -72.70 17.56
N GLY A 227 -16.71 -72.72 16.35
CA GLY A 227 -16.55 -71.52 15.54
C GLY A 227 -15.45 -70.63 16.06
N GLY A 228 -15.32 -69.44 15.49
CA GLY A 228 -14.32 -68.49 15.92
C GLY A 228 -12.92 -68.84 15.43
N ALA A 229 -11.91 -68.33 16.13
CA ALA A 229 -10.52 -68.55 15.73
C ALA A 229 -9.56 -68.64 16.93
N ILE A 230 -8.41 -69.28 16.72
CA ILE A 230 -7.36 -69.42 17.74
C ILE A 230 -6.12 -68.64 17.29
N ILE A 231 -5.48 -67.93 18.21
CA ILE A 231 -4.27 -67.16 17.91
C ILE A 231 -3.09 -67.70 18.73
N ILE A 232 -2.03 -68.14 18.04
CA ILE A 232 -0.86 -68.70 18.69
C ILE A 232 0.35 -67.79 18.52
N GLY A 233 1.09 -67.59 19.59
CA GLY A 233 2.28 -66.75 19.58
C GLY A 233 3.47 -67.44 20.21
N GLN A 234 4.34 -66.67 20.85
CA GLN A 234 5.52 -67.21 21.51
C GLN A 234 5.21 -67.68 22.93
N GLU A 235 4.35 -66.93 23.65
CA GLU A 235 4.03 -67.26 25.04
C GLU A 235 2.56 -67.48 25.33
N SER A 236 1.66 -67.04 24.43
CA SER A 236 0.23 -67.15 24.69
C SER A 236 -0.56 -67.88 23.61
N ILE A 237 -1.69 -68.48 24.02
CA ILE A 237 -2.61 -69.16 23.13
C ILE A 237 -3.99 -68.64 23.48
N THR A 238 -4.60 -67.87 22.58
CA THR A 238 -5.91 -67.26 22.82
C THR A 238 -6.99 -67.77 21.88
N TYR A 239 -8.25 -67.61 22.26
CA TYR A 239 -9.39 -67.99 21.44
C TYR A 239 -10.37 -66.84 21.42
N HIS A 240 -10.80 -66.44 20.23
CA HIS A 240 -11.77 -65.37 20.06
C HIS A 240 -13.00 -65.87 19.33
N ASN A 241 -14.17 -65.38 19.70
CA ASN A 241 -15.41 -65.76 19.02
C ASN A 241 -16.44 -64.58 18.89
N GLY A 242 -16.12 -63.46 19.51
CA GLY A 242 -17.00 -62.29 19.55
C GLY A 242 -17.14 -61.92 21.01
N ASP A 243 -18.12 -62.51 21.69
CA ASP A 243 -18.31 -62.28 23.13
C ASP A 243 -17.44 -63.25 23.97
N LYS A 244 -17.04 -64.40 23.41
CA LYS A 244 -16.23 -65.38 24.11
C LYS A 244 -14.73 -65.15 23.90
N TYR A 245 -14.00 -65.05 25.02
CA TYR A 245 -12.56 -64.85 24.99
C TYR A 245 -11.89 -65.73 26.04
N LEU A 246 -10.95 -66.56 25.59
CA LEU A 246 -10.18 -67.40 26.49
C LEU A 246 -8.70 -67.18 26.22
N ALA A 247 -7.88 -67.21 27.28
CA ALA A 247 -6.45 -66.99 27.14
C ALA A 247 -5.65 -67.83 28.13
N ILE A 248 -4.72 -68.63 27.62
CA ILE A 248 -3.86 -69.45 28.47
C ILE A 248 -2.40 -69.15 28.18
N ALA A 249 -1.56 -69.24 29.21
CA ALA A 249 -0.13 -68.98 29.06
C ALA A 249 0.67 -70.20 29.54
N PRO A 250 0.69 -71.28 28.74
CA PRO A 250 1.43 -72.47 29.17
C PRO A 250 2.94 -72.27 29.09
N PRO A 251 3.64 -72.49 30.22
CA PRO A 251 5.10 -72.31 30.21
C PRO A 251 5.86 -73.37 29.40
N ILE A 252 5.21 -74.48 29.04
CA ILE A 252 5.81 -75.57 28.28
C ILE A 252 6.21 -75.17 26.85
N ILE A 253 5.57 -74.15 26.28
CA ILE A 253 5.86 -73.71 24.93
C ILE A 253 6.81 -72.51 24.83
N LYS A 254 7.12 -71.84 25.95
CA LYS A 254 8.00 -70.67 25.95
C LYS A 254 9.42 -70.95 25.43
N GLN A 255 9.85 -72.22 25.45
CA GLN A 255 11.18 -72.61 24.98
C GLN A 255 11.39 -72.32 23.50
N SER A 256 10.34 -72.46 22.69
CA SER A 256 10.42 -72.18 21.26
C SER A 256 9.07 -71.79 20.67
N THR A 257 9.07 -71.05 19.57
CA THR A 257 7.83 -70.61 18.94
C THR A 257 7.19 -71.74 18.12
N ILE A 258 5.85 -71.81 18.13
CA ILE A 258 5.11 -72.80 17.34
C ILE A 258 5.01 -72.28 15.90
N VAL A 259 5.27 -73.15 14.92
CA VAL A 259 5.30 -72.74 13.53
C VAL A 259 4.32 -73.48 12.61
N CYS A 260 3.96 -74.71 12.95
CA CYS A 260 3.05 -75.49 12.12
C CYS A 260 1.95 -76.16 12.91
N HIS A 261 0.88 -76.58 12.23
CA HIS A 261 -0.26 -77.22 12.88
C HIS A 261 -1.11 -78.02 11.87
N ASN A 262 -2.13 -78.71 12.38
CA ASN A 262 -3.15 -79.44 11.63
C ASN A 262 -4.28 -79.89 12.56
N ARG A 263 -5.47 -80.10 11.98
CA ARG A 263 -6.64 -80.52 12.73
C ARG A 263 -6.68 -82.03 12.91
N VAL A 264 -6.92 -82.50 14.14
CA VAL A 264 -7.00 -83.91 14.43
C VAL A 264 -8.45 -84.37 14.35
N ASP A 265 -9.33 -83.72 15.14
CA ASP A 265 -10.75 -84.05 15.16
C ASP A 265 -11.50 -83.04 14.32
N PRO A 266 -12.32 -83.49 13.36
CA PRO A 266 -13.05 -82.54 12.50
C PRO A 266 -13.94 -81.54 13.23
N ASN A 267 -14.40 -81.89 14.43
CA ASN A 267 -15.24 -80.97 15.22
C ASN A 267 -14.44 -79.80 15.83
N GLY A 268 -13.14 -79.99 16.01
CA GLY A 268 -12.27 -78.96 16.57
C GLY A 268 -11.93 -79.17 18.03
N SER A 269 -11.91 -80.42 18.48
CA SER A 269 -11.61 -80.74 19.87
C SER A 269 -10.13 -81.00 20.12
N ARG A 270 -9.40 -81.47 19.10
CA ARG A 270 -7.98 -81.74 19.24
C ARG A 270 -7.19 -81.21 18.05
N TYR A 271 -6.06 -80.57 18.31
CA TYR A 271 -5.16 -80.02 17.30
C TYR A 271 -3.72 -80.38 17.62
N LEU A 272 -2.88 -80.49 16.58
CA LEU A 272 -1.47 -80.79 16.77
C LEU A 272 -0.64 -79.53 16.53
N LEU A 273 0.41 -79.32 17.33
CA LEU A 273 1.27 -78.15 17.20
C LEU A 273 2.73 -78.57 17.14
N GLY A 274 3.49 -77.97 16.24
CA GLY A 274 4.91 -78.27 16.09
C GLY A 274 5.76 -77.01 16.22
N ASP A 275 6.86 -77.11 16.97
CA ASP A 275 7.73 -75.96 17.18
C ASP A 275 9.01 -76.01 16.31
N MET A 276 9.89 -75.02 16.46
CA MET A 276 11.15 -74.96 15.72
C MET A 276 12.17 -75.99 16.19
N GLU A 277 12.06 -76.48 17.43
CA GLU A 277 13.00 -77.46 17.97
C GLU A 277 12.60 -78.93 17.76
N GLY A 278 11.52 -79.18 17.02
CA GLY A 278 11.09 -80.54 16.74
C GLY A 278 10.15 -81.17 17.76
N ARG A 279 9.73 -80.41 18.76
CA ARG A 279 8.79 -80.88 19.78
C ARG A 279 7.37 -80.83 19.23
N LEU A 280 6.59 -81.87 19.54
CA LEU A 280 5.21 -82.00 19.10
C LEU A 280 4.29 -81.94 20.30
N PHE A 281 3.41 -80.95 20.32
CA PHE A 281 2.43 -80.74 21.39
C PHE A 281 1.01 -81.04 20.90
N MET A 282 0.09 -81.24 21.84
CA MET A 282 -1.31 -81.49 21.52
C MET A 282 -2.18 -80.47 22.24
N LEU A 283 -2.97 -79.71 21.49
CA LEU A 283 -3.90 -78.74 22.03
C LEU A 283 -5.27 -79.42 22.12
N LEU A 284 -5.92 -79.29 23.26
CA LEU A 284 -7.23 -79.88 23.48
C LEU A 284 -8.19 -78.79 23.92
N LEU A 285 -9.38 -78.76 23.31
CA LEU A 285 -10.42 -77.78 23.58
C LEU A 285 -11.56 -78.49 24.29
N GLU A 286 -11.92 -78.06 25.50
CA GLU A 286 -12.98 -78.72 26.27
C GLU A 286 -14.37 -78.18 25.93
N LYS A 287 -15.42 -78.98 26.10
CA LYS A 287 -16.79 -78.52 25.83
C LYS A 287 -17.66 -78.59 27.07
N VAL A 295 -21.40 -77.46 24.22
CA VAL A 295 -21.87 -76.30 23.48
C VAL A 295 -20.85 -75.16 23.53
N THR A 296 -20.45 -74.74 24.74
CA THR A 296 -19.48 -73.65 24.89
C THR A 296 -18.09 -74.17 25.20
N LEU A 297 -17.07 -73.35 24.95
CA LEU A 297 -15.69 -73.73 25.24
C LEU A 297 -15.43 -73.54 26.73
N LYS A 298 -15.26 -74.64 27.46
CA LYS A 298 -15.02 -74.58 28.90
C LYS A 298 -13.62 -74.07 29.20
N ASP A 299 -12.59 -74.67 28.60
CA ASP A 299 -11.19 -74.30 28.80
C ASP A 299 -10.29 -74.91 27.70
N LEU A 300 -9.02 -74.49 27.67
CA LEU A 300 -8.03 -75.00 26.73
C LEU A 300 -6.95 -75.77 27.50
N ARG A 301 -6.23 -76.66 26.82
CA ARG A 301 -5.21 -77.48 27.45
C ARG A 301 -4.12 -77.85 26.46
N VAL A 302 -2.85 -77.81 26.87
CA VAL A 302 -1.74 -78.17 25.99
C VAL A 302 -0.83 -79.18 26.69
N GLU A 303 -0.58 -80.33 26.06
CA GLU A 303 0.28 -81.37 26.61
C GLU A 303 1.37 -81.69 25.60
N LEU A 304 2.64 -81.74 26.02
CA LEU A 304 3.72 -82.11 25.11
C LEU A 304 3.65 -83.61 24.86
N LEU A 305 3.60 -84.02 23.61
CA LEU A 305 3.52 -85.44 23.26
C LEU A 305 4.90 -86.07 23.15
N GLY A 306 5.85 -85.37 22.53
CA GLY A 306 7.20 -85.88 22.38
C GLY A 306 8.07 -85.10 21.42
N GLU A 307 9.11 -85.77 20.90
CA GLU A 307 10.05 -85.16 19.97
C GLU A 307 10.13 -85.95 18.67
N THR A 308 9.97 -85.26 17.53
CA THR A 308 10.04 -85.87 16.20
C THR A 308 11.05 -85.04 15.34
N SER A 309 10.98 -85.11 13.99
CA SER A 309 11.82 -84.31 13.14
C SER A 309 11.30 -82.88 13.12
N ILE A 310 12.20 -81.90 12.92
CA ILE A 310 11.84 -80.48 12.86
C ILE A 310 10.88 -80.28 11.70
N ALA A 311 9.60 -80.15 12.03
CA ALA A 311 8.55 -80.09 11.04
C ALA A 311 8.31 -78.76 10.36
N GLU A 312 7.95 -78.84 9.08
CA GLU A 312 7.53 -77.73 8.24
C GLU A 312 5.98 -77.73 8.16
N CYS A 313 5.37 -78.90 8.24
CA CYS A 313 3.93 -79.08 8.19
C CYS A 313 3.57 -80.38 8.92
N LEU A 314 2.32 -80.52 9.30
CA LEU A 314 1.83 -81.71 9.99
C LEU A 314 0.48 -82.13 9.44
N THR A 315 0.05 -83.36 9.74
CA THR A 315 -1.25 -83.89 9.35
C THR A 315 -1.62 -85.15 10.10
N TYR A 316 -2.89 -85.30 10.46
CA TYR A 316 -3.39 -86.48 11.14
C TYR A 316 -3.96 -87.41 10.08
N LEU A 317 -3.66 -88.71 10.19
CA LEU A 317 -4.12 -89.64 9.19
C LEU A 317 -5.32 -90.47 9.64
N ASP A 318 -5.26 -91.03 10.86
CA ASP A 318 -6.30 -91.84 11.53
C ASP A 318 -5.64 -92.94 12.37
N ASN A 319 -6.36 -93.46 13.38
CA ASN A 319 -5.88 -94.51 14.27
C ASN A 319 -4.54 -94.19 14.92
N GLY A 320 -4.41 -92.94 15.37
CA GLY A 320 -3.21 -92.47 16.02
C GLY A 320 -1.99 -92.31 15.13
N VAL A 321 -2.16 -92.43 13.81
CA VAL A 321 -1.06 -92.28 12.87
C VAL A 321 -0.95 -90.82 12.43
N VAL A 322 0.28 -90.27 12.48
CA VAL A 322 0.55 -88.89 12.12
C VAL A 322 1.72 -88.82 11.14
N PHE A 323 1.67 -87.87 10.20
CA PHE A 323 2.74 -87.64 9.24
C PHE A 323 3.46 -86.34 9.57
N VAL A 324 4.78 -86.42 9.75
CA VAL A 324 5.62 -85.27 10.03
C VAL A 324 6.39 -84.92 8.77
N GLY A 325 5.92 -83.90 8.07
CA GLY A 325 6.57 -83.41 6.86
C GLY A 325 7.67 -82.45 7.23
N SER A 326 8.92 -82.92 7.15
CA SER A 326 10.07 -82.12 7.53
C SER A 326 10.87 -81.67 6.30
N ARG A 327 11.41 -80.42 6.35
CA ARG A 327 12.28 -79.79 5.34
C ARG A 327 13.76 -79.87 5.76
N LEU A 328 14.04 -79.98 7.08
CA LEU A 328 15.40 -80.01 7.59
C LEU A 328 15.93 -81.42 7.77
N GLY A 329 15.09 -82.31 8.25
CA GLY A 329 15.47 -83.71 8.43
C GLY A 329 14.60 -84.66 7.66
N ASP A 330 14.80 -85.97 7.86
CA ASP A 330 14.00 -86.98 7.19
C ASP A 330 12.55 -86.86 7.59
N SER A 331 11.64 -87.04 6.62
CA SER A 331 10.22 -87.01 6.91
C SER A 331 9.86 -88.27 7.72
N GLN A 332 8.82 -88.16 8.54
CA GLN A 332 8.46 -89.27 9.42
C GLN A 332 7.00 -89.65 9.40
N LEU A 333 6.71 -90.89 9.80
CA LEU A 333 5.38 -91.42 10.02
C LEU A 333 5.46 -91.97 11.44
N VAL A 334 4.66 -91.40 12.35
CA VAL A 334 4.72 -91.78 13.76
C VAL A 334 3.38 -92.27 14.31
N LYS A 335 3.42 -92.95 15.46
CA LYS A 335 2.25 -93.47 16.16
C LYS A 335 2.12 -92.75 17.50
N LEU A 336 0.89 -92.40 17.90
CA LEU A 336 0.64 -91.70 19.15
C LEU A 336 -0.13 -92.56 20.13
N ASN A 337 0.29 -92.54 21.39
CA ASN A 337 -0.39 -93.27 22.46
C ASN A 337 -0.85 -92.25 23.52
N VAL A 338 -1.61 -91.23 23.10
CA VAL A 338 -2.10 -90.18 23.98
C VAL A 338 -3.28 -90.67 24.83
N VAL A 347 5.34 -90.74 21.75
CA VAL A 347 5.40 -90.80 20.29
C VAL A 347 6.40 -91.87 19.85
N VAL A 348 5.99 -92.75 18.93
CA VAL A 348 6.85 -93.82 18.43
C VAL A 348 7.09 -93.65 16.93
N ALA A 349 8.34 -93.71 16.48
CA ALA A 349 8.66 -93.58 15.06
C ALA A 349 8.33 -94.88 14.31
N MET A 350 7.42 -94.80 13.34
CA MET A 350 7.02 -95.96 12.54
C MET A 350 7.87 -96.11 11.28
N GLU A 351 8.01 -95.03 10.50
CA GLU A 351 8.76 -95.05 9.25
C GLU A 351 9.52 -93.75 9.01
N THR A 352 10.66 -93.84 8.33
CA THR A 352 11.48 -92.68 8.02
C THR A 352 11.67 -92.57 6.51
N PHE A 353 11.70 -91.34 5.99
CA PHE A 353 11.87 -91.11 4.56
C PHE A 353 13.04 -90.16 4.38
N THR A 354 14.12 -90.63 3.78
CA THR A 354 15.36 -89.87 3.57
C THR A 354 15.12 -88.49 2.96
N ASN A 355 15.75 -87.48 3.57
CA ASN A 355 15.68 -86.10 3.11
C ASN A 355 17.07 -85.51 3.07
N LEU A 356 17.59 -85.33 1.86
CA LEU A 356 18.90 -84.75 1.66
C LEU A 356 18.94 -83.23 1.89
N GLY A 357 17.79 -82.58 1.86
CA GLY A 357 17.72 -81.14 2.04
C GLY A 357 17.77 -80.71 3.49
N PRO A 358 18.53 -79.64 3.82
CA PRO A 358 19.33 -78.79 2.94
C PRO A 358 20.77 -79.25 2.76
N ILE A 359 21.24 -79.28 1.50
CA ILE A 359 22.62 -79.63 1.21
C ILE A 359 23.39 -78.31 1.24
N VAL A 360 24.41 -78.22 2.08
CA VAL A 360 25.20 -77.01 2.21
C VAL A 360 26.57 -77.12 1.54
N ASP A 361 27.13 -78.34 1.49
CA ASP A 361 28.41 -78.62 0.85
C ASP A 361 28.55 -80.12 0.62
N MET A 362 29.37 -80.50 -0.37
CA MET A 362 29.56 -81.90 -0.73
C MET A 362 30.92 -82.14 -1.42
N CYS A 363 31.24 -83.42 -1.70
CA CYS A 363 32.48 -83.78 -2.38
C CYS A 363 32.32 -85.13 -3.09
N VAL A 364 33.01 -85.29 -4.22
CA VAL A 364 32.98 -86.53 -4.98
C VAL A 364 34.22 -87.34 -4.64
N VAL A 365 34.01 -88.57 -4.16
CA VAL A 365 35.06 -89.47 -3.73
C VAL A 365 34.93 -90.85 -4.38
N ASP A 366 36.07 -91.48 -4.73
CA ASP A 366 36.12 -92.83 -5.30
C ASP A 366 36.51 -93.74 -4.14
N LEU A 367 35.53 -94.14 -3.35
CA LEU A 367 35.76 -94.94 -2.15
C LEU A 367 36.22 -96.37 -2.41
N GLU A 368 35.37 -97.21 -3.05
CA GLU A 368 35.68 -98.62 -3.22
C GLU A 368 36.12 -99.03 -4.64
N ARG A 369 35.29 -98.80 -5.66
CA ARG A 369 35.58 -99.23 -7.03
C ARG A 369 36.71 -98.48 -7.72
N GLN A 370 37.01 -97.24 -7.28
CA GLN A 370 38.04 -96.37 -7.87
C GLN A 370 37.78 -96.00 -9.35
N GLY A 371 36.54 -96.12 -9.78
CA GLY A 371 36.12 -95.82 -11.15
C GLY A 371 34.70 -95.29 -11.17
N GLN A 372 33.84 -95.83 -10.29
CA GLN A 372 32.46 -95.37 -10.15
C GLN A 372 32.46 -94.41 -8.98
N GLY A 373 32.13 -93.15 -9.28
CA GLY A 373 32.13 -92.10 -8.27
C GLY A 373 31.05 -92.23 -7.22
N GLN A 374 31.32 -91.66 -6.05
CA GLN A 374 30.39 -91.62 -4.93
C GLN A 374 30.32 -90.20 -4.40
N LEU A 375 29.15 -89.78 -3.91
CA LEU A 375 28.97 -88.42 -3.42
C LEU A 375 28.75 -88.41 -1.92
N VAL A 376 29.42 -87.50 -1.22
CA VAL A 376 29.26 -87.34 0.22
C VAL A 376 28.79 -85.93 0.46
N THR A 377 27.62 -85.78 1.07
CA THR A 377 27.00 -84.47 1.29
C THR A 377 26.70 -84.15 2.74
N CYS A 378 26.70 -82.85 3.07
CA CYS A 378 26.36 -82.34 4.39
C CYS A 378 24.90 -81.93 4.30
N SER A 379 24.02 -82.79 4.81
CA SER A 379 22.59 -82.54 4.82
C SER A 379 22.07 -82.29 6.22
N GLY A 380 20.85 -81.75 6.31
CA GLY A 380 20.22 -81.48 7.59
C GLY A 380 20.75 -80.26 8.31
N ALA A 381 20.21 -79.99 9.48
CA ALA A 381 20.58 -78.87 10.35
C ALA A 381 20.11 -79.13 11.77
N PHE A 382 20.84 -78.59 12.75
CA PHE A 382 20.52 -78.75 14.17
C PHE A 382 20.53 -80.25 14.54
N LYS A 383 19.57 -80.75 15.34
CA LYS A 383 19.51 -82.17 15.71
C LYS A 383 19.34 -83.11 14.50
N GLU A 384 18.86 -82.57 13.38
CA GLU A 384 18.68 -83.35 12.14
C GLU A 384 19.91 -83.41 11.27
N GLY A 385 20.99 -82.69 11.63
CA GLY A 385 22.25 -82.67 10.91
C GLY A 385 22.78 -84.06 10.66
N SER A 386 23.21 -84.32 9.43
CA SER A 386 23.64 -85.64 9.03
C SER A 386 24.50 -85.61 7.77
N LEU A 387 25.10 -86.74 7.44
CA LEU A 387 25.88 -86.90 6.22
C LEU A 387 25.24 -87.97 5.39
N ARG A 388 25.25 -87.78 4.09
CA ARG A 388 24.64 -88.71 3.16
C ARG A 388 25.67 -89.20 2.18
N ILE A 389 25.63 -90.49 1.87
CA ILE A 389 26.54 -91.09 0.91
C ILE A 389 25.68 -91.64 -0.21
N ILE A 390 25.89 -91.14 -1.43
CA ILE A 390 25.08 -91.50 -2.59
C ILE A 390 25.89 -92.17 -3.67
N ARG A 391 25.33 -93.21 -4.26
CA ARG A 391 25.95 -93.94 -5.37
C ARG A 391 24.86 -94.53 -6.29
N ASN A 392 25.27 -95.11 -7.41
CA ASN A 392 24.34 -95.75 -8.33
C ASN A 392 24.22 -97.24 -7.99
N GLY A 393 23.15 -97.89 -8.43
CA GLY A 393 22.96 -99.31 -8.19
C GLY A 393 23.96 -100.18 -8.92
N LYS A 709 18.32 -97.12 -9.90
CA LYS A 709 17.94 -96.47 -8.66
C LYS A 709 19.17 -96.12 -7.83
N LEU A 710 19.15 -94.95 -7.18
CA LEU A 710 20.28 -94.51 -6.36
C LEU A 710 20.27 -95.18 -5.00
N HIS A 711 21.46 -95.50 -4.48
CA HIS A 711 21.63 -96.08 -3.16
C HIS A 711 22.11 -94.98 -2.22
N ILE A 712 21.44 -94.81 -1.08
CA ILE A 712 21.79 -93.77 -0.12
C ILE A 712 22.09 -94.38 1.25
N ARG A 713 23.13 -93.87 1.92
CA ARG A 713 23.48 -94.29 3.28
C ARG A 713 23.46 -93.07 4.17
N THR A 714 22.74 -93.15 5.30
CA THR A 714 22.58 -92.05 6.25
C THR A 714 23.53 -92.17 7.44
N VAL A 715 24.13 -91.04 7.85
CA VAL A 715 25.01 -90.98 9.01
C VAL A 715 24.59 -89.78 9.87
N PRO A 716 23.78 -90.02 10.93
CA PRO A 716 23.33 -88.90 11.77
C PRO A 716 24.47 -88.22 12.53
N LEU A 717 24.33 -86.92 12.78
CA LEU A 717 25.35 -86.13 13.48
C LEU A 717 24.79 -85.41 14.70
N TYR A 718 23.52 -85.00 14.64
CA TYR A 718 22.84 -84.28 15.72
C TYR A 718 23.43 -82.88 15.98
N GLU A 719 24.00 -82.27 14.93
CA GLU A 719 24.57 -80.93 14.92
C GLU A 719 24.78 -80.48 13.47
N SER A 720 24.66 -79.17 13.23
CA SER A 720 24.74 -78.61 11.88
C SER A 720 26.07 -78.78 11.16
N PRO A 721 26.12 -79.58 10.08
CA PRO A 721 27.37 -79.66 9.30
C PRO A 721 27.47 -78.46 8.34
N ARG A 722 28.70 -78.03 8.06
CA ARG A 722 28.94 -76.85 7.22
C ARG A 722 29.73 -77.18 5.95
N LYS A 723 30.99 -77.59 6.07
CA LYS A 723 31.82 -77.91 4.92
C LYS A 723 32.30 -79.37 4.95
N ILE A 724 33.06 -79.82 3.95
CA ILE A 724 33.58 -81.18 3.89
C ILE A 724 34.84 -81.25 3.01
N CYS A 725 35.66 -82.28 3.25
CA CYS A 725 36.87 -82.53 2.48
C CYS A 725 37.28 -84.00 2.66
N TYR A 726 38.00 -84.55 1.67
CA TYR A 726 38.45 -85.94 1.73
C TYR A 726 39.96 -86.05 1.67
N GLN A 727 40.52 -86.99 2.43
CA GLN A 727 41.94 -87.26 2.46
C GLN A 727 42.18 -88.72 2.10
N GLU A 728 42.80 -88.95 0.94
CA GLU A 728 43.09 -90.31 0.49
C GLU A 728 44.28 -90.88 1.25
N VAL A 729 45.31 -90.05 1.49
CA VAL A 729 46.52 -90.44 2.21
C VAL A 729 46.20 -90.98 3.59
N SER A 730 45.25 -90.33 4.30
CA SER A 730 44.86 -90.80 5.63
C SER A 730 43.53 -91.57 5.67
N GLN A 731 42.85 -91.71 4.51
CA GLN A 731 41.58 -92.42 4.38
C GLN A 731 40.54 -91.93 5.37
N CYS A 732 40.31 -90.61 5.34
CA CYS A 732 39.40 -89.98 6.28
C CYS A 732 38.80 -88.67 5.74
N PHE A 733 37.65 -88.27 6.29
CA PHE A 733 36.98 -87.04 5.89
C PHE A 733 37.08 -85.99 6.99
N GLY A 734 37.15 -84.74 6.57
CA GLY A 734 37.19 -83.60 7.47
C GLY A 734 35.95 -82.76 7.26
N VAL A 735 35.22 -82.48 8.34
CA VAL A 735 33.97 -81.74 8.25
C VAL A 735 33.90 -80.62 9.27
N LEU A 736 33.41 -79.45 8.87
CA LEU A 736 33.21 -78.35 9.81
C LEU A 736 31.79 -78.47 10.33
N SER A 737 31.62 -78.39 11.64
CA SER A 737 30.32 -78.53 12.26
C SER A 737 30.07 -77.42 13.28
N SER A 738 28.82 -77.22 13.66
CA SER A 738 28.46 -76.22 14.63
C SER A 738 27.29 -76.69 15.46
N ARG A 739 27.50 -76.78 16.77
CA ARG A 739 26.44 -77.17 17.68
C ARG A 739 25.93 -75.95 18.46
N ILE A 740 24.74 -76.07 19.05
CA ILE A 740 24.17 -74.99 19.83
C ILE A 740 24.22 -75.34 21.30
N GLU A 741 24.78 -74.44 22.10
CA GLU A 741 24.81 -74.59 23.54
C GLU A 741 24.11 -73.38 24.17
N VAL A 742 23.62 -73.54 25.40
CA VAL A 742 22.94 -72.45 26.09
C VAL A 742 23.76 -71.95 27.28
N GLN A 743 23.65 -70.66 27.57
CA GLN A 743 24.39 -70.03 28.65
C GLN A 743 23.93 -70.50 30.02
N ASP A 744 24.88 -71.00 30.80
CA ASP A 744 24.65 -71.45 32.17
C ASP A 744 24.56 -70.27 33.13
N THR A 745 23.93 -70.49 34.29
CA THR A 745 23.85 -69.47 35.33
C THR A 745 25.22 -69.29 36.02
N SER A 746 26.03 -70.37 36.09
CA SER A 746 27.35 -70.35 36.71
C SER A 746 28.47 -69.74 35.85
N GLY A 747 28.14 -69.22 34.68
CA GLY A 747 29.14 -68.60 33.82
C GLY A 747 29.84 -69.55 32.87
N GLY A 748 29.10 -70.54 32.40
CA GLY A 748 29.61 -71.52 31.46
C GLY A 748 28.59 -71.81 30.37
N THR A 749 28.72 -72.96 29.70
CA THR A 749 27.76 -73.36 28.67
C THR A 749 27.38 -74.83 28.83
N THR A 750 26.19 -75.21 28.35
CA THR A 750 25.73 -76.58 28.44
C THR A 750 25.06 -76.96 27.12
N ALA A 751 25.39 -78.14 26.57
CA ALA A 751 24.79 -78.61 25.34
C ALA A 751 23.38 -79.14 25.58
N LEU A 752 22.51 -79.04 24.58
CA LEU A 752 21.13 -79.49 24.70
C LEU A 752 21.02 -81.01 24.63
N ARG A 753 21.66 -81.63 23.64
CA ARG A 753 21.61 -83.07 23.44
C ARG A 753 22.98 -83.60 22.96
N PRO A 754 23.24 -84.93 23.06
CA PRO A 754 24.53 -85.45 22.59
C PRO A 754 24.67 -85.33 21.09
N SER A 755 25.82 -84.81 20.64
CA SER A 755 26.14 -84.66 19.23
C SER A 755 27.48 -85.34 18.91
N ALA A 756 27.96 -85.24 17.66
CA ALA A 756 29.21 -85.84 17.25
C ALA A 756 30.42 -85.25 17.96
N SER A 757 30.41 -83.94 18.21
CA SER A 757 31.52 -83.28 18.88
C SER A 757 31.66 -83.62 20.37
N THR A 758 30.56 -84.03 21.00
CA THR A 758 30.56 -84.41 22.41
C THR A 758 30.81 -85.91 22.62
N GLN A 759 30.49 -86.73 21.61
CA GLN A 759 30.71 -88.18 21.67
C GLN A 759 31.92 -88.60 20.83
N ALA A 760 32.90 -87.70 20.65
CA ALA A 760 34.08 -88.01 19.88
C ALA A 760 35.00 -88.93 20.66
N LEU A 761 35.57 -89.92 19.98
CA LEU A 761 36.52 -90.86 20.58
C LEU A 761 37.74 -90.12 21.14
N SER A 762 38.13 -89.02 20.48
CA SER A 762 39.23 -88.16 20.89
C SER A 762 38.82 -86.72 20.59
N SER A 763 39.03 -85.80 21.54
CA SER A 763 38.70 -84.40 21.34
C SER A 763 39.82 -83.45 21.78
N SER A 764 39.77 -82.19 21.38
CA SER A 764 40.81 -81.21 21.71
C SER A 764 40.29 -79.76 21.63
N VAL A 765 41.09 -78.78 22.08
CA VAL A 765 40.74 -77.35 22.03
C VAL A 765 41.93 -76.53 21.51
N SER A 766 41.65 -75.35 20.92
CA SER A 766 42.70 -74.48 20.42
C SER A 766 43.30 -73.60 21.54
N SER A 767 44.50 -73.02 21.30
CA SER A 767 45.20 -72.16 22.26
C SER A 767 44.52 -70.79 22.42
N SER A 768 43.75 -70.62 23.50
CA SER A 768 42.96 -69.44 23.83
C SER A 768 43.70 -68.10 23.80
N LYS A 769 42.99 -67.06 23.31
CA LYS A 769 43.42 -65.66 23.19
C LYS A 769 42.18 -64.74 23.39
N LEU A 770 42.41 -63.48 23.79
CA LEU A 770 41.35 -62.48 24.05
C LEU A 770 40.27 -62.91 25.05
N PHE A 782 21.21 -66.97 31.88
CA PHE A 782 21.18 -66.02 30.78
C PHE A 782 20.20 -66.52 29.71
N GLY A 783 20.28 -67.80 29.37
CA GLY A 783 19.37 -68.44 28.44
C GLY A 783 19.64 -68.23 26.96
N GLU A 784 20.65 -67.42 26.62
CA GLU A 784 21.00 -67.14 25.23
C GLU A 784 21.62 -68.36 24.56
N GLU A 785 21.48 -68.46 23.24
CA GLU A 785 22.07 -69.56 22.48
C GLU A 785 23.40 -69.11 21.88
N VAL A 786 24.42 -69.97 21.95
CA VAL A 786 25.74 -69.68 21.41
C VAL A 786 26.16 -70.83 20.48
N GLU A 787 26.73 -70.51 19.33
CA GLU A 787 27.17 -71.50 18.35
C GLU A 787 28.61 -71.90 18.63
N VAL A 788 28.84 -73.17 18.94
CA VAL A 788 30.17 -73.70 19.21
C VAL A 788 30.63 -74.44 17.97
N HIS A 789 31.70 -73.97 17.34
CA HIS A 789 32.24 -74.58 16.12
C HIS A 789 33.24 -75.66 16.41
N ASN A 790 33.27 -76.69 15.55
CA ASN A 790 34.16 -77.83 15.68
C ASN A 790 34.63 -78.35 14.32
N LEU A 791 35.76 -79.05 14.30
CA LEU A 791 36.27 -79.69 13.10
C LEU A 791 36.32 -81.17 13.41
N LEU A 792 35.58 -81.98 12.65
CA LEU A 792 35.49 -83.41 12.90
C LEU A 792 36.27 -84.21 11.86
N ILE A 793 37.02 -85.19 12.33
CA ILE A 793 37.77 -86.10 11.47
C ILE A 793 37.07 -87.45 11.59
N ILE A 794 36.57 -87.98 10.46
CA ILE A 794 35.77 -89.20 10.43
C ILE A 794 36.39 -90.28 9.53
N ASP A 795 36.22 -91.56 9.90
CA ASP A 795 36.74 -92.67 9.11
C ASP A 795 35.87 -92.91 7.89
N GLN A 796 36.47 -93.28 6.77
CA GLN A 796 35.74 -93.50 5.52
C GLN A 796 34.90 -94.78 5.47
N HIS A 797 35.22 -95.76 6.34
CA HIS A 797 34.50 -97.03 6.33
C HIS A 797 33.44 -97.10 7.43
N THR A 798 33.85 -96.87 8.68
CA THR A 798 32.94 -96.95 9.82
C THR A 798 32.13 -95.69 10.04
N PHE A 799 32.62 -94.55 9.56
CA PHE A 799 31.98 -93.24 9.74
C PHE A 799 31.91 -92.83 11.20
N GLU A 800 32.91 -93.23 12.00
CA GLU A 800 32.97 -92.89 13.40
C GLU A 800 33.63 -91.54 13.60
N VAL A 801 33.27 -90.86 14.69
CA VAL A 801 33.85 -89.56 14.98
C VAL A 801 35.22 -89.78 15.60
N LEU A 802 36.24 -89.95 14.75
CA LEU A 802 37.61 -90.22 15.21
C LEU A 802 38.15 -89.07 16.05
N HIS A 803 38.04 -87.83 15.56
CA HIS A 803 38.52 -86.67 16.30
C HIS A 803 37.58 -85.48 16.20
N ALA A 804 37.58 -84.61 17.21
CA ALA A 804 36.76 -83.41 17.23
C ALA A 804 37.54 -82.26 17.87
N HIS A 805 37.98 -81.29 17.07
CA HIS A 805 38.72 -80.14 17.58
C HIS A 805 37.78 -78.98 17.78
N GLN A 806 37.74 -78.44 19.01
CA GLN A 806 36.89 -77.30 19.34
C GLN A 806 37.67 -76.00 19.17
N PHE A 807 37.15 -75.11 18.35
CA PHE A 807 37.78 -73.84 18.06
C PHE A 807 37.66 -72.84 19.21
N LEU A 808 38.35 -71.69 19.11
CA LEU A 808 38.32 -70.63 20.11
C LEU A 808 36.92 -70.05 20.31
N GLN A 809 36.74 -69.29 21.39
CA GLN A 809 35.47 -68.65 21.70
C GLN A 809 35.23 -67.50 20.72
N ASN A 810 33.98 -67.33 20.29
CA ASN A 810 33.57 -66.27 19.37
C ASN A 810 34.31 -66.33 18.05
N GLU A 811 34.48 -67.56 17.55
CA GLU A 811 35.17 -67.82 16.31
C GLU A 811 34.26 -68.64 15.39
N TYR A 812 34.29 -68.35 14.09
CA TYR A 812 33.44 -69.04 13.11
C TYR A 812 34.30 -69.64 12.01
N ALA A 813 34.18 -70.95 11.78
CA ALA A 813 34.91 -71.61 10.70
C ALA A 813 34.15 -71.33 9.40
N LEU A 814 34.85 -70.89 8.36
CA LEU A 814 34.21 -70.51 7.11
C LEU A 814 34.61 -71.37 5.92
N SER A 815 35.88 -71.76 5.84
CA SER A 815 36.37 -72.55 4.72
C SER A 815 37.17 -73.79 5.15
N LEU A 816 37.42 -74.72 4.23
CA LEU A 816 38.16 -75.95 4.53
C LEU A 816 38.69 -76.59 3.25
N VAL A 817 40.01 -76.89 3.23
CA VAL A 817 40.68 -77.52 2.09
C VAL A 817 41.61 -78.64 2.60
N SER A 818 41.87 -79.66 1.78
CA SER A 818 42.78 -80.74 2.11
C SER A 818 43.69 -81.00 0.91
N CYS A 819 44.98 -80.68 1.05
CA CYS A 819 45.94 -80.80 -0.06
C CYS A 819 47.39 -80.75 0.43
N LYS A 820 48.34 -81.06 -0.46
CA LYS A 820 49.77 -80.95 -0.17
C LYS A 820 50.24 -79.61 -0.68
N LEU A 821 51.09 -78.91 0.10
CA LEU A 821 51.60 -77.62 -0.34
C LEU A 821 53.11 -77.57 -0.36
N GLY A 822 53.66 -76.89 -1.37
CA GLY A 822 55.09 -76.77 -1.56
C GLY A 822 55.72 -78.10 -1.94
N LYS A 823 56.82 -78.45 -1.28
CA LYS A 823 57.48 -79.73 -1.52
C LYS A 823 57.24 -80.74 -0.39
N ASP A 824 56.26 -80.49 0.49
CA ASP A 824 55.95 -81.36 1.60
C ASP A 824 55.02 -82.48 1.16
N PRO A 825 55.44 -83.74 1.34
CA PRO A 825 54.57 -84.85 0.93
C PRO A 825 53.39 -85.14 1.85
N ASN A 826 53.36 -84.53 3.05
CA ASN A 826 52.26 -84.73 3.98
C ASN A 826 51.02 -83.99 3.52
N THR A 827 49.85 -84.59 3.68
CA THR A 827 48.60 -83.96 3.31
C THR A 827 48.01 -83.34 4.56
N TYR A 828 47.65 -82.07 4.48
CA TYR A 828 47.14 -81.35 5.63
C TYR A 828 45.69 -80.92 5.48
N PHE A 829 45.06 -80.56 6.62
CA PHE A 829 43.72 -80.00 6.65
C PHE A 829 43.89 -78.53 6.97
N ILE A 830 43.49 -77.67 6.05
CA ILE A 830 43.62 -76.23 6.22
C ILE A 830 42.26 -75.62 6.49
N VAL A 831 42.16 -74.81 7.54
CA VAL A 831 40.90 -74.19 7.92
C VAL A 831 41.05 -72.67 8.00
N GLY A 832 40.00 -71.98 7.61
CA GLY A 832 39.91 -70.53 7.65
C GLY A 832 38.82 -70.12 8.61
N THR A 833 39.11 -69.16 9.47
CA THR A 833 38.18 -68.72 10.50
C THR A 833 38.01 -67.20 10.53
N ALA A 834 37.08 -66.69 11.35
CA ALA A 834 36.85 -65.27 11.54
C ALA A 834 36.33 -65.03 12.96
N MET A 835 36.85 -64.00 13.63
CA MET A 835 36.41 -63.68 14.99
C MET A 835 35.13 -62.86 14.96
N VAL A 836 34.02 -63.47 15.37
CA VAL A 836 32.72 -62.83 15.37
C VAL A 836 32.39 -62.24 16.73
N TYR A 837 32.05 -60.96 16.77
CA TYR A 837 31.65 -60.30 18.01
C TYR A 837 30.33 -59.58 17.78
N PRO A 838 29.41 -59.65 18.74
CA PRO A 838 28.11 -58.96 18.58
C PRO A 838 28.20 -57.44 18.44
N GLU A 839 29.36 -56.85 18.74
CA GLU A 839 29.58 -55.41 18.62
C GLU A 839 30.25 -55.02 17.30
N GLU A 840 31.00 -55.94 16.68
CA GLU A 840 31.64 -55.67 15.40
C GLU A 840 30.83 -56.26 14.26
N ALA A 841 30.25 -55.40 13.41
CA ALA A 841 29.47 -55.88 12.27
C ALA A 841 30.40 -56.55 11.24
N GLU A 842 31.50 -55.88 10.87
CA GLU A 842 32.47 -56.45 9.95
C GLU A 842 33.59 -57.02 10.81
N PRO A 843 34.04 -58.25 10.55
CA PRO A 843 35.12 -58.81 11.37
C PRO A 843 36.45 -58.13 11.07
N LYS A 844 37.26 -57.93 12.10
CA LYS A 844 38.58 -57.33 11.95
C LYS A 844 39.73 -58.28 12.35
N GLN A 845 39.40 -59.56 12.59
CA GLN A 845 40.36 -60.59 12.99
C GLN A 845 40.03 -61.92 12.31
N GLY A 846 40.99 -62.82 12.28
CA GLY A 846 40.81 -64.14 11.68
C GLY A 846 42.07 -64.98 11.70
N ARG A 847 41.91 -66.29 11.51
CA ARG A 847 43.04 -67.20 11.50
C ARG A 847 43.00 -68.17 10.33
N ILE A 848 44.17 -68.66 9.94
CA ILE A 848 44.31 -69.70 8.93
C ILE A 848 45.17 -70.74 9.63
N VAL A 849 44.57 -71.89 9.94
CA VAL A 849 45.28 -72.91 10.67
C VAL A 849 45.50 -74.15 9.82
N VAL A 850 46.67 -74.79 9.97
CA VAL A 850 47.03 -75.99 9.26
C VAL A 850 47.23 -77.11 10.25
N PHE A 851 46.48 -78.21 10.10
CA PHE A 851 46.56 -79.38 10.97
C PHE A 851 46.97 -80.61 10.17
N GLN A 852 47.53 -81.61 10.86
CA GLN A 852 47.91 -82.85 10.20
C GLN A 852 47.28 -84.02 10.92
N TYR A 853 46.64 -84.91 10.17
CA TYR A 853 46.07 -86.11 10.75
C TYR A 853 46.97 -87.27 10.39
N SER A 854 47.61 -87.85 11.39
CA SER A 854 48.52 -88.97 11.19
C SER A 854 48.56 -89.82 12.45
N ASP A 855 48.49 -91.14 12.30
CA ASP A 855 48.52 -92.11 13.38
C ASP A 855 47.36 -91.96 14.37
N GLY A 856 46.26 -91.36 13.95
CA GLY A 856 45.09 -91.18 14.78
C GLY A 856 45.11 -89.97 15.70
N LYS A 857 46.04 -89.03 15.45
CA LYS A 857 46.17 -87.83 16.28
C LYS A 857 46.18 -86.57 15.43
N LEU A 858 45.41 -85.56 15.81
CA LEU A 858 45.37 -84.29 15.08
C LEU A 858 46.27 -83.30 15.79
N GLN A 859 47.24 -82.72 15.07
CA GLN A 859 48.16 -81.77 15.68
C GLN A 859 48.16 -80.43 14.97
N THR A 860 48.21 -79.35 15.74
CA THR A 860 48.22 -78.01 15.18
C THR A 860 49.59 -77.75 14.58
N VAL A 861 49.70 -77.85 13.25
CA VAL A 861 50.97 -77.68 12.54
C VAL A 861 51.41 -76.22 12.43
N ALA A 862 50.56 -75.36 11.87
CA ALA A 862 50.91 -73.95 11.70
C ALA A 862 49.72 -73.04 11.91
N GLU A 863 49.97 -71.79 12.30
CA GLU A 863 48.91 -70.82 12.56
C GLU A 863 49.32 -69.46 12.01
N LYS A 864 48.43 -68.82 11.25
CA LYS A 864 48.71 -67.50 10.67
C LYS A 864 47.55 -66.58 10.95
N GLU A 865 47.83 -65.40 11.51
CA GLU A 865 46.78 -64.45 11.82
C GLU A 865 46.57 -63.45 10.70
N VAL A 866 45.30 -63.10 10.45
CA VAL A 866 44.93 -62.13 9.43
C VAL A 866 43.94 -61.11 10.00
N LYS A 867 43.96 -59.88 9.47
CA LYS A 867 43.08 -58.82 9.94
C LYS A 867 41.76 -58.80 9.16
N GLY A 868 41.09 -59.95 9.13
CA GLY A 868 39.83 -60.09 8.42
C GLY A 868 39.32 -61.51 8.40
N ALA A 869 38.18 -61.71 7.73
CA ALA A 869 37.54 -63.02 7.64
C ALA A 869 38.05 -63.84 6.47
N VAL A 870 38.37 -65.11 6.69
CA VAL A 870 38.82 -66.00 5.64
C VAL A 870 37.61 -66.69 5.05
N TYR A 871 36.97 -66.05 4.08
CA TYR A 871 35.75 -66.55 3.47
C TYR A 871 35.92 -67.85 2.69
N SER A 872 36.97 -67.94 1.87
CA SER A 872 37.21 -69.13 1.08
C SER A 872 38.69 -69.36 0.81
N MET A 873 39.04 -70.63 0.55
CA MET A 873 40.41 -71.03 0.25
C MET A 873 40.42 -72.08 -0.85
N VAL A 874 41.52 -72.14 -1.62
CA VAL A 874 41.69 -73.12 -2.70
C VAL A 874 43.16 -73.51 -2.88
N GLU A 875 43.42 -74.69 -3.47
CA GLU A 875 44.78 -75.12 -3.76
C GLU A 875 45.11 -74.57 -5.13
N PHE A 876 46.19 -73.80 -5.24
CA PHE A 876 46.58 -73.19 -6.50
C PHE A 876 48.01 -73.58 -6.85
N ASN A 877 48.17 -74.65 -7.64
CA ASN A 877 49.47 -75.15 -8.10
C ASN A 877 50.53 -75.23 -6.98
N GLY A 878 50.23 -75.98 -5.94
CA GLY A 878 51.14 -76.16 -4.82
C GLY A 878 51.10 -75.07 -3.75
N LYS A 879 50.47 -73.94 -4.05
CA LYS A 879 50.35 -72.83 -3.11
C LYS A 879 48.92 -72.74 -2.55
N LEU A 880 48.70 -71.91 -1.52
CA LEU A 880 47.38 -71.77 -0.91
C LEU A 880 46.81 -70.39 -1.17
N LEU A 881 45.73 -70.33 -1.95
CA LEU A 881 45.06 -69.07 -2.24
C LEU A 881 43.93 -68.88 -1.26
N ALA A 882 43.82 -67.70 -0.67
CA ALA A 882 42.78 -67.40 0.30
C ALA A 882 42.19 -66.00 0.10
N SER A 883 40.97 -65.77 0.61
CA SER A 883 40.30 -64.49 0.51
C SER A 883 40.09 -63.91 1.89
N ILE A 884 40.47 -62.64 2.07
CA ILE A 884 40.34 -61.96 3.35
C ILE A 884 39.62 -60.65 3.09
N ASN A 885 38.33 -60.58 3.45
CA ASN A 885 37.49 -59.39 3.24
C ASN A 885 37.49 -59.01 1.74
N SER A 886 37.95 -57.82 1.35
CA SER A 886 38.00 -57.42 -0.05
C SER A 886 39.38 -57.67 -0.68
N THR A 887 40.19 -58.56 -0.10
CA THR A 887 41.53 -58.85 -0.60
C THR A 887 41.69 -60.33 -0.91
N VAL A 888 42.60 -60.67 -1.82
CA VAL A 888 42.93 -62.04 -2.17
C VAL A 888 44.42 -62.20 -1.94
N ARG A 889 44.81 -63.17 -1.12
CA ARG A 889 46.20 -63.38 -0.75
C ARG A 889 46.68 -64.77 -1.09
N LEU A 890 47.91 -64.88 -1.58
CA LEU A 890 48.51 -66.16 -1.90
C LEU A 890 49.61 -66.47 -0.91
N TYR A 891 49.57 -67.67 -0.36
CA TYR A 891 50.56 -68.10 0.62
C TYR A 891 51.43 -69.22 0.07
N GLU A 892 52.70 -69.20 0.43
CA GLU A 892 53.66 -70.23 0.07
C GLU A 892 54.06 -70.98 1.35
N TRP A 893 54.14 -72.31 1.29
CA TRP A 893 54.52 -73.11 2.44
C TRP A 893 56.04 -73.19 2.52
N THR A 894 56.62 -72.50 3.51
CA THR A 894 58.07 -72.47 3.70
C THR A 894 58.65 -73.80 4.18
N THR A 895 59.97 -73.95 4.06
CA THR A 895 60.67 -75.14 4.56
C THR A 895 60.53 -75.24 6.08
N GLU A 896 60.46 -74.10 6.79
CA GLU A 896 60.26 -74.07 8.24
C GLU A 896 58.83 -74.45 8.67
N LYS A 897 57.99 -74.93 7.74
CA LYS A 897 56.62 -75.35 7.96
C LYS A 897 55.71 -74.22 8.41
N GLU A 898 55.81 -73.08 7.71
CA GLU A 898 54.99 -71.90 7.97
C GLU A 898 54.38 -71.38 6.66
N LEU A 899 53.66 -70.25 6.72
CA LEU A 899 53.07 -69.67 5.53
C LEU A 899 53.59 -68.26 5.34
N ARG A 900 54.04 -67.95 4.12
CA ARG A 900 54.58 -66.65 3.79
C ARG A 900 53.76 -66.03 2.69
N THR A 901 53.34 -64.78 2.85
CA THR A 901 52.57 -64.07 1.83
C THR A 901 53.47 -63.83 0.62
N GLU A 902 52.91 -63.96 -0.59
CA GLU A 902 53.68 -63.76 -1.80
C GLU A 902 53.21 -62.50 -2.53
N CYS A 903 51.91 -62.38 -2.75
CA CYS A 903 51.31 -61.24 -3.43
C CYS A 903 49.91 -60.94 -2.91
N ASN A 904 49.42 -59.74 -3.19
CA ASN A 904 48.10 -59.33 -2.74
C ASN A 904 47.31 -58.65 -3.84
N HIS A 905 45.99 -58.73 -3.76
CA HIS A 905 45.13 -58.08 -4.73
C HIS A 905 43.94 -57.49 -4.03
N TYR A 906 43.88 -56.16 -4.01
CA TYR A 906 42.82 -55.45 -3.33
C TYR A 906 41.68 -55.26 -4.33
N ASN A 907 40.64 -56.08 -4.18
CA ASN A 907 39.50 -56.10 -5.08
C ASN A 907 38.48 -55.03 -4.75
N ASN A 908 37.74 -54.60 -5.77
CA ASN A 908 36.68 -53.61 -5.64
C ASN A 908 35.42 -54.18 -4.95
N ILE A 909 35.34 -55.50 -4.73
CA ILE A 909 34.19 -56.17 -4.09
C ILE A 909 34.63 -57.14 -2.96
N MET A 910 33.66 -57.71 -2.19
CA MET A 910 33.99 -58.66 -1.14
C MET A 910 34.20 -60.05 -1.72
N ALA A 911 35.39 -60.62 -1.50
CA ALA A 911 35.77 -61.91 -2.05
C ALA A 911 35.16 -63.11 -1.32
N LEU A 912 33.90 -63.45 -1.64
CA LEU A 912 33.26 -64.60 -1.01
C LEU A 912 33.61 -65.90 -1.72
N TYR A 913 33.27 -66.01 -3.00
CA TYR A 913 33.49 -67.23 -3.77
C TYR A 913 34.82 -67.22 -4.46
N LEU A 914 35.52 -68.36 -4.41
CA LEU A 914 36.81 -68.52 -5.04
C LEU A 914 36.89 -69.85 -5.77
N LYS A 915 37.24 -69.81 -7.05
CA LYS A 915 37.41 -71.00 -7.87
C LYS A 915 38.67 -70.88 -8.74
N THR A 916 39.29 -72.01 -9.11
CA THR A 916 40.51 -71.98 -9.89
C THR A 916 40.60 -73.10 -10.93
N LYS A 917 41.41 -72.87 -11.97
CA LYS A 917 41.70 -73.82 -13.04
C LYS A 917 42.98 -73.36 -13.74
N GLY A 918 44.04 -74.13 -13.55
CA GLY A 918 45.35 -73.79 -14.12
C GLY A 918 45.89 -72.56 -13.47
N ASP A 919 46.11 -71.50 -14.25
CA ASP A 919 46.56 -70.20 -13.72
C ASP A 919 45.45 -69.14 -13.70
N PHE A 920 44.18 -69.56 -13.83
CA PHE A 920 43.03 -68.67 -13.83
C PHE A 920 42.28 -68.79 -12.51
N ILE A 921 41.85 -67.64 -11.96
CA ILE A 921 41.12 -67.59 -10.69
C ILE A 921 39.86 -66.76 -10.85
N LEU A 922 38.72 -67.26 -10.35
CA LEU A 922 37.45 -66.55 -10.41
C LEU A 922 37.01 -66.14 -9.02
N VAL A 923 36.71 -64.85 -8.84
CA VAL A 923 36.27 -64.29 -7.56
C VAL A 923 34.84 -63.78 -7.71
N GLY A 924 34.00 -64.04 -6.71
CA GLY A 924 32.61 -63.60 -6.75
C GLY A 924 32.08 -63.09 -5.43
N ASP A 925 31.16 -62.10 -5.47
CA ASP A 925 30.56 -61.58 -4.23
C ASP A 925 29.08 -62.01 -4.12
N LEU A 926 28.40 -61.64 -3.02
CA LEU A 926 27.00 -62.04 -2.80
C LEU A 926 25.99 -61.37 -3.72
N MET A 927 26.38 -60.30 -4.41
CA MET A 927 25.47 -59.58 -5.29
C MET A 927 25.87 -59.68 -6.77
N ARG A 928 26.17 -60.92 -7.20
CA ARG A 928 26.53 -61.30 -8.57
C ARG A 928 27.67 -60.51 -9.21
N SER A 929 28.43 -59.74 -8.41
CA SER A 929 29.57 -59.02 -8.96
C SER A 929 30.66 -60.06 -9.17
N VAL A 930 31.03 -60.30 -10.43
CA VAL A 930 32.01 -61.31 -10.79
C VAL A 930 33.30 -60.67 -11.30
N LEU A 931 34.45 -61.22 -10.93
CA LEU A 931 35.74 -60.70 -11.31
C LEU A 931 36.68 -61.86 -11.67
N LEU A 932 37.52 -61.70 -12.69
CA LEU A 932 38.47 -62.74 -13.07
C LEU A 932 39.89 -62.24 -12.90
N LEU A 933 40.76 -63.09 -12.33
CA LEU A 933 42.16 -62.78 -12.11
C LEU A 933 43.04 -63.86 -12.71
N ALA A 934 44.30 -63.50 -13.00
CA ALA A 934 45.26 -64.44 -13.53
C ALA A 934 46.57 -64.23 -12.82
N TYR A 935 47.06 -65.27 -12.15
CA TYR A 935 48.32 -65.18 -11.45
C TYR A 935 49.42 -65.25 -12.48
N LYS A 936 50.24 -64.21 -12.55
CA LYS A 936 51.34 -64.17 -13.51
C LYS A 936 52.52 -64.86 -12.83
N PRO A 937 52.95 -66.05 -13.30
CA PRO A 937 54.05 -66.74 -12.61
C PRO A 937 55.35 -65.96 -12.66
N MET A 938 55.64 -65.40 -13.82
CA MET A 938 56.80 -64.60 -14.16
C MET A 938 56.88 -63.32 -13.34
N GLU A 939 55.77 -62.61 -13.19
CA GLU A 939 55.75 -61.35 -12.44
C GLU A 939 55.53 -61.53 -10.94
N GLY A 940 54.91 -62.63 -10.54
CA GLY A 940 54.64 -62.92 -9.14
C GLY A 940 53.54 -62.06 -8.56
N ASN A 941 52.54 -61.69 -9.37
CA ASN A 941 51.41 -60.89 -8.91
C ASN A 941 50.09 -61.25 -9.67
N PHE A 942 48.98 -60.52 -9.42
CA PHE A 942 47.71 -60.77 -10.09
C PHE A 942 47.40 -59.72 -11.16
N GLU A 943 46.46 -60.01 -12.05
CA GLU A 943 46.07 -59.08 -13.10
C GLU A 943 44.57 -59.21 -13.32
N GLU A 944 43.84 -58.09 -13.28
CA GLU A 944 42.39 -58.13 -13.50
C GLU A 944 42.12 -58.38 -14.97
N ILE A 945 41.43 -59.48 -15.26
CA ILE A 945 41.17 -59.89 -16.63
C ILE A 945 39.85 -59.37 -17.17
N ALA A 946 38.74 -59.67 -16.48
CA ALA A 946 37.40 -59.25 -16.90
C ALA A 946 36.45 -59.15 -15.71
N ARG A 947 35.34 -58.41 -15.87
CA ARG A 947 34.36 -58.25 -14.82
C ARG A 947 32.95 -57.99 -15.36
N ASP A 948 31.93 -58.29 -14.55
CA ASP A 948 30.53 -58.05 -14.90
C ASP A 948 29.77 -57.84 -13.60
N PHE A 949 29.34 -56.60 -13.33
CA PHE A 949 28.69 -56.27 -12.08
C PHE A 949 27.18 -56.01 -12.20
N ASN A 950 26.39 -57.08 -12.28
CA ASN A 950 24.93 -56.98 -12.30
C ASN A 950 24.48 -57.35 -10.90
N PRO A 951 23.75 -56.48 -10.19
CA PRO A 951 23.38 -56.81 -8.80
C PRO A 951 22.19 -57.74 -8.62
N ASN A 952 22.47 -58.97 -8.20
CA ASN A 952 21.48 -60.00 -7.91
C ASN A 952 22.10 -61.01 -6.92
N TRP A 953 21.31 -61.50 -5.96
CA TRP A 953 21.83 -62.41 -4.93
C TRP A 953 22.45 -63.71 -5.45
N MET A 954 23.77 -63.77 -5.50
CA MET A 954 24.49 -64.96 -5.91
C MET A 954 24.45 -66.01 -4.80
N SER A 955 24.35 -67.30 -5.17
CA SER A 955 24.27 -68.36 -4.17
C SER A 955 25.46 -69.30 -4.20
N ALA A 956 26.07 -69.50 -5.39
CA ALA A 956 27.25 -70.35 -5.61
C ALA A 956 27.82 -70.15 -7.02
N VAL A 957 29.09 -70.52 -7.24
CA VAL A 957 29.75 -70.39 -8.53
C VAL A 957 30.70 -71.58 -8.81
N GLU A 958 31.07 -71.79 -10.09
CA GLU A 958 31.97 -72.85 -10.51
C GLU A 958 32.52 -72.59 -11.91
N ILE A 959 33.75 -73.05 -12.17
CA ILE A 959 34.39 -72.90 -13.47
C ILE A 959 34.07 -74.11 -14.34
N LEU A 960 33.54 -73.86 -15.54
CA LEU A 960 33.23 -74.92 -16.48
C LEU A 960 34.52 -75.28 -17.22
N ASP A 961 35.09 -74.31 -17.95
CA ASP A 961 36.34 -74.45 -18.69
C ASP A 961 37.09 -73.10 -18.67
N ASP A 962 38.15 -72.95 -19.47
CA ASP A 962 38.93 -71.73 -19.51
C ASP A 962 38.19 -70.52 -20.14
N ASP A 963 36.93 -70.70 -20.59
CA ASP A 963 36.16 -69.64 -21.21
C ASP A 963 34.74 -69.48 -20.65
N ASN A 964 34.16 -70.55 -20.09
CA ASN A 964 32.79 -70.50 -19.57
C ASN A 964 32.78 -70.62 -18.06
N PHE A 965 31.84 -69.92 -17.41
CA PHE A 965 31.72 -69.91 -15.95
C PHE A 965 30.25 -69.93 -15.54
N LEU A 966 29.85 -70.92 -14.74
CA LEU A 966 28.47 -71.09 -14.28
C LEU A 966 28.28 -70.58 -12.85
N GLY A 967 27.20 -69.86 -12.64
CA GLY A 967 26.81 -69.36 -11.33
C GLY A 967 25.32 -69.47 -11.10
N ALA A 968 24.90 -69.59 -9.85
CA ALA A 968 23.48 -69.64 -9.50
C ALA A 968 23.16 -68.35 -8.77
N GLU A 969 22.00 -67.76 -9.06
CA GLU A 969 21.65 -66.47 -8.44
C GLU A 969 20.20 -66.44 -7.91
N ASN A 970 19.71 -65.22 -7.61
CA ASN A 970 18.41 -64.96 -7.03
C ASN A 970 17.30 -65.42 -7.94
N ALA A 971 16.20 -65.80 -7.31
CA ALA A 971 15.01 -66.34 -7.92
C ALA A 971 15.24 -67.69 -8.57
N PHE A 972 16.10 -68.52 -7.93
CA PHE A 972 16.36 -69.90 -8.31
C PHE A 972 16.86 -70.03 -9.75
N ASN A 973 17.68 -69.08 -10.19
CA ASN A 973 18.18 -69.03 -11.54
C ASN A 973 19.65 -69.47 -11.67
N LEU A 974 20.06 -69.83 -12.90
CA LEU A 974 21.42 -70.22 -13.23
C LEU A 974 21.87 -69.39 -14.42
N PHE A 975 22.99 -68.72 -14.30
CA PHE A 975 23.54 -67.90 -15.37
C PHE A 975 24.96 -68.34 -15.70
N VAL A 976 25.36 -68.19 -16.96
CA VAL A 976 26.68 -68.57 -17.41
C VAL A 976 27.32 -67.40 -18.16
N CYS A 977 28.52 -67.00 -17.74
CA CYS A 977 29.25 -65.93 -18.41
C CYS A 977 30.41 -66.46 -19.22
N GLN A 978 30.82 -65.69 -20.22
CA GLN A 978 31.89 -66.10 -21.13
C GLN A 978 32.84 -64.95 -21.40
N LYS A 979 34.12 -65.26 -21.46
CA LYS A 979 35.13 -64.28 -21.81
C LYS A 979 35.47 -64.45 -23.29
N ASP A 980 36.10 -63.46 -23.89
CA ASP A 980 36.52 -63.57 -25.28
C ASP A 980 38.01 -63.23 -25.40
N SER A 981 38.86 -64.26 -25.47
CA SER A 981 40.30 -64.05 -25.56
C SER A 981 40.74 -63.55 -26.94
N ALA A 982 39.96 -63.85 -28.00
CA ALA A 982 40.29 -63.39 -29.35
C ALA A 982 39.54 -62.12 -29.75
N ALA A 983 39.18 -61.28 -28.77
CA ALA A 983 38.48 -60.02 -29.04
C ALA A 983 39.45 -58.97 -29.54
N THR A 984 39.01 -58.15 -30.50
CA THR A 984 39.87 -57.13 -31.07
C THR A 984 40.12 -55.93 -30.14
N THR A 985 39.12 -55.52 -29.32
CA THR A 985 39.32 -54.36 -28.45
C THR A 985 39.52 -54.75 -26.99
N ASP A 986 40.36 -53.96 -26.28
CA ASP A 986 40.61 -54.19 -24.86
C ASP A 986 39.32 -54.10 -24.04
N GLU A 987 38.35 -53.28 -24.49
CA GLU A 987 37.06 -53.14 -23.83
C GLU A 987 36.25 -54.43 -23.95
N GLU A 988 36.35 -55.13 -25.09
CA GLU A 988 35.62 -56.37 -25.31
C GLU A 988 36.20 -57.53 -24.52
N ARG A 989 37.52 -57.57 -24.36
CA ARG A 989 38.17 -58.65 -23.64
C ARG A 989 37.99 -58.51 -22.12
N GLN A 990 37.89 -57.27 -21.62
CA GLN A 990 37.72 -57.05 -20.19
C GLN A 990 36.25 -57.10 -19.72
N HIS A 991 35.33 -57.51 -20.60
CA HIS A 991 33.91 -57.60 -20.25
C HIS A 991 33.42 -59.04 -20.38
N LEU A 992 32.52 -59.45 -19.50
CA LEU A 992 31.95 -60.79 -19.52
C LEU A 992 30.55 -60.73 -20.09
N GLN A 993 30.23 -61.65 -20.99
CA GLN A 993 28.93 -61.67 -21.63
C GLN A 993 28.02 -62.70 -20.97
N GLU A 994 26.81 -62.30 -20.58
CA GLU A 994 25.85 -63.23 -19.98
C GLU A 994 25.28 -64.05 -21.14
N VAL A 995 25.97 -65.12 -21.51
CA VAL A 995 25.60 -65.97 -22.64
C VAL A 995 24.63 -67.11 -22.30
N GLY A 996 24.35 -67.31 -21.03
CA GLY A 996 23.45 -68.37 -20.61
C GLY A 996 22.54 -67.94 -19.47
N LEU A 997 21.23 -68.15 -19.62
CA LEU A 997 20.25 -67.82 -18.59
C LEU A 997 19.24 -68.95 -18.49
N PHE A 998 18.83 -69.31 -17.27
CA PHE A 998 17.88 -70.39 -17.05
C PHE A 998 17.26 -70.29 -15.65
N HIS A 999 16.04 -70.80 -15.50
CA HIS A 999 15.35 -70.82 -14.20
C HIS A 999 15.28 -72.28 -13.74
N LEU A 1000 16.12 -72.62 -12.78
CA LEU A 1000 16.19 -73.99 -12.27
C LEU A 1000 15.02 -74.35 -11.37
N GLY A 1001 14.59 -73.39 -10.55
CA GLY A 1001 13.55 -73.64 -9.57
C GLY A 1001 14.09 -74.17 -8.26
N GLU A 1002 15.42 -74.20 -8.10
CA GLU A 1002 16.08 -74.66 -6.89
C GLU A 1002 17.15 -73.67 -6.43
N PHE A 1003 17.46 -73.70 -5.14
CA PHE A 1003 18.47 -72.82 -4.58
C PHE A 1003 19.77 -73.60 -4.41
N VAL A 1004 20.70 -73.45 -5.37
CA VAL A 1004 21.96 -74.17 -5.34
C VAL A 1004 22.87 -73.63 -4.26
N ASN A 1005 23.66 -74.50 -3.63
CA ASN A 1005 24.59 -74.09 -2.59
C ASN A 1005 26.00 -74.58 -2.82
N VAL A 1006 26.18 -75.68 -3.57
CA VAL A 1006 27.50 -76.23 -3.79
C VAL A 1006 27.66 -76.84 -5.17
N PHE A 1007 28.87 -76.73 -5.72
CA PHE A 1007 29.20 -77.34 -6.99
C PHE A 1007 30.41 -78.25 -6.81
N CYS A 1008 30.49 -79.29 -7.63
CA CYS A 1008 31.59 -80.23 -7.59
C CYS A 1008 31.94 -80.74 -8.98
N HIS A 1009 33.17 -81.24 -9.14
CA HIS A 1009 33.60 -81.80 -10.41
C HIS A 1009 33.70 -83.31 -10.29
N GLY A 1010 33.14 -84.00 -11.27
CA GLY A 1010 33.13 -85.45 -11.28
C GLY A 1010 31.79 -86.02 -11.69
N SER A 1011 31.65 -87.34 -11.62
CA SER A 1011 30.41 -88.01 -11.98
C SER A 1011 30.20 -89.30 -11.18
N LEU A 1012 28.97 -89.80 -11.17
CA LEU A 1012 28.66 -91.03 -10.45
C LEU A 1012 28.64 -92.28 -11.33
N VAL A 1013 28.79 -92.14 -12.65
CA VAL A 1013 28.78 -93.30 -13.53
C VAL A 1013 30.19 -93.83 -13.77
N MET A 1014 30.29 -95.15 -14.01
CA MET A 1014 31.56 -95.82 -14.26
C MET A 1014 32.27 -95.23 -15.47
N GLN A 1015 33.39 -94.52 -15.24
CA GLN A 1015 34.14 -93.90 -16.33
C GLN A 1015 35.04 -94.94 -17.00
N SER A 1021 33.70 -91.43 -28.08
CA SER A 1021 32.67 -90.76 -28.85
C SER A 1021 31.52 -90.32 -27.94
N THR A 1022 31.85 -89.68 -26.82
CA THR A 1022 30.84 -89.20 -25.87
C THR A 1022 30.32 -87.84 -26.31
N PRO A 1023 28.99 -87.65 -26.31
CA PRO A 1023 28.44 -86.35 -26.71
C PRO A 1023 28.56 -85.25 -25.67
N THR A 1024 28.80 -85.62 -24.40
CA THR A 1024 28.92 -84.65 -23.31
C THR A 1024 30.37 -84.40 -22.93
N GLN A 1025 30.76 -83.12 -22.87
CA GLN A 1025 32.09 -82.73 -22.48
C GLN A 1025 31.99 -82.03 -21.14
N GLY A 1026 32.77 -82.50 -20.17
CA GLY A 1026 32.73 -81.93 -18.83
C GLY A 1026 31.63 -82.54 -17.98
N SER A 1027 31.71 -82.32 -16.67
CA SER A 1027 30.75 -82.86 -15.73
C SER A 1027 30.79 -82.09 -14.42
N VAL A 1028 29.70 -81.41 -14.08
CA VAL A 1028 29.62 -80.62 -12.85
C VAL A 1028 28.37 -80.96 -12.06
N LEU A 1029 28.54 -81.54 -10.88
CA LEU A 1029 27.41 -81.87 -10.02
C LEU A 1029 27.06 -80.68 -9.14
N PHE A 1030 25.80 -80.57 -8.72
CA PHE A 1030 25.37 -79.48 -7.86
C PHE A 1030 24.32 -79.93 -6.87
N GLY A 1031 24.37 -79.34 -5.68
CA GLY A 1031 23.44 -79.63 -4.61
C GLY A 1031 22.63 -78.40 -4.25
N THR A 1032 21.40 -78.59 -3.81
CA THR A 1032 20.49 -77.48 -3.53
C THR A 1032 20.01 -77.46 -2.05
N VAL A 1033 18.91 -76.74 -1.73
CA VAL A 1033 18.31 -76.68 -0.39
C VAL A 1033 17.18 -77.70 -0.23
N ASN A 1034 16.46 -77.99 -1.32
CA ASN A 1034 15.34 -78.94 -1.26
C ASN A 1034 15.74 -80.41 -1.41
N GLY A 1035 17.02 -80.71 -1.31
CA GLY A 1035 17.50 -82.08 -1.43
C GLY A 1035 17.60 -82.61 -2.84
N MET A 1036 17.59 -81.71 -3.81
CA MET A 1036 17.70 -82.08 -5.22
C MET A 1036 19.17 -82.02 -5.61
N ILE A 1037 19.61 -83.00 -6.39
CA ILE A 1037 20.96 -83.07 -6.90
C ILE A 1037 20.86 -83.12 -8.41
N GLY A 1038 21.69 -82.34 -9.07
CA GLY A 1038 21.68 -82.30 -10.53
C GLY A 1038 23.06 -82.33 -11.15
N LEU A 1039 23.09 -82.53 -12.45
CA LEU A 1039 24.33 -82.60 -13.20
C LEU A 1039 24.24 -81.65 -14.38
N VAL A 1040 25.28 -80.85 -14.61
CA VAL A 1040 25.36 -79.94 -15.73
C VAL A 1040 26.61 -80.25 -16.54
N THR A 1041 26.49 -80.23 -17.86
CA THR A 1041 27.61 -80.51 -18.77
C THR A 1041 27.54 -79.56 -19.97
N SER A 1042 28.60 -79.54 -20.79
CA SER A 1042 28.63 -78.71 -21.99
C SER A 1042 28.33 -79.56 -23.22
N LEU A 1043 27.73 -78.96 -24.24
CA LEU A 1043 27.38 -79.66 -25.48
C LEU A 1043 28.04 -79.01 -26.70
N SER A 1044 27.92 -79.66 -27.87
CA SER A 1044 28.40 -79.11 -29.13
C SER A 1044 27.27 -78.30 -29.80
N GLU A 1045 27.61 -77.48 -30.80
CA GLU A 1045 26.63 -76.64 -31.48
C GLU A 1045 25.51 -77.45 -32.12
N SER A 1046 25.84 -78.49 -32.89
CA SER A 1046 24.85 -79.33 -33.57
C SER A 1046 23.91 -80.03 -32.58
N TRP A 1047 24.47 -80.58 -31.50
CA TRP A 1047 23.66 -81.25 -30.49
C TRP A 1047 22.71 -80.29 -29.80
N TYR A 1048 23.17 -79.06 -29.54
CA TYR A 1048 22.35 -78.04 -28.92
C TYR A 1048 21.15 -77.69 -29.81
N ASN A 1049 21.39 -77.47 -31.11
CA ASN A 1049 20.34 -77.12 -32.06
C ASN A 1049 19.28 -78.22 -32.17
N LEU A 1050 19.73 -79.48 -32.25
CA LEU A 1050 18.81 -80.62 -32.36
C LEU A 1050 17.96 -80.75 -31.11
N LEU A 1051 18.57 -80.60 -29.93
CA LEU A 1051 17.86 -80.73 -28.67
C LEU A 1051 16.89 -79.59 -28.43
N LEU A 1052 17.20 -78.38 -28.92
CA LEU A 1052 16.30 -77.25 -28.75
C LEU A 1052 15.07 -77.40 -29.64
N ASP A 1053 15.26 -77.90 -30.87
CA ASP A 1053 14.15 -78.16 -31.78
C ASP A 1053 13.26 -79.26 -31.17
N MET A 1054 13.89 -80.28 -30.57
CA MET A 1054 13.20 -81.38 -29.91
C MET A 1054 12.39 -80.87 -28.72
N GLN A 1055 12.92 -79.89 -27.98
CA GLN A 1055 12.26 -79.29 -26.83
C GLN A 1055 10.93 -78.64 -27.25
N ASN A 1056 10.96 -77.87 -28.34
CA ASN A 1056 9.77 -77.19 -28.84
C ASN A 1056 8.71 -78.18 -29.32
N ARG A 1057 9.14 -79.23 -30.04
CA ARG A 1057 8.24 -80.26 -30.55
C ARG A 1057 7.65 -81.11 -29.42
N LEU A 1058 8.41 -81.32 -28.34
CA LEU A 1058 7.95 -82.11 -27.20
C LEU A 1058 6.90 -81.33 -26.40
N ASN A 1059 7.09 -80.02 -26.24
CA ASN A 1059 6.14 -79.19 -25.51
C ASN A 1059 4.76 -79.19 -26.16
N LYS A 1060 4.70 -79.34 -27.48
CA LYS A 1060 3.43 -79.37 -28.19
C LYS A 1060 2.63 -80.64 -27.92
N VAL A 1061 3.28 -81.74 -27.47
CA VAL A 1061 2.57 -82.98 -27.23
C VAL A 1061 2.44 -83.37 -25.75
N ILE A 1062 3.44 -83.06 -24.91
CA ILE A 1062 3.38 -83.43 -23.50
C ILE A 1062 2.35 -82.62 -22.74
N LYS A 1063 1.50 -83.29 -21.98
CA LYS A 1063 0.49 -82.62 -21.19
C LYS A 1063 1.14 -82.00 -19.97
N SER A 1064 0.94 -80.70 -19.78
CA SER A 1064 1.51 -79.98 -18.65
C SER A 1064 0.57 -80.06 -17.46
N VAL A 1065 1.14 -80.24 -16.27
CA VAL A 1065 0.35 -80.30 -15.06
C VAL A 1065 -0.12 -78.90 -14.73
N GLY A 1066 -1.39 -78.65 -15.00
CA GLY A 1066 -1.99 -77.33 -14.78
C GLY A 1066 -1.99 -76.45 -16.01
N LYS A 1067 -1.67 -77.02 -17.20
CA LYS A 1067 -1.63 -76.32 -18.49
C LYS A 1067 -0.69 -75.10 -18.47
N ILE A 1068 0.51 -75.28 -17.92
CA ILE A 1068 1.51 -74.22 -17.83
C ILE A 1068 2.59 -74.42 -18.88
N GLU A 1069 2.81 -73.41 -19.73
CA GLU A 1069 3.82 -73.49 -20.80
C GLU A 1069 5.21 -73.72 -20.23
N HIS A 1070 5.91 -74.74 -20.73
CA HIS A 1070 7.26 -75.09 -20.30
C HIS A 1070 8.24 -73.94 -20.55
N SER A 1071 8.06 -73.21 -21.65
CA SER A 1071 8.92 -72.08 -22.00
C SER A 1071 8.86 -70.99 -20.93
N PHE A 1072 7.68 -70.78 -20.33
CA PHE A 1072 7.50 -69.79 -19.28
C PHE A 1072 8.08 -70.26 -17.95
N TRP A 1073 7.97 -71.57 -17.66
CA TRP A 1073 8.48 -72.14 -16.42
C TRP A 1073 10.01 -72.08 -16.36
N ARG A 1074 10.67 -72.31 -17.50
CA ARG A 1074 12.13 -72.27 -17.54
C ARG A 1074 12.67 -70.90 -17.94
N SER A 1075 11.91 -69.83 -17.72
CA SER A 1075 12.35 -68.49 -18.07
C SER A 1075 12.97 -67.82 -16.88
N PHE A 1076 14.16 -67.22 -17.08
CA PHE A 1076 14.89 -66.44 -16.09
C PHE A 1076 13.95 -65.36 -15.54
N HIS A 1077 13.63 -65.45 -14.25
CA HIS A 1077 12.66 -64.55 -13.65
C HIS A 1077 13.18 -63.86 -12.40
N THR A 1078 12.96 -62.55 -12.31
CA THR A 1078 13.23 -61.71 -11.16
C THR A 1078 12.03 -60.75 -11.01
N GLU A 1079 11.93 -60.06 -9.86
CA GLU A 1079 10.82 -59.13 -9.64
C GLU A 1079 10.78 -57.94 -10.61
N ARG A 1080 11.88 -57.69 -11.33
CA ARG A 1080 11.94 -56.57 -12.27
C ARG A 1080 12.02 -57.00 -13.74
N LYS A 1081 12.69 -58.13 -14.02
CA LYS A 1081 12.86 -58.58 -15.41
C LYS A 1081 12.66 -60.08 -15.55
N THR A 1082 11.99 -60.49 -16.65
CA THR A 1082 11.73 -61.89 -16.93
C THR A 1082 12.11 -62.20 -18.38
N GLU A 1083 13.25 -62.87 -18.57
CA GLU A 1083 13.77 -63.22 -19.89
C GLU A 1083 13.69 -64.73 -20.15
N PRO A 1084 13.61 -65.17 -21.42
CA PRO A 1084 13.54 -66.62 -21.68
C PRO A 1084 14.90 -67.30 -21.63
N ALA A 1085 14.91 -68.62 -21.46
CA ALA A 1085 16.15 -69.40 -21.37
C ALA A 1085 16.95 -69.39 -22.65
N THR A 1086 18.27 -69.22 -22.52
CA THR A 1086 19.22 -69.21 -23.63
C THR A 1086 20.47 -69.96 -23.22
N GLY A 1087 21.05 -70.71 -24.13
CA GLY A 1087 22.27 -71.47 -23.87
C GLY A 1087 22.10 -72.64 -22.93
N PHE A 1088 20.86 -73.15 -22.80
CA PHE A 1088 20.58 -74.28 -21.92
C PHE A 1088 19.59 -75.27 -22.53
N ILE A 1089 19.67 -76.52 -22.08
CA ILE A 1089 18.77 -77.60 -22.52
C ILE A 1089 18.24 -78.33 -21.28
N ASP A 1090 16.92 -78.36 -21.11
CA ASP A 1090 16.32 -79.04 -19.97
C ASP A 1090 16.43 -80.54 -20.18
N GLY A 1091 17.20 -81.18 -19.33
CA GLY A 1091 17.44 -82.61 -19.41
C GLY A 1091 16.24 -83.46 -19.07
N ASP A 1092 15.41 -83.00 -18.13
CA ASP A 1092 14.22 -83.73 -17.71
C ASP A 1092 13.21 -83.85 -18.85
N LEU A 1093 13.04 -82.77 -19.62
CA LEU A 1093 12.13 -82.76 -20.75
C LEU A 1093 12.65 -83.66 -21.87
N ILE A 1094 13.97 -83.67 -22.09
CA ILE A 1094 14.58 -84.52 -23.12
C ILE A 1094 14.45 -85.98 -22.74
N GLU A 1095 14.64 -86.31 -21.46
CA GLU A 1095 14.52 -87.68 -20.98
C GLU A 1095 13.08 -88.17 -20.97
N SER A 1096 12.11 -87.25 -20.79
CA SER A 1096 10.69 -87.61 -20.79
C SER A 1096 10.18 -88.13 -22.13
N PHE A 1097 11.01 -88.09 -23.20
CA PHE A 1097 10.64 -88.60 -24.51
C PHE A 1097 10.47 -90.12 -24.47
N LEU A 1098 11.26 -90.83 -23.65
CA LEU A 1098 11.19 -92.28 -23.56
C LEU A 1098 9.95 -92.80 -22.85
N ASP A 1099 9.30 -91.98 -22.01
CA ASP A 1099 8.15 -92.43 -21.23
C ASP A 1099 6.80 -92.32 -21.96
N ILE A 1100 6.69 -91.44 -22.97
CA ILE A 1100 5.44 -91.27 -23.70
C ILE A 1100 5.11 -92.46 -24.61
N SER A 1101 3.85 -92.55 -25.06
CA SER A 1101 3.40 -93.61 -25.96
C SER A 1101 4.09 -93.51 -27.33
N ARG A 1102 4.10 -94.62 -28.07
CA ARG A 1102 4.72 -94.70 -29.39
C ARG A 1102 4.04 -93.80 -30.43
N PRO A 1103 2.69 -93.68 -30.50
CA PRO A 1103 2.09 -92.76 -31.49
C PRO A 1103 2.56 -91.32 -31.29
N LYS A 1104 2.73 -90.90 -30.03
CA LYS A 1104 3.21 -89.56 -29.72
C LYS A 1104 4.70 -89.40 -30.03
N MET A 1105 5.48 -90.49 -29.86
CA MET A 1105 6.90 -90.52 -30.20
C MET A 1105 7.06 -90.26 -31.71
N GLN A 1106 6.18 -90.84 -32.54
CA GLN A 1106 6.19 -90.66 -33.99
C GLN A 1106 5.82 -89.24 -34.38
N GLU A 1107 4.87 -88.64 -33.65
CA GLU A 1107 4.43 -87.27 -33.89
C GLU A 1107 5.58 -86.28 -33.64
N VAL A 1108 6.40 -86.55 -32.62
CA VAL A 1108 7.54 -85.70 -32.27
C VAL A 1108 8.62 -85.74 -33.34
N VAL A 1109 8.99 -86.94 -33.80
CA VAL A 1109 10.04 -87.11 -34.79
C VAL A 1109 9.57 -86.92 -36.23
N ALA A 1110 8.40 -86.32 -36.44
CA ALA A 1110 7.89 -86.08 -37.79
C ALA A 1110 8.57 -84.87 -38.41
N ASN A 1111 9.81 -85.04 -38.89
CA ASN A 1111 10.59 -83.96 -39.48
C ASN A 1111 10.01 -83.51 -40.82
N THR A 1125 11.66 -93.14 -37.64
CA THR A 1125 12.85 -92.59 -36.99
C THR A 1125 12.72 -92.44 -35.47
N ALA A 1126 11.70 -93.04 -34.85
CA ALA A 1126 11.49 -92.93 -33.41
C ALA A 1126 12.56 -93.70 -32.62
N ASP A 1127 12.97 -94.85 -33.14
CA ASP A 1127 13.97 -95.69 -32.49
C ASP A 1127 15.37 -95.08 -32.49
N ASP A 1128 15.70 -94.26 -33.48
CA ASP A 1128 16.99 -93.59 -33.55
C ASP A 1128 17.10 -92.56 -32.42
N LEU A 1129 16.01 -91.80 -32.18
CA LEU A 1129 15.99 -90.82 -31.10
C LEU A 1129 16.01 -91.49 -29.73
N ILE A 1130 15.45 -92.69 -29.60
CA ILE A 1130 15.47 -93.46 -28.36
C ILE A 1130 16.92 -93.79 -27.99
N LYS A 1131 17.74 -94.16 -28.97
CA LYS A 1131 19.15 -94.48 -28.75
C LYS A 1131 19.94 -93.25 -28.27
N VAL A 1132 19.63 -92.07 -28.83
CA VAL A 1132 20.27 -90.81 -28.46
C VAL A 1132 19.95 -90.45 -27.01
N VAL A 1133 18.66 -90.54 -26.64
CA VAL A 1133 18.21 -90.23 -25.28
C VAL A 1133 18.78 -91.23 -24.26
N GLU A 1134 18.94 -92.50 -24.66
CA GLU A 1134 19.53 -93.52 -23.79
C GLU A 1134 20.98 -93.19 -23.48
N GLU A 1135 21.74 -92.76 -24.50
CA GLU A 1135 23.13 -92.37 -24.33
C GLU A 1135 23.25 -91.17 -23.37
N LEU A 1136 22.27 -90.25 -23.43
CA LEU A 1136 22.24 -89.10 -22.54
C LEU A 1136 21.94 -89.52 -21.12
N THR A 1137 20.96 -90.43 -20.91
CA THR A 1137 20.63 -90.89 -19.56
C THR A 1137 21.79 -91.62 -18.88
N ARG A 1138 22.70 -92.21 -19.65
CA ARG A 1138 23.85 -92.93 -19.11
C ARG A 1138 24.92 -92.04 -18.46
N ILE A 1139 24.64 -90.74 -18.29
CA ILE A 1139 25.61 -89.83 -17.67
C ILE A 1139 25.40 -89.66 -16.15
N HIS A 1140 24.26 -90.12 -15.62
CA HIS A 1140 23.97 -90.02 -14.19
C HIS A 1140 23.33 -91.30 -13.65
N ILE B 1 25.14 -24.67 20.79
CA ILE B 1 24.40 -25.28 19.70
C ILE B 1 22.98 -24.69 19.70
N ASN B 2 22.79 -23.53 19.03
CA ASN B 2 21.48 -22.87 18.99
C ASN B 2 21.29 -22.01 17.73
N PHE B 3 21.95 -22.37 16.64
CA PHE B 3 21.90 -21.61 15.40
C PHE B 3 20.54 -21.65 14.65
N ASP B 4 20.06 -22.86 14.32
CA ASP B 4 18.84 -23.21 13.56
C ASP B 4 19.24 -23.85 12.26
N THR B 5 19.17 -25.18 12.21
CA THR B 5 19.53 -25.98 11.04
C THR B 5 18.63 -25.76 9.82
N SER B 6 17.46 -25.12 10.02
CA SER B 6 16.54 -24.87 8.91
C SER B 6 16.82 -23.59 8.12
N LEU B 7 17.72 -22.72 8.61
CA LEU B 7 18.07 -21.49 7.92
C LEU B 7 18.79 -21.71 6.58
N PRO B 8 19.86 -22.55 6.50
CA PRO B 8 20.55 -22.73 5.22
C PRO B 8 19.74 -23.49 4.18
N THR B 9 18.93 -24.48 4.57
CA THR B 9 18.12 -25.26 3.63
C THR B 9 17.19 -24.37 2.80
N SER B 10 16.74 -23.25 3.36
CA SER B 10 15.86 -22.32 2.67
C SER B 10 16.61 -21.42 1.67
N HIS B 11 17.94 -21.27 1.84
CA HIS B 11 18.80 -20.42 1.01
C HIS B 11 18.27 -18.99 0.99
N THR B 12 18.16 -18.41 2.19
CA THR B 12 17.65 -17.05 2.42
C THR B 12 18.47 -15.98 1.71
N TYR B 13 19.76 -16.24 1.46
CA TYR B 13 20.66 -15.31 0.78
C TYR B 13 20.24 -14.94 -0.65
N LEU B 14 19.34 -15.73 -1.26
CA LEU B 14 18.89 -15.47 -2.61
C LEU B 14 17.85 -14.33 -2.72
N GLY B 15 17.33 -13.86 -1.59
CA GLY B 15 16.38 -12.75 -1.57
C GLY B 15 14.93 -13.13 -1.39
N ALA B 16 14.05 -12.37 -2.02
CA ALA B 16 12.60 -12.54 -1.97
C ALA B 16 12.14 -13.92 -2.42
N ASP B 17 10.97 -14.36 -1.94
CA ASP B 17 10.38 -15.66 -2.24
C ASP B 17 10.25 -15.93 -3.74
N MET B 18 10.48 -17.19 -4.11
CA MET B 18 10.42 -17.59 -5.51
C MET B 18 9.10 -18.26 -5.89
N GLU B 19 8.81 -18.31 -7.19
CA GLU B 19 7.63 -18.97 -7.73
C GLU B 19 7.90 -20.47 -7.71
N GLU B 20 7.27 -21.20 -6.79
CA GLU B 20 7.48 -22.63 -6.66
C GLU B 20 6.64 -23.49 -7.58
N PHE B 21 7.21 -24.63 -7.97
CA PHE B 21 6.56 -25.64 -8.79
C PHE B 21 6.64 -26.97 -8.03
N HIS B 22 5.59 -27.77 -8.09
CA HIS B 22 5.53 -29.03 -7.35
C HIS B 22 5.24 -30.27 -8.19
N GLY B 23 4.90 -30.09 -9.47
CA GLY B 23 4.61 -31.20 -10.36
C GLY B 23 5.86 -31.99 -10.63
N ARG B 24 5.82 -33.30 -10.40
CA ARG B 24 7.01 -34.13 -10.59
C ARG B 24 7.02 -34.89 -11.90
N THR B 25 8.00 -34.54 -12.75
CA THR B 25 8.17 -35.17 -14.04
C THR B 25 9.22 -36.25 -13.92
N LEU B 26 8.79 -37.51 -14.05
CA LEU B 26 9.71 -38.64 -13.95
C LEU B 26 9.54 -39.56 -15.15
N HIS B 27 10.61 -39.74 -15.92
CA HIS B 27 10.58 -40.58 -17.12
C HIS B 27 10.68 -42.06 -16.76
N ASP B 28 10.34 -42.94 -17.71
CA ASP B 28 10.43 -44.38 -17.51
C ASP B 28 11.89 -44.83 -17.44
N ASP B 29 12.14 -46.01 -16.84
CA ASP B 29 13.49 -46.55 -16.75
C ASP B 29 13.95 -47.08 -18.09
N ASP B 30 15.24 -46.85 -18.42
CA ASP B 30 15.85 -47.25 -19.69
C ASP B 30 15.32 -46.46 -20.90
N SER B 31 14.49 -45.43 -20.69
CA SER B 31 13.94 -44.62 -21.76
C SER B 31 14.99 -43.63 -22.27
N CYS B 32 14.92 -43.30 -23.56
CA CYS B 32 15.87 -42.38 -24.17
C CYS B 32 15.31 -40.97 -24.22
N GLN B 33 15.96 -40.03 -23.53
CA GLN B 33 15.51 -38.65 -23.49
C GLN B 33 16.57 -37.68 -23.97
N VAL B 34 16.16 -36.65 -24.73
CA VAL B 34 17.07 -35.62 -25.19
C VAL B 34 16.82 -34.41 -24.32
N ILE B 35 17.80 -34.07 -23.50
CA ILE B 35 17.66 -33.01 -22.53
C ILE B 35 18.78 -31.99 -22.67
N PRO B 36 18.49 -30.68 -22.53
CA PRO B 36 19.57 -29.69 -22.62
C PRO B 36 20.48 -29.71 -21.39
N VAL B 37 21.71 -29.23 -21.58
CA VAL B 37 22.71 -29.17 -20.50
C VAL B 37 23.09 -27.72 -20.23
N LEU B 38 23.26 -27.36 -18.96
CA LEU B 38 23.71 -26.02 -18.62
C LEU B 38 25.23 -25.98 -18.78
N PRO B 39 25.77 -24.92 -19.40
CA PRO B 39 27.21 -24.88 -19.66
C PRO B 39 28.11 -24.66 -18.44
N GLN B 40 27.85 -23.65 -17.60
CA GLN B 40 28.71 -23.35 -16.46
C GLN B 40 28.48 -24.23 -15.22
N VAL B 41 27.76 -25.34 -15.35
CA VAL B 41 27.52 -26.22 -14.21
C VAL B 41 28.55 -27.34 -14.14
N MET B 42 29.61 -27.11 -13.35
CA MET B 42 30.69 -28.09 -13.20
C MET B 42 30.51 -29.03 -12.01
N MET B 43 29.35 -29.01 -11.34
CA MET B 43 29.10 -29.83 -10.17
C MET B 43 28.57 -31.22 -10.53
N ILE B 44 28.87 -32.24 -9.72
CA ILE B 44 28.36 -33.58 -9.94
C ILE B 44 27.16 -33.79 -9.02
N LEU B 45 25.95 -33.67 -9.57
CA LEU B 45 24.72 -33.76 -8.81
C LEU B 45 24.33 -35.17 -8.41
N ILE B 46 23.65 -35.30 -7.26
CA ILE B 46 23.14 -36.55 -6.73
C ILE B 46 21.62 -36.44 -6.63
N PRO B 47 20.86 -37.49 -6.96
CA PRO B 47 19.39 -37.41 -6.81
C PRO B 47 18.97 -37.07 -5.39
N GLY B 48 18.05 -36.11 -5.28
CA GLY B 48 17.56 -35.63 -3.99
C GLY B 48 18.34 -34.47 -3.41
N GLN B 49 19.41 -34.05 -4.08
CA GLN B 49 20.25 -32.95 -3.62
C GLN B 49 19.75 -31.63 -4.16
N THR B 50 19.64 -30.62 -3.29
CA THR B 50 19.22 -29.29 -3.68
C THR B 50 20.38 -28.57 -4.36
N LEU B 51 20.08 -27.87 -5.46
CA LEU B 51 21.08 -27.15 -6.20
C LEU B 51 20.63 -25.75 -6.55
N PRO B 52 21.24 -24.73 -5.94
CA PRO B 52 20.88 -23.35 -6.29
C PRO B 52 21.77 -22.82 -7.41
N LEU B 53 21.20 -21.97 -8.27
CA LEU B 53 21.92 -21.43 -9.41
C LEU B 53 21.55 -19.96 -9.65
N GLN B 54 22.52 -19.15 -10.05
CA GLN B 54 22.30 -17.76 -10.41
C GLN B 54 22.91 -17.59 -11.80
N LEU B 55 22.06 -17.40 -12.82
CA LEU B 55 22.55 -17.32 -14.19
C LEU B 55 22.57 -15.89 -14.72
N PHE B 56 23.57 -15.58 -15.54
CA PHE B 56 23.78 -14.23 -16.06
C PHE B 56 23.72 -14.14 -17.58
N HIS B 57 24.34 -15.09 -18.27
CA HIS B 57 24.41 -15.11 -19.73
C HIS B 57 23.00 -15.16 -20.33
N PRO B 58 22.75 -14.41 -21.42
CA PRO B 58 21.40 -14.41 -22.01
C PRO B 58 20.95 -15.78 -22.52
N GLN B 59 21.89 -16.63 -22.97
CA GLN B 59 21.59 -17.97 -23.47
C GLN B 59 21.03 -18.84 -22.35
N GLU B 60 21.63 -18.74 -21.15
CA GLU B 60 21.19 -19.51 -20.00
C GLU B 60 19.80 -19.06 -19.59
N VAL B 61 19.56 -17.74 -19.56
CA VAL B 61 18.26 -17.20 -19.18
C VAL B 61 17.18 -17.61 -20.18
N SER B 62 17.52 -17.64 -21.48
CA SER B 62 16.59 -18.04 -22.52
C SER B 62 16.23 -19.51 -22.40
N MET B 63 17.22 -20.36 -22.08
CA MET B 63 16.98 -21.79 -21.91
C MET B 63 16.07 -22.03 -20.72
N VAL B 64 16.28 -21.28 -19.62
CA VAL B 64 15.47 -21.38 -18.41
C VAL B 64 14.03 -20.96 -18.71
N ARG B 65 13.84 -19.87 -19.46
CA ARG B 65 12.51 -19.42 -19.83
C ARG B 65 11.79 -20.46 -20.68
N ASN B 66 12.51 -21.09 -21.60
CA ASN B 66 11.94 -22.13 -22.45
C ASN B 66 11.57 -23.36 -21.63
N LEU B 67 12.34 -23.68 -20.58
CA LEU B 67 12.05 -24.84 -19.74
C LEU B 67 10.95 -24.60 -18.72
N ILE B 68 10.74 -23.35 -18.27
CA ILE B 68 9.70 -23.04 -17.28
C ILE B 68 8.30 -23.46 -17.77
N GLN B 69 8.05 -23.34 -19.08
CA GLN B 69 6.77 -23.70 -19.69
C GLN B 69 6.71 -25.19 -20.04
N LYS B 70 7.86 -25.81 -20.34
CA LYS B 70 7.92 -27.23 -20.71
C LYS B 70 7.93 -28.15 -19.46
N ASP B 71 8.86 -29.11 -19.35
CA ASP B 71 8.93 -30.04 -18.24
C ASP B 71 9.79 -29.58 -17.05
N ARG B 72 10.44 -28.40 -17.18
CA ARG B 72 11.33 -27.80 -16.17
C ARG B 72 12.47 -28.70 -15.76
N THR B 73 12.88 -29.61 -16.65
CA THR B 73 13.94 -30.56 -16.34
C THR B 73 15.10 -30.38 -17.28
N PHE B 74 16.29 -30.26 -16.71
CA PHE B 74 17.52 -30.16 -17.48
C PHE B 74 18.52 -31.23 -16.99
N ALA B 75 19.68 -31.32 -17.63
CA ALA B 75 20.66 -32.30 -17.26
C ALA B 75 21.91 -31.67 -16.67
N VAL B 76 22.59 -32.43 -15.80
CA VAL B 76 23.84 -32.02 -15.18
C VAL B 76 24.85 -33.12 -15.39
N LEU B 77 25.81 -32.87 -16.26
CA LEU B 77 26.82 -33.84 -16.60
C LEU B 77 27.86 -33.99 -15.52
N ALA B 78 28.37 -35.20 -15.37
CA ALA B 78 29.44 -35.49 -14.41
C ALA B 78 30.73 -35.45 -15.20
N TYR B 79 31.28 -34.24 -15.33
CA TYR B 79 32.50 -34.01 -16.10
C TYR B 79 33.70 -34.71 -15.48
N SER B 80 34.17 -35.78 -16.15
CA SER B 80 35.35 -36.51 -15.71
C SER B 80 36.59 -35.66 -16.03
N ASN B 81 36.66 -35.12 -17.26
CA ASN B 81 37.72 -34.21 -17.70
C ASN B 81 37.02 -32.91 -18.09
N VAL B 82 36.95 -31.96 -17.15
CA VAL B 82 36.30 -30.67 -17.29
C VAL B 82 36.85 -29.84 -18.46
N GLN B 83 38.14 -30.01 -18.77
CA GLN B 83 38.79 -29.30 -19.85
C GLN B 83 38.24 -29.70 -21.21
N GLU B 84 38.12 -31.01 -21.48
CA GLU B 84 37.62 -31.49 -22.76
C GLU B 84 36.11 -31.75 -22.77
N ARG B 85 35.39 -31.39 -21.70
CA ARG B 85 33.94 -31.56 -21.58
C ARG B 85 33.49 -33.00 -21.75
N GLU B 86 34.28 -33.96 -21.24
CA GLU B 86 33.94 -35.37 -21.35
C GLU B 86 33.05 -35.80 -20.20
N ALA B 87 31.95 -36.49 -20.49
CA ALA B 87 31.03 -36.96 -19.47
C ALA B 87 30.34 -38.23 -19.93
N GLN B 88 30.49 -39.30 -19.15
CA GLN B 88 29.89 -40.59 -19.46
C GLN B 88 28.59 -40.80 -18.68
N PHE B 89 28.46 -40.19 -17.51
CA PHE B 89 27.27 -40.30 -16.67
C PHE B 89 26.78 -38.89 -16.26
N GLY B 90 25.64 -38.83 -15.56
CA GLY B 90 25.10 -37.57 -15.10
C GLY B 90 23.78 -37.72 -14.38
N THR B 91 23.20 -36.60 -13.95
CA THR B 91 21.95 -36.61 -13.20
C THR B 91 21.00 -35.54 -13.68
N THR B 92 19.71 -35.87 -13.77
CA THR B 92 18.70 -34.89 -14.17
C THR B 92 18.40 -33.96 -13.00
N ALA B 93 17.94 -32.76 -13.31
CA ALA B 93 17.60 -31.78 -12.30
C ALA B 93 16.31 -31.11 -12.68
N GLU B 94 15.36 -31.06 -11.74
CA GLU B 94 14.07 -30.46 -11.96
C GLU B 94 13.99 -29.16 -11.19
N ILE B 95 13.60 -28.08 -11.86
CA ILE B 95 13.50 -26.78 -11.22
C ILE B 95 12.28 -26.76 -10.31
N TYR B 96 12.49 -26.48 -9.03
CA TYR B 96 11.39 -26.41 -8.07
C TYR B 96 11.11 -24.97 -7.58
N ALA B 97 11.97 -24.00 -7.92
CA ALA B 97 11.76 -22.60 -7.55
C ALA B 97 12.47 -21.69 -8.55
N TYR B 98 11.83 -20.58 -8.94
CA TYR B 98 12.46 -19.65 -9.88
C TYR B 98 12.01 -18.22 -9.64
N ARG B 99 12.89 -17.27 -9.93
CA ARG B 99 12.61 -15.85 -9.77
C ARG B 99 13.53 -15.03 -10.66
N GLU B 100 12.95 -14.26 -11.58
CA GLU B 100 13.72 -13.40 -12.48
C GLU B 100 13.80 -12.00 -11.88
N GLU B 101 14.97 -11.36 -12.04
CA GLU B 101 15.21 -10.01 -11.55
C GLU B 101 16.02 -9.26 -12.61
N GLN B 102 15.57 -8.08 -13.01
CA GLN B 102 16.26 -7.30 -14.03
C GLN B 102 17.13 -6.22 -13.38
N ASP B 103 17.83 -6.57 -12.29
CA ASP B 103 18.70 -5.62 -11.57
C ASP B 103 19.88 -5.16 -12.41
N PHE B 104 20.13 -3.86 -12.41
CA PHE B 104 21.25 -3.20 -13.09
C PHE B 104 21.27 -3.40 -14.61
N GLY B 105 20.09 -3.49 -15.21
CA GLY B 105 19.95 -3.61 -16.67
C GLY B 105 20.27 -4.97 -17.27
N ILE B 106 20.68 -5.94 -16.45
CA ILE B 106 21.05 -7.28 -16.90
C ILE B 106 20.07 -8.34 -16.41
N GLU B 107 19.73 -9.30 -17.27
CA GLU B 107 18.78 -10.34 -16.91
C GLU B 107 19.38 -11.33 -15.93
N ILE B 108 19.00 -11.21 -14.65
CA ILE B 108 19.48 -12.14 -13.62
C ILE B 108 18.38 -13.12 -13.29
N VAL B 109 18.71 -14.40 -13.22
CA VAL B 109 17.72 -15.41 -12.90
C VAL B 109 18.20 -16.29 -11.77
N LYS B 110 17.38 -16.41 -10.72
CA LYS B 110 17.70 -17.23 -9.56
C LYS B 110 16.82 -18.47 -9.60
N VAL B 111 17.45 -19.65 -9.58
CA VAL B 111 16.75 -20.92 -9.69
C VAL B 111 17.19 -21.89 -8.60
N LYS B 112 16.24 -22.66 -8.07
CA LYS B 112 16.52 -23.72 -7.11
C LYS B 112 16.02 -24.99 -7.77
N ALA B 113 16.90 -25.95 -7.98
CA ALA B 113 16.54 -27.21 -8.60
C ALA B 113 16.84 -28.39 -7.68
N ILE B 114 16.28 -29.56 -7.96
CA ILE B 114 16.50 -30.75 -7.17
C ILE B 114 16.83 -31.92 -8.09
N GLY B 115 17.71 -32.80 -7.62
CA GLY B 115 18.06 -33.98 -8.37
C GLY B 115 16.89 -34.93 -8.48
N ARG B 116 16.88 -35.76 -9.53
CA ARG B 116 15.78 -36.71 -9.72
C ARG B 116 16.26 -38.10 -10.12
N GLN B 117 16.79 -38.25 -11.35
CA GLN B 117 17.20 -39.55 -11.85
C GLN B 117 18.61 -39.55 -12.37
N ARG B 118 19.28 -40.69 -12.22
CA ARG B 118 20.63 -40.88 -12.75
C ARG B 118 20.51 -41.27 -14.22
N PHE B 119 21.59 -41.09 -14.97
CA PHE B 119 21.57 -41.45 -16.38
C PHE B 119 22.94 -41.71 -16.96
N LYS B 120 22.96 -42.44 -18.09
CA LYS B 120 24.15 -42.78 -18.84
C LYS B 120 24.09 -41.98 -20.14
N VAL B 121 25.17 -41.29 -20.49
CA VAL B 121 25.24 -40.48 -21.69
C VAL B 121 25.41 -41.33 -22.95
N LEU B 122 24.57 -41.12 -23.96
CA LEU B 122 24.67 -41.86 -25.21
C LEU B 122 25.32 -41.01 -26.29
N GLU B 123 24.90 -39.75 -26.41
CA GLU B 123 25.46 -38.84 -27.41
C GLU B 123 25.37 -37.39 -26.94
N LEU B 124 26.33 -36.57 -27.33
CA LEU B 124 26.35 -35.16 -26.96
C LEU B 124 26.39 -34.35 -28.24
N ARG B 125 25.40 -33.48 -28.43
CA ARG B 125 25.36 -32.63 -29.60
C ARG B 125 25.36 -31.17 -29.21
N THR B 126 26.04 -30.33 -29.99
CA THR B 126 26.07 -28.90 -29.73
C THR B 126 25.37 -28.18 -30.88
N GLN B 127 24.30 -27.46 -30.58
CA GLN B 127 23.52 -26.74 -31.58
C GLN B 127 24.24 -25.48 -32.09
N SER B 128 23.71 -24.88 -33.18
CA SER B 128 24.27 -23.67 -33.78
C SER B 128 24.20 -22.45 -32.86
N ASP B 129 23.20 -22.42 -31.97
CA ASP B 129 23.01 -21.32 -31.02
C ASP B 129 23.88 -21.40 -29.76
N GLY B 130 24.92 -22.23 -29.77
CA GLY B 130 25.84 -22.36 -28.65
C GLY B 130 25.44 -23.35 -27.58
N ILE B 131 24.15 -23.40 -27.21
CA ILE B 131 23.67 -24.31 -26.18
C ILE B 131 23.74 -25.77 -26.63
N GLN B 132 24.05 -26.70 -25.71
CA GLN B 132 24.20 -28.10 -26.06
C GLN B 132 23.09 -29.00 -25.53
N GLN B 133 22.79 -30.06 -26.30
CA GLN B 133 21.77 -31.07 -25.98
C GLN B 133 22.46 -32.42 -25.72
N ALA B 134 21.76 -33.32 -25.00
CA ALA B 134 22.31 -34.64 -24.73
C ALA B 134 21.29 -35.76 -24.89
N LYS B 135 21.61 -36.74 -25.76
CA LYS B 135 20.79 -37.93 -25.96
C LYS B 135 21.22 -38.85 -24.82
N VAL B 136 20.30 -39.14 -23.92
CA VAL B 136 20.61 -39.86 -22.69
C VAL B 136 19.70 -41.07 -22.43
N GLN B 137 20.21 -42.07 -21.71
CA GLN B 137 19.43 -43.23 -21.31
C GLN B 137 19.28 -43.23 -19.80
N ILE B 138 18.04 -43.34 -19.29
CA ILE B 138 17.77 -43.35 -17.86
C ILE B 138 18.28 -44.63 -17.23
N LEU B 139 19.06 -44.52 -16.17
CA LEU B 139 19.58 -45.68 -15.47
C LEU B 139 18.54 -46.20 -14.48
N PRO B 140 18.28 -47.51 -14.51
CA PRO B 140 17.26 -48.06 -13.61
C PRO B 140 17.73 -48.24 -12.18
N GLU B 141 16.79 -48.10 -11.24
CA GLU B 141 17.10 -48.29 -9.83
C GLU B 141 16.84 -49.75 -9.51
N CYS B 142 17.90 -50.54 -9.38
CA CYS B 142 17.77 -51.96 -9.11
C CYS B 142 17.42 -52.22 -7.64
N VAL B 143 16.13 -52.46 -7.39
CA VAL B 143 15.60 -52.74 -6.06
C VAL B 143 15.61 -54.23 -5.86
N LEU B 144 16.13 -54.69 -4.72
CA LEU B 144 16.19 -56.12 -4.44
C LEU B 144 15.43 -56.47 -3.18
N PRO B 145 14.75 -57.63 -3.18
CA PRO B 145 14.05 -58.06 -1.97
C PRO B 145 15.06 -58.57 -0.93
N SER B 146 14.57 -58.86 0.29
CA SER B 146 15.42 -59.37 1.37
C SER B 146 16.12 -60.66 0.94
N THR B 147 17.40 -60.79 1.26
CA THR B 147 18.20 -61.96 0.88
C THR B 147 17.57 -63.28 1.31
N MET B 148 16.75 -63.26 2.35
CA MET B 148 16.08 -64.46 2.84
C MET B 148 14.88 -64.88 2.02
N SER B 149 14.32 -63.99 1.18
CA SER B 149 13.14 -64.32 0.37
C SER B 149 13.26 -65.61 -0.42
N ALA B 150 14.45 -65.91 -0.97
CA ALA B 150 14.68 -67.11 -1.77
C ALA B 150 14.91 -68.39 -0.97
N VAL B 151 15.23 -68.29 0.31
CA VAL B 151 15.47 -69.48 1.14
C VAL B 151 14.43 -69.68 2.23
N GLN B 152 13.72 -68.61 2.60
CA GLN B 152 12.72 -68.59 3.65
C GLN B 152 11.75 -69.73 3.58
N LEU B 153 11.64 -70.46 4.69
CA LEU B 153 10.69 -71.56 4.81
C LEU B 153 9.30 -70.96 4.97
N GLU B 154 8.28 -71.63 4.41
CA GLU B 154 6.90 -71.16 4.45
C GLU B 154 6.34 -71.07 5.86
N SER B 155 6.74 -72.00 6.73
CA SER B 155 6.31 -72.03 8.12
C SER B 155 6.84 -70.83 8.91
N LEU B 156 8.05 -70.38 8.58
CA LEU B 156 8.68 -69.25 9.28
C LEU B 156 8.37 -67.89 8.68
N ASN B 157 7.60 -67.85 7.56
CA ASN B 157 7.23 -66.59 6.91
C ASN B 157 6.47 -65.68 7.87
N LYS B 158 5.64 -66.27 8.74
CA LYS B 158 4.88 -65.51 9.71
C LYS B 158 5.69 -64.94 10.88
N CYS B 159 6.95 -65.33 11.01
CA CYS B 159 7.81 -64.81 12.07
C CYS B 159 8.76 -63.71 11.55
N GLN B 160 8.48 -63.14 10.37
CA GLN B 160 9.31 -62.11 9.75
C GLN B 160 8.97 -60.68 10.15
N ILE B 161 7.82 -60.45 10.78
CA ILE B 161 7.44 -59.12 11.22
C ILE B 161 7.87 -58.94 12.68
N PHE B 162 8.53 -57.82 13.00
CA PHE B 162 9.02 -57.58 14.36
C PHE B 162 8.35 -56.34 14.95
N PRO B 163 8.07 -56.36 16.26
CA PRO B 163 7.45 -55.18 16.89
C PRO B 163 8.49 -54.11 17.21
N CYS B 173 16.80 -51.46 25.71
CA CYS B 173 18.07 -51.91 25.14
C CYS B 173 17.93 -52.20 23.64
N SER B 174 18.43 -51.28 22.81
CA SER B 174 18.40 -51.38 21.34
C SER B 174 19.36 -52.45 20.82
N TYR B 175 20.48 -52.66 21.52
CA TYR B 175 21.48 -53.66 21.19
C TYR B 175 20.88 -55.06 21.33
N LYS B 176 20.06 -55.28 22.38
CA LYS B 176 19.38 -56.55 22.59
C LYS B 176 18.38 -56.79 21.46
N TRP B 177 17.69 -55.73 21.01
CA TRP B 177 16.72 -55.81 19.92
C TRP B 177 17.40 -56.20 18.61
N TRP B 178 18.60 -55.68 18.33
CA TRP B 178 19.33 -56.01 17.11
C TRP B 178 19.82 -57.45 17.10
N GLN B 179 20.18 -57.98 18.28
CA GLN B 179 20.60 -59.38 18.40
C GLN B 179 19.40 -60.28 18.11
N LYS B 180 18.23 -59.96 18.68
CA LYS B 180 17.00 -60.72 18.46
C LYS B 180 16.58 -60.65 16.99
N TYR B 181 16.72 -59.47 16.37
CA TYR B 181 16.39 -59.23 14.98
C TYR B 181 17.25 -60.10 14.06
N GLN B 182 18.54 -60.21 14.36
CA GLN B 182 19.45 -61.02 13.56
C GLN B 182 19.14 -62.49 13.68
N LYS B 183 18.85 -62.96 14.90
CA LYS B 183 18.53 -64.37 15.12
C LYS B 183 17.20 -64.77 14.48
N ARG B 184 16.24 -63.85 14.44
CA ARG B 184 14.92 -64.13 13.87
C ARG B 184 14.84 -63.97 12.36
N LYS B 185 15.19 -62.79 11.83
CA LYS B 185 15.10 -62.53 10.41
C LYS B 185 16.00 -63.44 9.58
N PHE B 186 17.22 -63.66 10.08
CA PHE B 186 18.18 -64.48 9.37
C PHE B 186 18.29 -65.89 9.95
N HIS B 187 17.17 -66.43 10.45
CA HIS B 187 17.17 -67.78 11.00
C HIS B 187 17.45 -68.78 9.88
N CYS B 188 16.77 -68.62 8.73
CA CYS B 188 16.96 -69.50 7.58
C CYS B 188 18.35 -69.43 6.95
N ALA B 189 19.24 -68.60 7.47
CA ALA B 189 20.60 -68.51 6.95
C ALA B 189 21.36 -69.82 7.14
N ASN B 190 21.02 -70.62 8.16
CA ASN B 190 21.67 -71.91 8.36
C ASN B 190 21.45 -72.88 7.20
N LEU B 191 20.46 -72.62 6.33
CA LEU B 191 20.20 -73.45 5.16
C LEU B 191 21.16 -73.16 4.01
N THR B 192 21.94 -72.07 4.08
CA THR B 192 22.87 -71.67 3.03
C THR B 192 24.35 -71.92 3.44
N SER B 193 25.30 -71.64 2.53
CA SER B 193 26.71 -71.80 2.79
C SER B 193 27.30 -70.72 3.70
N TRP B 194 26.51 -69.71 4.08
CA TRP B 194 26.99 -68.58 4.87
C TRP B 194 26.23 -68.38 6.17
N PRO B 195 26.84 -67.70 7.16
CA PRO B 195 26.14 -67.47 8.44
C PRO B 195 25.34 -66.17 8.47
N ARG B 196 24.61 -65.93 9.57
CA ARG B 196 23.76 -64.76 9.77
C ARG B 196 24.49 -63.44 9.66
N TRP B 197 25.61 -63.28 10.38
CA TRP B 197 26.36 -62.03 10.38
C TRP B 197 26.82 -61.57 9.00
N LEU B 198 26.92 -62.50 8.04
CA LEU B 198 27.30 -62.15 6.68
C LEU B 198 26.13 -61.44 6.01
N TYR B 199 24.93 -62.02 6.10
CA TYR B 199 23.74 -61.41 5.52
C TYR B 199 23.40 -60.09 6.18
N SER B 200 23.71 -59.94 7.47
CA SER B 200 23.50 -58.70 8.20
C SER B 200 24.26 -57.53 7.53
N LEU B 201 25.41 -57.80 6.89
CA LEU B 201 26.18 -56.79 6.16
C LEU B 201 25.47 -56.34 4.88
N TYR B 202 24.60 -57.18 4.32
CA TYR B 202 23.86 -56.87 3.10
C TYR B 202 22.38 -56.56 3.35
N ASP B 203 22.00 -56.23 4.59
CA ASP B 203 20.61 -55.91 4.93
C ASP B 203 20.45 -54.42 5.01
N ALA B 204 19.47 -53.87 4.28
CA ALA B 204 19.23 -52.43 4.24
C ALA B 204 19.03 -51.80 5.62
N GLU B 205 18.23 -52.43 6.49
CA GLU B 205 17.94 -51.91 7.83
C GLU B 205 19.16 -51.84 8.72
N THR B 206 20.01 -52.87 8.70
CA THR B 206 21.22 -52.89 9.51
C THR B 206 22.19 -51.82 9.03
N LEU B 207 22.34 -51.68 7.71
CA LEU B 207 23.22 -50.68 7.12
C LEU B 207 22.73 -49.29 7.47
N MET B 208 21.42 -49.05 7.37
CA MET B 208 20.84 -47.76 7.69
C MET B 208 21.06 -47.41 9.15
N ASP B 209 20.95 -48.39 10.05
CA ASP B 209 21.15 -48.14 11.47
C ASP B 209 22.61 -47.84 11.80
N ARG B 210 23.55 -48.52 11.14
CA ARG B 210 24.96 -48.24 11.35
C ARG B 210 25.30 -46.83 10.85
N ILE B 211 24.71 -46.42 9.72
CA ILE B 211 24.90 -45.08 9.19
C ILE B 211 24.27 -44.05 10.11
N LYS B 212 23.10 -44.37 10.71
CA LYS B 212 22.42 -43.51 11.67
C LYS B 212 23.30 -43.29 12.89
N LYS B 213 23.99 -44.33 13.36
CA LYS B 213 24.89 -44.22 14.50
C LYS B 213 26.07 -43.29 14.20
N GLN B 214 26.54 -43.28 12.94
CA GLN B 214 27.62 -42.40 12.52
C GLN B 214 27.10 -40.96 12.36
N LEU B 215 25.84 -40.80 11.90
CA LEU B 215 25.22 -39.50 11.70
C LEU B 215 24.90 -38.81 13.01
N ARG B 216 24.44 -39.55 14.03
CA ARG B 216 24.14 -38.99 15.36
C ARG B 216 25.37 -38.35 15.98
N GLU B 217 26.56 -38.90 15.70
CA GLU B 217 27.83 -38.35 16.17
C GLU B 217 28.07 -36.93 15.64
N TRP B 218 27.48 -36.59 14.49
CA TRP B 218 27.65 -35.29 13.86
C TRP B 218 26.53 -34.32 14.24
N ASP B 219 25.30 -34.83 14.45
CA ASP B 219 24.16 -33.98 14.79
C ASP B 219 23.23 -34.67 15.77
N GLU B 220 22.60 -33.92 16.66
CA GLU B 220 21.72 -34.49 17.67
C GLU B 220 20.25 -34.57 17.28
N ASN B 221 19.96 -34.48 15.98
CA ASN B 221 18.58 -34.58 15.50
C ASN B 221 18.20 -36.06 15.37
N LEU B 222 17.04 -36.45 15.91
CA LEU B 222 16.58 -37.83 15.87
C LEU B 222 16.21 -38.29 14.47
N LYS B 223 16.38 -39.59 14.20
CA LYS B 223 16.10 -40.16 12.89
C LYS B 223 14.65 -40.53 12.64
N ASP B 224 13.76 -40.27 13.60
CA ASP B 224 12.34 -40.57 13.47
C ASP B 224 11.68 -39.73 12.38
N ASP B 225 12.14 -38.48 12.22
CA ASP B 225 11.56 -37.58 11.23
C ASP B 225 12.56 -37.12 10.17
N SER B 226 13.72 -36.62 10.60
CA SER B 226 14.74 -36.08 9.71
C SER B 226 15.19 -37.04 8.61
N LEU B 227 15.41 -38.30 8.95
CA LEU B 227 15.89 -39.28 7.96
C LEU B 227 14.77 -40.09 7.33
N PRO B 228 14.82 -40.25 6.00
CA PRO B 228 13.79 -41.05 5.32
C PRO B 228 13.90 -42.54 5.63
N SER B 229 12.78 -43.25 5.56
CA SER B 229 12.76 -44.69 5.83
C SER B 229 13.12 -45.53 4.59
N ASN B 230 12.83 -45.01 3.39
CA ASN B 230 13.12 -45.71 2.14
C ASN B 230 14.62 -45.80 1.95
N PRO B 231 15.16 -47.02 1.84
CA PRO B 231 16.62 -47.17 1.68
C PRO B 231 17.21 -46.51 0.44
N ILE B 232 16.42 -46.35 -0.62
CA ILE B 232 16.89 -45.71 -1.85
C ILE B 232 17.09 -44.22 -1.59
N ASP B 233 16.06 -43.53 -1.10
CA ASP B 233 16.13 -42.11 -0.78
C ASP B 233 17.16 -41.87 0.34
N PHE B 234 17.24 -42.78 1.31
CA PHE B 234 18.19 -42.71 2.41
C PHE B 234 19.60 -42.76 1.86
N SER B 235 19.90 -43.70 0.97
CA SER B 235 21.23 -43.83 0.40
C SER B 235 21.65 -42.59 -0.37
N TYR B 236 20.73 -42.04 -1.17
CA TYR B 236 21.01 -40.84 -1.95
C TYR B 236 21.26 -39.64 -1.05
N ARG B 237 20.53 -39.53 0.06
CA ARG B 237 20.69 -38.44 1.01
C ARG B 237 22.05 -38.53 1.70
N VAL B 238 22.45 -39.76 2.08
CA VAL B 238 23.74 -39.97 2.73
C VAL B 238 24.89 -39.64 1.79
N ALA B 239 24.79 -40.08 0.55
CA ALA B 239 25.84 -39.83 -0.43
C ALA B 239 25.98 -38.35 -0.73
N ALA B 240 24.86 -37.63 -0.78
CA ALA B 240 24.85 -36.20 -1.11
C ALA B 240 25.62 -35.34 -0.11
N CYS B 241 25.80 -35.80 1.12
CA CYS B 241 26.51 -35.03 2.14
C CYS B 241 27.81 -35.68 2.62
N LEU B 242 28.45 -36.47 1.75
CA LEU B 242 29.72 -37.10 2.09
C LEU B 242 30.81 -36.41 1.31
N PRO B 243 31.78 -35.78 2.01
CA PRO B 243 32.86 -35.07 1.30
C PRO B 243 33.86 -35.99 0.60
N ILE B 244 33.65 -36.19 -0.71
CA ILE B 244 34.50 -37.03 -1.52
C ILE B 244 34.98 -36.30 -2.78
N ASP B 245 36.04 -36.79 -3.39
CA ASP B 245 36.53 -36.23 -4.64
C ASP B 245 35.63 -36.64 -5.82
N ASP B 246 35.78 -35.94 -6.95
CA ASP B 246 34.96 -36.16 -8.14
C ASP B 246 35.01 -37.59 -8.67
N VAL B 247 36.18 -38.21 -8.70
CA VAL B 247 36.29 -39.57 -9.22
C VAL B 247 35.50 -40.57 -8.37
N LEU B 248 35.60 -40.48 -7.03
CA LEU B 248 34.83 -41.37 -6.16
C LEU B 248 33.34 -41.10 -6.25
N ARG B 249 32.94 -39.84 -6.46
CA ARG B 249 31.53 -39.48 -6.61
C ARG B 249 30.97 -40.12 -7.88
N ILE B 250 31.73 -40.10 -8.98
CA ILE B 250 31.34 -40.72 -10.24
C ILE B 250 31.13 -42.22 -10.05
N GLN B 251 32.09 -42.89 -9.36
CA GLN B 251 32.01 -44.32 -9.09
C GLN B 251 30.77 -44.67 -8.26
N LEU B 252 30.48 -43.86 -7.24
CA LEU B 252 29.32 -44.09 -6.38
C LEU B 252 28.01 -43.90 -7.15
N LEU B 253 27.99 -42.95 -8.08
CA LEU B 253 26.82 -42.70 -8.91
C LEU B 253 26.54 -43.89 -9.84
N LYS B 254 27.59 -44.55 -10.34
CA LYS B 254 27.47 -45.71 -11.23
C LYS B 254 26.66 -46.84 -10.59
N ILE B 255 26.71 -46.96 -9.25
CA ILE B 255 26.01 -47.99 -8.50
C ILE B 255 24.50 -47.95 -8.76
N GLY B 256 23.92 -49.11 -9.04
CA GLY B 256 22.50 -49.23 -9.31
C GLY B 256 21.67 -49.66 -8.12
N SER B 257 22.22 -50.52 -7.27
CA SER B 257 21.49 -51.02 -6.10
C SER B 257 21.75 -50.17 -4.88
N ALA B 258 20.70 -49.91 -4.10
CA ALA B 258 20.84 -49.11 -2.88
C ALA B 258 21.69 -49.81 -1.83
N ILE B 259 21.65 -51.15 -1.79
CA ILE B 259 22.44 -51.93 -0.84
C ILE B 259 23.94 -51.69 -1.04
N GLN B 260 24.40 -51.75 -2.29
CA GLN B 260 25.81 -51.51 -2.62
C GLN B 260 26.21 -50.07 -2.33
N ARG B 261 25.29 -49.13 -2.56
CA ARG B 261 25.53 -47.71 -2.31
C ARG B 261 25.76 -47.50 -0.81
N LEU B 262 24.90 -48.09 0.03
CA LEU B 262 25.00 -47.99 1.49
C LEU B 262 26.27 -48.65 2.00
N ARG B 263 26.64 -49.80 1.43
CA ARG B 263 27.86 -50.51 1.80
C ARG B 263 29.08 -49.66 1.50
N CYS B 264 29.09 -49.02 0.33
CA CYS B 264 30.20 -48.16 -0.06
C CYS B 264 30.29 -46.97 0.86
N GLU B 265 29.15 -46.36 1.19
CA GLU B 265 29.11 -45.21 2.08
C GLU B 265 29.68 -45.53 3.46
N LEU B 266 29.25 -46.66 4.05
CA LEU B 266 29.75 -47.07 5.36
C LEU B 266 31.24 -47.33 5.31
N ASP B 267 31.70 -47.97 4.24
CA ASP B 267 33.12 -48.26 4.08
C ASP B 267 33.92 -46.97 4.00
N ILE B 268 33.45 -45.99 3.22
CA ILE B 268 34.13 -44.71 3.09
C ILE B 268 34.17 -43.98 4.41
N MET B 269 33.07 -43.99 5.16
CA MET B 269 32.99 -43.34 6.46
C MET B 269 33.96 -43.93 7.47
N ASN B 270 34.23 -45.23 7.38
CA ASN B 270 35.16 -45.89 8.29
C ASN B 270 36.60 -45.75 7.83
N LYS B 271 36.86 -45.85 6.52
CA LYS B 271 38.21 -45.76 5.99
C LYS B 271 38.77 -44.33 6.00
N CYS B 272 38.15 -43.41 5.26
CA CYS B 272 38.64 -42.04 5.18
C CYS B 272 38.37 -41.24 6.43
N THR B 273 39.29 -41.31 7.39
CA THR B 273 39.18 -40.53 8.62
C THR B 273 39.85 -39.15 8.49
N SER B 274 40.69 -38.95 7.47
CA SER B 274 41.39 -37.70 7.26
C SER B 274 40.89 -36.99 6.00
N LEU B 275 41.05 -35.68 5.97
CA LEU B 275 40.66 -34.87 4.83
C LEU B 275 41.77 -33.86 4.60
N CYS B 276 42.51 -34.07 3.52
CA CYS B 276 43.67 -33.26 3.17
C CYS B 276 43.36 -32.31 2.00
N CYS B 277 44.35 -31.49 1.63
CA CYS B 277 44.20 -30.59 0.50
C CYS B 277 44.24 -31.41 -0.79
N LYS B 278 43.36 -31.09 -1.74
CA LYS B 278 43.32 -31.80 -3.01
C LYS B 278 44.56 -31.47 -3.86
N GLN B 279 45.01 -30.22 -3.80
CA GLN B 279 46.18 -29.79 -4.56
C GLN B 279 47.48 -30.31 -3.93
N CYS B 280 47.62 -30.20 -2.61
CA CYS B 280 48.81 -30.63 -1.90
C CYS B 280 48.90 -32.14 -1.80
N GLN B 281 47.78 -32.77 -1.39
CA GLN B 281 47.65 -34.20 -1.15
C GLN B 281 48.32 -34.64 0.16
N GLU B 282 49.30 -33.88 0.66
CA GLU B 282 50.00 -34.18 1.90
C GLU B 282 49.58 -33.28 3.07
N THR B 283 49.00 -32.11 2.79
CA THR B 283 48.60 -31.18 3.83
C THR B 283 47.28 -31.57 4.46
N GLU B 284 47.31 -32.04 5.71
CA GLU B 284 46.10 -32.44 6.42
C GLU B 284 45.33 -31.20 6.84
N ILE B 285 44.03 -31.17 6.55
CA ILE B 285 43.19 -30.04 6.88
C ILE B 285 42.30 -30.31 8.08
N THR B 286 41.61 -31.46 8.08
CA THR B 286 40.70 -31.83 9.16
C THR B 286 40.47 -33.36 9.21
N THR B 287 39.75 -33.84 10.25
CA THR B 287 39.39 -35.23 10.42
C THR B 287 37.86 -35.35 10.56
N LYS B 288 37.32 -36.56 10.39
CA LYS B 288 35.88 -36.78 10.53
C LYS B 288 35.36 -36.54 11.95
N ASN B 289 36.25 -36.51 12.95
CA ASN B 289 35.88 -36.23 14.33
C ASN B 289 35.36 -34.78 14.46
N GLU B 290 35.93 -33.85 13.67
CA GLU B 290 35.52 -32.45 13.68
C GLU B 290 34.27 -32.16 12.84
N ILE B 291 33.83 -33.10 12.02
CA ILE B 291 32.66 -32.89 11.17
C ILE B 291 31.38 -32.87 12.00
N PHE B 292 30.47 -31.94 11.67
CA PHE B 292 29.19 -31.82 12.34
C PHE B 292 28.16 -31.24 11.36
N SER B 293 26.89 -31.58 11.56
CA SER B 293 25.83 -31.10 10.67
C SER B 293 25.24 -29.79 11.15
N LEU B 294 25.44 -28.74 10.38
CA LEU B 294 24.86 -27.43 10.67
C LEU B 294 23.55 -27.20 9.87
N SER B 295 23.24 -28.07 8.89
CA SER B 295 22.04 -27.98 8.07
C SER B 295 21.17 -29.25 8.20
N LEU B 296 19.91 -29.19 7.76
CA LEU B 296 19.00 -30.34 7.81
C LEU B 296 19.39 -31.44 6.82
N CYS B 297 19.98 -31.06 5.67
CA CYS B 297 20.43 -31.98 4.64
C CYS B 297 21.61 -32.84 5.11
N GLY B 298 22.47 -32.27 5.95
CA GLY B 298 23.64 -32.92 6.49
C GLY B 298 24.77 -31.95 6.74
N PRO B 299 25.99 -32.46 6.93
CA PRO B 299 27.13 -31.55 7.15
C PRO B 299 27.55 -30.80 5.89
N MET B 300 27.37 -31.43 4.72
CA MET B 300 27.74 -30.85 3.45
C MET B 300 26.51 -30.59 2.60
N ALA B 301 26.48 -29.45 1.93
CA ALA B 301 25.38 -29.07 1.05
C ALA B 301 25.88 -28.14 -0.05
N ALA B 302 25.14 -28.07 -1.16
CA ALA B 302 25.52 -27.21 -2.27
C ALA B 302 24.97 -25.81 -2.08
N TYR B 303 25.82 -24.79 -2.24
CA TYR B 303 25.42 -23.40 -2.13
C TYR B 303 25.93 -22.61 -3.33
N VAL B 304 25.18 -21.59 -3.73
CA VAL B 304 25.58 -20.75 -4.85
C VAL B 304 26.15 -19.44 -4.35
N ASN B 305 27.14 -18.90 -5.06
CA ASN B 305 27.77 -17.64 -4.69
C ASN B 305 27.20 -16.47 -5.55
N PRO B 306 27.57 -15.21 -5.30
CA PRO B 306 27.05 -14.12 -6.12
C PRO B 306 27.34 -14.24 -7.62
N HIS B 307 28.43 -14.93 -8.00
CA HIS B 307 28.81 -15.09 -9.40
C HIS B 307 28.44 -16.44 -10.04
N GLY B 308 27.44 -17.11 -9.49
CA GLY B 308 26.95 -18.36 -10.07
C GLY B 308 27.76 -19.62 -9.88
N TYR B 309 28.89 -19.55 -9.15
CA TYR B 309 29.71 -20.71 -8.88
C TYR B 309 29.11 -21.49 -7.71
N VAL B 310 29.01 -22.81 -7.88
CA VAL B 310 28.42 -23.68 -6.86
C VAL B 310 29.52 -24.32 -6.01
N HIS B 311 29.33 -24.32 -4.69
CA HIS B 311 30.28 -24.92 -3.77
C HIS B 311 29.58 -25.93 -2.87
N GLU B 312 30.00 -27.20 -2.94
CA GLU B 312 29.46 -28.22 -2.05
C GLU B 312 30.24 -28.04 -0.77
N THR B 313 29.77 -27.14 0.09
CA THR B 313 30.45 -26.76 1.31
C THR B 313 30.12 -27.64 2.51
N LEU B 314 31.16 -28.04 3.26
CA LEU B 314 31.08 -28.89 4.44
C LEU B 314 31.39 -28.06 5.69
N THR B 315 30.58 -28.20 6.74
CA THR B 315 30.75 -27.48 8.00
C THR B 315 31.52 -28.32 9.01
N VAL B 316 32.66 -27.81 9.52
CA VAL B 316 33.49 -28.49 10.51
C VAL B 316 33.81 -27.57 11.70
N TYR B 317 34.13 -28.16 12.86
CA TYR B 317 34.46 -27.40 14.05
C TYR B 317 35.83 -26.75 13.95
N LYS B 318 36.89 -27.56 13.76
CA LYS B 318 38.25 -27.04 13.68
C LYS B 318 38.93 -27.40 12.37
N ALA B 319 39.86 -26.55 11.96
CA ALA B 319 40.65 -26.74 10.76
C ALA B 319 42.03 -26.16 10.98
N CYS B 320 43.05 -26.80 10.41
CA CYS B 320 44.43 -26.36 10.57
C CYS B 320 45.14 -26.17 9.23
N ASN B 321 46.35 -25.59 9.27
CA ASN B 321 47.17 -25.33 8.09
C ASN B 321 46.41 -24.44 7.11
N LEU B 322 45.77 -23.39 7.63
CA LEU B 322 45.00 -22.46 6.81
C LEU B 322 45.26 -21.01 7.21
N ASN B 323 45.46 -20.14 6.21
CA ASN B 323 45.67 -18.72 6.45
C ASN B 323 44.43 -17.96 6.00
N LEU B 324 44.10 -16.88 6.71
CA LEU B 324 42.93 -16.08 6.38
C LEU B 324 43.30 -14.89 5.51
N ILE B 325 42.51 -14.67 4.46
CA ILE B 325 42.73 -13.58 3.51
C ILE B 325 41.61 -12.57 3.64
N GLY B 326 41.96 -11.31 3.79
CA GLY B 326 40.99 -10.24 3.91
C GLY B 326 40.38 -10.11 5.29
N ARG B 327 39.22 -9.46 5.37
CA ARG B 327 38.53 -9.26 6.63
C ARG B 327 37.12 -9.88 6.60
N PRO B 328 36.56 -10.23 7.77
CA PRO B 328 35.22 -10.83 7.78
C PRO B 328 34.13 -9.96 7.17
N SER B 329 33.21 -10.61 6.45
CA SER B 329 32.10 -9.92 5.83
C SER B 329 30.82 -10.71 5.97
N THR B 330 29.69 -10.01 6.06
CA THR B 330 28.39 -10.66 6.15
C THR B 330 27.58 -10.55 4.85
N GLU B 331 28.23 -10.20 3.73
CA GLU B 331 27.55 -10.03 2.46
C GLU B 331 27.33 -11.36 1.75
N HIS B 332 26.06 -11.64 1.38
CA HIS B 332 25.63 -12.87 0.69
C HIS B 332 26.01 -14.12 1.47
N SER B 333 26.03 -14.03 2.81
CA SER B 333 26.41 -15.15 3.66
C SER B 333 25.40 -16.27 3.61
N TRP B 334 25.86 -17.51 3.47
CA TRP B 334 24.99 -18.68 3.41
C TRP B 334 24.41 -19.07 4.78
N PHE B 335 25.08 -18.64 5.86
CA PHE B 335 24.68 -18.93 7.22
C PHE B 335 24.36 -17.63 7.93
N PRO B 336 23.06 -17.24 7.96
CA PRO B 336 22.69 -15.97 8.59
C PRO B 336 23.19 -15.81 10.03
N GLY B 337 23.79 -14.66 10.31
CA GLY B 337 24.36 -14.36 11.61
C GLY B 337 25.86 -14.65 11.73
N TYR B 338 26.50 -14.99 10.61
CA TYR B 338 27.92 -15.30 10.58
C TYR B 338 28.63 -14.52 9.48
N ALA B 339 29.90 -14.21 9.71
CA ALA B 339 30.73 -13.47 8.77
C ALA B 339 31.83 -14.38 8.24
N TRP B 340 32.02 -14.39 6.93
CA TRP B 340 33.01 -15.24 6.27
C TRP B 340 34.33 -14.53 6.00
N THR B 341 35.41 -15.30 5.96
CA THR B 341 36.76 -14.83 5.65
C THR B 341 37.43 -15.91 4.82
N VAL B 342 37.93 -15.56 3.64
CA VAL B 342 38.58 -16.53 2.73
C VAL B 342 39.72 -17.29 3.41
N ALA B 343 39.78 -18.62 3.21
CA ALA B 343 40.81 -19.46 3.80
C ALA B 343 41.62 -20.17 2.71
N GLN B 344 42.95 -20.03 2.79
CA GLN B 344 43.85 -20.64 1.83
C GLN B 344 44.78 -21.65 2.50
N CYS B 345 45.27 -22.62 1.74
CA CYS B 345 46.19 -23.60 2.28
C CYS B 345 47.54 -22.99 2.55
N LYS B 346 48.13 -23.32 3.70
CA LYS B 346 49.42 -22.81 4.16
C LYS B 346 50.57 -23.10 3.22
N ILE B 347 50.47 -24.18 2.43
CA ILE B 347 51.56 -24.57 1.55
C ILE B 347 51.32 -24.20 0.09
N CYS B 348 50.21 -24.65 -0.49
CA CYS B 348 49.93 -24.39 -1.91
C CYS B 348 49.18 -23.11 -2.19
N ALA B 349 48.66 -22.44 -1.15
CA ALA B 349 47.87 -21.20 -1.28
C ALA B 349 46.62 -21.36 -2.12
N SER B 350 46.06 -22.56 -2.18
CA SER B 350 44.83 -22.80 -2.93
C SER B 350 43.65 -22.53 -2.02
N HIS B 351 42.59 -21.97 -2.57
CA HIS B 351 41.37 -21.68 -1.82
C HIS B 351 40.76 -22.98 -1.29
N ILE B 352 40.54 -23.05 0.02
CA ILE B 352 39.96 -24.24 0.63
C ILE B 352 38.53 -23.98 1.09
N GLY B 353 38.26 -22.78 1.58
CA GLY B 353 36.93 -22.42 2.03
C GLY B 353 36.86 -21.08 2.73
N TRP B 354 36.05 -21.00 3.78
CA TRP B 354 35.85 -19.76 4.52
C TRP B 354 35.76 -20.02 6.03
N LYS B 355 36.09 -19.02 6.83
CA LYS B 355 35.98 -19.12 8.28
C LYS B 355 34.79 -18.28 8.73
N PHE B 356 33.81 -18.94 9.32
CA PHE B 356 32.60 -18.26 9.75
C PHE B 356 32.69 -17.87 11.20
N THR B 357 32.51 -16.58 11.48
CA THR B 357 32.57 -16.03 12.82
C THR B 357 31.22 -15.41 13.17
N ALA B 358 30.70 -15.69 14.36
CA ALA B 358 29.41 -15.17 14.78
C ALA B 358 29.45 -13.66 14.99
N THR B 359 28.39 -12.97 14.56
CA THR B 359 28.29 -11.53 14.71
C THR B 359 27.93 -11.16 16.16
N LYS B 360 27.09 -11.98 16.80
CA LYS B 360 26.65 -11.76 18.18
C LYS B 360 27.36 -12.73 19.13
N LYS B 361 27.56 -12.31 20.39
CA LYS B 361 28.23 -13.10 21.41
C LYS B 361 27.39 -14.27 21.91
N ASP B 362 26.07 -14.12 21.91
CA ASP B 362 25.15 -15.16 22.38
C ASP B 362 25.02 -16.37 21.45
N MET B 363 25.50 -16.26 20.20
CA MET B 363 25.43 -17.37 19.26
C MET B 363 26.39 -18.48 19.63
N SER B 364 26.03 -19.73 19.31
CA SER B 364 26.86 -20.89 19.60
C SER B 364 26.67 -21.93 18.49
N PRO B 365 27.75 -22.42 17.85
CA PRO B 365 29.16 -22.08 18.11
C PRO B 365 29.57 -20.70 17.64
N GLN B 366 30.54 -20.10 18.32
CA GLN B 366 31.03 -18.76 17.99
C GLN B 366 31.80 -18.74 16.67
N LYS B 367 32.46 -19.85 16.32
CA LYS B 367 33.22 -19.93 15.09
C LYS B 367 33.24 -21.34 14.53
N PHE B 368 33.23 -21.45 13.20
CA PHE B 368 33.30 -22.73 12.50
C PHE B 368 33.94 -22.57 11.11
N TRP B 369 34.17 -23.68 10.40
CA TRP B 369 34.80 -23.64 9.09
C TRP B 369 33.92 -24.26 8.03
N GLY B 370 33.91 -23.63 6.85
CA GLY B 370 33.17 -24.12 5.70
C GLY B 370 34.13 -24.43 4.57
N LEU B 371 34.30 -25.71 4.25
CA LEU B 371 35.27 -26.12 3.22
C LEU B 371 34.60 -26.59 1.95
N THR B 372 35.09 -26.13 0.78
CA THR B 372 34.53 -26.55 -0.51
C THR B 372 35.03 -27.95 -0.89
N ARG B 373 34.11 -28.82 -1.30
CA ARG B 373 34.41 -30.21 -1.66
C ARG B 373 35.39 -30.32 -2.82
N SER B 374 35.26 -29.43 -3.81
CA SER B 374 36.14 -29.40 -4.97
C SER B 374 37.61 -29.16 -4.62
N ALA B 375 37.89 -28.66 -3.41
CA ALA B 375 39.26 -28.40 -2.97
C ALA B 375 39.76 -29.37 -1.90
N LEU B 376 38.99 -30.41 -1.56
CA LEU B 376 39.39 -31.38 -0.54
C LEU B 376 39.66 -32.77 -1.13
N LEU B 377 40.38 -33.61 -0.37
CA LEU B 377 40.71 -34.97 -0.79
C LEU B 377 40.64 -35.92 0.42
N PRO B 378 39.80 -36.97 0.35
CA PRO B 378 39.72 -37.90 1.49
C PRO B 378 40.95 -38.80 1.55
N THR B 379 41.54 -38.93 2.74
CA THR B 379 42.75 -39.72 2.91
C THR B 379 42.62 -40.78 4.00
N ILE B 380 43.12 -41.98 3.71
CA ILE B 380 43.14 -43.09 4.64
C ILE B 380 44.44 -42.99 5.44
N PRO B 381 44.39 -43.15 6.78
CA PRO B 381 45.62 -43.06 7.58
C PRO B 381 46.63 -44.20 7.33
N ASP B 382 47.85 -44.07 7.90
CA ASP B 382 48.94 -45.03 7.75
C ASP B 382 49.46 -45.02 6.28
N THR B 383 49.73 -46.16 5.63
CA THR B 383 50.22 -46.16 4.25
C THR B 383 49.47 -47.17 3.37
N GLU B 384 48.68 -46.66 2.41
CA GLU B 384 47.89 -47.46 1.46
C GLU B 384 47.32 -46.58 0.31
N ASP B 385 46.78 -47.21 -0.74
CA ASP B 385 46.21 -46.48 -1.88
C ASP B 385 44.67 -46.26 -1.71
N GLU B 386 43.97 -45.77 -2.75
CA GLU B 386 42.53 -45.50 -2.66
C GLU B 386 41.67 -46.61 -3.28
N ILE B 387 40.68 -47.11 -2.52
CA ILE B 387 39.78 -48.16 -2.98
C ILE B 387 38.39 -48.04 -2.31
N SER B 388 37.31 -48.29 -3.07
CA SER B 388 35.95 -48.19 -2.53
C SER B 388 35.13 -49.46 -2.74
N PRO B 389 35.07 -50.33 -1.72
CA PRO B 389 34.31 -51.59 -1.85
C PRO B 389 32.80 -51.43 -2.04
N ASP B 390 32.24 -52.31 -2.90
CA ASP B 390 30.83 -52.37 -3.28
C ASP B 390 30.36 -51.11 -4.00
N GLY C 1 44.25 0.03 1.46
CA GLY C 1 43.16 0.94 1.09
C GLY C 1 41.80 0.36 1.39
N GLU C 2 40.99 0.17 0.35
CA GLU C 2 39.65 -0.40 0.52
C GLU C 2 39.47 -1.77 -0.14
N ARG C 3 40.45 -2.25 -0.93
CA ARG C 3 40.43 -3.53 -1.64
C ARG C 3 39.23 -3.65 -2.60
N PRO C 4 39.31 -3.01 -3.78
CA PRO C 4 38.18 -3.06 -4.71
C PRO C 4 38.21 -4.23 -5.69
N PHE C 5 39.37 -4.83 -5.93
CA PHE C 5 39.50 -5.96 -6.85
C PHE C 5 39.12 -7.24 -6.13
N HIS C 6 38.01 -7.89 -6.52
CA HIS C 6 37.58 -9.11 -5.86
C HIS C 6 37.56 -10.34 -6.76
N CYS C 7 37.72 -11.54 -6.17
CA CYS C 7 37.71 -12.80 -6.91
C CYS C 7 36.28 -13.28 -7.10
N ASN C 8 35.86 -13.47 -8.36
CA ASN C 8 34.52 -13.93 -8.68
C ASN C 8 34.19 -15.30 -8.07
N GLN C 9 35.18 -16.19 -7.97
CA GLN C 9 34.99 -17.53 -7.45
C GLN C 9 34.79 -17.62 -5.93
N CYS C 10 35.73 -17.07 -5.13
CA CYS C 10 35.65 -17.19 -3.67
C CYS C 10 35.26 -15.89 -2.96
N GLY C 11 35.66 -14.76 -3.50
CA GLY C 11 35.37 -13.47 -2.90
C GLY C 11 36.54 -12.90 -2.15
N ALA C 12 37.76 -13.16 -2.64
CA ALA C 12 38.95 -12.64 -2.00
C ALA C 12 39.16 -11.17 -2.35
N SER C 13 39.18 -10.31 -1.33
CA SER C 13 39.39 -8.88 -1.51
C SER C 13 40.87 -8.59 -1.74
N PHE C 14 41.19 -7.76 -2.73
CA PHE C 14 42.58 -7.41 -3.05
C PHE C 14 42.75 -5.92 -3.32
N THR C 15 43.84 -5.35 -2.82
CA THR C 15 44.12 -3.93 -3.02
C THR C 15 44.64 -3.63 -4.44
N GLN C 16 45.28 -4.60 -5.10
CA GLN C 16 45.79 -4.39 -6.45
C GLN C 16 45.31 -5.44 -7.45
N LYS C 17 45.34 -5.10 -8.75
CA LYS C 17 44.91 -5.98 -9.83
C LYS C 17 45.86 -7.16 -10.04
N GLY C 18 47.16 -6.92 -9.81
CA GLY C 18 48.19 -7.95 -9.94
C GLY C 18 48.03 -9.06 -8.93
N ASN C 19 47.55 -8.70 -7.72
CA ASN C 19 47.30 -9.65 -6.65
C ASN C 19 46.13 -10.57 -7.01
N LEU C 20 45.10 -10.01 -7.64
CA LEU C 20 43.91 -10.74 -8.05
C LEU C 20 44.19 -11.68 -9.23
N LEU C 21 44.94 -11.21 -10.24
CA LEU C 21 45.26 -12.02 -11.42
C LEU C 21 46.07 -13.26 -11.09
N ARG C 22 46.87 -13.21 -10.03
CA ARG C 22 47.65 -14.36 -9.60
C ARG C 22 46.76 -15.33 -8.83
N HIS C 23 45.89 -14.80 -7.94
CA HIS C 23 44.96 -15.57 -7.13
C HIS C 23 43.97 -16.38 -7.97
N ILE C 24 43.51 -15.83 -9.11
CA ILE C 24 42.57 -16.54 -9.96
C ILE C 24 43.24 -17.76 -10.64
N LYS C 25 44.56 -17.68 -10.90
CA LYS C 25 45.31 -18.80 -11.48
C LYS C 25 45.47 -19.96 -10.49
N LEU C 26 45.38 -19.69 -9.18
CA LEU C 26 45.49 -20.70 -8.13
C LEU C 26 44.27 -21.63 -8.16
N HIS C 27 43.09 -21.11 -8.51
CA HIS C 27 41.88 -21.91 -8.63
C HIS C 27 41.93 -22.86 -9.83
N SER C 28 42.64 -22.45 -10.91
CA SER C 28 42.77 -23.24 -12.12
C SER C 28 43.56 -24.53 -11.86
N GLY C 29 44.58 -24.45 -11.01
CA GLY C 29 45.42 -25.58 -10.64
C GLY C 29 46.30 -26.08 -11.77
N MET D 1 -44.55 -29.08 -28.07
CA MET D 1 -46.01 -29.13 -28.02
C MET D 1 -46.62 -28.15 -27.01
N SER D 2 -45.85 -27.75 -25.98
CA SER D 2 -46.36 -26.86 -24.95
C SER D 2 -46.13 -25.38 -25.23
N TYR D 3 -44.87 -24.97 -25.47
CA TYR D 3 -44.45 -23.59 -25.70
C TYR D 3 -44.85 -22.63 -24.59
N ASN D 4 -43.95 -22.37 -23.65
CA ASN D 4 -44.19 -21.46 -22.55
C ASN D 4 -43.06 -20.44 -22.39
N TYR D 5 -43.28 -19.39 -21.59
CA TYR D 5 -42.32 -18.32 -21.38
C TYR D 5 -42.18 -18.07 -19.90
N VAL D 6 -40.96 -18.17 -19.36
CA VAL D 6 -40.71 -17.95 -17.94
C VAL D 6 -39.77 -16.77 -17.71
N VAL D 7 -40.23 -15.75 -16.97
CA VAL D 7 -39.42 -14.57 -16.70
C VAL D 7 -39.36 -14.26 -15.20
N THR D 8 -38.29 -13.59 -14.77
CA THR D 8 -38.12 -13.22 -13.38
C THR D 8 -38.63 -11.80 -13.18
N ALA D 9 -39.60 -11.63 -12.28
CA ALA D 9 -40.14 -10.30 -11.98
C ALA D 9 -39.42 -9.67 -10.78
N GLN D 10 -38.90 -10.49 -9.86
CA GLN D 10 -38.17 -10.01 -8.69
C GLN D 10 -36.93 -10.88 -8.50
N LYS D 11 -35.76 -10.26 -8.41
CA LYS D 11 -34.50 -10.96 -8.17
C LYS D 11 -34.51 -11.62 -6.79
N PRO D 12 -33.84 -12.78 -6.66
CA PRO D 12 -33.79 -13.45 -5.35
C PRO D 12 -33.08 -12.60 -4.30
N THR D 13 -33.76 -12.37 -3.16
CA THR D 13 -33.24 -11.50 -2.11
C THR D 13 -32.55 -12.22 -0.96
N ALA D 14 -32.72 -13.53 -0.83
CA ALA D 14 -32.08 -14.29 0.24
C ALA D 14 -30.58 -14.29 0.08
N VAL D 15 -29.85 -14.26 1.19
CA VAL D 15 -28.40 -14.25 1.16
C VAL D 15 -27.85 -15.56 1.64
N ASN D 16 -27.17 -16.27 0.75
CA ASN D 16 -26.59 -17.56 1.09
C ASN D 16 -25.08 -17.52 1.33
N GLY D 17 -24.44 -16.37 1.15
CA GLY D 17 -23.01 -16.22 1.35
C GLY D 17 -22.53 -14.79 1.26
N CYS D 18 -21.49 -14.44 2.03
CA CYS D 18 -20.89 -13.11 2.01
C CYS D 18 -19.43 -13.17 2.41
N VAL D 19 -18.60 -12.36 1.75
CA VAL D 19 -17.16 -12.31 2.01
C VAL D 19 -16.63 -10.87 1.93
N THR D 20 -15.45 -10.64 2.52
CA THR D 20 -14.80 -9.34 2.49
C THR D 20 -13.37 -9.46 1.98
N GLY D 21 -12.85 -8.37 1.43
CA GLY D 21 -11.49 -8.36 0.90
C GLY D 21 -11.17 -7.12 0.11
N HIS D 22 -10.32 -7.26 -0.90
CA HIS D 22 -9.89 -6.18 -1.78
C HIS D 22 -9.99 -6.67 -3.22
N PHE D 23 -11.21 -6.71 -3.74
CA PHE D 23 -11.48 -7.25 -5.09
C PHE D 23 -11.31 -6.24 -6.23
N THR D 24 -11.80 -5.01 -6.05
CA THR D 24 -11.71 -3.97 -7.07
C THR D 24 -10.33 -3.33 -7.14
N SER D 25 -9.73 -3.08 -5.97
CA SER D 25 -8.41 -2.47 -5.86
C SER D 25 -7.82 -2.74 -4.47
N ALA D 26 -6.49 -2.72 -4.35
CA ALA D 26 -5.82 -2.98 -3.08
C ALA D 26 -6.15 -1.95 -1.99
N GLU D 27 -6.62 -0.77 -2.37
CA GLU D 27 -6.97 0.27 -1.41
C GLU D 27 -8.42 0.18 -0.97
N ASP D 28 -9.34 -0.05 -1.92
CA ASP D 28 -10.77 -0.14 -1.62
C ASP D 28 -11.09 -1.38 -0.80
N LEU D 29 -12.02 -1.26 0.14
CA LEU D 29 -12.44 -2.38 0.98
C LEU D 29 -13.73 -2.90 0.39
N ASN D 30 -13.71 -4.11 -0.16
CA ASN D 30 -14.87 -4.67 -0.83
C ASN D 30 -15.64 -5.69 -0.01
N LEU D 31 -16.95 -5.70 -0.20
CA LEU D 31 -17.88 -6.62 0.44
C LEU D 31 -18.70 -7.26 -0.68
N LEU D 32 -18.60 -8.58 -0.81
CA LEU D 32 -19.31 -9.29 -1.85
C LEU D 32 -20.43 -10.08 -1.23
N ILE D 33 -21.64 -9.95 -1.79
CA ILE D 33 -22.81 -10.64 -1.28
C ILE D 33 -23.41 -11.51 -2.38
N ALA D 34 -23.60 -12.80 -2.10
CA ALA D 34 -24.19 -13.73 -3.05
C ALA D 34 -25.67 -13.94 -2.75
N LYS D 35 -26.50 -13.90 -3.78
CA LYS D 35 -27.93 -14.11 -3.64
C LYS D 35 -28.34 -15.14 -4.66
N ASN D 36 -27.97 -16.39 -4.38
CA ASN D 36 -28.24 -17.55 -5.23
C ASN D 36 -27.56 -17.43 -6.61
N THR D 37 -28.23 -16.85 -7.62
CA THR D 37 -27.68 -16.69 -8.96
C THR D 37 -27.11 -15.30 -9.24
N ARG D 38 -27.24 -14.37 -8.29
CA ARG D 38 -26.77 -13.01 -8.43
C ARG D 38 -25.60 -12.75 -7.51
N LEU D 39 -24.72 -11.83 -7.91
CA LEU D 39 -23.59 -11.43 -7.08
C LEU D 39 -23.52 -9.91 -7.07
N GLU D 40 -23.41 -9.33 -5.88
CA GLU D 40 -23.35 -7.89 -5.75
C GLU D 40 -22.05 -7.47 -5.07
N ILE D 41 -21.38 -6.47 -5.64
CA ILE D 41 -20.13 -5.95 -5.09
C ILE D 41 -20.40 -4.57 -4.51
N TYR D 42 -19.86 -4.31 -3.32
CA TYR D 42 -20.00 -3.01 -2.67
C TYR D 42 -18.66 -2.56 -2.11
N VAL D 43 -18.47 -1.24 -2.03
CA VAL D 43 -17.27 -0.68 -1.44
C VAL D 43 -17.66 -0.18 -0.07
N VAL D 44 -16.97 -0.66 0.97
CA VAL D 44 -17.23 -0.27 2.35
C VAL D 44 -16.72 1.14 2.58
N THR D 45 -17.65 2.08 2.68
CA THR D 45 -17.31 3.47 2.93
C THR D 45 -17.64 3.85 4.37
N ALA D 46 -17.18 5.02 4.83
CA ALA D 46 -17.45 5.48 6.18
C ALA D 46 -18.95 5.70 6.41
N GLU D 47 -19.67 6.14 5.39
CA GLU D 47 -21.10 6.38 5.49
C GLU D 47 -21.92 5.09 5.49
N GLY D 48 -21.65 4.22 4.54
CA GLY D 48 -22.33 2.94 4.41
C GLY D 48 -21.70 2.10 3.33
N LEU D 49 -22.52 1.54 2.44
CA LEU D 49 -22.02 0.74 1.33
C LEU D 49 -22.21 1.48 0.01
N ARG D 50 -21.24 1.34 -0.89
CA ARG D 50 -21.28 1.99 -2.18
C ARG D 50 -21.40 0.95 -3.28
N PRO D 51 -22.59 0.86 -3.92
CA PRO D 51 -22.76 -0.15 -4.98
C PRO D 51 -21.92 0.15 -6.21
N VAL D 52 -21.30 -0.88 -6.79
CA VAL D 52 -20.44 -0.71 -7.94
C VAL D 52 -20.89 -1.58 -9.12
N LYS D 53 -21.14 -2.87 -8.86
CA LYS D 53 -21.53 -3.80 -9.91
C LYS D 53 -22.43 -4.91 -9.38
N GLU D 54 -23.40 -5.33 -10.18
CA GLU D 54 -24.31 -6.43 -9.86
C GLU D 54 -24.35 -7.33 -11.09
N VAL D 55 -23.89 -8.58 -10.94
CA VAL D 55 -23.84 -9.51 -12.06
C VAL D 55 -24.76 -10.70 -11.87
N GLY D 56 -25.17 -11.29 -12.99
CA GLY D 56 -26.01 -12.47 -13.02
C GLY D 56 -25.29 -13.65 -13.63
N MET D 57 -25.09 -14.70 -12.86
CA MET D 57 -24.37 -15.89 -13.30
C MET D 57 -25.28 -16.96 -13.87
N TYR D 58 -24.69 -17.96 -14.54
CA TYR D 58 -25.41 -19.10 -15.07
C TYR D 58 -25.08 -20.30 -14.19
N GLY D 59 -25.36 -20.15 -12.90
CA GLY D 59 -25.10 -21.18 -11.90
C GLY D 59 -25.51 -20.74 -10.51
N LYS D 60 -25.90 -21.70 -9.67
CA LYS D 60 -26.30 -21.39 -8.30
C LYS D 60 -25.06 -21.33 -7.42
N ILE D 61 -24.65 -20.12 -7.02
CA ILE D 61 -23.49 -19.91 -6.16
C ILE D 61 -23.50 -20.78 -4.91
N ALA D 62 -22.65 -21.81 -4.89
CA ALA D 62 -22.56 -22.70 -3.75
C ALA D 62 -21.37 -22.29 -2.86
N VAL D 63 -20.21 -22.02 -3.47
CA VAL D 63 -19.03 -21.57 -2.73
C VAL D 63 -18.53 -20.29 -3.35
N MET D 64 -18.18 -19.32 -2.51
CA MET D 64 -17.69 -18.01 -2.96
C MET D 64 -16.61 -17.57 -1.99
N GLU D 65 -15.35 -17.55 -2.44
CA GLU D 65 -14.22 -17.17 -1.58
C GLU D 65 -13.22 -16.28 -2.31
N LEU D 66 -12.68 -15.27 -1.61
CA LEU D 66 -11.67 -14.38 -2.16
C LEU D 66 -10.28 -14.83 -1.69
N PHE D 67 -9.24 -14.53 -2.49
CA PHE D 67 -7.88 -14.92 -2.16
C PHE D 67 -6.86 -14.08 -2.93
N ARG D 68 -5.60 -14.04 -2.46
CA ARG D 68 -4.55 -13.32 -3.18
C ARG D 68 -3.30 -14.13 -3.39
N PRO D 69 -3.06 -14.58 -4.64
CA PRO D 69 -1.80 -15.28 -4.92
C PRO D 69 -0.61 -14.34 -4.85
N LYS D 70 0.59 -14.86 -4.54
CA LYS D 70 1.79 -14.01 -4.44
C LYS D 70 2.18 -13.45 -5.81
N GLY D 71 2.29 -12.14 -5.88
CA GLY D 71 2.62 -11.44 -7.11
C GLY D 71 1.45 -10.66 -7.70
N GLU D 72 0.23 -10.97 -7.26
CA GLU D 72 -0.97 -10.31 -7.76
C GLU D 72 -1.21 -8.95 -7.11
N SER D 73 -1.72 -8.00 -7.90
CA SER D 73 -1.98 -6.63 -7.43
C SER D 73 -3.17 -6.56 -6.47
N LYS D 74 -4.18 -7.39 -6.70
CA LYS D 74 -5.37 -7.39 -5.86
C LYS D 74 -5.95 -8.81 -5.71
N ASP D 75 -7.01 -8.96 -4.89
CA ASP D 75 -7.64 -10.25 -4.65
C ASP D 75 -8.44 -10.74 -5.85
N LEU D 76 -8.45 -12.04 -6.07
CA LEU D 76 -9.23 -12.70 -7.10
C LEU D 76 -10.34 -13.50 -6.41
N LEU D 77 -11.47 -13.68 -7.10
CA LEU D 77 -12.61 -14.39 -6.53
C LEU D 77 -12.73 -15.79 -7.13
N PHE D 78 -13.24 -16.73 -6.34
CA PHE D 78 -13.49 -18.09 -6.81
C PHE D 78 -14.94 -18.42 -6.50
N ILE D 79 -15.66 -18.89 -7.50
CA ILE D 79 -17.05 -19.28 -7.34
C ILE D 79 -17.26 -20.69 -7.86
N LEU D 80 -18.00 -21.49 -7.11
CA LEU D 80 -18.35 -22.83 -7.51
C LEU D 80 -19.86 -22.92 -7.47
N THR D 81 -20.47 -23.33 -8.58
CA THR D 81 -21.92 -23.43 -8.71
C THR D 81 -22.46 -24.77 -8.15
N ALA D 82 -23.80 -24.94 -8.13
CA ALA D 82 -24.43 -26.17 -7.70
C ALA D 82 -24.16 -27.29 -8.71
N LYS D 83 -24.11 -26.94 -10.02
CA LYS D 83 -23.81 -27.91 -11.07
C LYS D 83 -22.31 -28.22 -11.21
N TYR D 84 -21.51 -27.88 -10.18
CA TYR D 84 -20.08 -28.13 -10.09
C TYR D 84 -19.25 -27.36 -11.10
N ASN D 85 -19.73 -26.18 -11.51
CA ASN D 85 -18.97 -25.34 -12.43
C ASN D 85 -18.12 -24.39 -11.63
N ALA D 86 -16.80 -24.51 -11.73
CA ALA D 86 -15.88 -23.67 -11.00
C ALA D 86 -15.26 -22.61 -11.90
N CYS D 87 -15.06 -21.40 -11.36
CA CYS D 87 -14.46 -20.31 -12.10
C CYS D 87 -13.75 -19.31 -11.20
N ILE D 88 -12.62 -18.80 -11.66
CA ILE D 88 -11.88 -17.76 -10.96
C ILE D 88 -12.10 -16.47 -11.73
N LEU D 89 -12.48 -15.41 -11.02
CA LEU D 89 -12.79 -14.14 -11.65
C LEU D 89 -11.91 -12.99 -11.15
N GLU D 90 -11.72 -12.00 -12.00
CA GLU D 90 -10.96 -10.80 -11.67
C GLU D 90 -11.79 -9.57 -12.04
N TYR D 91 -11.60 -8.47 -11.33
CA TYR D 91 -12.31 -7.23 -11.58
C TYR D 91 -11.48 -6.34 -12.48
N LYS D 92 -12.07 -5.81 -13.54
CA LYS D 92 -11.38 -4.91 -14.44
C LYS D 92 -12.23 -3.70 -14.74
N GLN D 93 -11.64 -2.52 -14.58
CA GLN D 93 -12.33 -1.26 -14.81
C GLN D 93 -11.47 -0.38 -15.70
N SER D 94 -11.99 -0.02 -16.88
CA SER D 94 -11.27 0.83 -17.82
C SER D 94 -12.01 2.15 -18.00
N GLY D 95 -11.93 3.01 -16.99
CA GLY D 95 -12.61 4.29 -16.99
C GLY D 95 -13.99 4.15 -16.39
N GLU D 96 -15.02 4.10 -17.25
CA GLU D 96 -16.39 3.92 -16.79
C GLU D 96 -17.00 2.56 -17.18
N SER D 97 -16.27 1.74 -17.95
CA SER D 97 -16.76 0.43 -18.36
C SER D 97 -16.32 -0.61 -17.35
N ILE D 98 -17.27 -1.23 -16.65
CA ILE D 98 -16.97 -2.24 -15.65
C ILE D 98 -17.39 -3.62 -16.13
N ASP D 99 -16.42 -4.51 -16.32
CA ASP D 99 -16.68 -5.86 -16.76
C ASP D 99 -15.97 -6.86 -15.86
N ILE D 100 -16.59 -8.00 -15.60
CA ILE D 100 -16.00 -9.03 -14.76
C ILE D 100 -15.39 -10.09 -15.66
N ILE D 101 -14.07 -10.26 -15.60
CA ILE D 101 -13.38 -11.21 -16.46
C ILE D 101 -13.20 -12.58 -15.81
N THR D 102 -13.10 -13.61 -16.66
CA THR D 102 -12.91 -14.98 -16.22
C THR D 102 -11.49 -15.43 -16.52
N ARG D 103 -10.69 -15.66 -15.47
CA ARG D 103 -9.31 -16.09 -15.63
C ARG D 103 -9.22 -17.57 -15.97
N ALA D 104 -10.01 -18.40 -15.28
CA ALA D 104 -10.02 -19.83 -15.52
C ALA D 104 -11.40 -20.40 -15.22
N HIS D 105 -11.84 -21.38 -16.01
CA HIS D 105 -13.16 -21.99 -15.84
C HIS D 105 -13.11 -23.49 -16.16
N GLY D 106 -14.07 -24.23 -15.62
CA GLY D 106 -14.17 -25.67 -15.87
C GLY D 106 -15.13 -26.38 -14.96
N ASN D 107 -15.50 -27.62 -15.30
CA ASN D 107 -16.41 -28.42 -14.49
C ASN D 107 -15.64 -29.51 -13.75
N VAL D 108 -15.95 -29.71 -12.46
CA VAL D 108 -15.29 -30.71 -11.64
C VAL D 108 -16.15 -31.94 -11.32
N GLN D 109 -17.38 -32.00 -11.85
CA GLN D 109 -18.29 -33.10 -11.58
C GLN D 109 -17.73 -34.43 -12.03
N ASP D 110 -17.63 -35.38 -11.09
CA ASP D 110 -17.17 -36.73 -11.40
C ASP D 110 -18.31 -37.54 -11.99
N ARG D 111 -17.97 -38.53 -12.83
CA ARG D 111 -18.98 -39.37 -13.46
C ARG D 111 -19.70 -40.27 -12.44
N ILE D 112 -19.00 -40.66 -11.36
CA ILE D 112 -19.51 -41.51 -10.30
C ILE D 112 -19.14 -40.91 -8.94
N GLY D 113 -20.05 -41.02 -7.98
CA GLY D 113 -19.84 -40.51 -6.65
C GLY D 113 -21.13 -40.15 -5.94
N ARG D 114 -21.12 -40.28 -4.61
CA ARG D 114 -22.30 -39.97 -3.82
C ARG D 114 -22.16 -38.58 -3.22
N PRO D 115 -23.00 -37.62 -3.66
CA PRO D 115 -22.91 -36.27 -3.08
C PRO D 115 -23.02 -36.29 -1.56
N SER D 116 -22.13 -35.58 -0.88
CA SER D 116 -22.07 -35.60 0.57
C SER D 116 -23.34 -35.12 1.27
N GLU D 117 -23.55 -35.58 2.51
CA GLU D 117 -24.70 -35.20 3.30
C GLU D 117 -24.54 -33.77 3.79
N THR D 118 -23.31 -33.39 4.20
CA THR D 118 -23.01 -32.04 4.68
C THR D 118 -22.79 -31.01 3.51
N GLY D 119 -23.25 -31.36 2.31
CA GLY D 119 -23.15 -30.50 1.15
C GLY D 119 -21.75 -30.26 0.64
N ILE D 120 -21.64 -29.44 -0.39
CA ILE D 120 -20.36 -29.10 -1.01
C ILE D 120 -19.55 -28.20 -0.08
N ILE D 121 -18.28 -28.52 0.09
CA ILE D 121 -17.38 -27.72 0.92
C ILE D 121 -16.22 -27.24 0.05
N GLY D 122 -15.87 -25.97 0.20
CA GLY D 122 -14.78 -25.37 -0.56
C GLY D 122 -13.86 -24.50 0.29
N ILE D 123 -12.57 -24.82 0.28
CA ILE D 123 -11.57 -24.08 1.06
C ILE D 123 -10.35 -23.71 0.23
N ILE D 124 -9.66 -22.64 0.64
CA ILE D 124 -8.45 -22.17 -0.03
C ILE D 124 -7.31 -22.09 0.99
N ASP D 125 -6.12 -22.53 0.58
CA ASP D 125 -4.93 -22.52 1.41
C ASP D 125 -4.52 -21.08 1.75
N PRO D 126 -4.05 -20.81 2.98
CA PRO D 126 -3.64 -19.43 3.32
C PRO D 126 -2.61 -18.81 2.38
N GLU D 127 -1.63 -19.60 1.93
CA GLU D 127 -0.62 -19.10 0.99
C GLU D 127 -1.06 -19.12 -0.48
N CYS D 128 -2.31 -19.58 -0.75
CA CYS D 128 -2.91 -19.70 -2.07
C CYS D 128 -2.13 -20.63 -2.96
N ARG D 129 -1.96 -21.87 -2.48
CA ARG D 129 -1.22 -22.90 -3.20
C ARG D 129 -2.14 -23.89 -3.93
N MET D 130 -3.38 -24.05 -3.46
CA MET D 130 -4.36 -24.97 -4.04
C MET D 130 -5.78 -24.69 -3.53
N ILE D 131 -6.79 -25.28 -4.19
CA ILE D 131 -8.17 -25.17 -3.77
C ILE D 131 -8.65 -26.58 -3.43
N GLY D 132 -9.16 -26.75 -2.22
CA GLY D 132 -9.65 -28.03 -1.78
C GLY D 132 -11.17 -28.09 -1.79
N LEU D 133 -11.72 -29.15 -2.37
CA LEU D 133 -13.16 -29.32 -2.45
C LEU D 133 -13.59 -30.67 -1.92
N ARG D 134 -14.75 -30.70 -1.27
CA ARG D 134 -15.34 -31.92 -0.75
C ARG D 134 -16.71 -32.01 -1.40
N LEU D 135 -16.84 -32.93 -2.36
CA LEU D 135 -18.09 -33.10 -3.11
C LEU D 135 -18.69 -34.47 -2.89
N TYR D 136 -17.85 -35.50 -2.75
CA TYR D 136 -18.32 -36.86 -2.57
C TYR D 136 -17.66 -37.45 -1.33
N ASP D 137 -18.43 -38.17 -0.52
CA ASP D 137 -17.94 -38.79 0.71
C ASP D 137 -16.78 -39.74 0.43
N GLY D 138 -15.63 -39.47 1.05
CA GLY D 138 -14.43 -40.28 0.87
C GLY D 138 -13.46 -39.79 -0.19
N LEU D 139 -13.85 -38.76 -0.96
CA LEU D 139 -13.00 -38.22 -2.01
C LEU D 139 -12.73 -36.74 -1.78
N PHE D 140 -11.45 -36.37 -1.74
CA PHE D 140 -11.07 -34.98 -1.57
C PHE D 140 -10.44 -34.49 -2.87
N LYS D 141 -11.14 -33.60 -3.57
CA LYS D 141 -10.66 -33.07 -4.84
C LYS D 141 -9.73 -31.89 -4.63
N VAL D 142 -8.58 -31.92 -5.30
CA VAL D 142 -7.58 -30.86 -5.20
C VAL D 142 -7.37 -30.18 -6.54
N ILE D 143 -7.41 -28.85 -6.56
CA ILE D 143 -7.21 -28.07 -7.76
C ILE D 143 -5.99 -27.19 -7.59
N PRO D 144 -4.90 -27.49 -8.30
CA PRO D 144 -3.70 -26.65 -8.18
C PRO D 144 -3.92 -25.22 -8.66
N LEU D 145 -3.46 -24.23 -7.88
CA LEU D 145 -3.62 -22.82 -8.21
C LEU D 145 -2.48 -22.29 -9.06
N ASP D 146 -2.38 -22.82 -10.28
CA ASP D 146 -1.33 -22.44 -11.23
C ASP D 146 -1.89 -21.55 -12.34
N ARG D 147 -1.03 -20.71 -12.93
CA ARG D 147 -1.45 -19.83 -14.02
C ARG D 147 -1.77 -20.63 -15.28
N ASP D 148 -1.03 -21.72 -15.53
CA ASP D 148 -1.25 -22.57 -16.70
C ASP D 148 -2.50 -23.44 -16.60
N ASN D 149 -3.03 -23.64 -15.39
CA ASN D 149 -4.23 -24.45 -15.21
C ASN D 149 -5.50 -23.65 -15.52
N LYS D 150 -5.62 -23.20 -16.77
CA LYS D 150 -6.79 -22.46 -17.22
C LYS D 150 -8.04 -23.35 -17.28
N GLU D 151 -7.85 -24.65 -17.56
CA GLU D 151 -8.96 -25.60 -17.60
C GLU D 151 -9.41 -26.08 -16.21
N LEU D 152 -8.67 -25.73 -15.15
CA LEU D 152 -8.96 -26.09 -13.77
C LEU D 152 -9.01 -27.59 -13.55
N LYS D 153 -7.99 -28.29 -14.08
CA LYS D 153 -7.84 -29.73 -13.91
C LYS D 153 -7.63 -30.04 -12.43
N ALA D 154 -8.26 -31.10 -11.95
CA ALA D 154 -8.20 -31.48 -10.55
C ALA D 154 -7.91 -32.98 -10.38
N PHE D 155 -7.50 -33.39 -9.17
CA PHE D 155 -7.24 -34.79 -8.88
C PHE D 155 -7.82 -35.18 -7.53
N ASN D 156 -8.30 -36.42 -7.42
CA ASN D 156 -8.91 -36.90 -6.19
C ASN D 156 -7.94 -37.66 -5.30
N ILE D 157 -8.12 -37.54 -3.99
CA ILE D 157 -7.33 -38.27 -3.00
C ILE D 157 -8.30 -39.05 -2.11
N ARG D 158 -8.01 -40.32 -1.85
CA ARG D 158 -8.87 -41.19 -1.05
C ARG D 158 -8.80 -40.87 0.44
N LEU D 159 -9.96 -40.80 1.07
CA LEU D 159 -10.08 -40.54 2.49
C LEU D 159 -10.74 -41.74 3.13
N GLU D 160 -10.23 -42.16 4.28
CA GLU D 160 -10.84 -43.27 5.02
C GLU D 160 -12.01 -42.80 5.89
N GLU D 161 -12.00 -41.53 6.30
CA GLU D 161 -13.03 -40.90 7.08
C GLU D 161 -14.14 -40.53 6.10
N LEU D 162 -15.27 -41.22 6.21
CA LEU D 162 -16.37 -41.03 5.27
C LEU D 162 -17.32 -39.90 5.66
N HIS D 163 -17.77 -39.90 6.92
CA HIS D 163 -18.71 -38.89 7.39
C HIS D 163 -17.96 -37.70 7.97
N VAL D 164 -17.40 -36.86 7.10
CA VAL D 164 -16.69 -35.67 7.54
C VAL D 164 -17.67 -34.52 7.72
N ILE D 165 -17.73 -33.98 8.92
CA ILE D 165 -18.63 -32.89 9.26
C ILE D 165 -18.12 -31.56 8.72
N ASP D 166 -16.86 -31.21 8.98
CA ASP D 166 -16.28 -29.95 8.50
C ASP D 166 -14.77 -30.10 8.26
N VAL D 167 -14.20 -29.21 7.44
CA VAL D 167 -12.78 -29.22 7.12
C VAL D 167 -12.30 -27.80 6.79
N LYS D 168 -11.09 -27.45 7.22
CA LYS D 168 -10.47 -26.14 7.00
C LYS D 168 -8.95 -26.27 6.79
N PHE D 169 -8.32 -25.22 6.27
CA PHE D 169 -6.86 -25.18 6.11
C PHE D 169 -6.22 -24.57 7.37
N LEU D 170 -4.96 -24.91 7.64
CA LEU D 170 -4.27 -24.37 8.81
C LEU D 170 -3.28 -23.27 8.44
N TYR D 171 -3.11 -22.32 9.36
CA TYR D 171 -2.20 -21.20 9.18
C TYR D 171 -0.88 -21.48 9.89
N GLY D 172 0.19 -20.86 9.40
CA GLY D 172 1.52 -21.01 9.97
C GLY D 172 2.10 -22.41 9.83
N CYS D 173 1.61 -23.17 8.85
CA CYS D 173 2.09 -24.52 8.60
C CYS D 173 2.88 -24.52 7.30
N GLN D 174 4.12 -24.99 7.36
CA GLN D 174 5.04 -25.05 6.21
C GLN D 174 4.46 -25.87 5.06
N ALA D 175 3.68 -26.91 5.39
CA ALA D 175 3.03 -27.76 4.40
C ALA D 175 1.53 -27.48 4.41
N PRO D 176 0.84 -27.63 3.26
CA PRO D 176 -0.61 -27.37 3.21
C PRO D 176 -1.40 -28.39 4.03
N THR D 177 -1.60 -28.09 5.29
CA THR D 177 -2.26 -28.98 6.23
C THR D 177 -3.75 -28.70 6.34
N ILE D 178 -4.55 -29.77 6.36
CA ILE D 178 -5.99 -29.67 6.52
C ILE D 178 -6.40 -30.25 7.87
N CYS D 179 -7.29 -29.57 8.58
CA CYS D 179 -7.80 -30.03 9.85
C CYS D 179 -9.30 -30.22 9.68
N PHE D 180 -9.79 -31.41 10.01
CA PHE D 180 -11.19 -31.74 9.81
C PHE D 180 -11.80 -32.51 10.98
N VAL D 181 -13.11 -32.34 11.17
CA VAL D 181 -13.86 -33.05 12.20
C VAL D 181 -14.78 -34.03 11.51
N TYR D 182 -14.71 -35.31 11.89
CA TYR D 182 -15.51 -36.38 11.31
C TYR D 182 -16.18 -37.24 12.40
N GLN D 183 -17.00 -38.22 12.00
CA GLN D 183 -17.62 -39.14 12.94
C GLN D 183 -17.37 -40.60 12.54
N ASP D 184 -17.18 -41.46 13.54
CA ASP D 184 -17.00 -42.90 13.39
C ASP D 184 -17.78 -43.64 14.51
N PRO D 185 -17.92 -45.00 14.49
CA PRO D 185 -18.67 -45.67 15.56
C PRO D 185 -18.23 -45.34 16.99
N GLN D 186 -16.95 -44.98 17.18
CA GLN D 186 -16.44 -44.65 18.51
C GLN D 186 -16.78 -43.22 18.98
N GLY D 187 -17.28 -42.38 18.09
CA GLY D 187 -17.64 -41.00 18.40
C GLY D 187 -17.13 -40.00 17.38
N ARG D 188 -17.19 -38.71 17.71
CA ARG D 188 -16.70 -37.67 16.80
C ARG D 188 -15.28 -37.32 17.15
N HIS D 189 -14.43 -37.16 16.12
CA HIS D 189 -13.02 -36.86 16.35
C HIS D 189 -12.48 -35.79 15.41
N VAL D 190 -11.39 -35.14 15.83
CA VAL D 190 -10.70 -34.15 15.02
C VAL D 190 -9.39 -34.79 14.52
N LYS D 191 -9.08 -34.61 13.25
CA LYS D 191 -7.89 -35.21 12.66
C LYS D 191 -7.21 -34.27 11.66
N THR D 192 -5.89 -34.44 11.47
CA THR D 192 -5.14 -33.59 10.55
C THR D 192 -4.41 -34.39 9.49
N TYR D 193 -4.22 -33.80 8.31
CA TYR D 193 -3.51 -34.42 7.20
C TYR D 193 -2.66 -33.38 6.45
N GLU D 194 -1.62 -33.83 5.78
CA GLU D 194 -0.76 -32.95 4.98
C GLU D 194 -0.98 -33.30 3.51
N VAL D 195 -1.41 -32.32 2.71
CA VAL D 195 -1.66 -32.54 1.29
C VAL D 195 -0.35 -32.37 0.50
N SER D 196 0.12 -33.46 -0.13
CA SER D 196 1.35 -33.41 -0.92
C SER D 196 1.01 -33.40 -2.40
N LEU D 197 1.51 -32.38 -3.12
CA LEU D 197 1.26 -32.23 -4.55
C LEU D 197 2.16 -33.12 -5.39
N ARG D 198 3.41 -33.29 -4.93
CA ARG D 198 4.42 -34.12 -5.56
C ARG D 198 3.94 -35.58 -5.54
N GLU D 199 3.45 -36.03 -4.40
CA GLU D 199 2.94 -37.39 -4.23
C GLU D 199 1.48 -37.55 -4.63
N LYS D 200 0.74 -36.42 -4.74
CA LYS D 200 -0.70 -36.37 -5.04
C LYS D 200 -1.46 -37.24 -4.02
N GLU D 201 -1.03 -37.19 -2.76
CA GLU D 201 -1.57 -38.02 -1.68
C GLU D 201 -1.54 -37.28 -0.32
N PHE D 202 -1.81 -38.00 0.78
CA PHE D 202 -1.78 -37.46 2.13
C PHE D 202 -0.60 -37.98 2.91
N ASN D 203 -0.12 -37.17 3.84
CA ASN D 203 0.97 -37.53 4.74
C ASN D 203 0.54 -37.27 6.18
N LYS D 204 1.18 -37.93 7.16
CA LYS D 204 0.84 -37.80 8.58
C LYS D 204 0.68 -36.36 9.05
N GLY D 205 -0.42 -36.08 9.73
CA GLY D 205 -0.72 -34.74 10.22
C GLY D 205 0.21 -34.30 11.32
N PRO D 206 0.24 -32.98 11.61
CA PRO D 206 1.15 -32.47 12.65
C PRO D 206 0.78 -32.94 14.05
N TRP D 207 -0.52 -33.11 14.33
CA TRP D 207 -0.94 -33.58 15.64
C TRP D 207 -1.78 -34.86 15.57
N LYS D 208 -1.88 -35.57 16.70
CA LYS D 208 -2.62 -36.81 16.80
C LYS D 208 -4.15 -36.61 16.82
N GLN D 209 -4.90 -37.71 16.67
CA GLN D 209 -6.36 -37.66 16.68
C GLN D 209 -6.90 -37.53 18.09
N GLU D 210 -7.56 -36.42 18.38
CA GLU D 210 -8.15 -36.18 19.68
C GLU D 210 -9.67 -36.35 19.62
N ASN D 211 -10.25 -36.95 20.67
CA ASN D 211 -11.69 -37.15 20.75
C ASN D 211 -12.34 -35.82 21.16
N VAL D 212 -13.47 -35.48 20.55
CA VAL D 212 -14.16 -34.22 20.85
C VAL D 212 -15.64 -34.46 21.24
N GLU D 213 -16.41 -33.39 21.48
CA GLU D 213 -17.83 -33.43 21.80
C GLU D 213 -18.60 -34.18 20.73
N ALA D 214 -19.60 -34.97 21.14
CA ALA D 214 -20.43 -35.71 20.20
C ALA D 214 -21.30 -34.78 19.31
N GLU D 215 -21.41 -33.49 19.66
CA GLU D 215 -22.16 -32.52 18.88
C GLU D 215 -21.29 -31.47 18.21
N ALA D 216 -19.99 -31.78 17.97
CA ALA D 216 -19.05 -30.86 17.32
C ALA D 216 -19.52 -30.62 15.88
N SER D 217 -19.92 -29.40 15.57
CA SER D 217 -20.46 -29.10 14.24
C SER D 217 -19.59 -28.18 13.37
N MET D 218 -18.97 -27.16 13.97
CA MET D 218 -18.21 -26.17 13.21
C MET D 218 -16.71 -26.14 13.51
N VAL D 219 -15.89 -25.83 12.49
CA VAL D 219 -14.44 -25.69 12.62
C VAL D 219 -14.03 -24.29 12.17
N ILE D 220 -13.13 -23.64 12.93
CA ILE D 220 -12.64 -22.31 12.61
C ILE D 220 -11.11 -22.29 12.54
N ALA D 221 -10.56 -21.84 11.39
CA ALA D 221 -9.12 -21.75 11.18
C ALA D 221 -8.54 -20.53 11.88
N VAL D 222 -7.64 -20.77 12.84
CA VAL D 222 -7.02 -19.68 13.59
C VAL D 222 -5.78 -19.18 12.86
N PRO D 223 -5.68 -17.88 12.62
CA PRO D 223 -4.48 -17.35 11.96
C PRO D 223 -3.33 -17.09 12.94
N GLU D 224 -2.16 -16.67 12.41
CA GLU D 224 -0.99 -16.34 13.21
C GLU D 224 -1.28 -15.13 14.11
N PRO D 225 -0.59 -15.00 15.26
CA PRO D 225 0.47 -15.88 15.78
C PRO D 225 -0.01 -17.10 16.56
N PHE D 226 -1.33 -17.24 16.76
CA PHE D 226 -1.87 -18.36 17.52
C PHE D 226 -1.77 -19.68 16.78
N GLY D 227 -2.33 -19.75 15.58
CA GLY D 227 -2.35 -20.98 14.80
C GLY D 227 -3.36 -21.96 15.37
N GLY D 228 -3.36 -23.17 14.83
CA GLY D 228 -4.27 -24.22 15.29
C GLY D 228 -5.69 -24.03 14.80
N ALA D 229 -6.64 -24.61 15.51
CA ALA D 229 -8.05 -24.54 15.12
C ALA D 229 -9.01 -24.52 16.32
N ILE D 230 -10.23 -24.02 16.10
CA ILE D 230 -11.28 -23.95 17.10
C ILE D 230 -12.43 -24.86 16.69
N ILE D 231 -12.99 -25.61 17.63
CA ILE D 231 -14.12 -26.50 17.37
C ILE D 231 -15.35 -26.07 18.16
N ILE D 232 -16.44 -25.76 17.47
CA ILE D 232 -17.68 -25.31 18.10
C ILE D 232 -18.78 -26.34 17.96
N GLY D 233 -19.50 -26.58 19.05
CA GLY D 233 -20.60 -27.53 19.07
C GLY D 233 -21.85 -26.95 19.68
N GLN D 234 -22.64 -27.79 20.35
CA GLN D 234 -23.87 -27.34 21.00
C GLN D 234 -23.60 -26.80 22.40
N GLU D 235 -22.66 -27.43 23.14
CA GLU D 235 -22.39 -27.02 24.52
C GLU D 235 -20.94 -26.65 24.79
N SER D 236 -20.01 -27.02 23.91
CA SER D 236 -18.59 -26.77 24.16
C SER D 236 -17.88 -26.00 23.05
N ILE D 237 -16.83 -25.27 23.43
CA ILE D 237 -15.98 -24.52 22.52
C ILE D 237 -14.55 -24.88 22.89
N THR D 238 -13.87 -25.63 22.01
CA THR D 238 -12.50 -26.07 22.27
C THR D 238 -11.47 -25.49 21.29
N TYR D 239 -10.20 -25.51 21.69
CA TYR D 239 -9.11 -25.04 20.85
C TYR D 239 -8.02 -26.09 20.87
N HIS D 240 -7.55 -26.48 19.68
CA HIS D 240 -6.48 -27.45 19.56
C HIS D 240 -5.31 -26.84 18.79
N ASN D 241 -4.08 -27.21 19.17
CA ASN D 241 -2.89 -26.73 18.46
C ASN D 241 -1.76 -27.79 18.38
N GLY D 242 -1.94 -28.93 19.03
CA GLY D 242 -0.96 -30.00 19.12
C GLY D 242 -0.79 -30.31 20.59
N ASP D 243 0.13 -29.61 21.25
CA ASP D 243 0.33 -29.76 22.69
C ASP D 243 -0.62 -28.87 23.51
N LYS D 244 -1.13 -27.78 22.89
CA LYS D 244 -2.04 -26.86 23.57
C LYS D 244 -3.50 -27.25 23.38
N TYR D 245 -4.23 -27.38 24.49
CA TYR D 245 -5.64 -27.73 24.48
C TYR D 245 -6.39 -26.89 25.50
N LEU D 246 -7.40 -26.17 25.04
CA LEU D 246 -8.26 -25.38 25.92
C LEU D 246 -9.71 -25.77 25.66
N ALA D 247 -10.53 -25.78 26.71
CA ALA D 247 -11.93 -26.17 26.58
C ALA D 247 -12.80 -25.38 27.55
N ILE D 248 -13.82 -24.69 27.02
CA ILE D 248 -14.75 -23.94 27.84
C ILE D 248 -16.17 -24.40 27.58
N ALA D 249 -17.03 -24.37 28.61
CA ALA D 249 -18.42 -24.77 28.46
C ALA D 249 -19.34 -23.63 28.91
N PRO D 250 -19.46 -22.58 28.08
CA PRO D 250 -20.31 -21.45 28.47
C PRO D 250 -21.79 -21.81 28.41
N PRO D 251 -22.51 -21.62 29.53
CA PRO D 251 -23.94 -21.95 29.53
C PRO D 251 -24.82 -21.01 28.69
N ILE D 252 -24.28 -19.84 28.30
CA ILE D 252 -24.99 -18.85 27.50
C ILE D 252 -25.36 -19.33 26.09
N ILE D 253 -24.61 -20.30 25.56
CA ILE D 253 -24.86 -20.81 24.21
C ILE D 253 -25.67 -22.10 24.15
N LYS D 254 -25.91 -22.76 25.30
CA LYS D 254 -26.66 -24.02 25.33
C LYS D 254 -28.10 -23.91 24.82
N GLN D 255 -28.66 -22.69 24.79
CA GLN D 255 -30.03 -22.44 24.34
C GLN D 255 -30.22 -22.81 22.87
N SER D 256 -29.20 -22.59 22.05
CA SER D 256 -29.25 -22.92 20.62
C SER D 256 -27.86 -23.18 20.05
N THR D 257 -27.79 -23.95 18.98
CA THR D 257 -26.51 -24.28 18.34
C THR D 257 -26.00 -23.13 17.49
N ILE D 258 -24.67 -22.91 17.48
CA ILE D 258 -24.03 -21.88 16.66
C ILE D 258 -23.88 -22.43 15.24
N VAL D 259 -24.23 -21.62 14.23
CA VAL D 259 -24.23 -22.08 12.85
C VAL D 259 -23.33 -21.28 11.90
N CYS D 260 -23.10 -20.00 12.19
CA CYS D 260 -22.28 -19.16 11.32
C CYS D 260 -21.25 -18.35 12.11
N HIS D 261 -20.22 -17.85 11.41
CA HIS D 261 -19.16 -17.07 12.02
C HIS D 261 -18.39 -16.22 10.99
N ASN D 262 -17.44 -15.40 11.49
CA ASN D 262 -16.52 -14.61 10.70
C ASN D 262 -15.44 -14.01 11.61
N ARG D 263 -14.26 -13.71 11.03
CA ARG D 263 -13.14 -13.14 11.75
C ARG D 263 -13.27 -11.63 11.89
N VAL D 264 -13.07 -11.11 13.11
CA VAL D 264 -13.14 -9.67 13.34
C VAL D 264 -11.73 -9.08 13.25
N ASP D 265 -10.79 -9.60 14.05
CA ASP D 265 -9.41 -9.13 14.06
C ASP D 265 -8.57 -10.10 13.25
N PRO D 266 -7.79 -9.59 12.27
CA PRO D 266 -6.98 -10.48 11.43
C PRO D 266 -5.98 -11.36 12.19
N ASN D 267 -5.56 -10.93 13.39
CA ASN D 267 -4.64 -11.73 14.20
C ASN D 267 -5.31 -12.95 14.86
N GLY D 268 -6.62 -12.90 15.03
CA GLY D 268 -7.38 -14.00 15.62
C GLY D 268 -7.74 -13.77 17.08
N SER D 269 -7.89 -12.51 17.48
CA SER D 269 -8.22 -12.18 18.87
C SER D 269 -9.72 -12.08 19.11
N ARG D 270 -10.49 -11.71 18.08
CA ARG D 270 -11.95 -11.59 18.22
C ARG D 270 -12.66 -12.23 17.04
N TYR D 271 -13.72 -12.98 17.33
CA TYR D 271 -14.56 -13.66 16.35
C TYR D 271 -16.04 -13.43 16.65
N LEU D 272 -16.88 -13.43 15.61
CA LEU D 272 -18.32 -13.27 15.80
C LEU D 272 -19.01 -14.62 15.61
N LEU D 273 -20.04 -14.91 16.42
CA LEU D 273 -20.77 -16.16 16.33
C LEU D 273 -22.27 -15.89 16.27
N GLY D 274 -22.97 -16.60 15.39
CA GLY D 274 -24.40 -16.46 15.24
C GLY D 274 -25.12 -17.79 15.41
N ASP D 275 -26.21 -17.79 16.18
CA ASP D 275 -26.96 -19.01 16.44
C ASP D 275 -28.23 -19.12 15.56
N MET D 276 -29.02 -20.19 15.75
CA MET D 276 -30.26 -20.40 15.01
C MET D 276 -31.38 -19.46 15.46
N GLU D 277 -31.32 -18.92 16.67
CA GLU D 277 -32.35 -18.04 17.19
C GLU D 277 -32.10 -16.53 16.94
N GLY D 278 -31.06 -16.20 16.18
CA GLY D 278 -30.76 -14.81 15.85
C GLY D 278 -29.88 -14.06 16.82
N ARG D 279 -29.42 -14.74 17.87
CA ARG D 279 -28.52 -14.14 18.87
C ARG D 279 -27.11 -14.05 18.31
N LEU D 280 -26.44 -12.93 18.59
CA LEU D 280 -25.08 -12.68 18.13
C LEU D 280 -24.16 -12.61 19.32
N PHE D 281 -23.17 -13.51 19.36
CA PHE D 281 -22.18 -13.59 20.43
C PHE D 281 -20.80 -13.15 19.93
N MET D 282 -19.90 -12.83 20.86
CA MET D 282 -18.53 -12.45 20.53
C MET D 282 -17.56 -13.35 21.28
N LEU D 283 -16.71 -14.05 20.54
CA LEU D 283 -15.68 -14.90 21.11
C LEU D 283 -14.40 -14.09 21.17
N LEU D 284 -13.72 -14.11 22.31
CA LEU D 284 -12.48 -13.38 22.52
C LEU D 284 -11.42 -14.36 22.99
N LEU D 285 -10.23 -14.28 22.36
CA LEU D 285 -9.10 -15.15 22.67
C LEU D 285 -8.05 -14.30 23.35
N GLU D 286 -7.65 -14.65 24.57
CA GLU D 286 -6.67 -13.87 25.32
C GLU D 286 -5.23 -14.25 24.96
N LYS D 287 -4.36 -13.25 24.88
CA LYS D 287 -2.97 -13.46 24.54
C LYS D 287 -2.09 -13.27 25.76
N VAL D 295 1.95 -14.39 23.20
CA VAL D 295 2.50 -15.54 22.50
C VAL D 295 1.58 -16.76 22.61
N THR D 296 1.23 -17.16 23.83
CA THR D 296 0.36 -18.32 24.05
C THR D 296 -1.07 -17.90 24.36
N LEU D 297 -2.01 -18.83 24.14
CA LEU D 297 -3.42 -18.57 24.44
C LEU D 297 -3.66 -18.74 25.92
N LYS D 298 -3.94 -17.64 26.62
CA LYS D 298 -4.17 -17.68 28.06
C LYS D 298 -5.51 -18.33 28.40
N ASP D 299 -6.60 -17.86 27.77
CA ASP D 299 -7.95 -18.37 27.99
C ASP D 299 -8.92 -17.89 26.88
N LEU D 300 -10.14 -18.43 26.86
CA LEU D 300 -11.18 -18.06 25.92
C LEU D 300 -12.33 -17.37 26.67
N ARG D 301 -13.13 -16.58 25.95
CA ARG D 301 -14.25 -15.86 26.56
C ARG D 301 -15.37 -15.63 25.56
N VAL D 302 -16.62 -15.79 25.99
CA VAL D 302 -17.76 -15.57 25.11
C VAL D 302 -18.76 -14.63 25.78
N GLU D 303 -19.13 -13.54 25.11
CA GLU D 303 -20.10 -12.57 25.63
C GLU D 303 -21.22 -12.40 24.61
N LEU D 304 -22.49 -12.46 25.04
CA LEU D 304 -23.60 -12.24 24.12
C LEU D 304 -23.68 -10.74 23.84
N LEU D 305 -23.68 -10.37 22.57
CA LEU D 305 -23.74 -8.97 22.17
C LEU D 305 -25.17 -8.47 22.05
N GLY D 306 -26.05 -9.29 21.46
CA GLY D 306 -27.44 -8.92 21.31
C GLY D 306 -28.23 -9.81 20.38
N GLU D 307 -29.33 -9.28 19.85
CA GLU D 307 -30.20 -10.02 18.93
C GLU D 307 -30.37 -9.27 17.61
N THR D 308 -30.10 -9.96 16.51
CA THR D 308 -30.23 -9.42 15.15
C THR D 308 -31.16 -10.39 14.32
N SER D 309 -31.12 -10.34 12.97
CA SER D 309 -31.88 -11.25 12.15
C SER D 309 -31.23 -12.63 12.18
N ILE D 310 -32.02 -13.69 12.01
CA ILE D 310 -31.52 -15.07 11.99
C ILE D 310 -30.55 -15.22 10.84
N ALA D 311 -29.26 -15.20 11.16
CA ALA D 311 -28.22 -15.18 10.16
C ALA D 311 -27.85 -16.51 9.52
N GLU D 312 -27.49 -16.41 8.24
CA GLU D 312 -26.96 -17.48 7.41
C GLU D 312 -25.43 -17.32 7.33
N CYS D 313 -24.95 -16.06 7.31
CA CYS D 313 -23.54 -15.73 7.26
C CYS D 313 -23.29 -14.36 7.90
N LEU D 314 -22.07 -14.15 8.38
CA LEU D 314 -21.70 -12.90 9.02
C LEU D 314 -20.39 -12.38 8.45
N THR D 315 -20.10 -11.09 8.69
CA THR D 315 -18.86 -10.45 8.28
C THR D 315 -18.62 -9.12 8.99
N TYR D 316 -17.36 -8.86 9.34
CA TYR D 316 -16.99 -7.59 9.98
C TYR D 316 -16.52 -6.65 8.90
N LEU D 317 -16.94 -5.38 8.97
CA LEU D 317 -16.59 -4.43 7.92
C LEU D 317 -15.48 -3.48 8.35
N ASP D 318 -15.59 -2.89 9.56
CA ASP D 318 -14.64 -1.96 10.18
C ASP D 318 -15.40 -0.92 11.00
N ASN D 319 -14.73 -0.30 11.99
CA ASN D 319 -15.30 0.73 12.86
C ASN D 319 -16.61 0.29 13.52
N GLY D 320 -16.61 -0.93 14.01
CA GLY D 320 -17.77 -1.50 14.69
C GLY D 320 -18.96 -1.83 13.81
N VAL D 321 -18.80 -1.72 12.48
CA VAL D 321 -19.89 -2.02 11.56
C VAL D 321 -19.86 -3.49 11.15
N VAL D 322 -21.03 -4.16 11.23
CA VAL D 322 -21.14 -5.57 10.91
C VAL D 322 -22.32 -5.79 9.94
N PHE D 323 -22.16 -6.77 9.04
CA PHE D 323 -23.21 -7.13 8.10
C PHE D 323 -23.80 -8.49 8.46
N VAL D 324 -25.12 -8.54 8.65
CA VAL D 324 -25.82 -9.77 8.98
C VAL D 324 -26.55 -10.26 7.74
N GLY D 325 -25.99 -11.28 7.09
CA GLY D 325 -26.58 -11.88 5.92
C GLY D 325 -27.57 -12.95 6.32
N SER D 326 -28.85 -12.63 6.28
CA SER D 326 -29.91 -13.53 6.70
C SER D 326 -30.75 -14.01 5.51
N ARG D 327 -31.08 -15.33 5.50
CA ARG D 327 -31.90 -16.05 4.50
C ARG D 327 -33.38 -16.10 4.93
N LEU D 328 -33.66 -15.98 6.23
CA LEU D 328 -35.01 -16.07 6.77
C LEU D 328 -35.69 -14.72 6.90
N GLY D 329 -34.93 -13.73 7.35
CA GLY D 329 -35.46 -12.38 7.50
C GLY D 329 -34.69 -11.36 6.68
N ASP D 330 -35.03 -10.08 6.84
CA ASP D 330 -34.35 -9.00 6.13
C ASP D 330 -32.88 -8.96 6.53
N SER D 331 -32.00 -8.73 5.55
CA SER D 331 -30.58 -8.60 5.83
C SER D 331 -30.36 -7.30 6.60
N GLN D 332 -29.31 -7.26 7.42
CA GLN D 332 -29.07 -6.09 8.25
C GLN D 332 -27.64 -5.56 8.20
N LEU D 333 -27.49 -4.29 8.57
CA LEU D 333 -26.22 -3.61 8.76
C LEU D 333 -26.35 -3.03 10.16
N VAL D 334 -25.50 -3.48 11.09
CA VAL D 334 -25.59 -3.07 12.48
C VAL D 334 -24.31 -2.43 13.01
N LYS D 335 -24.42 -1.72 14.14
CA LYS D 335 -23.31 -1.07 14.82
C LYS D 335 -23.10 -1.73 16.18
N LEU D 336 -21.84 -1.95 16.58
CA LEU D 336 -21.52 -2.57 17.84
C LEU D 336 -20.84 -1.61 18.80
N ASN D 337 -21.26 -1.64 20.07
CA ASN D 337 -20.67 -0.83 21.13
C ASN D 337 -20.12 -1.77 22.21
N VAL D 338 -19.25 -2.70 21.81
CA VAL D 338 -18.65 -3.67 22.73
C VAL D 338 -17.54 -3.05 23.58
N VAL D 347 -26.09 -3.93 20.50
CA VAL D 347 -26.16 -3.92 19.04
C VAL D 347 -27.26 -2.98 18.57
N VAL D 348 -26.95 -2.09 17.63
CA VAL D 348 -27.92 -1.12 17.09
C VAL D 348 -28.14 -1.35 15.61
N ALA D 349 -29.39 -1.44 15.16
CA ALA D 349 -29.70 -1.63 13.74
C ALA D 349 -29.50 -0.34 12.95
N MET D 350 -28.58 -0.35 11.98
CA MET D 350 -28.30 0.83 11.16
C MET D 350 -29.16 0.83 9.89
N GLU D 351 -29.20 -0.28 9.14
CA GLU D 351 -29.96 -0.37 7.90
C GLU D 351 -30.58 -1.75 7.71
N THR D 352 -31.73 -1.80 7.05
CA THR D 352 -32.43 -3.05 6.78
C THR D 352 -32.61 -3.23 5.27
N PHE D 353 -32.52 -4.46 4.79
CA PHE D 353 -32.67 -4.76 3.37
C PHE D 353 -33.73 -5.83 3.23
N THR D 354 -34.87 -5.49 2.62
CA THR D 354 -36.01 -6.38 2.44
C THR D 354 -35.64 -7.73 1.85
N ASN D 355 -36.10 -8.81 2.49
CA ASN D 355 -35.83 -10.16 2.03
C ASN D 355 -37.13 -10.95 2.06
N LEU D 356 -37.70 -11.17 0.88
CA LEU D 356 -38.96 -11.88 0.72
C LEU D 356 -38.86 -13.39 1.01
N GLY D 357 -37.65 -13.93 0.99
CA GLY D 357 -37.44 -15.35 1.22
C GLY D 357 -37.46 -15.74 2.68
N PRO D 358 -38.10 -16.87 3.04
CA PRO D 358 -38.81 -17.83 2.18
C PRO D 358 -40.30 -17.52 1.98
N ILE D 359 -40.75 -17.59 0.73
CA ILE D 359 -42.16 -17.39 0.41
C ILE D 359 -42.84 -18.75 0.44
N VAL D 360 -43.79 -18.94 1.35
CA VAL D 360 -44.48 -20.22 1.52
C VAL D 360 -45.85 -20.27 0.86
N ASP D 361 -46.53 -19.11 0.78
CA ASP D 361 -47.84 -18.97 0.14
C ASP D 361 -48.12 -17.50 -0.15
N MET D 362 -48.96 -17.24 -1.14
CA MET D 362 -49.31 -15.88 -1.55
C MET D 362 -50.68 -15.80 -2.24
N CYS D 363 -51.13 -14.58 -2.56
CA CYS D 363 -52.40 -14.36 -3.24
C CYS D 363 -52.39 -13.02 -3.99
N VAL D 364 -53.09 -12.97 -5.13
CA VAL D 364 -53.18 -11.76 -5.93
C VAL D 364 -54.48 -11.06 -5.61
N VAL D 365 -54.40 -9.81 -5.15
CA VAL D 365 -55.54 -9.00 -4.74
C VAL D 365 -55.54 -7.63 -5.43
N ASP D 366 -56.74 -7.13 -5.80
CA ASP D 366 -56.92 -5.82 -6.41
C ASP D 366 -57.40 -4.91 -5.28
N LEU D 367 -56.46 -4.38 -4.51
CA LEU D 367 -56.78 -3.57 -3.34
C LEU D 367 -57.37 -2.18 -3.66
N GLU D 368 -56.61 -1.29 -4.30
CA GLU D 368 -57.07 0.08 -4.54
C GLU D 368 -57.56 0.38 -5.96
N ARG D 369 -56.70 0.21 -6.99
CA ARG D 369 -57.05 0.56 -8.35
C ARG D 369 -58.10 -0.33 -9.02
N GLN D 370 -58.27 -1.57 -8.54
CA GLN D 370 -59.21 -2.57 -9.09
C GLN D 370 -58.92 -2.96 -10.55
N GLY D 371 -57.69 -2.73 -11.00
CA GLY D 371 -57.24 -3.03 -12.35
C GLY D 371 -55.77 -3.40 -12.36
N GLN D 372 -54.97 -2.76 -11.50
CA GLN D 372 -53.56 -3.07 -11.37
C GLN D 372 -53.45 -3.99 -10.18
N GLY D 373 -53.01 -5.21 -10.43
CA GLY D 373 -52.89 -6.22 -9.39
C GLY D 373 -51.82 -5.95 -8.35
N GLN D 374 -52.04 -6.50 -7.16
CA GLN D 374 -51.11 -6.42 -6.04
C GLN D 374 -50.89 -7.81 -5.47
N LEU D 375 -49.70 -8.10 -4.97
CA LEU D 375 -49.38 -9.41 -4.44
C LEU D 375 -49.16 -9.36 -2.95
N VAL D 376 -49.74 -10.32 -2.21
CA VAL D 376 -49.57 -10.40 -0.77
C VAL D 376 -48.94 -11.76 -0.48
N THR D 377 -47.76 -11.76 0.11
CA THR D 377 -47.00 -12.99 0.36
C THR D 377 -46.68 -13.23 1.83
N CYS D 378 -46.56 -14.51 2.21
CA CYS D 378 -46.17 -14.95 3.54
C CYS D 378 -44.68 -15.21 3.47
N SER D 379 -43.88 -14.27 3.95
CA SER D 379 -42.42 -14.37 3.95
C SER D 379 -41.88 -14.52 5.37
N GLY D 380 -40.63 -14.93 5.47
CA GLY D 380 -39.98 -15.09 6.76
C GLY D 380 -40.39 -16.34 7.52
N ALA D 381 -39.80 -16.51 8.70
CA ALA D 381 -40.07 -17.64 9.58
C ALA D 381 -39.61 -17.29 10.99
N PHE D 382 -40.28 -17.86 12.00
CA PHE D 382 -39.98 -17.63 13.41
C PHE D 382 -40.14 -16.12 13.74
N LYS D 383 -39.23 -15.50 14.53
CA LYS D 383 -39.32 -14.08 14.84
C LYS D 383 -39.24 -13.17 13.61
N GLU D 384 -38.71 -13.69 12.49
CA GLU D 384 -38.61 -12.94 11.24
C GLU D 384 -39.86 -13.02 10.37
N GLY D 385 -40.84 -13.83 10.76
CA GLY D 385 -42.10 -14.00 10.05
C GLY D 385 -42.76 -12.67 9.76
N SER D 386 -43.23 -12.51 8.53
CA SER D 386 -43.78 -11.24 8.09
C SER D 386 -44.64 -11.42 6.83
N LEU D 387 -45.34 -10.35 6.46
CA LEU D 387 -46.13 -10.32 5.24
C LEU D 387 -45.60 -9.21 4.37
N ARG D 388 -45.60 -9.45 3.07
CA ARG D 388 -45.08 -8.48 2.12
C ARG D 388 -46.16 -8.14 1.12
N ILE D 389 -46.26 -6.86 0.77
CA ILE D 389 -47.22 -6.38 -0.21
C ILE D 389 -46.43 -5.79 -1.35
N ILE D 390 -46.58 -6.35 -2.55
CA ILE D 390 -45.81 -5.93 -3.72
C ILE D 390 -46.70 -5.38 -4.83
N ARG D 391 -46.25 -4.30 -5.45
CA ARG D 391 -46.95 -3.67 -6.57
C ARG D 391 -45.93 -3.01 -7.52
N ASN D 392 -46.39 -2.52 -8.66
CA ASN D 392 -45.52 -1.81 -9.59
C ASN D 392 -45.56 -0.30 -9.30
N GLY D 393 -44.55 0.44 -9.76
CA GLY D 393 -44.49 1.87 -9.58
C GLY D 393 -45.57 2.62 -10.34
N LYS D 709 -39.68 0.11 -11.24
CA LYS D 709 -39.24 -0.46 -9.97
C LYS D 709 -40.42 -0.90 -9.12
N LEU D 710 -40.28 -2.04 -8.45
CA LEU D 710 -41.35 -2.57 -7.61
C LEU D 710 -41.42 -1.86 -6.27
N HIS D 711 -42.64 -1.64 -5.76
CA HIS D 711 -42.86 -1.04 -4.45
C HIS D 711 -43.22 -2.16 -3.48
N ILE D 712 -42.54 -2.22 -2.33
CA ILE D 712 -42.78 -3.26 -1.34
C ILE D 712 -43.13 -2.65 0.01
N ARG D 713 -44.11 -3.24 0.71
CA ARG D 713 -44.50 -2.82 2.05
C ARG D 713 -44.37 -4.01 2.99
N THR D 714 -43.66 -3.81 4.11
CA THR D 714 -43.40 -4.86 5.09
C THR D 714 -44.35 -4.80 6.28
N VAL D 715 -44.82 -5.97 6.73
CA VAL D 715 -45.69 -6.08 7.90
C VAL D 715 -45.15 -7.20 8.80
N PRO D 716 -44.37 -6.85 9.83
CA PRO D 716 -43.81 -7.89 10.71
C PRO D 716 -44.87 -8.66 11.50
N LEU D 717 -44.60 -9.94 11.79
CA LEU D 717 -45.53 -10.79 12.52
C LEU D 717 -44.89 -11.41 13.77
N TYR D 718 -43.60 -11.70 13.72
CA TYR D 718 -42.85 -12.31 14.81
C TYR D 718 -43.29 -13.75 15.11
N GLU D 719 -43.81 -14.44 14.09
CA GLU D 719 -44.23 -15.84 14.11
C GLU D 719 -44.39 -16.36 12.69
N SER D 720 -44.14 -17.65 12.47
CA SER D 720 -44.17 -18.26 11.16
C SER D 720 -45.51 -18.25 10.44
N PRO D 721 -45.64 -17.49 9.33
CA PRO D 721 -46.88 -17.56 8.55
C PRO D 721 -46.88 -18.80 7.63
N ARG D 722 -48.05 -19.37 7.38
CA ARG D 722 -48.17 -20.57 6.58
C ARG D 722 -48.99 -20.38 5.30
N LYS D 723 -50.29 -20.09 5.43
CA LYS D 723 -51.16 -19.90 4.27
C LYS D 723 -51.78 -18.49 4.27
N ILE D 724 -52.59 -18.16 3.26
CA ILE D 724 -53.25 -16.86 3.15
C ILE D 724 -54.51 -16.95 2.27
N CYS D 725 -55.45 -16.06 2.51
CA CYS D 725 -56.67 -15.92 1.72
C CYS D 725 -57.18 -14.48 1.79
N TYR D 726 -58.00 -14.08 0.83
CA TYR D 726 -58.56 -12.73 0.81
C TYR D 726 -60.08 -12.77 0.78
N GLN D 727 -60.71 -11.91 1.57
CA GLN D 727 -62.15 -11.78 1.60
C GLN D 727 -62.51 -10.36 1.20
N GLU D 728 -63.20 -10.20 0.07
CA GLU D 728 -63.62 -8.90 -0.43
C GLU D 728 -64.88 -8.42 0.29
N VAL D 729 -65.82 -9.33 0.55
CA VAL D 729 -67.07 -9.02 1.24
C VAL D 729 -66.82 -8.40 2.61
N SER D 730 -65.82 -8.91 3.35
CA SER D 730 -65.49 -8.36 4.65
C SER D 730 -64.24 -7.47 4.66
N GLN D 731 -63.55 -7.32 3.51
CA GLN D 731 -62.37 -6.50 3.33
C GLN D 731 -61.28 -6.84 4.33
N CYS D 732 -60.91 -8.11 4.40
CA CYS D 732 -59.90 -8.58 5.33
C CYS D 732 -59.24 -9.88 4.84
N PHE D 733 -58.03 -10.13 5.33
CA PHE D 733 -57.23 -11.31 4.99
C PHE D 733 -57.24 -12.33 6.11
N GLY D 734 -57.19 -13.60 5.73
CA GLY D 734 -57.11 -14.70 6.68
C GLY D 734 -55.79 -15.42 6.50
N VAL D 735 -55.01 -15.54 7.57
CA VAL D 735 -53.69 -16.15 7.50
C VAL D 735 -53.50 -17.23 8.56
N LEU D 736 -52.91 -18.37 8.18
CA LEU D 736 -52.59 -19.41 9.13
C LEU D 736 -51.19 -19.13 9.64
N SER D 737 -51.01 -19.17 10.95
CA SER D 737 -49.72 -18.88 11.55
C SER D 737 -49.37 -19.93 12.62
N SER D 738 -48.09 -19.98 12.99
CA SER D 738 -47.64 -20.92 14.00
C SER D 738 -46.51 -20.31 14.81
N ARG D 739 -46.71 -20.21 16.11
CA ARG D 739 -45.68 -19.69 17.00
C ARG D 739 -45.05 -20.83 17.81
N ILE D 740 -43.89 -20.57 18.39
CA ILE D 740 -43.21 -21.56 19.21
C ILE D 740 -43.30 -21.18 20.67
N GLU D 741 -43.77 -22.10 21.50
CA GLU D 741 -43.82 -21.92 22.94
C GLU D 741 -42.99 -23.02 23.60
N VAL D 742 -42.53 -22.78 24.82
CA VAL D 742 -41.74 -23.77 25.55
C VAL D 742 -42.49 -24.32 26.75
N GLN D 743 -42.25 -25.59 27.08
CA GLN D 743 -42.93 -26.24 28.17
C GLN D 743 -42.51 -25.72 29.52
N ASP D 744 -43.49 -25.27 30.30
CA ASP D 744 -43.31 -24.76 31.66
C ASP D 744 -43.08 -25.90 32.65
N THR D 745 -42.49 -25.58 33.80
CA THR D 745 -42.30 -26.56 34.86
C THR D 745 -43.64 -26.86 35.57
N SER D 746 -44.56 -25.87 35.62
CA SER D 746 -45.86 -26.00 36.25
C SER D 746 -46.92 -26.75 35.42
N GLY D 747 -46.55 -27.26 34.25
CA GLY D 747 -47.48 -28.00 33.41
C GLY D 747 -48.28 -27.14 32.45
N GLY D 748 -47.64 -26.10 31.95
CA GLY D 748 -48.24 -25.19 30.99
C GLY D 748 -47.26 -24.84 29.88
N THR D 749 -47.52 -23.74 29.17
CA THR D 749 -46.61 -23.28 28.12
C THR D 749 -46.38 -21.77 28.23
N THR D 750 -45.24 -21.29 27.73
CA THR D 750 -44.91 -19.88 27.77
C THR D 750 -44.29 -19.47 26.43
N ALA D 751 -44.75 -18.34 25.86
CA ALA D 751 -44.20 -17.85 24.60
C ALA D 751 -42.84 -17.17 24.84
N LEU D 752 -41.97 -17.21 23.83
CA LEU D 752 -40.64 -16.62 23.93
C LEU D 752 -40.69 -15.10 23.81
N ARG D 753 -41.39 -14.59 22.80
CA ARG D 753 -41.49 -13.15 22.56
C ARG D 753 -42.91 -12.78 22.07
N PRO D 754 -43.30 -11.49 22.12
CA PRO D 754 -44.64 -11.12 21.66
C PRO D 754 -44.77 -11.29 20.14
N SER D 755 -45.86 -11.92 19.73
CA SER D 755 -46.16 -12.16 18.32
C SER D 755 -47.57 -11.62 17.99
N ALA D 756 -48.05 -11.81 16.75
CA ALA D 756 -49.36 -11.34 16.32
C ALA D 756 -50.49 -12.03 17.06
N SER D 757 -50.36 -13.32 17.35
CA SER D 757 -51.39 -14.08 18.04
C SER D 757 -51.55 -13.71 19.52
N THR D 758 -50.49 -13.17 20.14
CA THR D 758 -50.53 -12.75 21.54
C THR D 758 -50.94 -11.29 21.71
N GLN D 759 -50.71 -10.46 20.68
CA GLN D 759 -51.07 -9.04 20.70
C GLN D 759 -52.32 -8.77 19.86
N ALA D 760 -53.21 -9.76 19.71
CA ALA D 760 -54.41 -9.60 18.93
C ALA D 760 -55.42 -8.76 19.68
N LEU D 761 -56.09 -7.84 18.98
CA LEU D 761 -57.13 -6.99 19.55
C LEU D 761 -58.26 -7.83 20.16
N SER D 762 -58.55 -8.98 19.53
CA SER D 762 -59.55 -9.93 19.99
C SER D 762 -59.01 -11.34 19.73
N SER D 763 -59.12 -12.24 20.71
CA SER D 763 -58.65 -13.61 20.54
C SER D 763 -59.68 -14.64 21.02
N SER D 764 -59.49 -15.92 20.66
CA SER D 764 -60.42 -16.99 21.02
C SER D 764 -59.75 -18.38 20.99
N VAL D 765 -60.46 -19.42 21.45
CA VAL D 765 -59.97 -20.80 21.44
C VAL D 765 -61.05 -21.77 20.95
N SER D 766 -60.65 -22.92 20.40
CA SER D 766 -61.60 -23.92 19.94
C SER D 766 -62.10 -24.83 21.09
N SER D 767 -63.23 -25.53 20.88
CA SER D 767 -63.82 -26.42 21.89
C SER D 767 -63.00 -27.71 22.07
N SER D 768 -62.22 -27.77 23.16
CA SER D 768 -61.30 -28.86 23.50
C SER D 768 -61.91 -30.27 23.53
N LYS D 769 -61.11 -31.25 23.08
CA LYS D 769 -61.41 -32.68 23.02
C LYS D 769 -60.14 -33.51 23.29
N LEU D 770 -60.29 -34.79 23.68
CA LEU D 770 -59.18 -35.72 23.99
C LEU D 770 -58.26 -35.22 25.11
N PHE D 782 -39.45 -28.91 31.47
CA PHE D 782 -39.34 -29.87 30.39
C PHE D 782 -38.42 -29.30 29.29
N GLY D 783 -38.65 -28.04 28.93
CA GLY D 783 -37.81 -27.33 27.98
C GLY D 783 -38.05 -27.62 26.51
N GLU D 784 -38.96 -28.55 26.21
CA GLU D 784 -39.28 -28.89 24.83
C GLU D 784 -40.03 -27.76 24.12
N GLU D 785 -39.90 -27.68 22.79
CA GLU D 785 -40.58 -26.67 22.01
C GLU D 785 -41.86 -27.28 21.44
N VAL D 786 -42.96 -26.51 21.49
CA VAL D 786 -44.25 -26.94 20.95
C VAL D 786 -44.78 -25.87 19.99
N GLU D 787 -45.33 -26.29 18.85
CA GLU D 787 -45.87 -25.37 17.85
C GLU D 787 -47.34 -25.12 18.13
N VAL D 788 -47.69 -23.85 18.40
CA VAL D 788 -49.06 -23.46 18.65
C VAL D 788 -49.60 -22.80 17.39
N HIS D 789 -50.62 -23.40 16.78
CA HIS D 789 -51.23 -22.88 15.56
C HIS D 789 -52.34 -21.89 15.82
N ASN D 790 -52.47 -20.90 14.93
CA ASN D 790 -53.47 -19.86 15.04
C ASN D 790 -53.99 -19.44 13.66
N LEU D 791 -55.18 -18.84 13.63
CA LEU D 791 -55.76 -18.31 12.42
C LEU D 791 -55.97 -16.83 12.68
N LEU D 792 -55.31 -15.97 11.91
CA LEU D 792 -55.38 -14.53 12.10
C LEU D 792 -56.23 -13.85 11.05
N ILE D 793 -57.10 -12.93 11.48
CA ILE D 793 -57.92 -12.13 10.60
C ILE D 793 -57.36 -10.71 10.67
N ILE D 794 -56.92 -10.19 9.53
CA ILE D 794 -56.24 -8.89 9.44
C ILE D 794 -56.97 -7.91 8.52
N ASP D 795 -56.94 -6.61 8.84
CA ASP D 795 -57.56 -5.58 8.01
C ASP D 795 -56.71 -5.32 6.77
N GLN D 796 -57.35 -5.06 5.63
CA GLN D 796 -56.64 -4.82 4.38
C GLN D 796 -55.95 -3.46 4.28
N HIS D 797 -56.35 -2.49 5.11
CA HIS D 797 -55.75 -1.16 5.06
C HIS D 797 -54.72 -0.94 6.15
N THR D 798 -55.10 -1.15 7.41
CA THR D 798 -54.20 -0.93 8.54
C THR D 798 -53.26 -2.09 8.81
N PHE D 799 -53.64 -3.31 8.36
CA PHE D 799 -52.87 -4.52 8.58
C PHE D 799 -52.75 -4.87 10.07
N GLU D 800 -53.79 -4.55 10.85
CA GLU D 800 -53.82 -4.83 12.27
C GLU D 800 -54.33 -6.24 12.52
N VAL D 801 -53.91 -6.84 13.63
CA VAL D 801 -54.36 -8.19 13.98
C VAL D 801 -55.75 -8.08 14.60
N LEU D 802 -56.78 -8.04 13.76
CA LEU D 802 -58.16 -7.90 14.21
C LEU D 802 -58.59 -9.07 15.10
N HIS D 803 -58.35 -10.30 14.65
CA HIS D 803 -58.72 -11.48 15.43
C HIS D 803 -57.65 -12.57 15.35
N ALA D 804 -57.57 -13.41 16.39
CA ALA D 804 -56.63 -14.52 16.45
C ALA D 804 -57.29 -15.72 17.12
N HIS D 805 -57.62 -16.75 16.35
CA HIS D 805 -58.24 -17.96 16.88
C HIS D 805 -57.19 -19.02 17.13
N GLN D 806 -57.09 -19.51 18.36
CA GLN D 806 -56.13 -20.55 18.73
C GLN D 806 -56.76 -21.91 18.61
N PHE D 807 -56.16 -22.77 17.80
CA PHE D 807 -56.65 -24.12 17.55
C PHE D 807 -56.42 -25.06 18.75
N LEU D 808 -57.00 -26.28 18.68
CA LEU D 808 -56.85 -27.29 19.73
C LEU D 808 -55.40 -27.73 19.92
N GLN D 809 -55.13 -28.42 21.03
CA GLN D 809 -53.81 -28.92 21.34
C GLN D 809 -53.47 -30.07 20.41
N ASN D 810 -52.19 -30.13 19.98
CA ASN D 810 -51.69 -31.19 19.09
C ASN D 810 -52.45 -31.23 17.77
N GLU D 811 -52.73 -30.05 17.23
CA GLU D 811 -53.46 -29.90 15.98
C GLU D 811 -52.64 -29.02 15.04
N TYR D 812 -52.64 -29.35 13.74
CA TYR D 812 -51.87 -28.62 12.74
C TYR D 812 -52.79 -28.14 11.62
N ALA D 813 -52.81 -26.83 11.33
CA ALA D 813 -53.60 -26.28 10.24
C ALA D 813 -52.82 -26.51 8.96
N LEU D 814 -53.47 -27.07 7.93
CA LEU D 814 -52.79 -27.41 6.69
C LEU D 814 -53.28 -26.64 5.47
N SER D 815 -54.58 -26.38 5.39
CA SER D 815 -55.16 -25.68 4.24
C SER D 815 -56.08 -24.53 4.65
N LEU D 816 -56.42 -23.64 3.71
CA LEU D 816 -57.28 -22.49 3.97
C LEU D 816 -57.88 -21.94 2.68
N VAL D 817 -59.22 -21.78 2.66
CA VAL D 817 -59.97 -21.26 1.51
C VAL D 817 -61.00 -20.23 1.99
N SER D 818 -61.37 -19.27 1.13
CA SER D 818 -62.38 -18.28 1.43
C SER D 818 -63.32 -18.16 0.23
N CYS D 819 -64.57 -18.61 0.38
CA CYS D 819 -65.53 -18.61 -0.72
C CYS D 819 -66.98 -18.80 -0.22
N LYS D 820 -67.96 -18.61 -1.12
CA LYS D 820 -69.35 -18.84 -0.80
C LYS D 820 -69.69 -20.25 -1.28
N LEU D 821 -70.45 -21.00 -0.47
CA LEU D 821 -70.83 -22.36 -0.86
C LEU D 821 -72.34 -22.56 -0.87
N GLY D 822 -72.81 -23.32 -1.85
CA GLY D 822 -74.23 -23.60 -2.03
C GLY D 822 -74.99 -22.35 -2.45
N LYS D 823 -76.11 -22.09 -1.79
CA LYS D 823 -76.90 -20.89 -2.08
C LYS D 823 -76.77 -19.83 -0.97
N ASP D 824 -75.76 -19.95 -0.10
CA ASP D 824 -75.55 -19.02 1.00
C ASP D 824 -74.74 -17.83 0.51
N PRO D 825 -75.29 -16.61 0.65
CA PRO D 825 -74.55 -15.43 0.21
C PRO D 825 -73.40 -14.99 1.12
N ASN D 826 -73.30 -15.55 2.34
CA ASN D 826 -72.23 -15.20 3.25
C ASN D 826 -70.93 -15.84 2.80
N THR D 827 -69.81 -15.10 2.93
CA THR D 827 -68.51 -15.62 2.57
C THR D 827 -67.86 -16.15 3.83
N TYR D 828 -67.37 -17.38 3.79
CA TYR D 828 -66.78 -18.01 4.97
C TYR D 828 -65.29 -18.29 4.84
N PHE D 829 -64.64 -18.56 5.97
CA PHE D 829 -63.25 -18.96 6.02
C PHE D 829 -63.26 -20.44 6.39
N ILE D 830 -62.77 -21.28 5.48
CA ILE D 830 -62.75 -22.72 5.69
C ILE D 830 -61.33 -23.17 5.97
N VAL D 831 -61.15 -23.94 7.04
CA VAL D 831 -59.83 -24.42 7.44
C VAL D 831 -59.83 -25.93 7.56
N GLY D 832 -58.71 -26.54 7.21
CA GLY D 832 -58.50 -27.98 7.32
C GLY D 832 -57.34 -28.23 8.25
N THR D 833 -57.52 -29.15 9.20
CA THR D 833 -56.49 -29.46 10.18
C THR D 833 -56.22 -30.98 10.27
N ALA D 834 -55.23 -31.38 11.08
CA ALA D 834 -54.88 -32.77 11.31
C ALA D 834 -54.33 -32.90 12.72
N MET D 835 -54.74 -33.96 13.43
CA MET D 835 -54.27 -34.19 14.80
C MET D 835 -52.91 -34.88 14.79
N VAL D 836 -51.87 -34.14 15.18
CA VAL D 836 -50.51 -34.64 15.21
C VAL D 836 -50.12 -35.15 16.58
N TYR D 837 -49.65 -36.39 16.66
CA TYR D 837 -49.19 -36.97 17.91
C TYR D 837 -47.81 -37.56 17.71
N PRO D 838 -46.90 -37.38 18.67
CA PRO D 838 -45.55 -37.94 18.52
C PRO D 838 -45.49 -39.47 18.42
N GLU D 839 -46.59 -40.15 18.74
CA GLU D 839 -46.65 -41.61 18.66
C GLU D 839 -47.27 -42.10 17.35
N GLU D 840 -48.10 -41.28 16.70
CA GLU D 840 -48.72 -41.65 15.44
C GLU D 840 -47.97 -41.01 14.28
N ALA D 841 -47.30 -41.82 13.45
CA ALA D 841 -46.58 -41.29 12.29
C ALA D 841 -47.57 -40.76 11.25
N GLU D 842 -48.59 -41.55 10.90
CA GLU D 842 -49.62 -41.13 9.98
C GLU D 842 -50.79 -40.66 10.81
N PRO D 843 -51.37 -39.48 10.51
CA PRO D 843 -52.51 -39.02 11.31
C PRO D 843 -53.76 -39.83 11.04
N LYS D 844 -54.54 -40.08 12.09
CA LYS D 844 -55.79 -40.82 11.96
C LYS D 844 -57.03 -39.97 12.34
N GLN D 845 -56.84 -38.66 12.54
CA GLN D 845 -57.89 -37.73 12.91
C GLN D 845 -57.69 -36.39 12.19
N GLY D 846 -58.74 -35.59 12.13
CA GLY D 846 -58.69 -34.29 11.49
C GLY D 846 -60.03 -33.59 11.50
N ARG D 847 -60.01 -32.27 11.26
CA ARG D 847 -61.24 -31.48 11.25
C ARG D 847 -61.29 -30.54 10.04
N ILE D 848 -62.51 -30.19 9.64
CA ILE D 848 -62.77 -29.20 8.61
C ILE D 848 -63.72 -28.24 9.28
N VAL D 849 -63.24 -27.03 9.55
CA VAL D 849 -64.05 -26.05 10.26
C VAL D 849 -64.40 -24.88 9.37
N VAL D 850 -65.61 -24.36 9.52
CA VAL D 850 -66.10 -23.21 8.77
C VAL D 850 -66.40 -22.09 9.74
N PHE D 851 -65.82 -20.91 9.52
CA PHE D 851 -66.04 -19.73 10.35
C PHE D 851 -66.57 -18.59 9.51
N GLN D 852 -67.17 -17.61 10.18
CA GLN D 852 -67.68 -16.43 9.49
C GLN D 852 -67.17 -15.19 10.18
N TYR D 853 -66.63 -14.26 9.39
CA TYR D 853 -66.18 -12.99 9.94
C TYR D 853 -67.20 -11.93 9.53
N SER D 854 -67.90 -11.38 10.51
CA SER D 854 -68.92 -10.37 10.28
C SER D 854 -69.04 -9.50 11.51
N ASP D 855 -69.09 -8.17 11.31
CA ASP D 855 -69.22 -7.16 12.36
C ASP D 855 -68.05 -7.17 13.37
N GLY D 856 -66.90 -7.68 12.95
CA GLY D 856 -65.71 -7.72 13.80
C GLY D 856 -65.62 -8.90 14.74
N LYS D 857 -66.45 -9.93 14.54
CA LYS D 857 -66.46 -11.11 15.40
C LYS D 857 -66.34 -12.40 14.59
N LEU D 858 -65.46 -13.31 15.00
CA LEU D 858 -65.30 -14.58 14.31
C LEU D 858 -66.08 -15.65 15.06
N GLN D 859 -66.98 -16.35 14.36
CA GLN D 859 -67.80 -17.37 15.01
C GLN D 859 -67.66 -18.73 14.35
N THR D 860 -67.62 -19.78 15.16
CA THR D 860 -67.49 -21.14 14.66
C THR D 860 -68.85 -21.55 14.06
N VAL D 861 -68.95 -21.51 12.73
CA VAL D 861 -70.19 -21.82 12.02
C VAL D 861 -70.49 -23.33 11.95
N ALA D 862 -69.55 -24.13 11.42
CA ALA D 862 -69.77 -25.56 11.30
C ALA D 862 -68.47 -26.34 11.52
N GLU D 863 -68.59 -27.60 11.96
CA GLU D 863 -67.44 -28.45 12.24
C GLU D 863 -67.70 -29.86 11.72
N LYS D 864 -66.76 -30.43 10.98
CA LYS D 864 -66.91 -31.78 10.44
C LYS D 864 -65.65 -32.58 10.74
N GLU D 865 -65.81 -33.76 11.34
CA GLU D 865 -64.66 -34.60 11.67
C GLU D 865 -64.35 -35.60 10.58
N VAL D 866 -63.06 -35.83 10.32
CA VAL D 866 -62.59 -36.78 9.33
C VAL D 866 -61.51 -37.68 9.92
N LYS D 867 -61.40 -38.92 9.42
CA LYS D 867 -60.41 -39.86 9.93
C LYS D 867 -59.11 -39.76 9.14
N GLY D 868 -58.56 -38.56 9.06
CA GLY D 868 -57.32 -38.33 8.35
C GLY D 868 -56.95 -36.85 8.27
N ALA D 869 -55.85 -36.56 7.59
CA ALA D 869 -55.36 -35.19 7.46
C ALA D 869 -55.94 -34.46 6.26
N VAL D 870 -56.38 -33.22 6.47
CA VAL D 870 -56.93 -32.42 5.37
C VAL D 870 -55.79 -31.63 4.77
N TYR D 871 -55.10 -32.23 3.81
CA TYR D 871 -53.93 -31.63 3.17
C TYR D 871 -54.23 -30.37 2.37
N SER D 872 -55.29 -30.42 1.54
CA SER D 872 -55.64 -29.28 0.71
C SER D 872 -57.14 -29.21 0.44
N MET D 873 -57.63 -28.00 0.16
CA MET D 873 -59.03 -27.75 -0.15
C MET D 873 -59.15 -26.73 -1.28
N VAL D 874 -60.26 -26.79 -2.04
CA VAL D 874 -60.51 -25.88 -3.16
C VAL D 874 -62.03 -25.65 -3.34
N GLU D 875 -62.41 -24.52 -3.96
CA GLU D 875 -63.81 -24.25 -4.26
C GLU D 875 -64.08 -24.87 -5.61
N PHE D 876 -65.08 -25.74 -5.68
CA PHE D 876 -65.40 -26.42 -6.93
C PHE D 876 -66.87 -26.20 -7.28
N ASN D 877 -67.14 -25.17 -8.11
CA ASN D 877 -68.48 -24.83 -8.56
C ASN D 877 -69.55 -24.82 -7.44
N GLY D 878 -69.32 -24.02 -6.42
CA GLY D 878 -70.24 -23.91 -5.30
C GLY D 878 -70.08 -24.94 -4.21
N LYS D 879 -69.34 -26.01 -4.48
CA LYS D 879 -69.10 -27.07 -3.50
C LYS D 879 -67.67 -27.00 -2.95
N LEU D 880 -67.37 -27.77 -1.89
CA LEU D 880 -66.05 -27.76 -1.29
C LEU D 880 -65.33 -29.08 -1.52
N LEU D 881 -64.25 -29.05 -2.30
CA LEU D 881 -63.47 -30.23 -2.56
C LEU D 881 -62.30 -30.28 -1.57
N ALA D 882 -62.08 -31.43 -0.96
CA ALA D 882 -61.01 -31.58 0.02
C ALA D 882 -60.28 -32.93 -0.15
N SER D 883 -59.05 -33.02 0.36
CA SER D 883 -58.25 -34.23 0.29
C SER D 883 -57.98 -34.74 1.68
N ILE D 884 -58.22 -36.03 1.92
CA ILE D 884 -58.01 -36.66 3.21
C ILE D 884 -57.18 -37.90 2.99
N ASN D 885 -55.89 -37.84 3.34
CA ASN D 885 -54.93 -38.94 3.16
C ASN D 885 -54.90 -39.35 1.66
N SER D 886 -55.23 -40.59 1.31
CA SER D 886 -55.25 -41.03 -0.09
C SER D 886 -56.64 -40.93 -0.72
N THR D 887 -57.53 -40.13 -0.16
CA THR D 887 -58.90 -39.99 -0.65
C THR D 887 -59.21 -38.53 -1.00
N VAL D 888 -60.14 -38.32 -1.93
CA VAL D 888 -60.62 -37.00 -2.31
C VAL D 888 -62.12 -37.00 -2.07
N ARG D 889 -62.60 -36.04 -1.27
CA ARG D 889 -64.00 -35.97 -0.90
C ARG D 889 -64.63 -34.64 -1.27
N LEU D 890 -65.87 -34.67 -1.75
CA LEU D 890 -66.60 -33.47 -2.11
C LEU D 890 -67.71 -33.25 -1.12
N TYR D 891 -67.81 -32.04 -0.60
CA TYR D 891 -68.83 -31.69 0.36
C TYR D 891 -69.81 -30.68 -0.21
N GLU D 892 -71.07 -30.81 0.17
CA GLU D 892 -72.13 -29.89 -0.22
C GLU D 892 -72.60 -29.16 1.04
N TRP D 893 -72.82 -27.85 0.94
CA TRP D 893 -73.27 -27.05 2.08
C TRP D 893 -74.79 -27.12 2.17
N THR D 894 -75.30 -27.83 3.17
CA THR D 894 -76.74 -28.02 3.37
C THR D 894 -77.45 -26.73 3.82
N THR D 895 -78.78 -26.72 3.70
CA THR D 895 -79.59 -25.59 4.16
C THR D 895 -79.46 -25.43 5.69
N GLU D 896 -79.27 -26.53 6.43
CA GLU D 896 -79.08 -26.49 7.87
C GLU D 896 -77.68 -25.97 8.29
N LYS D 897 -76.90 -25.43 7.33
CA LYS D 897 -75.57 -24.87 7.53
C LYS D 897 -74.55 -25.89 8.00
N GLU D 898 -74.54 -27.05 7.35
CA GLU D 898 -73.61 -28.13 7.65
C GLU D 898 -72.95 -28.63 6.34
N LEU D 899 -72.12 -29.67 6.43
CA LEU D 899 -71.47 -30.24 5.26
C LEU D 899 -71.85 -31.70 5.10
N ARG D 900 -72.25 -32.08 3.90
CA ARG D 900 -72.67 -33.45 3.61
C ARG D 900 -71.79 -34.00 2.51
N THR D 901 -71.24 -35.20 2.72
CA THR D 901 -70.41 -35.87 1.71
C THR D 901 -71.28 -36.23 0.51
N GLU D 902 -70.75 -36.08 -0.71
CA GLU D 902 -71.50 -36.39 -1.91
C GLU D 902 -70.91 -37.61 -2.61
N CYS D 903 -69.60 -37.60 -2.83
CA CYS D 903 -68.89 -38.69 -3.49
C CYS D 903 -67.46 -38.83 -2.97
N ASN D 904 -66.84 -39.98 -3.21
CA ASN D 904 -65.48 -40.24 -2.76
C ASN D 904 -64.64 -40.87 -3.86
N HIS D 905 -63.32 -40.64 -3.79
CA HIS D 905 -62.41 -41.23 -4.75
C HIS D 905 -61.17 -41.68 -4.03
N TYR D 906 -60.98 -42.99 -3.98
CA TYR D 906 -59.83 -43.57 -3.29
C TYR D 906 -58.70 -43.67 -4.28
N ASN D 907 -57.75 -42.75 -4.17
CA ASN D 907 -56.63 -42.63 -5.08
C ASN D 907 -55.49 -43.58 -4.74
N ASN D 908 -54.73 -43.95 -5.77
CA ASN D 908 -53.57 -44.82 -5.66
C ASN D 908 -52.37 -44.13 -4.98
N ILE D 909 -52.43 -42.80 -4.75
CA ILE D 909 -51.34 -42.01 -4.14
C ILE D 909 -51.87 -41.06 -3.03
N MET D 910 -50.97 -40.38 -2.28
CA MET D 910 -51.38 -39.44 -1.24
C MET D 910 -51.74 -38.08 -1.85
N ALA D 911 -52.97 -37.64 -1.65
CA ALA D 911 -53.48 -36.40 -2.23
C ALA D 911 -52.99 -35.13 -1.53
N LEU D 912 -51.79 -34.67 -1.88
CA LEU D 912 -51.25 -33.45 -1.29
C LEU D 912 -51.72 -32.20 -2.04
N TYR D 913 -51.41 -32.11 -3.33
CA TYR D 913 -51.75 -30.94 -4.12
C TYR D 913 -53.09 -31.09 -4.79
N LEU D 914 -53.89 -30.02 -4.77
CA LEU D 914 -55.20 -30.02 -5.41
C LEU D 914 -55.42 -28.73 -6.17
N LYS D 915 -55.75 -28.84 -7.45
CA LYS D 915 -56.05 -27.69 -8.30
C LYS D 915 -57.28 -27.97 -9.16
N THR D 916 -58.02 -26.92 -9.55
CA THR D 916 -59.23 -27.09 -10.34
C THR D 916 -59.45 -26.02 -11.42
N LYS D 917 -60.23 -26.36 -12.43
CA LYS D 917 -60.61 -25.49 -13.53
C LYS D 917 -61.85 -26.08 -14.20
N GLY D 918 -62.99 -25.43 -14.04
CA GLY D 918 -64.24 -25.90 -14.57
C GLY D 918 -64.66 -27.18 -13.89
N ASP D 919 -64.78 -28.27 -14.64
CA ASP D 919 -65.10 -29.59 -14.07
C ASP D 919 -63.88 -30.52 -14.03
N PHE D 920 -62.66 -29.98 -14.18
CA PHE D 920 -61.42 -30.76 -14.16
C PHE D 920 -60.69 -30.53 -12.85
N ILE D 921 -60.14 -31.60 -12.26
CA ILE D 921 -59.40 -31.54 -11.00
C ILE D 921 -58.06 -32.24 -11.14
N LEU D 922 -56.98 -31.62 -10.67
CA LEU D 922 -55.64 -32.20 -10.71
C LEU D 922 -55.16 -32.52 -9.31
N VAL D 923 -54.73 -33.77 -9.10
CA VAL D 923 -54.24 -34.25 -7.82
C VAL D 923 -52.76 -34.60 -7.96
N GLY D 924 -51.95 -34.23 -6.97
CA GLY D 924 -50.53 -34.53 -7.01
C GLY D 924 -49.94 -34.95 -5.68
N ASP D 925 -48.94 -35.85 -5.70
CA ASP D 925 -48.28 -36.27 -4.45
C ASP D 925 -46.85 -35.69 -4.36
N LEU D 926 -46.13 -35.95 -3.26
CA LEU D 926 -44.79 -35.41 -3.05
C LEU D 926 -43.72 -36.00 -3.95
N MET D 927 -43.99 -37.12 -4.62
CA MET D 927 -43.02 -37.78 -5.48
C MET D 927 -43.43 -37.76 -6.95
N ARG D 928 -43.86 -36.57 -7.43
CA ARG D 928 -44.25 -36.26 -8.80
C ARG D 928 -45.30 -37.19 -9.42
N SER D 929 -45.99 -38.00 -8.60
CA SER D 929 -47.06 -38.86 -9.12
C SER D 929 -48.24 -37.93 -9.35
N VAL D 930 -48.64 -37.77 -10.61
CA VAL D 930 -49.71 -36.86 -11.00
C VAL D 930 -50.92 -37.65 -11.48
N LEU D 931 -52.12 -37.20 -11.12
CA LEU D 931 -53.37 -37.88 -11.48
C LEU D 931 -54.41 -36.82 -11.85
N LEU D 932 -55.23 -37.09 -12.87
CA LEU D 932 -56.28 -36.16 -13.27
C LEU D 932 -57.66 -36.79 -13.07
N LEU D 933 -58.58 -36.04 -12.52
CA LEU D 933 -59.95 -36.49 -12.28
C LEU D 933 -60.95 -35.51 -12.90
N ALA D 934 -62.15 -36.00 -13.17
CA ALA D 934 -63.22 -35.18 -13.72
C ALA D 934 -64.49 -35.51 -12.98
N TYR D 935 -65.09 -34.50 -12.35
CA TYR D 935 -66.34 -34.70 -11.63
C TYR D 935 -67.44 -34.77 -12.67
N LYS D 936 -68.15 -35.89 -12.70
CA LYS D 936 -69.24 -36.08 -13.65
C LYS D 936 -70.48 -35.50 -12.98
N PRO D 937 -71.04 -34.38 -13.48
CA PRO D 937 -72.20 -33.78 -12.80
C PRO D 937 -73.42 -34.70 -12.82
N MET D 938 -73.65 -35.32 -13.97
CA MET D 938 -74.72 -36.25 -14.27
C MET D 938 -74.65 -37.51 -13.41
N GLU D 939 -73.47 -38.10 -13.25
CA GLU D 939 -73.31 -39.32 -12.47
C GLU D 939 -73.12 -39.08 -10.98
N GLY D 940 -72.61 -37.90 -10.62
CA GLY D 940 -72.37 -37.54 -9.22
C GLY D 940 -71.19 -38.26 -8.61
N ASN D 941 -70.16 -38.54 -9.43
CA ASN D 941 -68.95 -39.21 -8.95
C ASN D 941 -67.69 -38.73 -9.73
N PHE D 942 -66.51 -39.33 -9.48
CA PHE D 942 -65.26 -38.97 -10.16
C PHE D 942 -64.86 -40.03 -11.20
N GLU D 943 -63.96 -39.65 -12.11
CA GLU D 943 -63.48 -40.56 -13.15
C GLU D 943 -62.00 -40.29 -13.37
N GLU D 944 -61.16 -41.34 -13.32
CA GLU D 944 -59.72 -41.15 -13.55
C GLU D 944 -59.48 -40.91 -15.03
N ILE D 945 -58.91 -39.76 -15.36
CA ILE D 945 -58.70 -39.36 -16.74
C ILE D 945 -57.33 -39.76 -17.28
N ALA D 946 -56.25 -39.33 -16.61
CA ALA D 946 -54.89 -39.63 -17.04
C ALA D 946 -53.92 -39.60 -15.84
N ARG D 947 -52.75 -40.24 -15.99
CA ARG D 947 -51.75 -40.26 -14.93
C ARG D 947 -50.32 -40.40 -15.48
N ASP D 948 -49.33 -39.99 -14.67
CA ASP D 948 -47.91 -40.10 -15.01
C ASP D 948 -47.13 -40.19 -13.71
N PHE D 949 -46.57 -41.37 -13.40
CA PHE D 949 -45.89 -41.62 -12.13
C PHE D 949 -44.36 -41.70 -12.21
N ASN D 950 -43.69 -40.56 -12.39
CA ASN D 950 -42.23 -40.52 -12.42
C ASN D 950 -41.82 -40.05 -11.03
N PRO D 951 -41.02 -40.83 -10.29
CA PRO D 951 -40.68 -40.44 -8.91
C PRO D 951 -39.58 -39.39 -8.76
N ASN D 952 -39.98 -38.17 -8.38
CA ASN D 952 -39.10 -37.03 -8.13
C ASN D 952 -39.81 -36.07 -7.18
N TRP D 953 -39.09 -35.47 -6.23
CA TRP D 953 -39.67 -34.59 -5.23
C TRP D 953 -40.42 -33.38 -5.77
N MET D 954 -41.76 -33.45 -5.82
CA MET D 954 -42.58 -32.34 -6.26
C MET D 954 -42.63 -31.27 -5.18
N SER D 955 -42.66 -29.99 -5.58
CA SER D 955 -42.68 -28.89 -4.62
C SER D 955 -43.98 -28.08 -4.68
N ALA D 956 -44.59 -27.98 -5.86
CA ALA D 956 -45.85 -27.26 -6.10
C ALA D 956 -46.40 -27.55 -7.51
N VAL D 957 -47.71 -27.33 -7.72
CA VAL D 957 -48.35 -27.56 -9.01
C VAL D 957 -49.42 -26.49 -9.32
N GLU D 958 -49.81 -26.36 -10.60
CA GLU D 958 -50.81 -25.40 -11.04
C GLU D 958 -51.34 -25.76 -12.43
N ILE D 959 -52.60 -25.44 -12.70
CA ILE D 959 -53.22 -25.68 -13.99
C ILE D 959 -53.03 -24.48 -14.90
N LEU D 960 -52.47 -24.71 -16.10
CA LEU D 960 -52.28 -23.64 -17.07
C LEU D 960 -53.60 -23.45 -17.81
N ASP D 961 -54.06 -24.49 -18.51
CA ASP D 961 -55.33 -24.50 -19.24
C ASP D 961 -55.94 -25.92 -19.19
N ASP D 962 -56.99 -26.19 -19.97
CA ASP D 962 -57.64 -27.50 -19.98
C ASP D 962 -56.78 -28.63 -20.58
N ASP D 963 -55.55 -28.33 -21.04
CA ASP D 963 -54.67 -29.34 -21.63
C ASP D 963 -53.23 -29.33 -21.08
N ASN D 964 -52.76 -28.19 -20.54
CA ASN D 964 -51.40 -28.10 -20.03
C ASN D 964 -51.39 -27.93 -18.51
N PHE D 965 -50.38 -28.51 -17.85
CA PHE D 965 -50.27 -28.46 -16.40
C PHE D 965 -48.81 -28.28 -16.00
N LEU D 966 -48.50 -27.23 -15.23
CA LEU D 966 -47.15 -26.91 -14.79
C LEU D 966 -46.91 -27.34 -13.34
N GLY D 967 -45.75 -27.95 -13.11
CA GLY D 967 -45.32 -28.36 -11.79
C GLY D 967 -43.84 -28.10 -11.58
N ALA D 968 -43.44 -27.90 -10.33
CA ALA D 968 -42.04 -27.70 -9.99
C ALA D 968 -41.58 -28.94 -9.24
N GLU D 969 -40.38 -29.43 -9.57
CA GLU D 969 -39.88 -30.65 -8.97
C GLU D 969 -38.40 -30.54 -8.52
N ASN D 970 -37.85 -31.67 -7.99
CA ASN D 970 -36.53 -31.78 -7.41
C ASN D 970 -35.45 -31.24 -8.33
N ALA D 971 -34.40 -30.73 -7.71
CA ALA D 971 -33.25 -30.08 -8.33
C ALA D 971 -33.63 -28.79 -9.03
N PHE D 972 -34.55 -28.03 -8.42
CA PHE D 972 -34.95 -26.69 -8.84
C PHE D 972 -35.46 -26.66 -10.27
N ASN D 973 -36.20 -27.70 -10.66
CA ASN D 973 -36.70 -27.85 -12.01
C ASN D 973 -38.19 -27.54 -12.16
N LEU D 974 -38.63 -27.29 -13.41
CA LEU D 974 -40.02 -27.04 -13.74
C LEU D 974 -40.40 -27.95 -14.91
N PHE D 975 -41.45 -28.72 -14.76
CA PHE D 975 -41.92 -29.62 -15.80
C PHE D 975 -43.38 -29.34 -16.14
N VAL D 976 -43.76 -29.55 -17.40
CA VAL D 976 -45.11 -29.33 -17.86
C VAL D 976 -45.63 -30.58 -18.56
N CYS D 977 -46.79 -31.08 -18.14
CA CYS D 977 -47.41 -32.24 -18.76
C CYS D 977 -48.62 -31.85 -19.60
N GLN D 978 -48.96 -32.68 -20.58
CA GLN D 978 -50.06 -32.40 -21.50
C GLN D 978 -50.89 -33.66 -21.76
N LYS D 979 -52.20 -33.51 -22.00
CA LYS D 979 -53.07 -34.65 -22.22
C LYS D 979 -53.62 -34.77 -23.64
N ASP D 980 -53.51 -33.71 -24.47
CA ASP D 980 -54.08 -33.76 -25.81
C ASP D 980 -53.22 -34.53 -26.83
N SER D 981 -53.26 -35.87 -26.74
CA SER D 981 -52.56 -36.71 -27.71
C SER D 981 -53.54 -37.20 -28.78
N ALA D 982 -54.54 -36.35 -29.15
CA ALA D 982 -55.62 -36.57 -30.11
C ALA D 982 -56.55 -37.76 -29.77
N ALA D 983 -56.28 -38.47 -28.66
CA ALA D 983 -57.02 -39.64 -28.18
C ALA D 983 -57.21 -40.73 -29.23
N THR D 984 -56.10 -41.14 -29.87
CA THR D 984 -56.12 -42.16 -30.91
C THR D 984 -56.37 -43.54 -30.28
N THR D 985 -55.64 -43.86 -29.21
CA THR D 985 -55.79 -45.13 -28.52
C THR D 985 -56.12 -44.94 -27.04
N ASP D 986 -56.70 -45.99 -26.41
CA ASP D 986 -57.10 -45.97 -25.01
C ASP D 986 -55.94 -45.60 -24.09
N GLU D 987 -54.74 -46.15 -24.36
CA GLU D 987 -53.57 -45.84 -23.54
C GLU D 987 -53.00 -44.47 -23.80
N GLU D 988 -53.24 -43.87 -24.98
CA GLU D 988 -52.74 -42.53 -25.27
C GLU D 988 -53.51 -41.49 -24.48
N ARG D 989 -54.85 -41.63 -24.40
CA ARG D 989 -55.65 -40.65 -23.68
C ARG D 989 -55.41 -40.71 -22.17
N GLN D 990 -55.18 -41.90 -21.62
CA GLN D 990 -54.93 -42.03 -20.19
C GLN D 990 -53.47 -41.77 -19.76
N HIS D 991 -52.63 -41.30 -20.68
CA HIS D 991 -51.23 -41.04 -20.35
C HIS D 991 -50.89 -39.57 -20.53
N LEU D 992 -50.03 -39.05 -19.64
CA LEU D 992 -49.60 -37.66 -19.70
C LEU D 992 -48.20 -37.60 -20.28
N GLN D 993 -47.98 -36.67 -21.21
CA GLN D 993 -46.68 -36.54 -21.85
C GLN D 993 -45.87 -35.41 -21.23
N GLU D 994 -44.63 -35.68 -20.83
CA GLU D 994 -43.76 -34.64 -20.28
C GLU D 994 -43.27 -33.81 -21.45
N VAL D 995 -44.07 -32.81 -21.86
CA VAL D 995 -43.78 -31.97 -23.01
C VAL D 995 -42.94 -30.74 -22.71
N GLY D 996 -42.67 -30.46 -21.44
CA GLY D 996 -41.86 -29.32 -21.05
C GLY D 996 -40.93 -29.61 -19.91
N LEU D 997 -39.64 -29.28 -20.06
CA LEU D 997 -38.63 -29.48 -19.03
C LEU D 997 -37.74 -28.25 -18.97
N PHE D 998 -37.36 -27.82 -17.77
CA PHE D 998 -36.53 -26.64 -17.58
C PHE D 998 -35.89 -26.63 -16.20
N HIS D 999 -34.73 -25.98 -16.08
CA HIS D 999 -34.06 -25.82 -14.80
C HIS D 999 -34.17 -24.36 -14.40
N LEU D 1000 -34.97 -24.09 -13.39
CA LEU D 1000 -35.19 -22.73 -12.92
C LEU D 1000 -34.07 -22.22 -12.02
N GLY D 1001 -33.54 -23.11 -11.19
CA GLY D 1001 -32.52 -22.72 -10.23
C GLY D 1001 -33.12 -22.22 -8.92
N GLU D 1002 -34.45 -22.31 -8.76
CA GLU D 1002 -35.16 -21.90 -7.56
C GLU D 1002 -36.12 -22.97 -7.07
N PHE D 1003 -36.44 -22.94 -5.77
CA PHE D 1003 -37.35 -23.91 -5.18
C PHE D 1003 -38.72 -23.26 -5.04
N VAL D 1004 -39.63 -23.52 -5.99
CA VAL D 1004 -40.96 -22.93 -5.97
C VAL D 1004 -41.82 -23.54 -4.87
N ASN D 1005 -42.68 -22.72 -4.26
CA ASN D 1005 -43.56 -23.19 -3.20
C ASN D 1005 -45.02 -22.85 -3.43
N VAL D 1006 -45.30 -21.81 -4.22
CA VAL D 1006 -46.68 -21.39 -4.45
C VAL D 1006 -46.90 -20.84 -5.84
N PHE D 1007 -48.09 -21.09 -6.38
CA PHE D 1007 -48.51 -20.57 -7.67
C PHE D 1007 -49.80 -19.78 -7.51
N CYS D 1008 -49.97 -18.77 -8.36
CA CYS D 1008 -51.17 -17.96 -8.35
C CYS D 1008 -51.56 -17.51 -9.76
N HIS D 1009 -52.83 -17.14 -9.93
CA HIS D 1009 -53.31 -16.68 -11.22
C HIS D 1009 -53.56 -15.18 -11.14
N GLY D 1010 -53.08 -14.47 -12.14
CA GLY D 1010 -53.22 -13.02 -12.21
C GLY D 1010 -51.93 -12.34 -12.64
N SER D 1011 -51.94 -11.00 -12.60
CA SER D 1011 -50.77 -10.22 -12.99
C SER D 1011 -50.69 -8.91 -12.23
N LEU D 1012 -49.52 -8.27 -12.24
CA LEU D 1012 -49.33 -7.01 -11.56
C LEU D 1012 -49.43 -5.78 -12.46
N VAL D 1013 -49.56 -5.97 -13.79
CA VAL D 1013 -49.68 -4.86 -14.71
C VAL D 1013 -51.14 -4.47 -14.95
N MET D 1014 -51.37 -3.18 -15.23
CA MET D 1014 -52.70 -2.63 -15.49
C MET D 1014 -53.35 -3.32 -16.67
N GLN D 1015 -54.37 -4.14 -16.41
CA GLN D 1015 -55.06 -4.86 -17.48
C GLN D 1015 -56.05 -3.94 -18.18
N SER D 1021 -54.37 -7.65 -29.20
CA SER D 1021 -53.25 -8.22 -29.96
C SER D 1021 -52.08 -8.52 -29.03
N THR D 1022 -52.35 -9.15 -27.89
CA THR D 1022 -51.31 -9.51 -26.94
C THR D 1022 -50.65 -10.82 -27.32
N PRO D 1023 -49.32 -10.88 -27.32
CA PRO D 1023 -48.64 -12.13 -27.70
C PRO D 1023 -48.66 -13.21 -26.63
N THR D 1024 -48.92 -12.83 -25.36
CA THR D 1024 -48.95 -13.77 -24.24
C THR D 1024 -50.36 -14.14 -23.86
N GLN D 1025 -50.62 -15.45 -23.74
CA GLN D 1025 -51.92 -15.97 -23.33
C GLN D 1025 -51.75 -16.61 -21.97
N GLY D 1026 -52.56 -16.19 -21.02
CA GLY D 1026 -52.47 -16.72 -19.67
C GLY D 1026 -51.43 -15.98 -18.83
N SER D 1027 -51.50 -16.16 -17.51
CA SER D 1027 -50.59 -15.50 -16.59
C SER D 1027 -50.57 -16.23 -15.26
N VAL D 1028 -49.41 -16.79 -14.89
CA VAL D 1028 -49.25 -17.52 -13.65
C VAL D 1028 -48.04 -17.04 -12.88
N LEU D 1029 -48.26 -16.44 -11.71
CA LEU D 1029 -47.17 -15.98 -10.86
C LEU D 1029 -46.70 -17.10 -9.95
N PHE D 1030 -45.43 -17.07 -9.53
CA PHE D 1030 -44.89 -18.08 -8.63
C PHE D 1030 -43.90 -17.50 -7.65
N GLY D 1031 -43.88 -18.05 -6.45
CA GLY D 1031 -42.99 -17.64 -5.39
C GLY D 1031 -42.03 -18.76 -5.02
N THR D 1032 -40.80 -18.40 -4.62
CA THR D 1032 -39.73 -19.33 -4.30
C THR D 1032 -39.24 -19.20 -2.83
N VAL D 1033 -38.22 -19.99 -2.42
CA VAL D 1033 -37.62 -19.94 -1.09
C VAL D 1033 -36.61 -18.79 -0.98
N ASN D 1034 -35.95 -18.42 -2.09
CA ASN D 1034 -34.96 -17.35 -2.07
C ASN D 1034 -35.55 -15.95 -2.31
N GLY D 1035 -36.85 -15.77 -2.11
CA GLY D 1035 -37.50 -14.48 -2.31
C GLY D 1035 -37.71 -14.06 -3.73
N MET D 1036 -37.36 -14.93 -4.68
CA MET D 1036 -37.51 -14.63 -6.10
C MET D 1036 -38.97 -14.86 -6.49
N ILE D 1037 -39.51 -13.94 -7.30
CA ILE D 1037 -40.86 -14.03 -7.80
C ILE D 1037 -40.78 -14.01 -9.32
N GLY D 1038 -41.53 -14.89 -9.95
CA GLY D 1038 -41.52 -14.98 -11.41
C GLY D 1038 -42.89 -15.11 -12.02
N LEU D 1039 -42.95 -14.95 -13.34
CA LEU D 1039 -44.19 -15.04 -14.08
C LEU D 1039 -43.99 -15.99 -15.24
N VAL D 1040 -44.96 -16.91 -15.43
CA VAL D 1040 -44.94 -17.86 -16.52
C VAL D 1040 -46.22 -17.70 -17.33
N THR D 1041 -46.10 -17.74 -18.66
CA THR D 1041 -47.22 -17.61 -19.57
C THR D 1041 -47.08 -18.58 -20.75
N SER D 1042 -48.12 -18.73 -21.57
CA SER D 1042 -48.06 -19.60 -22.74
C SER D 1042 -47.86 -18.76 -23.99
N LEU D 1043 -47.19 -19.33 -25.00
CA LEU D 1043 -46.91 -18.63 -26.26
C LEU D 1043 -47.50 -19.39 -27.46
N SER D 1044 -47.44 -18.77 -28.65
CA SER D 1044 -47.88 -19.42 -29.89
C SER D 1044 -46.67 -20.12 -30.53
N GLU D 1045 -46.93 -21.00 -31.52
CA GLU D 1045 -45.87 -21.75 -32.17
C GLU D 1045 -44.83 -20.86 -32.84
N SER D 1046 -45.27 -19.87 -33.65
CA SER D 1046 -44.38 -18.96 -34.34
C SER D 1046 -43.51 -18.15 -33.38
N TRP D 1047 -44.13 -17.62 -32.32
CA TRP D 1047 -43.38 -16.84 -31.33
C TRP D 1047 -42.34 -17.67 -30.62
N TYR D 1048 -42.66 -18.94 -30.33
CA TYR D 1048 -41.74 -19.84 -29.67
C TYR D 1048 -40.52 -20.10 -30.55
N ASN D 1049 -40.75 -20.38 -31.85
CA ASN D 1049 -39.66 -20.66 -32.79
C ASN D 1049 -38.73 -19.46 -32.95
N LEU D 1050 -39.29 -18.25 -33.07
CA LEU D 1050 -38.50 -17.04 -33.21
C LEU D 1050 -37.66 -16.78 -31.97
N LEU D 1051 -38.25 -16.95 -30.79
CA LEU D 1051 -37.55 -16.71 -29.53
C LEU D 1051 -36.48 -17.74 -29.25
N LEU D 1052 -36.65 -18.98 -29.70
CA LEU D 1052 -35.65 -20.02 -29.51
C LEU D 1052 -34.45 -19.77 -30.41
N ASP D 1053 -34.69 -19.34 -31.64
CA ASP D 1053 -33.61 -18.99 -32.57
C ASP D 1053 -32.83 -17.80 -32.01
N MET D 1054 -33.55 -16.82 -31.43
CA MET D 1054 -32.98 -15.64 -30.81
C MET D 1054 -32.12 -16.02 -29.61
N GLN D 1055 -32.56 -17.03 -28.82
CA GLN D 1055 -31.82 -17.53 -27.67
C GLN D 1055 -30.44 -18.05 -28.07
N ASN D 1056 -30.39 -18.86 -29.15
CA ASN D 1056 -29.14 -19.43 -29.62
C ASN D 1056 -28.19 -18.35 -30.15
N ARG D 1057 -28.73 -17.37 -30.89
CA ARG D 1057 -27.93 -16.27 -31.43
C ARG D 1057 -27.43 -15.34 -30.34
N LEU D 1058 -28.20 -15.16 -29.26
CA LEU D 1058 -27.82 -14.31 -28.14
C LEU D 1058 -26.70 -14.95 -27.34
N ASN D 1059 -26.77 -16.27 -27.14
CA ASN D 1059 -25.73 -16.98 -26.39
C ASN D 1059 -24.35 -16.86 -27.04
N LYS D 1060 -24.31 -16.73 -28.36
CA LYS D 1060 -23.06 -16.60 -29.08
C LYS D 1060 -22.38 -15.25 -28.85
N VAL D 1061 -23.14 -14.22 -28.44
CA VAL D 1061 -22.56 -12.89 -28.24
C VAL D 1061 -22.47 -12.45 -26.78
N ILE D 1062 -23.43 -12.83 -25.92
CA ILE D 1062 -23.40 -12.41 -24.52
C ILE D 1062 -22.29 -13.10 -23.75
N LYS D 1063 -21.49 -12.32 -23.02
CA LYS D 1063 -20.42 -12.88 -22.22
C LYS D 1063 -21.00 -13.50 -20.96
N SER D 1064 -20.69 -14.78 -20.72
CA SER D 1064 -21.20 -15.49 -19.57
C SER D 1064 -20.28 -15.28 -18.38
N VAL D 1065 -20.87 -15.12 -17.19
CA VAL D 1065 -20.09 -14.94 -15.98
C VAL D 1065 -19.47 -16.28 -15.61
N GLY D 1066 -18.17 -16.40 -15.87
CA GLY D 1066 -17.44 -17.63 -15.61
C GLY D 1066 -17.35 -18.56 -16.81
N LYS D 1067 -17.73 -18.06 -18.02
CA LYS D 1067 -17.71 -18.81 -19.28
C LYS D 1067 -18.50 -20.12 -19.20
N ILE D 1068 -19.74 -20.04 -18.69
CA ILE D 1068 -20.61 -21.19 -18.55
C ILE D 1068 -21.71 -21.13 -19.61
N GLU D 1069 -21.83 -22.19 -20.42
CA GLU D 1069 -22.83 -22.26 -21.49
C GLU D 1069 -24.24 -22.14 -20.92
N HIS D 1070 -25.04 -21.22 -21.48
CA HIS D 1070 -26.42 -21.00 -21.03
C HIS D 1070 -27.28 -22.24 -21.24
N SER D 1071 -27.03 -22.99 -22.32
CA SER D 1071 -27.77 -24.21 -22.63
C SER D 1071 -27.58 -25.25 -21.53
N PHE D 1072 -26.40 -25.32 -20.93
CA PHE D 1072 -26.12 -26.27 -19.85
C PHE D 1072 -26.74 -25.81 -18.53
N TRP D 1073 -26.77 -24.48 -18.28
CA TRP D 1073 -27.34 -23.94 -17.05
C TRP D 1073 -28.85 -24.14 -17.00
N ARG D 1074 -29.53 -24.01 -18.13
CA ARG D 1074 -30.97 -24.20 -18.17
C ARG D 1074 -31.38 -25.63 -18.52
N SER D 1075 -30.51 -26.61 -18.28
CA SER D 1075 -30.81 -28.00 -18.57
C SER D 1075 -31.36 -28.70 -17.36
N PHE D 1076 -32.49 -29.41 -17.53
CA PHE D 1076 -33.13 -30.23 -16.50
C PHE D 1076 -32.10 -31.18 -15.92
N HIS D 1077 -31.79 -31.03 -14.65
CA HIS D 1077 -30.72 -31.81 -14.02
C HIS D 1077 -31.17 -32.50 -12.75
N THR D 1078 -30.82 -33.77 -12.62
CA THR D 1078 -31.01 -34.60 -11.44
C THR D 1078 -29.71 -35.42 -11.25
N GLU D 1079 -29.53 -36.07 -10.09
CA GLU D 1079 -28.34 -36.86 -9.84
C GLU D 1079 -28.20 -38.08 -10.77
N ARG D 1080 -29.26 -38.47 -11.47
CA ARG D 1080 -29.20 -39.61 -12.37
C ARG D 1080 -29.32 -39.25 -13.86
N LYS D 1081 -30.09 -38.20 -14.18
CA LYS D 1081 -30.30 -37.82 -15.58
C LYS D 1081 -30.26 -36.31 -15.78
N THR D 1082 -29.64 -35.87 -16.88
CA THR D 1082 -29.52 -34.46 -17.22
C THR D 1082 -29.94 -34.24 -18.68
N GLU D 1083 -31.14 -33.69 -18.89
CA GLU D 1083 -31.70 -33.44 -20.21
C GLU D 1083 -31.76 -31.94 -20.52
N PRO D 1084 -31.74 -31.54 -21.80
CA PRO D 1084 -31.83 -30.10 -22.12
C PRO D 1084 -33.25 -29.57 -22.08
N ALA D 1085 -33.39 -28.24 -21.94
CA ALA D 1085 -34.70 -27.59 -21.88
C ALA D 1085 -35.50 -27.72 -23.16
N THR D 1086 -36.79 -28.02 -23.01
CA THR D 1086 -37.74 -28.15 -24.11
C THR D 1086 -39.07 -27.53 -23.72
N GLY D 1087 -39.71 -26.85 -24.67
CA GLY D 1087 -41.00 -26.22 -24.42
C GLY D 1087 -40.95 -25.01 -23.52
N PHE D 1088 -39.78 -24.37 -23.42
CA PHE D 1088 -39.60 -23.20 -22.56
C PHE D 1088 -38.73 -22.14 -23.21
N ILE D 1089 -38.92 -20.87 -22.80
CA ILE D 1089 -38.14 -19.73 -23.28
C ILE D 1089 -37.68 -18.91 -22.07
N ASP D 1090 -36.37 -18.76 -21.89
CA ASP D 1090 -35.84 -17.99 -20.78
C ASP D 1090 -36.10 -16.50 -21.03
N GLY D 1091 -36.94 -15.92 -20.20
CA GLY D 1091 -37.33 -14.52 -20.32
C GLY D 1091 -36.22 -13.55 -20.02
N ASP D 1092 -35.34 -13.89 -19.06
CA ASP D 1092 -34.22 -13.03 -18.68
C ASP D 1092 -33.24 -12.85 -19.82
N LEU D 1093 -32.95 -13.92 -20.55
CA LEU D 1093 -32.04 -13.89 -21.70
C LEU D 1093 -32.66 -13.08 -22.85
N ILE D 1094 -33.96 -13.21 -23.05
CA ILE D 1094 -34.67 -12.46 -24.10
C ILE D 1094 -34.68 -10.97 -23.76
N GLU D 1095 -34.90 -10.63 -22.49
CA GLU D 1095 -34.92 -9.24 -22.06
C GLU D 1095 -33.53 -8.61 -22.07
N SER D 1096 -32.48 -9.42 -21.88
CA SER D 1096 -31.09 -8.93 -21.90
C SER D 1096 -30.64 -8.40 -23.27
N PHE D 1097 -31.47 -8.55 -24.31
CA PHE D 1097 -31.15 -8.05 -25.65
C PHE D 1097 -31.14 -6.51 -25.66
N LEU D 1098 -32.00 -5.86 -24.86
CA LEU D 1098 -32.07 -4.41 -24.81
C LEU D 1098 -30.88 -3.74 -24.12
N ASP D 1099 -30.17 -4.46 -23.26
CA ASP D 1099 -29.05 -3.90 -22.50
C ASP D 1099 -27.71 -3.88 -23.22
N ILE D 1100 -27.51 -4.77 -24.20
CA ILE D 1100 -26.25 -4.84 -24.94
C ILE D 1100 -26.05 -3.65 -25.89
N SER D 1101 -24.81 -3.44 -26.35
CA SER D 1101 -24.48 -2.37 -27.27
C SER D 1101 -25.15 -2.58 -28.63
N ARG D 1102 -25.29 -1.49 -29.41
CA ARG D 1102 -25.91 -1.52 -30.73
C ARG D 1102 -25.14 -2.38 -31.76
N PRO D 1103 -23.79 -2.36 -31.83
CA PRO D 1103 -23.10 -3.24 -32.78
C PRO D 1103 -23.41 -4.71 -32.55
N LYS D 1104 -23.53 -5.12 -31.27
CA LYS D 1104 -23.87 -6.49 -30.91
C LYS D 1104 -25.33 -6.79 -31.21
N MET D 1105 -26.22 -5.80 -31.07
CA MET D 1105 -27.64 -5.92 -31.41
C MET D 1105 -27.77 -6.25 -32.90
N GLN D 1106 -26.96 -5.59 -33.76
CA GLN D 1106 -26.95 -5.82 -35.20
C GLN D 1106 -26.43 -7.21 -35.56
N GLU D 1107 -25.43 -7.69 -34.82
CA GLU D 1107 -24.85 -9.01 -35.01
C GLU D 1107 -25.89 -10.10 -34.73
N VAL D 1108 -26.73 -9.89 -33.71
CA VAL D 1108 -27.77 -10.84 -33.33
C VAL D 1108 -28.86 -10.95 -34.40
N VAL D 1109 -29.36 -9.81 -34.89
CA VAL D 1109 -30.42 -9.79 -35.89
C VAL D 1109 -29.93 -9.97 -37.33
N ALA D 1110 -28.69 -10.46 -37.52
CA ALA D 1110 -28.15 -10.67 -38.86
C ALA D 1110 -28.71 -11.98 -39.43
N ASN D 1111 -29.95 -11.95 -39.93
CA ASN D 1111 -30.61 -13.12 -40.49
C ASN D 1111 -29.96 -13.55 -41.81
N THR D 1125 -32.65 -4.04 -38.91
CA THR D 1125 -33.79 -4.68 -38.24
C THR D 1125 -33.64 -4.78 -36.72
N ALA D 1126 -32.67 -4.06 -36.12
CA ALA D 1126 -32.46 -4.09 -34.67
C ALA D 1126 -33.59 -3.41 -33.90
N ASP D 1127 -34.12 -2.33 -34.46
CA ASP D 1127 -35.20 -1.56 -33.83
C ASP D 1127 -36.53 -2.31 -33.79
N ASP D 1128 -36.77 -3.19 -34.77
CA ASP D 1128 -38.00 -3.99 -34.81
C ASP D 1128 -38.00 -4.98 -33.65
N LEU D 1129 -36.85 -5.62 -33.38
CA LEU D 1129 -36.72 -6.57 -32.28
C LEU D 1129 -36.81 -5.87 -30.93
N ILE D 1130 -36.36 -4.60 -30.84
CA ILE D 1130 -36.46 -3.81 -29.62
C ILE D 1130 -37.93 -3.62 -29.24
N LYS D 1131 -38.79 -3.35 -30.25
CA LYS D 1131 -40.23 -3.18 -30.02
C LYS D 1131 -40.88 -4.47 -29.50
N VAL D 1132 -40.46 -5.63 -30.03
CA VAL D 1132 -40.97 -6.93 -29.62
C VAL D 1132 -40.60 -7.21 -28.16
N VAL D 1133 -39.34 -6.98 -27.79
CA VAL D 1133 -38.86 -7.20 -26.43
C VAL D 1133 -39.52 -6.23 -25.44
N GLU D 1134 -39.82 -5.00 -25.88
CA GLU D 1134 -40.50 -4.03 -25.02
C GLU D 1134 -41.91 -4.49 -24.71
N GLU D 1135 -42.62 -5.02 -25.71
CA GLU D 1135 -43.98 -5.54 -25.52
C GLU D 1135 -43.96 -6.72 -24.53
N LEU D 1136 -42.90 -7.54 -24.60
CA LEU D 1136 -42.72 -8.66 -23.69
C LEU D 1136 -42.50 -8.16 -22.26
N THR D 1137 -41.62 -7.16 -22.06
CA THR D 1137 -41.33 -6.63 -20.73
C THR D 1137 -42.55 -6.00 -20.06
N ARG D 1138 -43.52 -5.52 -20.85
CA ARG D 1138 -44.74 -4.89 -20.31
C ARG D 1138 -45.71 -5.88 -19.64
N ILE D 1139 -45.31 -7.14 -19.42
CA ILE D 1139 -46.19 -8.11 -18.78
C ILE D 1139 -45.95 -8.20 -17.25
N HIS D 1140 -44.86 -7.62 -16.74
CA HIS D 1140 -44.55 -7.65 -15.30
C HIS D 1140 -44.05 -6.29 -14.81
N ILE E 1 -40.89 -72.53 20.49
CA ILE E 1 -40.19 -71.87 19.39
C ILE E 1 -38.74 -72.39 19.36
N ASN E 2 -38.51 -73.54 18.69
CA ASN E 2 -37.18 -74.14 18.61
C ASN E 2 -36.97 -74.98 17.34
N PHE E 3 -37.66 -74.63 16.26
CA PHE E 3 -37.60 -75.37 15.01
C PHE E 3 -36.25 -75.26 14.26
N ASP E 4 -35.84 -74.03 13.93
CA ASP E 4 -34.65 -73.61 13.17
C ASP E 4 -35.10 -72.96 11.88
N THR E 5 -35.09 -71.64 11.86
CA THR E 5 -35.50 -70.84 10.71
C THR E 5 -34.61 -70.99 9.47
N SER E 6 -33.41 -71.57 9.63
CA SER E 6 -32.50 -71.75 8.50
C SER E 6 -32.74 -73.03 7.69
N LEU E 7 -33.59 -73.95 8.19
CA LEU E 7 -33.89 -75.19 7.48
C LEU E 7 -34.63 -74.98 6.15
N PRO E 8 -35.73 -74.19 6.11
CA PRO E 8 -36.46 -74.03 4.84
C PRO E 8 -35.73 -73.21 3.80
N THR E 9 -34.96 -72.18 4.20
CA THR E 9 -34.20 -71.35 3.25
C THR E 9 -33.25 -72.17 2.38
N SER E 10 -32.73 -73.27 2.92
CA SER E 10 -31.82 -74.14 2.19
C SER E 10 -32.53 -75.06 1.19
N HIS E 11 -33.84 -75.31 1.38
CA HIS E 11 -34.64 -76.19 0.54
C HIS E 11 -34.04 -77.59 0.51
N THR E 12 -33.88 -78.18 1.70
CA THR E 12 -33.29 -79.51 1.90
C THR E 12 -34.04 -80.62 1.20
N TYR E 13 -35.35 -80.43 0.97
CA TYR E 13 -36.22 -81.41 0.31
C TYR E 13 -35.80 -81.73 -1.13
N LEU E 14 -34.98 -80.88 -1.75
CA LEU E 14 -34.52 -81.10 -3.13
C LEU E 14 -33.42 -82.16 -3.27
N GLY E 15 -32.85 -82.62 -2.15
CA GLY E 15 -31.84 -83.66 -2.18
C GLY E 15 -30.40 -83.20 -2.03
N ALA E 16 -29.49 -83.90 -2.71
CA ALA E 16 -28.05 -83.64 -2.68
C ALA E 16 -27.70 -82.22 -3.14
N ASP E 17 -26.55 -81.72 -2.67
CA ASP E 17 -26.05 -80.38 -2.97
C ASP E 17 -25.97 -80.09 -4.46
N MET E 18 -26.27 -78.85 -4.84
CA MET E 18 -26.27 -78.43 -6.24
C MET E 18 -25.01 -77.68 -6.64
N GLU E 19 -24.75 -77.61 -7.96
CA GLU E 19 -23.62 -76.87 -8.52
C GLU E 19 -23.98 -75.38 -8.49
N GLU E 20 -23.36 -74.64 -7.58
CA GLU E 20 -23.66 -73.22 -7.42
C GLU E 20 -22.91 -72.31 -8.37
N PHE E 21 -23.54 -71.19 -8.73
CA PHE E 21 -22.98 -70.13 -9.55
C PHE E 21 -23.14 -68.82 -8.77
N HIS E 22 -22.14 -67.96 -8.81
CA HIS E 22 -22.19 -66.69 -8.07
C HIS E 22 -21.95 -65.44 -8.91
N GLY E 23 -21.59 -65.61 -10.18
CA GLY E 23 -21.37 -64.50 -11.08
C GLY E 23 -22.68 -63.77 -11.35
N ARG E 24 -22.70 -62.46 -11.11
CA ARG E 24 -23.93 -61.69 -11.29
C ARG E 24 -24.00 -60.96 -12.61
N THR E 25 -24.97 -61.35 -13.44
CA THR E 25 -25.20 -60.73 -14.73
C THR E 25 -26.30 -59.69 -14.58
N LEU E 26 -25.95 -58.42 -14.71
CA LEU E 26 -26.91 -57.33 -14.58
C LEU E 26 -26.84 -56.41 -15.78
N HIS E 27 -27.94 -56.28 -16.52
CA HIS E 27 -28.00 -55.44 -17.71
C HIS E 27 -28.16 -53.97 -17.35
N ASP E 28 -27.90 -53.07 -18.31
CA ASP E 28 -28.05 -51.63 -18.08
C ASP E 28 -29.53 -51.26 -17.95
N ASP E 29 -29.81 -50.13 -17.31
CA ASP E 29 -31.18 -49.66 -17.15
C ASP E 29 -31.73 -49.13 -18.45
N ASP E 30 -33.00 -49.41 -18.74
CA ASP E 30 -33.69 -49.03 -19.97
C ASP E 30 -33.18 -49.77 -21.22
N SER E 31 -32.28 -50.74 -21.06
CA SER E 31 -31.74 -51.52 -22.18
C SER E 31 -32.75 -52.55 -22.67
N CYS E 32 -32.71 -52.86 -23.96
CA CYS E 32 -33.64 -53.83 -24.54
C CYS E 32 -33.01 -55.21 -24.62
N GLN E 33 -33.59 -56.19 -23.92
CA GLN E 33 -33.06 -57.55 -23.90
C GLN E 33 -34.11 -58.58 -24.35
N VAL E 34 -33.68 -59.56 -25.13
CA VAL E 34 -34.55 -60.63 -25.59
C VAL E 34 -34.19 -61.83 -24.76
N ILE E 35 -35.11 -62.25 -23.92
CA ILE E 35 -34.87 -63.35 -22.99
C ILE E 35 -35.96 -64.40 -23.08
N PRO E 36 -35.58 -65.68 -22.93
CA PRO E 36 -36.59 -66.73 -22.99
C PRO E 36 -37.45 -66.78 -21.73
N VAL E 37 -38.66 -67.33 -21.86
CA VAL E 37 -39.61 -67.45 -20.75
C VAL E 37 -39.90 -68.92 -20.50
N LEU E 38 -40.02 -69.30 -19.22
CA LEU E 38 -40.38 -70.67 -18.88
C LEU E 38 -41.90 -70.80 -18.99
N PRO E 39 -42.40 -71.88 -19.60
CA PRO E 39 -43.85 -72.01 -19.80
C PRO E 39 -44.68 -72.27 -18.55
N GLN E 40 -44.34 -73.28 -17.73
CA GLN E 40 -45.14 -73.63 -16.56
C GLN E 40 -44.91 -72.77 -15.32
N VAL E 41 -44.26 -71.60 -15.46
CA VAL E 41 -44.03 -70.73 -14.32
C VAL E 41 -45.11 -69.67 -14.21
N MET E 42 -46.12 -69.95 -13.39
CA MET E 42 -47.25 -69.03 -13.19
C MET E 42 -47.07 -68.08 -12.00
N MET E 43 -45.88 -68.04 -11.38
CA MET E 43 -45.64 -67.20 -10.22
C MET E 43 -45.20 -65.79 -10.59
N ILE E 44 -45.51 -64.79 -9.76
CA ILE E 44 -45.07 -63.42 -10.00
C ILE E 44 -43.86 -63.17 -9.11
N LEU E 45 -42.67 -63.24 -9.69
CA LEU E 45 -41.40 -63.09 -8.98
C LEU E 45 -41.07 -61.66 -8.56
N ILE E 46 -40.38 -61.51 -7.42
CA ILE E 46 -39.92 -60.24 -6.89
C ILE E 46 -38.40 -60.27 -6.82
N PRO E 47 -37.70 -59.17 -7.17
CA PRO E 47 -36.23 -59.18 -7.06
C PRO E 47 -35.75 -59.53 -5.66
N GLY E 48 -34.78 -60.42 -5.58
CA GLY E 48 -34.24 -60.90 -4.31
C GLY E 48 -34.95 -62.10 -3.73
N GLN E 49 -36.03 -62.56 -4.38
CA GLN E 49 -36.81 -63.70 -3.91
C GLN E 49 -36.26 -64.99 -4.47
N THR E 50 -36.12 -66.00 -3.63
CA THR E 50 -35.63 -67.31 -4.05
C THR E 50 -36.77 -68.08 -4.70
N LEU E 51 -36.49 -68.74 -5.83
CA LEU E 51 -37.48 -69.51 -6.57
C LEU E 51 -36.95 -70.89 -6.97
N PRO E 52 -37.46 -71.95 -6.33
CA PRO E 52 -37.03 -73.31 -6.69
C PRO E 52 -37.91 -73.87 -7.81
N LEU E 53 -37.33 -74.68 -8.69
CA LEU E 53 -38.06 -75.27 -9.81
C LEU E 53 -37.60 -76.70 -10.07
N GLN E 54 -38.54 -77.57 -10.45
CA GLN E 54 -38.24 -78.95 -10.82
C GLN E 54 -38.86 -79.15 -12.18
N LEU E 55 -38.03 -79.26 -13.22
CA LEU E 55 -38.53 -79.37 -14.59
C LEU E 55 -38.41 -80.78 -15.14
N PHE E 56 -39.43 -81.19 -15.92
CA PHE E 56 -39.56 -82.54 -16.45
C PHE E 56 -39.58 -82.58 -17.96
N HIS E 57 -40.34 -81.66 -18.62
CA HIS E 57 -40.48 -81.60 -20.07
C HIS E 57 -39.11 -81.47 -20.74
N PRO E 58 -38.86 -82.18 -21.85
CA PRO E 58 -37.54 -82.10 -22.50
C PRO E 58 -37.18 -80.70 -22.99
N GLN E 59 -38.19 -79.90 -23.38
CA GLN E 59 -37.97 -78.54 -23.87
C GLN E 59 -37.43 -77.66 -22.75
N GLU E 60 -37.99 -77.80 -21.54
CA GLU E 60 -37.57 -77.03 -20.39
C GLU E 60 -36.12 -77.40 -20.04
N VAL E 61 -35.80 -78.70 -20.03
CA VAL E 61 -34.46 -79.17 -19.72
C VAL E 61 -33.45 -78.68 -20.75
N SER E 62 -33.84 -78.66 -22.03
CA SER E 62 -32.97 -78.20 -23.10
C SER E 62 -32.69 -76.71 -22.97
N MET E 63 -33.71 -75.92 -22.62
CA MET E 63 -33.55 -74.48 -22.43
C MET E 63 -32.61 -74.21 -21.25
N VAL E 64 -32.75 -74.97 -20.17
CA VAL E 64 -31.90 -74.85 -18.98
C VAL E 64 -30.45 -75.16 -19.33
N ARG E 65 -30.23 -76.24 -20.10
CA ARG E 65 -28.89 -76.61 -20.52
C ARG E 65 -28.25 -75.53 -21.38
N ASN E 66 -29.04 -74.93 -22.27
CA ASN E 66 -28.55 -73.85 -23.12
C ASN E 66 -28.22 -72.61 -22.30
N LEU E 67 -28.97 -72.33 -21.22
CA LEU E 67 -28.72 -71.18 -20.37
C LEU E 67 -27.57 -71.37 -19.40
N ILE E 68 -27.28 -72.61 -18.96
CA ILE E 68 -26.20 -72.87 -18.00
C ILE E 68 -24.84 -72.37 -18.54
N GLN E 69 -24.63 -72.47 -19.85
CA GLN E 69 -23.39 -72.03 -20.50
C GLN E 69 -23.42 -70.54 -20.85
N LYS E 70 -24.61 -69.98 -21.11
CA LYS E 70 -24.75 -68.57 -21.46
C LYS E 70 -24.78 -67.66 -20.20
N ASP E 71 -25.75 -66.75 -20.05
CA ASP E 71 -25.84 -65.83 -18.92
C ASP E 71 -26.64 -66.36 -17.72
N ARG E 72 -27.23 -67.56 -17.83
CA ARG E 72 -28.05 -68.21 -16.80
C ARG E 72 -29.24 -67.38 -16.35
N THR E 73 -29.72 -66.49 -17.22
CA THR E 73 -30.81 -65.60 -16.88
C THR E 73 -31.99 -65.84 -17.79
N PHE E 74 -33.15 -66.02 -17.18
CA PHE E 74 -34.40 -66.19 -17.91
C PHE E 74 -35.44 -65.19 -17.38
N ALA E 75 -36.62 -65.15 -17.99
CA ALA E 75 -37.65 -64.22 -17.58
C ALA E 75 -38.84 -64.93 -16.95
N VAL E 76 -39.50 -64.21 -16.04
CA VAL E 76 -40.70 -64.69 -15.37
C VAL E 76 -41.78 -63.64 -15.54
N LEU E 77 -42.74 -63.95 -16.39
CA LEU E 77 -43.82 -63.03 -16.69
C LEU E 77 -44.82 -62.95 -15.57
N ALA E 78 -45.40 -61.77 -15.40
CA ALA E 78 -46.43 -61.55 -14.40
C ALA E 78 -47.75 -61.66 -15.15
N TYR E 79 -48.24 -62.89 -15.26
CA TYR E 79 -49.47 -63.18 -15.98
C TYR E 79 -50.69 -62.55 -15.32
N SER E 80 -51.24 -61.51 -15.94
CA SER E 80 -52.45 -60.85 -15.45
C SER E 80 -53.64 -61.78 -15.75
N ASN E 81 -53.71 -62.30 -16.98
CA ASN E 81 -54.72 -63.26 -17.38
C ASN E 81 -53.98 -64.52 -17.80
N VAL E 82 -53.85 -65.47 -16.87
CA VAL E 82 -53.12 -66.74 -17.04
C VAL E 82 -53.66 -67.59 -18.19
N GLN E 83 -54.97 -67.49 -18.44
CA GLN E 83 -55.61 -68.26 -19.50
C GLN E 83 -55.14 -67.82 -20.89
N GLU E 84 -55.12 -66.51 -21.14
CA GLU E 84 -54.69 -65.99 -22.44
C GLU E 84 -53.20 -65.63 -22.52
N ARG E 85 -52.42 -65.95 -21.47
CA ARG E 85 -50.98 -65.70 -21.40
C ARG E 85 -50.63 -64.22 -21.59
N GLU E 86 -51.44 -63.32 -21.04
CA GLU E 86 -51.19 -61.89 -21.16
C GLU E 86 -50.29 -61.41 -20.03
N ALA E 87 -49.24 -60.65 -20.37
CA ALA E 87 -48.31 -60.13 -19.36
C ALA E 87 -47.71 -58.82 -19.82
N GLN E 88 -47.90 -57.77 -19.03
CA GLN E 88 -47.39 -56.44 -19.33
C GLN E 88 -46.07 -56.16 -18.60
N PHE E 89 -45.86 -56.78 -17.44
CA PHE E 89 -44.65 -56.61 -16.65
C PHE E 89 -44.05 -57.99 -16.28
N GLY E 90 -42.89 -57.99 -15.63
CA GLY E 90 -42.25 -59.22 -15.21
C GLY E 90 -40.93 -59.01 -14.52
N THR E 91 -40.28 -60.10 -14.12
CA THR E 91 -39.01 -60.03 -13.41
C THR E 91 -38.02 -61.06 -13.94
N THR E 92 -36.75 -60.65 -14.06
CA THR E 92 -35.71 -61.56 -14.51
C THR E 92 -35.32 -62.49 -13.36
N ALA E 93 -34.83 -63.66 -13.71
CA ALA E 93 -34.41 -64.63 -12.71
C ALA E 93 -33.09 -65.22 -13.13
N GLU E 94 -32.13 -65.22 -12.23
CA GLU E 94 -30.81 -65.75 -12.49
C GLU E 94 -30.64 -67.05 -11.74
N ILE E 95 -30.22 -68.10 -12.43
CA ILE E 95 -30.02 -69.40 -11.81
C ILE E 95 -28.79 -69.35 -10.93
N TYR E 96 -28.95 -69.67 -9.64
CA TYR E 96 -27.83 -69.69 -8.71
C TYR E 96 -27.44 -71.10 -8.25
N ALA E 97 -28.26 -72.12 -8.57
CA ALA E 97 -27.96 -73.51 -8.21
C ALA E 97 -28.64 -74.45 -9.20
N TYR E 98 -27.95 -75.52 -9.60
CA TYR E 98 -28.53 -76.47 -10.54
C TYR E 98 -27.99 -77.88 -10.33
N ARG E 99 -28.81 -78.88 -10.60
CA ARG E 99 -28.43 -80.28 -10.47
C ARG E 99 -29.33 -81.14 -11.34
N GLU E 100 -28.72 -81.87 -12.28
CA GLU E 100 -29.45 -82.76 -13.17
C GLU E 100 -29.44 -84.17 -12.59
N GLU E 101 -30.56 -84.88 -12.72
CA GLU E 101 -30.70 -86.24 -12.22
C GLU E 101 -31.45 -87.07 -13.25
N GLN E 102 -30.87 -88.21 -13.62
CA GLN E 102 -31.44 -89.14 -14.58
C GLN E 102 -32.11 -90.29 -13.81
N ASP E 103 -32.94 -89.93 -12.82
CA ASP E 103 -33.65 -90.90 -12.05
C ASP E 103 -34.77 -91.52 -12.87
N PHE E 104 -34.59 -92.79 -13.20
CA PHE E 104 -35.52 -93.65 -13.91
C PHE E 104 -35.87 -93.14 -15.32
N GLY E 105 -34.85 -93.04 -16.15
CA GLY E 105 -35.01 -92.61 -17.53
C GLY E 105 -35.13 -91.11 -17.70
N ILE E 106 -36.24 -90.56 -17.22
CA ILE E 106 -36.61 -89.15 -17.32
C ILE E 106 -35.51 -88.19 -16.87
N GLU E 107 -35.23 -87.20 -17.71
CA GLU E 107 -34.24 -86.19 -17.39
C GLU E 107 -34.85 -85.15 -16.48
N ILE E 108 -34.63 -85.30 -15.18
CA ILE E 108 -35.14 -84.39 -14.17
C ILE E 108 -34.10 -83.34 -13.87
N VAL E 109 -34.51 -82.08 -13.77
CA VAL E 109 -33.58 -81.01 -13.47
C VAL E 109 -34.10 -80.16 -12.31
N LYS E 110 -33.26 -79.99 -11.29
CA LYS E 110 -33.60 -79.21 -10.11
C LYS E 110 -32.81 -77.92 -10.17
N VAL E 111 -33.50 -76.77 -10.13
CA VAL E 111 -32.87 -75.46 -10.24
C VAL E 111 -33.34 -74.52 -9.13
N LYS E 112 -32.44 -73.70 -8.62
CA LYS E 112 -32.76 -72.67 -7.65
C LYS E 112 -32.35 -71.36 -8.30
N ALA E 113 -33.30 -70.46 -8.50
CA ALA E 113 -33.02 -69.18 -9.12
C ALA E 113 -33.37 -68.02 -8.17
N ILE E 114 -32.87 -66.81 -8.45
CA ILE E 114 -33.13 -65.66 -7.63
C ILE E 114 -33.53 -64.47 -8.52
N GLY E 115 -34.41 -63.64 -8.01
CA GLY E 115 -34.83 -62.45 -8.74
C GLY E 115 -33.69 -61.47 -8.90
N ARG E 116 -33.75 -60.65 -9.96
CA ARG E 116 -32.69 -59.68 -10.20
C ARG E 116 -33.24 -58.30 -10.54
N GLN E 117 -33.85 -58.15 -11.72
CA GLN E 117 -34.33 -56.87 -12.18
C GLN E 117 -35.77 -56.93 -12.65
N ARG E 118 -36.50 -55.84 -12.46
CA ARG E 118 -37.86 -55.72 -12.93
C ARG E 118 -37.82 -55.31 -14.41
N PHE E 119 -38.93 -55.53 -15.12
CA PHE E 119 -38.99 -55.15 -16.52
C PHE E 119 -40.41 -54.95 -17.04
N LYS E 120 -40.53 -54.20 -18.13
CA LYS E 120 -41.79 -53.95 -18.82
C LYS E 120 -41.71 -54.69 -20.16
N VAL E 121 -42.75 -55.45 -20.50
CA VAL E 121 -42.81 -56.24 -21.72
C VAL E 121 -43.07 -55.38 -22.95
N LEU E 122 -42.26 -55.54 -24.00
CA LEU E 122 -42.44 -54.79 -25.24
C LEU E 122 -43.11 -55.67 -26.30
N GLU E 123 -42.63 -56.91 -26.45
CA GLU E 123 -43.18 -57.84 -27.44
C GLU E 123 -42.98 -59.28 -26.99
N LEU E 124 -43.93 -60.16 -27.35
CA LEU E 124 -43.84 -61.57 -27.02
C LEU E 124 -43.87 -62.39 -28.29
N ARG E 125 -42.84 -63.19 -28.52
CA ARG E 125 -42.78 -64.03 -29.71
C ARG E 125 -42.67 -65.50 -29.32
N THR E 126 -43.31 -66.37 -30.10
CA THR E 126 -43.24 -67.79 -29.86
C THR E 126 -42.56 -68.46 -31.05
N GLN E 127 -41.43 -69.13 -30.79
CA GLN E 127 -40.65 -69.78 -31.83
C GLN E 127 -41.32 -71.07 -32.34
N SER E 128 -40.80 -71.63 -33.45
CA SER E 128 -41.31 -72.86 -34.08
C SER E 128 -41.13 -74.08 -33.17
N ASP E 129 -40.10 -74.08 -32.31
CA ASP E 129 -39.80 -75.17 -31.39
C ASP E 129 -40.63 -75.16 -30.09
N GLY E 130 -41.72 -74.40 -30.06
CA GLY E 130 -42.61 -74.34 -28.90
C GLY E 130 -42.24 -73.34 -27.82
N ILE E 131 -40.95 -73.23 -27.49
CA ILE E 131 -40.49 -72.30 -26.46
C ILE E 131 -40.66 -70.84 -26.89
N GLN E 132 -40.99 -69.95 -25.94
CA GLN E 132 -41.23 -68.54 -26.28
C GLN E 132 -40.16 -67.59 -25.76
N GLN E 133 -39.93 -66.51 -26.49
CA GLN E 133 -38.98 -65.48 -26.11
C GLN E 133 -39.66 -64.11 -25.99
N ALA E 134 -39.08 -63.21 -25.20
CA ALA E 134 -39.70 -61.90 -24.95
C ALA E 134 -38.75 -60.72 -25.13
N LYS E 135 -39.16 -59.76 -25.97
CA LYS E 135 -38.42 -58.51 -26.19
C LYS E 135 -38.84 -57.63 -25.03
N VAL E 136 -37.90 -57.29 -24.16
CA VAL E 136 -38.20 -56.60 -22.92
C VAL E 136 -37.33 -55.36 -22.67
N GLN E 137 -37.86 -54.40 -21.90
CA GLN E 137 -37.12 -53.20 -21.53
C GLN E 137 -36.91 -53.21 -20.02
N ILE E 138 -35.66 -53.06 -19.57
CA ILE E 138 -35.34 -53.05 -18.14
C ILE E 138 -35.89 -51.80 -17.46
N LEU E 139 -36.61 -51.97 -16.35
CA LEU E 139 -37.15 -50.84 -15.63
C LEU E 139 -36.09 -50.28 -14.67
N PRO E 140 -35.88 -48.97 -14.67
CA PRO E 140 -34.84 -48.39 -13.81
C PRO E 140 -35.25 -48.27 -12.34
N GLU E 141 -34.26 -48.40 -11.46
CA GLU E 141 -34.50 -48.24 -10.02
C GLU E 141 -34.27 -46.78 -9.69
N CYS E 142 -35.35 -46.02 -9.50
CA CYS E 142 -35.24 -44.61 -9.21
C CYS E 142 -34.86 -44.35 -7.77
N VAL E 143 -33.57 -44.08 -7.54
CA VAL E 143 -33.01 -43.79 -6.23
C VAL E 143 -33.04 -42.29 -6.01
N LEU E 144 -33.54 -41.84 -4.86
CA LEU E 144 -33.64 -40.42 -4.57
C LEU E 144 -32.88 -40.03 -3.32
N PRO E 145 -32.28 -38.82 -3.32
CA PRO E 145 -31.62 -38.33 -2.10
C PRO E 145 -32.66 -37.86 -1.07
N SER E 146 -32.21 -37.52 0.15
CA SER E 146 -33.09 -37.04 1.20
C SER E 146 -33.89 -35.81 0.76
N THR E 147 -35.18 -35.77 1.09
CA THR E 147 -36.06 -34.68 0.69
C THR E 147 -35.53 -33.29 1.08
N MET E 148 -34.71 -33.23 2.13
CA MET E 148 -34.14 -31.99 2.60
C MET E 148 -32.96 -31.49 1.77
N SER E 149 -32.34 -32.35 0.95
CA SER E 149 -31.20 -31.95 0.14
C SER E 149 -31.40 -30.68 -0.69
N ALA E 150 -32.61 -30.51 -1.25
CA ALA E 150 -32.93 -29.36 -2.09
C ALA E 150 -33.26 -28.07 -1.32
N VAL E 151 -33.59 -28.17 -0.03
CA VAL E 151 -33.90 -26.97 0.76
C VAL E 151 -32.86 -26.65 1.82
N GLN E 152 -32.12 -27.67 2.28
CA GLN E 152 -31.11 -27.59 3.32
C GLN E 152 -30.24 -26.36 3.25
N LEU E 153 -30.19 -25.62 4.36
CA LEU E 153 -29.34 -24.44 4.47
C LEU E 153 -27.90 -24.92 4.65
N GLU E 154 -26.96 -24.16 4.10
CA GLU E 154 -25.54 -24.50 4.15
C GLU E 154 -24.98 -24.52 5.57
N SER E 155 -25.47 -23.64 6.42
CA SER E 155 -25.05 -23.55 7.81
C SER E 155 -25.49 -24.78 8.61
N LEU E 156 -26.65 -25.35 8.28
CA LEU E 156 -27.18 -26.52 8.99
C LEU E 156 -26.77 -27.86 8.40
N ASN E 157 -25.99 -27.85 7.29
CA ASN E 157 -25.50 -29.07 6.65
C ASN E 157 -24.67 -29.90 7.63
N LYS E 158 -23.92 -29.24 8.50
CA LYS E 158 -23.07 -29.91 9.48
C LYS E 158 -23.85 -30.56 10.63
N CYS E 159 -25.15 -30.29 10.76
CA CYS E 159 -25.97 -30.88 11.81
C CYS E 159 -26.81 -32.08 11.31
N GLN E 160 -26.47 -32.63 10.12
CA GLN E 160 -27.23 -33.71 9.51
C GLN E 160 -26.79 -35.11 9.92
N ILE E 161 -25.61 -35.25 10.53
CA ILE E 161 -25.14 -36.57 10.98
C ILE E 161 -25.53 -36.76 12.44
N PHE E 162 -26.10 -37.94 12.76
CA PHE E 162 -26.56 -38.24 14.12
C PHE E 162 -25.81 -39.41 14.69
N PRO E 163 -25.53 -39.40 16.01
CA PRO E 163 -24.83 -40.54 16.62
C PRO E 163 -25.78 -41.68 16.93
N CYS E 173 -33.86 -44.91 25.52
CA CYS E 173 -35.16 -44.55 24.96
C CYS E 173 -35.05 -44.25 23.46
N SER E 174 -35.49 -45.21 22.63
CA SER E 174 -35.46 -45.12 21.17
C SER E 174 -36.49 -44.11 20.65
N TYR E 175 -37.63 -43.98 21.34
CA TYR E 175 -38.70 -43.05 21.02
C TYR E 175 -38.19 -41.62 21.15
N LYS E 176 -37.39 -41.34 22.20
CA LYS E 176 -36.80 -40.02 22.39
C LYS E 176 -35.83 -39.71 21.26
N TRP E 177 -35.06 -40.71 20.80
CA TRP E 177 -34.11 -40.58 19.71
C TRP E 177 -34.82 -40.24 18.40
N TRP E 178 -35.97 -40.86 18.14
CA TRP E 178 -36.73 -40.60 16.91
C TRP E 178 -37.33 -39.19 16.90
N GLN E 179 -37.72 -38.67 18.07
CA GLN E 179 -38.25 -37.31 18.18
C GLN E 179 -37.12 -36.32 17.88
N LYS E 180 -35.93 -36.56 18.44
CA LYS E 180 -34.77 -35.71 18.22
C LYS E 180 -34.35 -35.76 16.75
N TYR E 181 -34.39 -36.95 16.14
CA TYR E 181 -34.06 -37.18 14.74
C TYR E 181 -34.97 -36.37 13.83
N GLN E 182 -36.28 -36.34 14.13
CA GLN E 182 -37.24 -35.60 13.33
C GLN E 182 -37.03 -34.10 13.45
N LYS E 183 -36.78 -33.61 14.67
CA LYS E 183 -36.56 -32.18 14.87
C LYS E 183 -35.26 -31.69 14.22
N ARG E 184 -34.23 -32.54 14.19
CA ARG E 184 -32.95 -32.16 13.61
C ARG E 184 -32.87 -32.33 12.10
N LYS E 185 -33.12 -33.54 11.58
CA LYS E 185 -33.01 -33.80 10.15
C LYS E 185 -33.98 -32.96 9.34
N PHE E 186 -35.21 -32.82 9.83
CA PHE E 186 -36.23 -32.06 9.12
C PHE E 186 -36.42 -30.67 9.68
N HIS E 187 -35.35 -30.05 10.17
CA HIS E 187 -35.45 -28.69 10.71
C HIS E 187 -35.81 -27.72 9.60
N CYS E 188 -35.14 -27.83 8.45
CA CYS E 188 -35.39 -26.96 7.30
C CYS E 188 -36.77 -27.13 6.67
N ALA E 189 -37.60 -28.02 7.20
CA ALA E 189 -38.94 -28.23 6.67
C ALA E 189 -39.79 -26.96 6.83
N ASN E 190 -39.49 -26.12 7.85
CA ASN E 190 -40.23 -24.87 8.05
C ASN E 190 -40.10 -23.92 6.85
N LEU E 191 -39.09 -24.11 5.99
CA LEU E 191 -38.90 -23.30 4.79
C LEU E 191 -39.84 -23.66 3.65
N THR E 192 -40.53 -24.79 3.74
CA THR E 192 -41.43 -25.27 2.69
C THR E 192 -42.92 -25.13 3.10
N SER E 193 -43.85 -25.49 2.20
CA SER E 193 -45.27 -25.41 2.49
C SER E 193 -45.77 -26.51 3.44
N TRP E 194 -44.91 -27.46 3.82
CA TRP E 194 -45.32 -28.61 4.62
C TRP E 194 -44.53 -28.74 5.93
N PRO E 195 -45.09 -29.43 6.94
CA PRO E 195 -44.37 -29.60 8.20
C PRO E 195 -43.48 -30.84 8.26
N ARG E 196 -42.73 -31.02 9.35
CA ARG E 196 -41.80 -32.14 9.57
C ARG E 196 -42.45 -33.51 9.48
N TRP E 197 -43.55 -33.73 10.20
CA TRP E 197 -44.22 -35.03 10.22
C TRP E 197 -44.64 -35.52 8.85
N LEU E 198 -44.82 -34.61 7.87
CA LEU E 198 -45.17 -35.01 6.52
C LEU E 198 -43.97 -35.65 5.86
N TYR E 199 -42.81 -34.99 5.94
CA TYR E 199 -41.58 -35.53 5.36
C TYR E 199 -41.15 -36.82 6.04
N SER E 200 -41.50 -36.99 7.34
CA SER E 200 -41.22 -38.21 8.09
C SER E 200 -41.86 -39.43 7.42
N LEU E 201 -43.03 -39.23 6.79
CA LEU E 201 -43.73 -40.30 6.07
C LEU E 201 -43.00 -40.71 4.79
N TYR E 202 -42.18 -39.82 4.21
CA TYR E 202 -41.43 -40.10 2.99
C TYR E 202 -39.93 -40.32 3.25
N ASP E 203 -39.53 -40.62 4.49
CA ASP E 203 -38.13 -40.85 4.83
C ASP E 203 -37.90 -42.36 4.91
N ALA E 204 -36.91 -42.85 4.17
CA ALA E 204 -36.57 -44.27 4.13
C ALA E 204 -36.32 -44.89 5.51
N GLU E 205 -35.55 -44.22 6.37
CA GLU E 205 -35.20 -44.72 7.69
C GLU E 205 -36.41 -44.86 8.61
N THR E 206 -37.30 -43.87 8.60
CA THR E 206 -38.50 -43.90 9.43
C THR E 206 -39.42 -45.04 8.99
N LEU E 207 -39.59 -45.18 7.67
CA LEU E 207 -40.43 -46.23 7.10
C LEU E 207 -39.86 -47.59 7.44
N MET E 208 -38.54 -47.76 7.31
CA MET E 208 -37.89 -49.03 7.62
C MET E 208 -38.08 -49.40 9.09
N ASP E 209 -37.99 -48.41 9.99
CA ASP E 209 -38.16 -48.68 11.41
C ASP E 209 -39.59 -49.07 11.76
N ARG E 210 -40.58 -48.44 11.12
CA ARG E 210 -41.97 -48.79 11.35
C ARG E 210 -42.25 -50.21 10.86
N ILE E 211 -41.66 -50.59 9.71
CA ILE E 211 -41.79 -51.93 9.17
C ILE E 211 -41.10 -52.93 10.09
N LYS E 212 -39.94 -52.56 10.65
CA LYS E 212 -39.20 -53.40 11.60
C LYS E 212 -40.05 -53.67 12.83
N LYS E 213 -40.79 -52.67 13.31
CA LYS E 213 -41.66 -52.83 14.47
C LYS E 213 -42.80 -53.82 14.19
N GLN E 214 -43.29 -53.85 12.95
CA GLN E 214 -44.34 -54.78 12.53
C GLN E 214 -43.75 -56.19 12.35
N LEU E 215 -42.51 -56.28 11.87
CA LEU E 215 -41.83 -57.56 11.65
C LEU E 215 -41.46 -58.25 12.93
N ARG E 216 -41.00 -57.49 13.95
CA ARG E 216 -40.65 -58.06 15.26
C ARG E 216 -41.84 -58.77 15.90
N GLU E 217 -43.05 -58.27 15.65
CA GLU E 217 -44.29 -58.88 16.13
C GLU E 217 -44.47 -60.32 15.59
N TRP E 218 -43.89 -60.62 14.43
CA TRP E 218 -44.01 -61.92 13.80
C TRP E 218 -42.84 -62.84 14.14
N ASP E 219 -41.64 -62.29 14.34
CA ASP E 219 -40.46 -63.08 14.64
C ASP E 219 -39.54 -62.35 15.62
N GLU E 220 -38.87 -63.09 16.49
CA GLU E 220 -38.00 -62.48 17.50
C GLU E 220 -36.54 -62.34 17.08
N ASN E 221 -36.26 -62.40 15.77
CA ASN E 221 -34.90 -62.22 15.28
C ASN E 221 -34.61 -60.72 15.15
N LEU E 222 -33.46 -60.27 15.68
CA LEU E 222 -33.08 -58.86 15.66
C LEU E 222 -32.76 -58.37 14.26
N LYS E 223 -33.01 -57.08 14.01
CA LYS E 223 -32.77 -56.48 12.70
C LYS E 223 -31.33 -56.03 12.44
N ASP E 224 -30.43 -56.24 13.41
CA ASP E 224 -29.03 -55.85 13.27
C ASP E 224 -28.34 -56.65 12.16
N ASP E 225 -28.73 -57.92 11.97
CA ASP E 225 -28.10 -58.78 10.98
C ASP E 225 -29.08 -59.27 9.92
N SER E 226 -30.22 -59.85 10.35
CA SER E 226 -31.21 -60.43 9.46
C SER E 226 -31.73 -59.50 8.38
N LEU E 227 -32.01 -58.24 8.74
CA LEU E 227 -32.54 -57.28 7.77
C LEU E 227 -31.48 -56.42 7.12
N PRO E 228 -31.56 -56.25 5.78
CA PRO E 228 -30.57 -55.39 5.10
C PRO E 228 -30.76 -53.91 5.41
N SER E 229 -29.68 -53.14 5.33
CA SER E 229 -29.73 -51.71 5.61
C SER E 229 -30.13 -50.89 4.39
N ASN E 230 -29.83 -51.38 3.17
CA ASN E 230 -30.18 -50.70 1.93
C ASN E 230 -31.69 -50.67 1.76
N PRO E 231 -32.29 -49.48 1.67
CA PRO E 231 -33.76 -49.41 1.53
C PRO E 231 -34.32 -50.10 0.29
N ILE E 232 -33.55 -50.20 -0.79
CA ILE E 232 -34.00 -50.85 -2.01
C ILE E 232 -34.13 -52.35 -1.75
N ASP E 233 -33.05 -53.00 -1.29
CA ASP E 233 -33.06 -54.42 -0.97
C ASP E 233 -34.04 -54.72 0.16
N PHE E 234 -34.16 -53.80 1.13
CA PHE E 234 -35.08 -53.93 2.25
C PHE E 234 -36.52 -53.96 1.72
N SER E 235 -36.87 -53.02 0.84
CA SER E 235 -38.22 -52.95 0.30
C SER E 235 -38.57 -54.20 -0.48
N TYR E 236 -37.64 -54.71 -1.29
CA TYR E 236 -37.88 -55.92 -2.07
C TYR E 236 -38.05 -57.15 -1.19
N ARG E 237 -37.29 -57.24 -0.09
CA ARG E 237 -37.39 -58.34 0.85
C ARG E 237 -38.75 -58.31 1.56
N VAL E 238 -39.19 -57.11 1.96
CA VAL E 238 -40.48 -56.96 2.64
C VAL E 238 -41.62 -57.34 1.72
N ALA E 239 -41.56 -56.88 0.47
CA ALA E 239 -42.61 -57.19 -0.51
C ALA E 239 -42.69 -58.66 -0.80
N ALA E 240 -41.54 -59.34 -0.87
CA ALA E 240 -41.46 -60.78 -1.18
C ALA E 240 -42.16 -61.69 -0.17
N CYS E 241 -42.39 -61.20 1.05
CA CYS E 241 -43.03 -62.00 2.09
C CYS E 241 -44.35 -61.42 2.59
N LEU E 242 -45.04 -60.66 1.74
CA LEU E 242 -46.34 -60.09 2.09
C LEU E 242 -47.42 -60.82 1.33
N PRO E 243 -48.35 -61.50 2.03
CA PRO E 243 -49.40 -62.24 1.34
C PRO E 243 -50.45 -61.37 0.66
N ILE E 244 -50.27 -61.16 -0.64
CA ILE E 244 -51.18 -60.33 -1.43
C ILE E 244 -51.63 -61.07 -2.68
N ASP E 245 -52.73 -60.63 -3.27
CA ASP E 245 -53.23 -61.21 -4.51
C ASP E 245 -52.37 -60.75 -5.70
N ASP E 246 -52.51 -61.43 -6.84
CA ASP E 246 -51.73 -61.16 -8.03
C ASP E 246 -51.86 -59.73 -8.55
N VAL E 247 -53.07 -59.16 -8.55
CA VAL E 247 -53.27 -57.80 -9.05
C VAL E 247 -52.51 -56.78 -8.20
N LEU E 248 -52.56 -56.89 -6.87
CA LEU E 248 -51.82 -55.97 -5.99
C LEU E 248 -50.31 -56.16 -6.12
N ARG E 249 -49.86 -57.40 -6.37
CA ARG E 249 -48.45 -57.69 -6.55
C ARG E 249 -47.94 -57.01 -7.82
N ILE E 250 -48.74 -57.06 -8.90
CA ILE E 250 -48.41 -56.40 -10.17
C ILE E 250 -48.27 -54.88 -9.96
N GLN E 251 -49.24 -54.28 -9.24
CA GLN E 251 -49.22 -52.86 -8.95
C GLN E 251 -47.98 -52.45 -8.14
N LEU E 252 -47.62 -53.26 -7.14
CA LEU E 252 -46.44 -53.00 -6.31
C LEU E 252 -45.15 -53.10 -7.12
N LEU E 253 -45.11 -54.04 -8.07
CA LEU E 253 -43.95 -54.23 -8.93
C LEU E 253 -43.76 -53.02 -9.84
N LYS E 254 -44.86 -52.40 -10.32
CA LYS E 254 -44.80 -51.22 -11.18
C LYS E 254 -44.02 -50.06 -10.55
N ILE E 255 -44.04 -49.97 -9.22
CA ILE E 255 -43.36 -48.92 -8.48
C ILE E 255 -41.86 -48.89 -8.77
N GLY E 256 -41.33 -47.69 -9.04
CA GLY E 256 -39.92 -47.50 -9.34
C GLY E 256 -39.07 -47.05 -8.17
N SER E 257 -39.64 -46.23 -7.28
CA SER E 257 -38.88 -45.74 -6.13
C SER E 257 -39.07 -46.63 -4.93
N ALA E 258 -38.01 -46.86 -4.17
CA ALA E 258 -38.10 -47.68 -2.97
C ALA E 258 -38.96 -47.02 -1.89
N ILE E 259 -39.01 -45.69 -1.84
CA ILE E 259 -39.81 -44.95 -0.88
C ILE E 259 -41.29 -45.26 -1.06
N GLN E 260 -41.78 -45.22 -2.29
CA GLN E 260 -43.19 -45.53 -2.59
C GLN E 260 -43.52 -46.98 -2.30
N ARG E 261 -42.56 -47.88 -2.54
CA ARG E 261 -42.72 -49.30 -2.29
C ARG E 261 -42.92 -49.53 -0.79
N LEU E 262 -42.08 -48.90 0.05
CA LEU E 262 -42.16 -49.02 1.50
C LEU E 262 -43.45 -48.42 2.03
N ARG E 263 -43.88 -47.28 1.48
CA ARG E 263 -45.12 -46.64 1.89
C ARG E 263 -46.32 -47.55 1.62
N CYS E 264 -46.32 -48.18 0.45
CA CYS E 264 -47.39 -49.08 0.06
C CYS E 264 -47.42 -50.28 0.98
N GLU E 265 -46.24 -50.84 1.28
CA GLU E 265 -46.13 -52.00 2.16
C GLU E 265 -46.69 -51.71 3.55
N LEU E 266 -46.31 -50.56 4.13
CA LEU E 266 -46.80 -50.19 5.46
C LEU E 266 -48.30 -49.99 5.45
N ASP E 267 -48.82 -49.37 4.39
CA ASP E 267 -50.25 -49.16 4.28
C ASP E 267 -51.00 -50.48 4.18
N ILE E 268 -50.48 -51.43 3.39
CA ILE E 268 -51.10 -52.74 3.24
C ILE E 268 -51.08 -53.49 4.57
N MET E 269 -49.96 -53.42 5.29
CA MET E 269 -49.82 -54.08 6.58
C MET E 269 -50.82 -53.56 7.61
N ASN E 270 -51.15 -52.26 7.55
CA ASN E 270 -52.09 -51.66 8.48
C ASN E 270 -53.54 -51.86 8.06
N LYS E 271 -53.82 -51.77 6.75
CA LYS E 271 -55.19 -51.91 6.24
C LYS E 271 -55.69 -53.36 6.24
N CYS E 272 -55.02 -54.25 5.48
CA CYS E 272 -55.44 -55.64 5.39
C CYS E 272 -55.13 -56.44 6.62
N THR E 273 -56.02 -56.42 7.60
CA THR E 273 -55.85 -57.22 8.81
C THR E 273 -56.46 -58.61 8.68
N SER E 274 -57.31 -58.84 7.68
CA SER E 274 -57.95 -60.12 7.47
C SER E 274 -57.46 -60.79 6.18
N LEU E 275 -57.54 -62.11 6.15
CA LEU E 275 -57.14 -62.89 4.99
C LEU E 275 -58.23 -63.92 4.73
N CYS E 276 -58.98 -63.72 3.65
CA CYS E 276 -60.10 -64.58 3.28
C CYS E 276 -59.75 -65.50 2.10
N CYS E 277 -60.69 -66.36 1.72
CA CYS E 277 -60.50 -67.24 0.58
C CYS E 277 -60.60 -66.41 -0.68
N LYS E 278 -59.72 -66.67 -1.64
CA LYS E 278 -59.72 -65.94 -2.91
C LYS E 278 -60.94 -66.32 -3.75
N GLN E 279 -61.34 -67.59 -3.71
CA GLN E 279 -62.48 -68.07 -4.47
C GLN E 279 -63.80 -67.61 -3.84
N CYS E 280 -63.92 -67.75 -2.51
CA CYS E 280 -65.12 -67.38 -1.78
C CYS E 280 -65.28 -65.88 -1.67
N GLN E 281 -64.20 -65.20 -1.26
CA GLN E 281 -64.14 -63.76 -1.00
C GLN E 281 -64.82 -63.37 0.33
N GLU E 282 -65.75 -64.20 0.82
CA GLU E 282 -66.45 -63.95 2.07
C GLU E 282 -65.98 -64.84 3.23
N THR E 283 -65.35 -65.98 2.93
CA THR E 283 -64.89 -66.90 3.96
C THR E 283 -63.58 -66.46 4.58
N GLU E 284 -63.62 -66.01 5.83
CA GLU E 284 -62.43 -65.57 6.54
C GLU E 284 -61.59 -66.77 6.94
N ILE E 285 -60.30 -66.74 6.64
CA ILE E 285 -59.40 -67.84 6.95
C ILE E 285 -58.51 -67.54 8.14
N THR E 286 -57.87 -66.36 8.14
CA THR E 286 -56.97 -65.97 9.24
C THR E 286 -56.81 -64.43 9.32
N THR E 287 -56.10 -63.94 10.34
CA THR E 287 -55.81 -62.53 10.53
C THR E 287 -54.28 -62.34 10.67
N LYS E 288 -53.79 -61.10 10.49
CA LYS E 288 -52.37 -60.82 10.62
C LYS E 288 -51.82 -61.05 12.04
N ASN E 289 -52.70 -61.14 13.04
CA ASN E 289 -52.30 -61.43 14.41
C ASN E 289 -51.71 -62.84 14.52
N GLU E 290 -52.22 -63.79 13.72
CA GLU E 290 -51.75 -65.16 13.71
C GLU E 290 -50.50 -65.40 12.85
N ILE E 291 -50.11 -64.42 12.02
CA ILE E 291 -48.95 -64.55 11.16
C ILE E 291 -47.65 -64.52 11.97
N PHE E 292 -46.72 -65.40 11.63
CA PHE E 292 -45.42 -65.47 12.27
C PHE E 292 -44.38 -66.00 11.27
N SER E 293 -43.12 -65.59 11.44
CA SER E 293 -42.06 -66.01 10.54
C SER E 293 -41.40 -67.30 11.00
N LEU E 294 -41.54 -68.35 10.20
CA LEU E 294 -40.89 -69.62 10.45
C LEU E 294 -39.58 -69.78 9.62
N SER E 295 -39.34 -68.89 8.66
CA SER E 295 -38.15 -68.90 7.81
C SER E 295 -37.35 -67.59 7.96
N LEU E 296 -36.09 -67.58 7.48
CA LEU E 296 -35.24 -66.39 7.55
C LEU E 296 -35.70 -65.30 6.57
N CYS E 297 -36.28 -65.70 5.44
CA CYS E 297 -36.79 -64.76 4.43
C CYS E 297 -38.00 -63.96 4.95
N GLY E 298 -38.82 -64.60 5.79
CA GLY E 298 -40.02 -64.01 6.37
C GLY E 298 -41.09 -65.05 6.60
N PRO E 299 -42.34 -64.60 6.82
CA PRO E 299 -43.42 -65.56 7.04
C PRO E 299 -43.82 -66.31 5.77
N MET E 300 -43.68 -65.66 4.61
CA MET E 300 -44.03 -66.24 3.33
C MET E 300 -42.79 -66.44 2.46
N ALA E 301 -42.72 -67.59 1.79
CA ALA E 301 -41.60 -67.91 0.89
C ALA E 301 -42.07 -68.86 -0.22
N ALA E 302 -41.35 -68.89 -1.35
CA ALA E 302 -41.71 -69.76 -2.46
C ALA E 302 -41.10 -71.14 -2.30
N TYR E 303 -41.90 -72.18 -2.54
CA TYR E 303 -41.47 -73.57 -2.43
C TYR E 303 -41.98 -74.37 -3.62
N VAL E 304 -41.17 -75.32 -4.08
CA VAL E 304 -41.55 -76.17 -5.21
C VAL E 304 -42.06 -77.51 -4.71
N ASN E 305 -43.10 -78.03 -5.34
CA ASN E 305 -43.67 -79.30 -4.99
C ASN E 305 -43.08 -80.41 -5.89
N PRO E 306 -43.30 -81.70 -5.59
CA PRO E 306 -42.74 -82.76 -6.44
C PRO E 306 -43.05 -82.65 -7.93
N HIS E 307 -44.24 -82.14 -8.29
CA HIS E 307 -44.61 -82.01 -9.69
C HIS E 307 -44.26 -80.66 -10.33
N GLY E 308 -43.29 -79.94 -9.76
CA GLY E 308 -42.79 -78.70 -10.34
C GLY E 308 -43.60 -77.43 -10.11
N TYR E 309 -44.74 -77.54 -9.46
CA TYR E 309 -45.60 -76.40 -9.15
C TYR E 309 -45.00 -75.58 -8.02
N VAL E 310 -45.13 -74.25 -8.10
CA VAL E 310 -44.58 -73.35 -7.09
C VAL E 310 -45.68 -72.76 -6.22
N HIS E 311 -45.47 -72.75 -4.91
CA HIS E 311 -46.43 -72.19 -3.98
C HIS E 311 -45.77 -71.16 -3.08
N GLU E 312 -46.26 -69.93 -3.08
CA GLU E 312 -45.72 -68.90 -2.19
C GLU E 312 -46.46 -69.12 -0.89
N THR E 313 -45.93 -70.01 -0.05
CA THR E 313 -46.58 -70.43 1.17
C THR E 313 -46.28 -69.55 2.38
N LEU E 314 -47.33 -69.20 3.14
CA LEU E 314 -47.27 -68.37 4.32
C LEU E 314 -47.53 -69.21 5.56
N THR E 315 -46.73 -69.03 6.62
CA THR E 315 -46.88 -69.76 7.86
C THR E 315 -47.67 -68.98 8.92
N VAL E 316 -48.74 -69.58 9.44
CA VAL E 316 -49.60 -68.96 10.45
C VAL E 316 -49.85 -69.91 11.63
N TYR E 317 -50.18 -69.34 12.80
CA TYR E 317 -50.45 -70.14 13.99
C TYR E 317 -51.79 -70.86 13.88
N LYS E 318 -52.89 -70.11 13.71
CA LYS E 318 -54.22 -70.70 13.64
C LYS E 318 -54.94 -70.36 12.34
N ALA E 319 -55.84 -71.26 11.93
CA ALA E 319 -56.65 -71.08 10.75
C ALA E 319 -58.01 -71.73 10.98
N CYS E 320 -59.06 -71.13 10.41
CA CYS E 320 -60.42 -71.64 10.59
C CYS E 320 -61.14 -71.84 9.24
N ASN E 321 -62.32 -72.48 9.29
CA ASN E 321 -63.15 -72.77 8.11
C ASN E 321 -62.36 -73.61 7.11
N LEU E 322 -61.66 -74.63 7.62
CA LEU E 322 -60.87 -75.51 6.78
C LEU E 322 -61.06 -76.97 7.16
N ASN E 323 -61.23 -77.84 6.16
CA ASN E 323 -61.37 -79.27 6.38
C ASN E 323 -60.10 -79.97 5.91
N LEU E 324 -59.71 -81.03 6.62
CA LEU E 324 -58.50 -81.77 6.27
C LEU E 324 -58.81 -82.96 5.39
N ILE E 325 -58.03 -83.13 4.31
CA ILE E 325 -58.21 -84.21 3.35
C ILE E 325 -57.04 -85.17 3.46
N GLY E 326 -57.33 -86.45 3.61
CA GLY E 326 -56.31 -87.48 3.71
C GLY E 326 -55.68 -87.58 5.08
N ARG E 327 -54.50 -88.19 5.15
CA ARG E 327 -53.76 -88.36 6.39
C ARG E 327 -52.38 -87.71 6.33
N PRO E 328 -51.81 -87.34 7.49
CA PRO E 328 -50.49 -86.70 7.48
C PRO E 328 -49.39 -87.51 6.80
N SER E 329 -48.52 -86.81 6.07
CA SER E 329 -47.43 -87.40 5.31
C SER E 329 -46.15 -86.60 5.50
N THR E 330 -44.99 -87.27 5.64
CA THR E 330 -43.72 -86.56 5.75
C THR E 330 -42.90 -86.59 4.44
N GLU E 331 -43.54 -86.93 3.30
CA GLU E 331 -42.86 -87.03 2.03
C GLU E 331 -42.72 -85.69 1.34
N HIS E 332 -41.49 -85.35 0.94
CA HIS E 332 -41.13 -84.09 0.27
C HIS E 332 -41.54 -82.86 1.09
N SER E 333 -41.55 -82.99 2.42
CA SER E 333 -41.94 -81.91 3.30
C SER E 333 -40.96 -80.76 3.24
N TRP E 334 -41.48 -79.55 3.11
CA TRP E 334 -40.64 -78.35 3.05
C TRP E 334 -40.13 -77.90 4.42
N PHE E 335 -40.76 -78.38 5.51
CA PHE E 335 -40.36 -78.09 6.86
C PHE E 335 -39.96 -79.39 7.56
N PRO E 336 -38.65 -79.70 7.56
CA PRO E 336 -38.20 -80.96 8.18
C PRO E 336 -38.67 -81.16 9.61
N GLY E 337 -39.22 -82.34 9.88
CA GLY E 337 -39.76 -82.68 11.19
C GLY E 337 -41.26 -82.46 11.33
N TYR E 338 -41.93 -82.13 10.23
CA TYR E 338 -43.37 -81.90 10.22
C TYR E 338 -44.06 -82.70 9.12
N ALA E 339 -45.32 -83.08 9.36
CA ALA E 339 -46.12 -83.84 8.41
C ALA E 339 -47.27 -82.97 7.93
N TRP E 340 -47.49 -82.95 6.61
CA TRP E 340 -48.53 -82.15 5.99
C TRP E 340 -49.82 -82.92 5.73
N THR E 341 -50.94 -82.20 5.72
CA THR E 341 -52.26 -82.74 5.42
C THR E 341 -53.00 -81.68 4.63
N VAL E 342 -53.51 -82.02 3.44
CA VAL E 342 -54.21 -81.07 2.57
C VAL E 342 -55.38 -80.37 3.27
N ALA E 343 -55.50 -79.06 3.09
CA ALA E 343 -56.56 -78.26 3.70
C ALA E 343 -57.42 -77.58 2.63
N GLN E 344 -58.73 -77.78 2.71
CA GLN E 344 -59.68 -77.20 1.76
C GLN E 344 -60.64 -76.26 2.46
N CYS E 345 -61.17 -75.29 1.72
CA CYS E 345 -62.13 -74.33 2.26
C CYS E 345 -63.45 -75.03 2.53
N LYS E 346 -64.05 -74.73 3.69
CA LYS E 346 -65.30 -75.31 4.15
C LYS E 346 -66.48 -75.06 3.22
N ILE E 347 -66.43 -73.97 2.44
CA ILE E 347 -67.54 -73.61 1.58
C ILE E 347 -67.30 -73.94 0.11
N CYS E 348 -66.22 -73.44 -0.49
CA CYS E 348 -65.97 -73.68 -1.90
C CYS E 348 -65.14 -74.93 -2.20
N ALA E 349 -64.58 -75.59 -1.17
CA ALA E 349 -63.75 -76.78 -1.31
C ALA E 349 -62.51 -76.56 -2.16
N SER E 350 -62.01 -75.32 -2.20
CA SER E 350 -60.81 -75.02 -2.96
C SER E 350 -59.61 -75.24 -2.06
N HIS E 351 -58.53 -75.75 -2.63
CA HIS E 351 -57.30 -75.99 -1.88
C HIS E 351 -56.74 -74.67 -1.35
N ILE E 352 -56.51 -74.60 -0.05
CA ILE E 352 -55.98 -73.41 0.59
C ILE E 352 -54.54 -73.60 1.02
N GLY E 353 -54.21 -74.79 1.49
CA GLY E 353 -52.86 -75.09 1.93
C GLY E 353 -52.72 -76.43 2.61
N TRP E 354 -51.88 -76.49 3.63
CA TRP E 354 -51.62 -77.72 4.36
C TRP E 354 -51.51 -77.48 5.87
N LYS E 355 -51.79 -78.51 6.67
CA LYS E 355 -51.66 -78.42 8.12
C LYS E 355 -50.44 -79.20 8.52
N PHE E 356 -49.46 -78.53 9.12
CA PHE E 356 -48.23 -79.15 9.52
C PHE E 356 -48.27 -79.56 10.97
N THR E 357 -48.01 -80.84 11.22
CA THR E 357 -48.02 -81.41 12.55
C THR E 357 -46.64 -81.97 12.87
N ALA E 358 -46.12 -81.68 14.05
CA ALA E 358 -44.80 -82.15 14.45
C ALA E 358 -44.76 -83.66 14.63
N THR E 359 -43.68 -84.29 14.18
CA THR E 359 -43.51 -85.73 14.32
C THR E 359 -43.10 -86.10 15.75
N LYS E 360 -42.28 -85.25 16.39
CA LYS E 360 -41.82 -85.47 17.76
C LYS E 360 -42.57 -84.55 18.73
N LYS E 361 -42.72 -85.00 19.97
CA LYS E 361 -43.44 -84.26 21.01
C LYS E 361 -42.64 -83.06 21.52
N ASP E 362 -41.31 -83.14 21.50
CA ASP E 362 -40.44 -82.07 21.99
C ASP E 362 -40.37 -80.84 21.07
N MET E 363 -40.85 -80.95 19.83
CA MET E 363 -40.85 -79.82 18.90
C MET E 363 -41.86 -78.76 19.29
N SER E 364 -41.55 -77.50 18.99
CA SER E 364 -42.43 -76.38 19.30
C SER E 364 -42.31 -75.31 18.20
N PRO E 365 -43.43 -74.89 17.60
CA PRO E 365 -44.82 -75.28 17.87
C PRO E 365 -45.17 -76.68 17.37
N GLN E 366 -46.10 -77.34 18.07
CA GLN E 366 -46.53 -78.68 17.72
C GLN E 366 -47.34 -78.72 16.42
N LYS E 367 -48.06 -77.64 16.11
CA LYS E 367 -48.84 -77.58 14.89
C LYS E 367 -48.94 -76.16 14.35
N PHE E 368 -48.95 -76.03 13.03
CA PHE E 368 -49.09 -74.74 12.35
C PHE E 368 -49.74 -74.92 10.96
N TRP E 369 -50.05 -73.81 10.29
CA TRP E 369 -50.69 -73.87 8.98
C TRP E 369 -49.85 -73.18 7.91
N GLY E 370 -49.84 -73.79 6.73
CA GLY E 370 -49.12 -73.25 5.58
C GLY E 370 -50.11 -72.97 4.48
N LEU E 371 -50.35 -71.70 4.16
CA LEU E 371 -51.34 -71.33 3.16
C LEU E 371 -50.72 -70.81 1.87
N THR E 372 -51.21 -71.27 0.71
CA THR E 372 -50.70 -70.82 -0.58
C THR E 372 -51.26 -69.43 -0.93
N ARG E 373 -50.39 -68.51 -1.34
CA ARG E 373 -50.76 -67.14 -1.68
C ARG E 373 -51.75 -67.07 -2.82
N SER E 374 -51.59 -67.94 -3.83
CA SER E 374 -52.48 -68.01 -4.98
C SER E 374 -53.94 -68.32 -4.60
N ALA E 375 -54.18 -68.85 -3.40
CA ALA E 375 -55.52 -69.17 -2.95
C ALA E 375 -56.06 -68.23 -1.85
N LEU E 376 -55.33 -67.17 -1.51
CA LEU E 376 -55.76 -66.23 -0.48
C LEU E 376 -56.10 -64.85 -1.05
N LEU E 377 -56.84 -64.05 -0.28
CA LEU E 377 -57.24 -62.70 -0.68
C LEU E 377 -57.21 -61.78 0.55
N PRO E 378 -56.44 -60.68 0.51
CA PRO E 378 -56.40 -59.77 1.66
C PRO E 378 -57.67 -58.94 1.75
N THR E 379 -58.23 -58.85 2.95
CA THR E 379 -59.48 -58.12 3.16
C THR E 379 -59.39 -57.07 4.25
N ILE E 380 -59.95 -55.89 3.97
CA ILE E 380 -60.02 -54.80 4.92
C ILE E 380 -61.30 -54.98 5.74
N PRO E 381 -61.24 -54.82 7.07
CA PRO E 381 -62.46 -54.98 7.88
C PRO E 381 -63.52 -53.90 7.65
N ASP E 382 -64.72 -54.08 8.23
CA ASP E 382 -65.86 -53.18 8.11
C ASP E 382 -66.40 -53.22 6.64
N THR E 383 -66.74 -52.08 6.00
CA THR E 383 -67.24 -52.09 4.63
C THR E 383 -66.57 -51.04 3.75
N GLU E 384 -65.75 -51.50 2.78
CA GLU E 384 -65.02 -50.65 1.84
C GLU E 384 -64.43 -51.48 0.67
N ASP E 385 -63.94 -50.81 -0.39
CA ASP E 385 -63.34 -51.49 -1.53
C ASP E 385 -61.79 -51.63 -1.38
N GLU E 386 -61.08 -52.08 -2.44
CA GLU E 386 -59.63 -52.28 -2.37
C GLU E 386 -58.83 -51.12 -2.98
N ILE E 387 -57.86 -50.57 -2.22
CA ILE E 387 -57.00 -49.48 -2.68
C ILE E 387 -55.61 -49.56 -2.02
N SER E 388 -54.55 -49.26 -2.78
CA SER E 388 -53.19 -49.31 -2.27
C SER E 388 -52.41 -48.00 -2.47
N PRO E 389 -52.38 -47.13 -1.45
CA PRO E 389 -51.64 -45.85 -1.58
C PRO E 389 -50.14 -45.98 -1.79
N ASP E 390 -49.59 -45.08 -2.62
CA ASP E 390 -48.19 -44.99 -3.02
C ASP E 390 -47.63 -46.29 -3.58
N GLU F 2 -54.92 -97.74 0.54
CA GLU F 2 -53.67 -97.00 0.75
C GLU F 2 -53.63 -95.62 0.06
N ARG F 3 -54.69 -95.27 -0.70
CA ARG F 3 -54.83 -94.01 -1.44
C ARG F 3 -53.68 -93.79 -2.45
N PRO F 4 -53.73 -94.47 -3.60
CA PRO F 4 -52.64 -94.32 -4.57
C PRO F 4 -52.82 -93.18 -5.58
N PHE F 5 -54.06 -92.71 -5.79
CA PHE F 5 -54.32 -91.62 -6.73
C PHE F 5 -54.05 -90.30 -6.04
N HIS F 6 -53.02 -89.54 -6.48
CA HIS F 6 -52.71 -88.26 -5.85
C HIS F 6 -52.83 -87.06 -6.79
N CYS F 7 -53.09 -85.87 -6.22
CA CYS F 7 -53.23 -84.63 -7.00
C CYS F 7 -51.86 -84.02 -7.26
N ASN F 8 -51.50 -83.83 -8.53
CA ASN F 8 -50.22 -83.24 -8.90
C ASN F 8 -50.02 -81.83 -8.34
N GLN F 9 -51.10 -81.05 -8.24
CA GLN F 9 -51.03 -79.67 -7.76
C GLN F 9 -50.80 -79.52 -6.25
N CYS F 10 -51.64 -80.14 -5.41
CA CYS F 10 -51.53 -79.97 -3.96
C CYS F 10 -50.99 -81.20 -3.24
N GLY F 11 -51.30 -82.38 -3.76
CA GLY F 11 -50.84 -83.63 -3.16
C GLY F 11 -51.91 -84.37 -2.39
N ALA F 12 -53.17 -84.16 -2.74
CA ALA F 12 -54.28 -84.80 -2.05
C ALA F 12 -54.37 -86.29 -2.36
N SER F 13 -54.27 -87.12 -1.32
CA SER F 13 -54.34 -88.57 -1.46
C SER F 13 -55.78 -89.02 -1.62
N PHE F 14 -56.06 -89.89 -2.59
CA PHE F 14 -57.40 -90.39 -2.86
C PHE F 14 -57.43 -91.90 -3.10
N THR F 15 -58.44 -92.56 -2.54
CA THR F 15 -58.60 -94.01 -2.69
C THR F 15 -59.06 -94.38 -4.11
N GLN F 16 -59.89 -93.53 -4.74
CA GLN F 16 -60.42 -93.81 -6.06
C GLN F 16 -60.07 -92.74 -7.10
N LYS F 17 -60.11 -93.12 -8.39
CA LYS F 17 -59.81 -92.22 -9.51
C LYS F 17 -60.89 -91.15 -9.71
N GLY F 18 -62.14 -91.51 -9.43
CA GLY F 18 -63.27 -90.59 -9.54
C GLY F 18 -63.18 -89.45 -8.55
N ASN F 19 -62.64 -89.73 -7.36
CA ASN F 19 -62.44 -88.72 -6.32
C ASN F 19 -61.39 -87.71 -6.74
N LEU F 20 -60.32 -88.17 -7.39
CA LEU F 20 -59.23 -87.34 -7.87
C LEU F 20 -59.65 -86.47 -9.05
N LEU F 21 -60.37 -87.03 -10.02
CA LEU F 21 -60.83 -86.30 -11.21
C LEU F 21 -61.75 -85.13 -10.87
N ARG F 22 -62.50 -85.23 -9.77
CA ARG F 22 -63.38 -84.16 -9.34
C ARG F 22 -62.57 -83.09 -8.62
N HIS F 23 -61.62 -83.51 -7.76
CA HIS F 23 -60.75 -82.62 -6.99
C HIS F 23 -59.87 -81.74 -7.89
N ILE F 24 -59.41 -82.27 -9.03
CA ILE F 24 -58.58 -81.48 -9.95
C ILE F 24 -59.40 -80.36 -10.62
N LYS F 25 -60.72 -80.58 -10.82
CA LYS F 25 -61.60 -79.55 -11.39
C LYS F 25 -61.85 -78.40 -10.40
N LEU F 26 -61.67 -78.63 -9.09
CA LEU F 26 -61.85 -77.61 -8.06
C LEU F 26 -60.73 -76.55 -8.17
N HIS F 27 -59.51 -76.96 -8.57
CA HIS F 27 -58.39 -76.04 -8.76
C HIS F 27 -58.60 -75.14 -9.98
N SER F 28 -59.32 -75.64 -11.00
CA SER F 28 -59.62 -74.90 -12.23
C SER F 28 -60.53 -73.70 -11.97
N GLY F 29 -61.46 -73.86 -11.04
CA GLY F 29 -62.40 -72.82 -10.67
C GLY F 29 -63.82 -73.31 -10.88
N MET G 1 -26.86 68.61 25.99
CA MET G 1 -27.38 68.51 27.35
C MET G 1 -26.53 69.24 28.38
N SER G 2 -25.24 69.48 28.09
CA SER G 2 -24.35 70.15 29.04
C SER G 2 -24.28 71.67 28.87
N TYR G 3 -23.95 72.15 27.65
CA TYR G 3 -23.78 73.57 27.30
C TYR G 3 -22.76 74.29 28.18
N ASN G 4 -21.51 74.38 27.71
CA ASN G 4 -20.45 75.06 28.44
C ASN G 4 -19.71 76.07 27.55
N TYR G 5 -18.90 76.94 28.15
CA TYR G 5 -18.17 77.98 27.44
C TYR G 5 -16.72 77.96 27.88
N VAL G 6 -15.78 77.78 26.95
CA VAL G 6 -14.36 77.72 27.26
C VAL G 6 -13.59 78.86 26.59
N VAL G 7 -12.93 79.70 27.39
CA VAL G 7 -12.17 80.83 26.85
C VAL G 7 -10.74 80.84 27.37
N THR G 8 -9.82 81.45 26.61
CA THR G 8 -8.43 81.55 27.01
C THR G 8 -8.20 82.89 27.69
N ALA G 9 -7.75 82.86 28.94
CA ALA G 9 -7.45 84.09 29.68
C ALA G 9 -5.98 84.50 29.52
N GLN G 10 -5.09 83.52 29.31
CA GLN G 10 -3.67 83.78 29.11
C GLN G 10 -3.16 82.92 27.97
N LYS G 11 -2.54 83.55 26.97
CA LYS G 11 -1.96 82.88 25.81
C LYS G 11 -0.81 81.96 26.25
N PRO G 12 -0.60 80.83 25.56
CA PRO G 12 0.51 79.93 25.93
C PRO G 12 1.86 80.63 25.78
N THR G 13 2.67 80.59 26.84
CA THR G 13 3.96 81.25 26.84
C THR G 13 5.16 80.34 26.54
N ALA G 14 4.97 79.02 26.60
CA ALA G 14 6.06 78.08 26.37
C ALA G 14 6.49 78.01 24.89
N VAL G 15 7.77 78.28 24.63
CA VAL G 15 8.32 78.27 23.28
C VAL G 15 8.76 76.88 22.85
N ASN G 16 8.02 76.28 21.93
CA ASN G 16 8.33 74.96 21.40
C ASN G 16 9.14 74.96 20.09
N GLY G 17 9.41 76.14 19.54
CA GLY G 17 10.18 76.27 18.30
C GLY G 17 10.53 77.70 17.95
N CYS G 18 11.68 77.90 17.30
CA CYS G 18 12.12 79.21 16.86
C CYS G 18 13.02 79.11 15.64
N VAL G 19 12.89 80.05 14.70
CA VAL G 19 13.67 80.08 13.47
C VAL G 19 14.05 81.51 13.08
N THR G 20 15.08 81.65 12.25
CA THR G 20 15.52 82.96 11.74
C THR G 20 15.60 82.96 10.22
N GLY G 21 15.48 84.14 9.62
CA GLY G 21 15.54 84.27 8.17
C GLY G 21 15.15 85.65 7.68
N HIS G 22 14.49 85.71 6.53
CA HIS G 22 14.04 86.95 5.91
C HIS G 22 12.60 86.74 5.43
N PHE G 23 11.66 86.76 6.36
CA PHE G 23 10.26 86.51 6.07
C PHE G 23 9.46 87.72 5.58
N THR G 24 9.64 88.88 6.20
CA THR G 24 8.92 90.10 5.82
C THR G 24 9.51 90.77 4.58
N SER G 25 10.83 90.80 4.49
CA SER G 25 11.55 91.40 3.37
C SER G 25 12.98 90.87 3.31
N ALA G 26 13.60 90.88 2.13
CA ALA G 26 14.97 90.39 1.95
C ALA G 26 16.02 91.19 2.74
N GLU G 27 15.69 92.42 3.15
CA GLU G 27 16.62 93.25 3.91
C GLU G 27 16.44 93.04 5.42
N ASP G 28 15.19 93.00 5.89
CA ASP G 28 14.90 92.82 7.32
C ASP G 28 15.31 91.44 7.80
N LEU G 29 15.82 91.36 9.03
CA LEU G 29 16.23 90.10 9.62
C LEU G 29 15.10 89.68 10.55
N ASN G 30 14.41 88.58 10.22
CA ASN G 30 13.27 88.15 11.00
C ASN G 30 13.53 86.98 11.92
N LEU G 31 12.86 86.99 13.07
CA LEU G 31 12.92 85.94 14.07
C LEU G 31 11.49 85.52 14.36
N LEU G 32 11.17 84.25 14.09
CA LEU G 32 9.82 83.74 14.29
C LEU G 32 9.80 82.78 15.46
N ILE G 33 8.92 83.04 16.43
CA ILE G 33 8.81 82.23 17.64
C ILE G 33 7.44 81.58 17.70
N ALA G 34 7.41 80.26 17.86
CA ALA G 34 6.16 79.52 17.96
C ALA G 34 5.83 79.24 19.42
N LYS G 35 4.59 79.46 19.81
CA LYS G 35 4.14 79.20 21.17
C LYS G 35 2.87 78.36 21.09
N ASN G 36 3.06 77.09 20.71
CA ASN G 36 2.02 76.09 20.52
C ASN G 36 1.02 76.49 19.41
N THR G 37 -0.05 77.23 19.73
CA THR G 37 -1.04 77.65 18.73
C THR G 37 -0.83 79.08 18.23
N ARG G 38 0.13 79.82 18.79
CA ARG G 38 0.41 81.20 18.42
C ARG G 38 1.74 81.30 17.70
N LEU G 39 1.87 82.30 16.83
CA LEU G 39 3.11 82.56 16.12
C LEU G 39 3.41 84.03 16.20
N GLU G 40 4.62 84.38 16.61
CA GLU G 40 5.02 85.77 16.74
C GLU G 40 6.19 86.08 15.82
N ILE G 41 6.10 87.20 15.09
CA ILE G 41 7.16 87.62 14.19
C ILE G 41 7.83 88.86 14.76
N TYR G 42 9.16 88.90 14.74
CA TYR G 42 9.91 90.04 15.22
C TYR G 42 11.01 90.41 14.22
N VAL G 43 11.37 91.68 14.19
CA VAL G 43 12.46 92.15 13.34
C VAL G 43 13.65 92.38 14.25
N VAL G 44 14.77 91.71 13.95
CA VAL G 44 15.98 91.83 14.73
C VAL G 44 16.63 93.17 14.48
N THR G 45 16.53 94.07 15.45
CA THR G 45 17.12 95.39 15.34
C THR G 45 18.39 95.48 16.21
N ALA G 46 19.17 96.56 16.05
CA ALA G 46 20.39 96.76 16.83
C ALA G 46 20.07 96.89 18.33
N GLU G 47 18.92 97.50 18.66
CA GLU G 47 18.52 97.70 20.05
C GLU G 47 18.01 96.41 20.69
N GLY G 48 17.11 95.73 20.00
CA GLY G 48 16.52 94.48 20.49
C GLY G 48 15.61 93.88 19.45
N LEU G 49 14.39 93.50 19.83
CA LEU G 49 13.42 92.93 18.90
C LEU G 49 12.30 93.91 18.63
N ARG G 50 11.81 93.95 17.40
CA ARG G 50 10.73 94.85 17.01
C ARG G 50 9.50 94.03 16.65
N PRO G 51 8.46 94.05 17.50
CA PRO G 51 7.25 93.27 17.18
C PRO G 51 6.50 93.80 15.97
N VAL G 52 6.03 92.90 15.11
CA VAL G 52 5.34 93.29 13.88
C VAL G 52 3.95 92.65 13.79
N LYS G 53 3.88 91.33 14.01
CA LYS G 53 2.61 90.63 13.89
C LYS G 53 2.56 89.41 14.80
N GLU G 54 1.38 89.13 15.37
CA GLU G 54 1.15 87.98 16.23
C GLU G 54 -0.13 87.32 15.72
N VAL G 55 -0.02 86.07 15.24
CA VAL G 55 -1.18 85.37 14.69
C VAL G 55 -1.56 84.14 15.49
N GLY G 56 -2.83 83.76 15.39
CA GLY G 56 -3.37 82.59 16.06
C GLY G 56 -3.85 81.56 15.06
N MET G 57 -3.23 80.40 15.06
CA MET G 57 -3.55 79.32 14.13
C MET G 57 -4.60 78.35 14.66
N TYR G 58 -5.15 77.51 13.77
CA TYR G 58 -6.10 76.48 14.16
C TYR G 58 -5.39 75.14 14.07
N GLY G 59 -4.29 75.05 14.80
CA GLY G 59 -3.44 73.86 14.84
C GLY G 59 -2.26 74.03 15.78
N LYS G 60 -1.79 72.92 16.35
CA LYS G 60 -0.66 72.96 17.26
C LYS G 60 0.61 72.89 16.46
N ILE G 61 1.34 74.00 16.33
CA ILE G 61 2.60 74.07 15.57
C ILE G 61 3.58 72.98 15.98
N ALA G 62 3.76 71.98 15.11
CA ALA G 62 4.68 70.88 15.38
C ALA G 62 5.99 71.14 14.63
N VAL G 63 5.91 71.53 13.35
CA VAL G 63 7.10 71.85 12.57
C VAL G 63 6.95 73.25 12.01
N MET G 64 8.02 74.05 12.10
CA MET G 64 8.01 75.42 11.60
C MET G 64 9.37 75.70 10.99
N GLU G 65 9.44 75.81 9.65
CA GLU G 65 10.71 76.04 8.97
C GLU G 65 10.58 77.09 7.87
N LEU G 66 11.60 77.94 7.72
CA LEU G 66 11.64 78.94 6.65
C LEU G 66 12.51 78.44 5.50
N PHE G 67 12.23 78.91 4.29
CA PHE G 67 12.98 78.49 3.10
C PHE G 67 12.80 79.48 1.95
N ARG G 68 13.72 79.45 0.97
CA ARG G 68 13.58 80.30 -0.20
C ARG G 68 13.73 79.57 -1.51
N PRO G 69 12.62 79.37 -2.24
CA PRO G 69 12.73 78.75 -3.57
C PRO G 69 13.41 79.71 -4.55
N LYS G 70 14.08 79.18 -5.59
CA LYS G 70 14.76 80.04 -6.57
C LYS G 70 13.75 80.82 -7.40
N GLY G 71 13.91 82.13 -7.42
CA GLY G 71 13.00 83.04 -8.11
C GLY G 71 12.15 83.88 -7.18
N GLU G 72 12.05 83.48 -5.91
CA GLU G 72 11.26 84.20 -4.91
C GLU G 72 12.01 85.40 -4.34
N SER G 73 11.27 86.48 -4.07
CA SER G 73 11.85 87.72 -3.55
C SER G 73 12.28 87.59 -2.10
N LYS G 74 11.54 86.81 -1.31
CA LYS G 74 11.86 86.61 0.10
C LYS G 74 11.53 85.18 0.58
N ASP G 75 11.85 84.86 1.84
CA ASP G 75 11.60 83.54 2.39
C ASP G 75 10.12 83.29 2.66
N LEU G 76 9.70 82.04 2.44
CA LEU G 76 8.35 81.57 2.71
C LEU G 76 8.42 80.66 3.95
N LEU G 77 7.33 80.58 4.71
CA LEU G 77 7.29 79.75 5.91
C LEU G 77 6.47 78.49 5.69
N PHE G 78 6.83 77.41 6.36
CA PHE G 78 6.09 76.17 6.29
C PHE G 78 5.74 75.75 7.71
N ILE G 79 4.45 75.50 7.97
CA ILE G 79 3.99 75.07 9.29
C ILE G 79 3.16 73.79 9.18
N LEU G 80 3.53 72.78 9.95
CA LEU G 80 2.78 71.53 10.01
C LEU G 80 2.22 71.42 11.42
N THR G 81 0.91 71.23 11.54
CA THR G 81 0.26 71.15 12.85
C THR G 81 0.24 69.69 13.38
N ALA G 82 -0.14 69.51 14.66
CA ALA G 82 -0.21 68.19 15.30
C ALA G 82 -1.21 67.28 14.59
N LYS G 83 -2.31 67.86 14.07
CA LYS G 83 -3.31 67.09 13.34
C LYS G 83 -2.92 66.84 11.86
N TYR G 84 -1.62 66.95 11.54
CA TYR G 84 -1.05 66.73 10.22
C TYR G 84 -1.52 67.73 9.16
N ASN G 85 -1.87 68.97 9.57
CA ASN G 85 -2.28 70.00 8.61
C ASN G 85 -1.07 70.80 8.20
N ALA G 86 -0.70 70.73 6.93
CA ALA G 86 0.45 71.45 6.42
C ALA G 86 0.04 72.67 5.62
N CYS G 87 0.82 73.75 5.74
CA CYS G 87 0.53 74.98 5.01
C CYS G 87 1.79 75.81 4.78
N ILE G 88 1.88 76.42 3.60
CA ILE G 88 2.98 77.32 3.27
C ILE G 88 2.42 78.73 3.32
N LEU G 89 3.08 79.62 4.04
CA LEU G 89 2.62 80.99 4.21
C LEU G 89 3.60 82.03 3.70
N GLU G 90 3.07 83.18 3.29
CA GLU G 90 3.86 84.31 2.81
C GLU G 90 3.41 85.56 3.57
N TYR G 91 4.36 86.46 3.85
CA TYR G 91 4.07 87.70 4.54
C TYR G 91 3.73 88.75 3.50
N LYS G 92 2.59 89.43 3.65
CA LYS G 92 2.20 90.45 2.68
C LYS G 92 1.82 91.77 3.36
N GLN G 93 2.69 92.77 3.25
CA GLN G 93 2.44 94.07 3.84
C GLN G 93 2.18 95.08 2.74
N SER G 94 0.98 95.68 2.73
CA SER G 94 0.60 96.66 1.73
C SER G 94 0.36 98.01 2.41
N GLY G 95 1.44 98.67 2.80
CA GLY G 95 1.36 99.94 3.50
C GLY G 95 1.27 99.72 4.99
N GLU G 96 0.07 99.83 5.55
CA GLU G 96 -0.14 99.59 6.98
C GLU G 96 -0.99 98.34 7.28
N SER G 97 -1.51 97.66 6.24
CA SER G 97 -2.31 96.46 6.41
C SER G 97 -1.42 95.24 6.39
N ILE G 98 -1.34 94.53 7.52
CA ILE G 98 -0.51 93.34 7.61
C ILE G 98 -1.38 92.09 7.71
N ASP G 99 -1.32 91.25 6.68
CA ASP G 99 -2.09 90.01 6.65
C ASP G 99 -1.18 88.87 6.24
N ILE G 100 -1.37 87.68 6.83
CA ILE G 100 -0.56 86.51 6.50
C ILE G 100 -1.33 85.67 5.50
N ILE G 101 -0.81 85.52 4.28
CA ILE G 101 -1.49 84.76 3.25
C ILE G 101 -1.06 83.30 3.19
N THR G 102 -1.95 82.46 2.68
CA THR G 102 -1.72 81.03 2.56
C THR G 102 -1.52 80.67 1.08
N ARG G 103 -0.30 80.27 0.71
CA ARG G 103 -0.01 79.91 -0.67
C ARG G 103 -0.53 78.52 -1.01
N ALA G 104 -0.35 77.57 -0.10
CA ALA G 104 -0.80 76.20 -0.31
C ALA G 104 -1.16 75.55 1.03
N HIS G 105 -2.21 74.73 1.05
CA HIS G 105 -2.66 74.08 2.27
C HIS G 105 -3.18 72.66 1.98
N GLY G 106 -3.19 71.82 3.01
CA GLY G 106 -3.68 70.46 2.87
C GLY G 106 -3.32 69.56 4.03
N ASN G 107 -3.97 68.39 4.11
CA ASN G 107 -3.71 67.44 5.19
C ASN G 107 -2.91 66.25 4.65
N VAL G 108 -1.90 65.81 5.39
CA VAL G 108 -1.05 64.69 4.99
C VAL G 108 -1.30 63.41 5.80
N GLN G 109 -2.27 63.42 6.72
CA GLN G 109 -2.57 62.27 7.57
C GLN G 109 -2.99 61.07 6.74
N ASP G 110 -2.27 59.95 6.91
CA ASP G 110 -2.61 58.71 6.23
C ASP G 110 -3.72 58.00 6.99
N ARG G 111 -4.56 57.23 6.28
CA ARG G 111 -5.64 56.51 6.94
C ARG G 111 -5.13 55.37 7.84
N ILE G 112 -3.96 54.80 7.50
CA ILE G 112 -3.34 53.73 8.27
C ILE G 112 -1.86 54.08 8.53
N GLY G 113 -1.38 53.75 9.73
CA GLY G 113 0.00 54.02 10.11
C GLY G 113 0.21 54.20 11.59
N ARG G 114 1.39 53.82 12.09
CA ARG G 114 1.71 53.96 13.50
C ARG G 114 2.58 55.20 13.71
N PRO G 115 2.05 56.22 14.41
CA PRO G 115 2.85 57.43 14.66
C PRO G 115 4.16 57.11 15.35
N SER G 116 5.24 57.71 14.86
CA SER G 116 6.57 57.43 15.35
C SER G 116 6.80 57.75 16.82
N GLU G 117 7.76 57.06 17.44
CA GLU G 117 8.12 57.27 18.84
C GLU G 117 8.87 58.59 19.01
N THR G 118 9.76 58.91 18.04
CA THR G 118 10.54 60.15 18.05
C THR G 118 9.73 61.38 17.52
N GLY G 119 8.41 61.25 17.45
CA GLY G 119 7.52 62.31 17.01
C GLY G 119 7.64 62.67 15.54
N ILE G 120 6.87 63.67 15.12
CA ILE G 120 6.86 64.13 13.75
C ILE G 120 8.16 64.86 13.44
N ILE G 121 8.76 64.53 12.29
CA ILE G 121 9.99 65.18 11.84
C ILE G 121 9.73 65.85 10.50
N GLY G 122 10.21 67.07 10.34
CA GLY G 122 10.02 67.82 9.10
C GLY G 122 11.29 68.52 8.65
N ILE G 123 11.73 68.25 7.43
CA ILE G 123 12.94 68.84 6.87
C ILE G 123 12.72 69.39 5.46
N ILE G 124 13.53 70.38 5.07
CA ILE G 124 13.45 70.98 3.74
C ILE G 124 14.82 70.91 3.07
N ASP G 125 14.84 70.56 1.78
CA ASP G 125 16.05 70.44 0.99
C ASP G 125 16.75 71.81 0.86
N PRO G 126 18.09 71.85 0.89
CA PRO G 126 18.78 73.14 0.77
C PRO G 126 18.43 73.95 -0.48
N GLU G 127 18.24 73.28 -1.62
CA GLU G 127 17.87 73.96 -2.86
C GLU G 127 16.35 74.21 -3.00
N CYS G 128 15.55 73.84 -1.98
CA CYS G 128 14.10 74.00 -1.94
C CYS G 128 13.43 73.20 -3.07
N ARG G 129 13.72 71.90 -3.13
CA ARG G 129 13.17 71.03 -4.17
C ARG G 129 12.00 70.18 -3.68
N MET G 130 11.94 69.90 -2.37
CA MET G 130 10.88 69.08 -1.77
C MET G 130 10.85 69.23 -0.23
N ILE G 131 9.78 68.76 0.40
CA ILE G 131 9.66 68.75 1.84
C ILE G 131 9.56 67.31 2.28
N GLY G 132 10.44 66.90 3.17
CA GLY G 132 10.44 65.53 3.68
C GLY G 132 9.84 65.44 5.06
N LEU G 133 8.92 64.50 5.27
CA LEU G 133 8.27 64.32 6.55
C LEU G 133 8.36 62.90 7.03
N ARG G 134 8.51 62.72 8.34
CA ARG G 134 8.55 61.41 8.95
C ARG G 134 7.43 61.42 9.98
N LEU G 135 6.35 60.70 9.68
CA LEU G 135 5.20 60.65 10.56
C LEU G 135 4.97 59.24 11.08
N TYR G 136 5.19 58.24 10.22
CA TYR G 136 4.95 56.84 10.58
C TYR G 136 6.23 56.05 10.39
N ASP G 137 6.55 55.17 11.35
CA ASP G 137 7.76 54.34 11.29
C ASP G 137 7.77 53.48 10.03
N GLY G 138 8.81 53.64 9.22
CA GLY G 138 8.98 52.90 7.99
C GLY G 138 8.48 53.59 6.74
N LEU G 139 7.81 54.74 6.90
CA LEU G 139 7.27 55.48 5.77
C LEU G 139 7.81 56.89 5.73
N PHE G 140 8.42 57.28 4.60
CA PHE G 140 8.95 58.64 4.44
C PHE G 140 8.08 59.38 3.43
N LYS G 141 7.34 60.37 3.91
CA LYS G 141 6.44 61.17 3.07
C LYS G 141 7.18 62.29 2.37
N VAL G 142 7.00 62.40 1.05
CA VAL G 142 7.66 63.44 0.26
C VAL G 142 6.62 64.37 -0.36
N ILE G 143 6.82 65.69 -0.20
CA ILE G 143 5.91 66.68 -0.77
C ILE G 143 6.67 67.53 -1.75
N PRO G 144 6.38 67.40 -3.05
CA PRO G 144 7.09 68.23 -4.04
C PRO G 144 6.79 69.72 -3.88
N LEU G 145 7.84 70.56 -3.92
CA LEU G 145 7.71 72.01 -3.74
C LEU G 145 7.44 72.73 -5.07
N ASP G 146 6.29 72.44 -5.67
CA ASP G 146 5.89 73.01 -6.95
C ASP G 146 4.82 74.09 -6.78
N ARG G 147 4.74 75.02 -7.74
CA ARG G 147 3.75 76.09 -7.72
C ARG G 147 2.34 75.53 -7.94
N ASP G 148 2.22 74.52 -8.82
CA ASP G 148 0.94 73.88 -9.12
C ASP G 148 0.40 73.00 -7.99
N ASN G 149 1.28 72.58 -7.06
CA ASN G 149 0.86 71.72 -5.96
C ASN G 149 0.24 72.53 -4.82
N LYS G 150 -0.87 73.22 -5.12
CA LYS G 150 -1.59 74.01 -4.14
C LYS G 150 -2.27 73.10 -3.10
N GLU G 151 -2.67 71.88 -3.48
CA GLU G 151 -3.28 70.94 -2.56
C GLU G 151 -2.28 70.19 -1.67
N LEU G 152 -0.97 70.36 -1.94
CA LEU G 152 0.12 69.73 -1.19
C LEU G 152 0.06 68.21 -1.19
N LYS G 153 -0.18 67.63 -2.38
CA LYS G 153 -0.20 66.20 -2.58
C LYS G 153 1.17 65.62 -2.26
N ALA G 154 1.19 64.46 -1.60
CA ALA G 154 2.42 63.84 -1.17
C ALA G 154 2.45 62.33 -1.51
N PHE G 155 3.65 61.71 -1.51
CA PHE G 155 3.78 60.29 -1.77
C PHE G 155 4.72 59.63 -0.77
N ASN G 156 4.44 58.38 -0.41
CA ASN G 156 5.25 57.66 0.56
C ASN G 156 6.30 56.77 -0.08
N ILE G 157 7.44 56.64 0.59
CA ILE G 157 8.51 55.75 0.16
C ILE G 157 8.83 54.80 1.30
N ARG G 158 8.94 53.51 1.01
CA ARG G 158 9.21 52.49 2.02
C ARG G 158 10.65 52.52 2.53
N LEU G 159 10.81 52.51 3.85
CA LEU G 159 12.11 52.55 4.51
C LEU G 159 12.26 51.29 5.35
N GLU G 160 13.35 50.53 5.16
CA GLU G 160 13.58 49.30 5.95
C GLU G 160 14.02 49.57 7.38
N GLU G 161 14.61 50.75 7.62
CA GLU G 161 15.05 51.20 8.93
C GLU G 161 13.80 51.71 9.63
N LEU G 162 13.34 50.99 10.66
CA LEU G 162 12.11 51.33 11.35
C LEU G 162 12.30 52.35 12.47
N HIS G 163 13.27 52.11 13.34
CA HIS G 163 13.52 53.00 14.46
C HIS G 163 14.52 54.08 14.10
N VAL G 164 14.09 55.09 13.33
CA VAL G 164 14.95 56.19 12.93
C VAL G 164 14.93 57.25 14.02
N ILE G 165 16.10 57.56 14.57
CA ILE G 165 16.24 58.55 15.63
C ILE G 165 16.16 59.98 15.08
N ASP G 166 16.94 60.29 14.04
CA ASP G 166 16.93 61.62 13.44
C ASP G 166 17.26 61.55 11.95
N VAL G 167 16.87 62.58 11.19
CA VAL G 167 17.12 62.66 9.76
C VAL G 167 17.24 64.13 9.32
N LYS G 168 18.17 64.41 8.39
CA LYS G 168 18.41 65.75 7.86
C LYS G 168 18.79 65.70 6.38
N PHE G 169 18.73 66.84 5.69
CA PHE G 169 19.15 66.92 4.28
C PHE G 169 20.62 67.30 4.20
N LEU G 170 21.30 66.95 3.10
CA LEU G 170 22.71 67.26 2.93
C LEU G 170 22.95 68.43 2.00
N TYR G 171 24.00 69.20 2.27
CA TYR G 171 24.38 70.36 1.45
C TYR G 171 25.47 69.97 0.46
N GLY G 172 25.53 70.69 -0.65
CA GLY G 172 26.54 70.44 -1.68
C GLY G 172 26.39 69.11 -2.39
N CYS G 173 25.18 68.55 -2.38
CA CYS G 173 24.92 67.28 -3.03
C CYS G 173 24.05 67.52 -4.25
N GLN G 174 24.51 67.05 -5.42
CA GLN G 174 23.81 67.22 -6.70
C GLN G 174 22.40 66.64 -6.68
N ALA G 175 22.21 65.55 -5.92
CA ALA G 175 20.91 64.90 -5.77
C ALA G 175 20.40 65.15 -4.33
N PRO G 176 19.06 65.21 -4.14
CA PRO G 176 18.52 65.45 -2.79
C PRO G 176 18.78 64.27 -1.85
N THR G 177 19.92 64.33 -1.15
CA THR G 177 20.37 63.27 -0.27
C THR G 177 19.94 63.50 1.18
N ILE G 178 19.48 62.43 1.83
CA ILE G 178 19.09 62.46 3.23
C ILE G 178 20.06 61.63 4.06
N CYS G 179 20.49 62.17 5.20
CA CYS G 179 21.37 61.45 6.11
C CYS G 179 20.61 61.26 7.40
N PHE G 180 20.52 60.02 7.87
CA PHE G 180 19.76 59.71 9.07
C PHE G 180 20.47 58.73 10.00
N VAL G 181 20.16 58.83 11.29
CA VAL G 181 20.71 57.92 12.29
C VAL G 181 19.56 57.06 12.80
N TYR G 182 19.73 55.74 12.77
CA TYR G 182 18.71 54.78 13.20
C TYR G 182 19.31 53.72 14.14
N GLN G 183 18.47 52.82 14.67
CA GLN G 183 18.93 51.74 15.53
C GLN G 183 18.41 50.39 15.02
N ASP G 184 19.24 49.35 15.15
CA ASP G 184 18.93 47.97 14.81
C ASP G 184 19.51 47.03 15.90
N PRO G 185 19.21 45.70 15.91
CA PRO G 185 19.78 44.84 16.96
C PRO G 185 21.30 44.87 17.09
N GLN G 186 22.02 45.20 16.00
CA GLN G 186 23.49 45.28 16.04
C GLN G 186 24.04 46.59 16.63
N GLY G 187 23.18 47.59 16.85
CA GLY G 187 23.58 48.87 17.40
C GLY G 187 23.00 50.05 16.64
N ARG G 188 23.50 51.26 16.92
CA ARG G 188 23.04 52.45 16.23
C ARG G 188 23.95 52.74 15.05
N HIS G 189 23.38 53.11 13.91
CA HIS G 189 24.17 53.38 12.72
C HIS G 189 23.71 54.63 11.97
N VAL G 190 24.62 55.20 11.18
CA VAL G 190 24.32 56.35 10.34
C VAL G 190 24.23 55.85 8.88
N LYS G 191 23.22 56.29 8.13
CA LYS G 191 23.03 55.83 6.76
C LYS G 191 22.54 56.96 5.85
N THR G 192 22.84 56.86 4.55
CA THR G 192 22.44 57.88 3.59
C THR G 192 21.62 57.30 2.43
N TYR G 193 20.72 58.10 1.88
CA TYR G 193 19.87 57.72 0.75
C TYR G 193 19.69 58.89 -0.21
N GLU G 194 19.39 58.59 -1.48
CA GLU G 194 19.14 59.63 -2.48
C GLU G 194 17.67 59.56 -2.86
N VAL G 195 16.94 60.66 -2.68
CA VAL G 195 15.52 60.71 -2.99
C VAL G 195 15.32 61.04 -4.47
N SER G 196 14.74 60.11 -5.24
CA SER G 196 14.50 60.30 -6.66
C SER G 196 13.03 60.61 -6.90
N LEU G 197 12.73 61.74 -7.54
CA LEU G 197 11.36 62.16 -7.82
C LEU G 197 10.78 61.45 -9.04
N ARG G 198 11.60 61.21 -10.06
CA ARG G 198 11.16 60.52 -11.27
C ARG G 198 10.80 59.07 -10.92
N GLU G 199 11.67 58.41 -10.14
CA GLU G 199 11.42 57.04 -9.72
C GLU G 199 10.48 56.94 -8.52
N LYS G 200 10.28 58.06 -7.77
CA LYS G 200 9.48 58.11 -6.55
C LYS G 200 9.98 57.08 -5.54
N GLU G 201 11.30 56.89 -5.47
CA GLU G 201 11.94 55.87 -4.66
C GLU G 201 13.32 56.34 -4.12
N PHE G 202 14.10 55.42 -3.51
CA PHE G 202 15.42 55.72 -2.99
C PHE G 202 16.50 55.06 -3.83
N ASN G 203 17.66 55.70 -3.87
CA ASN G 203 18.84 55.20 -4.58
C ASN G 203 20.03 55.19 -3.61
N LYS G 204 21.05 54.37 -3.90
CA LYS G 204 22.25 54.23 -3.06
C LYS G 204 22.85 55.57 -2.61
N GLY G 205 23.09 55.69 -1.32
CA GLY G 205 23.65 56.91 -0.74
C GLY G 205 25.07 57.17 -1.14
N PRO G 206 25.55 58.41 -0.94
CA PRO G 206 26.93 58.73 -1.33
C PRO G 206 27.99 58.00 -0.52
N TRP G 207 27.71 57.75 0.77
CA TRP G 207 28.67 57.04 1.62
C TRP G 207 28.07 55.77 2.23
N LYS G 208 28.94 54.85 2.67
CA LYS G 208 28.54 53.58 3.27
C LYS G 208 28.01 53.75 4.71
N GLN G 209 27.39 52.70 5.26
CA GLN G 209 26.85 52.72 6.61
C GLN G 209 27.95 52.57 7.64
N GLU G 210 28.14 53.58 8.48
CA GLU G 210 29.15 53.56 9.53
C GLU G 210 28.51 53.34 10.89
N ASN G 211 29.14 52.52 11.74
CA ASN G 211 28.64 52.27 13.08
C ASN G 211 28.99 53.47 13.94
N VAL G 212 28.00 54.00 14.68
CA VAL G 212 28.19 55.18 15.53
C VAL G 212 27.91 54.85 17.03
N GLU G 213 28.12 55.82 17.95
CA GLU G 213 27.89 55.69 19.38
C GLU G 213 26.50 55.13 19.67
N ALA G 214 26.38 54.25 20.67
CA ALA G 214 25.09 53.68 21.05
C ALA G 214 24.10 54.73 21.62
N GLU G 215 24.59 55.93 21.95
CA GLU G 215 23.76 57.01 22.46
C GLU G 215 23.64 58.20 21.49
N ALA G 216 23.86 57.97 20.18
CA ALA G 216 23.76 59.00 19.16
C ALA G 216 22.32 59.50 19.08
N SER G 217 22.08 60.76 19.45
CA SER G 217 20.72 61.29 19.47
C SER G 217 20.42 62.37 18.43
N MET G 218 21.37 63.27 18.17
CA MET G 218 21.13 64.40 17.28
C MET G 218 21.97 64.39 16.00
N VAL G 219 21.39 64.91 14.88
CA VAL G 219 22.04 65.01 13.57
C VAL G 219 22.03 66.48 13.10
N ILE G 220 23.21 67.02 12.73
CA ILE G 220 23.33 68.41 12.26
C ILE G 220 23.84 68.48 10.83
N ALA G 221 23.08 69.15 9.95
CA ALA G 221 23.44 69.31 8.55
C ALA G 221 24.51 70.38 8.37
N VAL G 222 25.68 69.99 7.87
CA VAL G 222 26.78 70.92 7.67
C VAL G 222 26.70 71.57 6.29
N PRO G 223 26.72 72.90 6.24
CA PRO G 223 26.67 73.57 4.93
C PRO G 223 28.03 73.68 4.25
N GLU G 224 28.06 74.21 3.01
CA GLU G 224 29.29 74.41 2.25
C GLU G 224 30.19 75.43 2.95
N PRO G 225 31.53 75.35 2.75
CA PRO G 225 32.26 74.41 1.89
C PRO G 225 32.59 73.07 2.53
N PHE G 226 32.25 72.87 3.80
CA PHE G 226 32.54 71.62 4.48
C PHE G 226 31.70 70.44 3.99
N GLY G 227 30.38 70.60 4.06
CA GLY G 227 29.47 69.52 3.68
C GLY G 227 29.43 68.42 4.72
N GLY G 228 28.77 67.32 4.42
CA GLY G 228 28.67 66.20 5.34
C GLY G 228 27.73 66.48 6.50
N ALA G 229 27.87 65.70 7.58
CA ALA G 229 27.00 65.85 8.73
C ALA G 229 27.72 65.62 10.07
N ILE G 230 27.13 66.15 11.16
CA ILE G 230 27.67 65.99 12.51
C ILE G 230 26.70 65.15 13.35
N ILE G 231 27.22 64.22 14.14
CA ILE G 231 26.40 63.37 15.00
C ILE G 231 26.74 63.62 16.47
N ILE G 232 25.74 64.02 17.25
CA ILE G 232 25.93 64.32 18.67
C ILE G 232 25.21 63.32 19.56
N GLY G 233 25.90 62.85 20.59
CA GLY G 233 25.34 61.90 21.52
C GLY G 233 25.52 62.33 22.97
N GLN G 234 25.69 61.36 23.86
CA GLN G 234 25.90 61.64 25.28
C GLN G 234 27.36 61.91 25.60
N GLU G 235 28.29 61.17 24.95
CA GLU G 235 29.71 61.32 25.24
C GLU G 235 30.57 61.68 24.03
N SER G 236 30.05 61.49 22.80
CA SER G 236 30.85 61.74 21.62
C SER G 236 30.25 62.72 20.62
N ILE G 237 31.12 63.39 19.86
CA ILE G 237 30.73 64.31 18.81
C ILE G 237 31.54 63.92 17.59
N THR G 238 30.87 63.36 16.56
CA THR G 238 31.55 62.91 15.35
C THR G 238 31.15 63.68 14.11
N TYR G 239 31.99 63.62 13.07
CA TYR G 239 31.73 64.27 11.79
C TYR G 239 31.95 63.24 10.69
N HIS G 240 30.92 63.00 9.86
CA HIS G 240 30.96 62.06 8.75
C HIS G 240 30.72 62.77 7.43
N ASN G 241 31.58 62.57 6.45
CA ASN G 241 31.44 63.19 5.12
C ASN G 241 31.57 62.16 3.96
N GLY G 242 32.14 61.00 4.24
CA GLY G 242 32.39 59.93 3.29
C GLY G 242 33.74 59.33 3.60
N ASP G 243 34.80 59.91 3.04
CA ASP G 243 36.15 59.47 3.33
C ASP G 243 36.71 60.17 4.59
N LYS G 244 36.18 61.36 4.94
CA LYS G 244 36.63 62.11 6.12
C LYS G 244 35.84 61.74 7.37
N TYR G 245 36.55 61.38 8.43
CA TYR G 245 35.93 61.02 9.69
C TYR G 245 36.69 61.63 10.85
N LEU G 246 36.00 62.41 11.67
CA LEU G 246 36.60 62.99 12.87
C LEU G 246 35.75 62.64 14.07
N ALA G 247 36.40 62.39 15.22
CA ALA G 247 35.68 62.01 16.42
C ALA G 247 36.35 62.57 17.67
N ILE G 248 35.61 63.34 18.45
CA ILE G 248 36.13 63.91 19.69
C ILE G 248 35.27 63.47 20.88
N ALA G 249 35.91 63.28 22.04
CA ALA G 249 35.18 62.88 23.25
C ALA G 249 35.41 63.89 24.36
N PRO G 250 34.79 65.07 24.28
CA PRO G 250 35.01 66.09 25.32
C PRO G 250 34.33 65.71 26.63
N PRO G 251 35.10 65.66 27.73
CA PRO G 251 34.50 65.30 29.03
C PRO G 251 33.56 66.36 29.61
N ILE G 252 33.60 67.59 29.08
CA ILE G 252 32.77 68.70 29.54
C ILE G 252 31.27 68.48 29.30
N ILE G 253 30.91 67.64 28.32
CA ILE G 253 29.50 67.40 28.00
C ILE G 253 28.93 66.12 28.60
N LYS G 254 29.76 65.26 29.20
CA LYS G 254 29.31 63.99 29.79
C LYS G 254 28.31 64.16 30.94
N GLN G 255 28.28 65.35 31.56
CA GLN G 255 27.38 65.63 32.68
C GLN G 255 25.90 65.54 32.27
N SER G 256 25.59 65.95 31.02
CA SER G 256 24.22 65.89 30.52
C SER G 256 24.17 65.77 28.99
N THR G 257 23.08 65.23 28.46
CA THR G 257 22.94 65.05 27.01
C THR G 257 22.55 66.35 26.33
N ILE G 258 23.09 66.60 25.12
CA ILE G 258 22.76 67.79 24.34
C ILE G 258 21.43 67.53 23.62
N VAL G 259 20.51 68.50 23.67
CA VAL G 259 19.19 68.31 23.10
C VAL G 259 18.80 69.30 22.00
N CYS G 260 19.39 70.51 22.01
CA CYS G 260 19.05 71.52 21.00
C CYS G 260 20.28 72.19 20.41
N HIS G 261 20.12 72.84 19.26
CA HIS G 261 21.21 73.49 18.56
C HIS G 261 20.72 74.56 17.56
N ASN G 262 21.66 75.29 16.95
CA ASN G 262 21.43 76.24 15.88
C ASN G 262 22.76 76.68 15.26
N ARG G 263 22.72 77.11 14.00
CA ARG G 263 23.89 77.55 13.26
C ARG G 263 24.22 79.01 13.57
N VAL G 264 25.49 79.29 13.88
CA VAL G 264 25.92 80.66 14.17
C VAL G 264 26.47 81.30 12.90
N ASP G 265 27.45 80.65 12.25
CA ASP G 265 28.05 81.14 11.03
C ASP G 265 27.46 80.37 9.85
N PRO G 266 26.95 81.07 8.83
CA PRO G 266 26.34 80.36 7.69
C PRO G 266 27.26 79.39 6.96
N ASN G 267 28.58 79.59 7.05
CA ASN G 267 29.53 78.67 6.41
C ASN G 267 29.69 77.34 7.16
N GLY G 268 29.35 77.32 8.44
CA GLY G 268 29.44 76.11 9.27
C GLY G 268 30.66 76.05 10.15
N SER G 269 31.18 77.22 10.55
CA SER G 269 32.37 77.27 11.39
C SER G 269 32.04 77.29 12.89
N ARG G 270 30.88 77.83 13.27
CA ARG G 270 30.49 77.88 14.67
C ARG G 270 29.04 77.46 14.85
N TYR G 271 28.79 76.64 15.88
CA TYR G 271 27.45 76.14 16.22
C TYR G 271 27.21 76.28 17.73
N LEU G 272 25.95 76.45 18.13
CA LEU G 272 25.60 76.53 19.54
C LEU G 272 24.94 75.24 19.99
N LEU G 273 25.23 74.78 21.22
CA LEU G 273 24.67 73.55 21.74
C LEU G 273 24.08 73.78 23.12
N GLY G 274 22.90 73.23 23.37
CA GLY G 274 22.24 73.36 24.67
C GLY G 274 21.90 72.00 25.27
N ASP G 275 22.19 71.80 26.55
CA ASP G 275 21.91 70.51 27.20
C ASP G 275 20.65 70.58 28.11
N MET G 276 20.30 69.46 28.77
CA MET G 276 19.12 69.37 29.64
C MET G 276 19.26 70.17 30.93
N GLU G 277 20.49 70.48 31.36
CA GLU G 277 20.70 71.23 32.60
C GLU G 277 20.82 72.76 32.42
N GLY G 278 20.58 73.26 31.21
CA GLY G 278 20.63 74.69 30.94
C GLY G 278 21.97 75.24 30.49
N ARG G 279 23.02 74.40 30.45
CA ARG G 279 24.34 74.83 30.03
C ARG G 279 24.40 75.08 28.53
N LEU G 280 25.09 76.14 28.13
CA LEU G 280 25.23 76.50 26.72
C LEU G 280 26.68 76.37 26.31
N PHE G 281 26.95 75.51 25.33
CA PHE G 281 28.29 75.26 24.80
C PHE G 281 28.43 75.82 23.38
N MET G 282 29.66 75.98 22.92
CA MET G 282 29.95 76.45 21.57
C MET G 282 30.85 75.45 20.86
N LEU G 283 30.39 74.93 19.72
CA LEU G 283 31.15 74.00 18.90
C LEU G 283 31.84 74.82 17.80
N LEU G 284 33.13 74.58 17.61
CA LEU G 284 33.92 75.26 16.59
C LEU G 284 34.49 74.22 15.64
N LEU G 285 34.48 74.53 14.35
CA LEU G 285 35.02 73.64 13.33
C LEU G 285 36.19 74.37 12.68
N GLU G 286 37.39 73.80 12.75
CA GLU G 286 38.57 74.45 12.19
C GLU G 286 38.72 74.19 10.71
N LYS G 287 39.13 75.22 9.94
CA LYS G 287 39.32 75.10 8.50
C LYS G 287 40.77 75.36 8.12
N VAL G 295 39.81 74.54 3.42
CA VAL G 295 39.21 73.55 2.53
C VAL G 295 38.76 72.31 3.31
N THR G 296 39.68 71.68 4.06
CA THR G 296 39.35 70.49 4.83
C THR G 296 39.16 70.79 6.32
N LEU G 297 38.44 69.92 7.03
CA LEU G 297 38.21 70.08 8.46
C LEU G 297 39.46 69.63 9.21
N LYS G 298 40.17 70.58 9.83
CA LYS G 298 41.38 70.26 10.57
C LYS G 298 41.07 69.53 11.89
N ASP G 299 40.17 70.09 12.70
CA ASP G 299 39.77 69.52 13.99
C ASP G 299 38.47 70.18 14.51
N LEU G 300 37.91 69.61 15.59
CA LEU G 300 36.71 70.12 16.24
C LEU G 300 37.07 70.64 17.65
N ARG G 301 36.25 71.54 18.19
CA ARG G 301 36.50 72.10 19.52
C ARG G 301 35.20 72.46 20.21
N VAL G 302 35.10 72.20 21.52
CA VAL G 302 33.90 72.54 22.28
C VAL G 302 34.27 73.33 23.54
N GLU G 303 33.71 74.53 23.72
CA GLU G 303 33.97 75.36 24.89
C GLU G 303 32.65 75.69 25.57
N LEU G 304 32.55 75.50 26.89
CA LEU G 304 31.32 75.86 27.62
C LEU G 304 31.27 77.38 27.73
N LEU G 305 30.18 77.99 27.28
CA LEU G 305 30.03 79.44 27.33
C LEU G 305 29.45 79.90 28.66
N GLY G 306 28.44 79.19 29.17
CA GLY G 306 27.84 79.55 30.44
C GLY G 306 26.53 78.82 30.75
N GLU G 307 25.72 79.41 31.63
CA GLU G 307 24.44 78.83 32.02
C GLU G 307 23.29 79.80 31.74
N THR G 308 22.28 79.32 31.01
CA THR G 308 21.08 80.09 30.67
C THR G 308 19.82 79.27 31.12
N SER G 309 18.61 79.59 30.61
CA SER G 309 17.41 78.83 30.92
C SER G 309 17.46 77.49 30.20
N ILE G 310 16.81 76.45 30.77
CA ILE G 310 16.76 75.12 30.17
C ILE G 310 16.06 75.21 28.82
N ALA G 311 16.85 75.21 27.76
CA ALA G 311 16.34 75.45 26.42
C ALA G 311 15.69 74.27 25.72
N GLU G 312 14.69 74.60 24.92
CA GLU G 312 13.97 73.72 24.02
C GLU G 312 14.49 73.93 22.59
N CYS G 313 14.87 75.19 22.25
CA CYS G 313 15.41 75.58 20.96
C CYS G 313 16.31 76.80 21.11
N LEU G 314 17.26 76.95 20.20
CA LEU G 314 18.19 78.07 20.22
C LEU G 314 18.26 78.75 18.86
N THR G 315 18.82 79.97 18.79
CA THR G 315 19.02 80.70 17.55
C THR G 315 19.98 81.88 17.72
N TYR G 316 20.83 82.11 16.71
CA TYR G 316 21.77 83.22 16.72
C TYR G 316 21.11 84.37 15.98
N LEU G 317 21.23 85.58 16.51
CA LEU G 317 20.58 86.72 15.89
C LEU G 317 21.56 87.60 15.11
N ASP G 318 22.70 87.97 15.73
CA ASP G 318 23.78 88.79 15.18
C ASP G 318 24.42 89.64 16.29
N ASN G 319 25.67 90.08 16.09
CA ASN G 319 26.41 90.91 17.05
C ASN G 319 26.43 90.31 18.45
N GLY G 320 26.67 89.01 18.52
CA GLY G 320 26.74 88.29 19.79
C GLY G 320 25.43 88.12 20.53
N VAL G 321 24.31 88.47 19.90
CA VAL G 321 23.00 88.33 20.52
C VAL G 321 22.41 86.96 20.20
N VAL G 322 21.92 86.26 21.24
CA VAL G 322 21.35 84.93 21.10
C VAL G 322 19.99 84.85 21.80
N PHE G 323 19.05 84.09 21.23
CA PHE G 323 17.73 83.89 21.80
C PHE G 323 17.62 82.47 22.36
N VAL G 324 17.19 82.35 23.62
CA VAL G 324 17.02 81.07 24.29
C VAL G 324 15.54 80.75 24.46
N GLY G 325 14.99 79.93 23.58
CA GLY G 325 13.59 79.54 23.68
C GLY G 325 13.43 78.44 24.70
N SER G 326 12.82 78.75 25.85
CA SER G 326 12.65 77.77 26.91
C SER G 326 11.20 77.37 27.20
N ARG G 327 10.97 76.06 27.34
CA ARG G 327 9.65 75.51 27.68
C ARG G 327 9.46 75.36 29.18
N LEU G 328 10.56 75.24 29.95
CA LEU G 328 10.51 75.03 31.39
C LEU G 328 10.60 76.32 32.18
N GLY G 329 11.47 77.23 31.73
CA GLY G 329 11.63 78.51 32.38
C GLY G 329 11.35 79.68 31.46
N ASP G 330 11.58 80.90 31.95
CA ASP G 330 11.37 82.11 31.17
C ASP G 330 12.30 82.13 29.95
N SER G 331 11.79 82.58 28.81
CA SER G 331 12.59 82.69 27.60
C SER G 331 13.58 83.84 27.77
N GLN G 332 14.77 83.72 27.17
CA GLN G 332 15.81 84.71 27.36
C GLN G 332 16.40 85.28 26.09
N LEU G 333 17.00 86.47 26.20
CA LEU G 333 17.77 87.13 25.17
C LEU G 333 19.08 87.42 25.86
N VAL G 334 20.17 86.82 25.38
CA VAL G 334 21.47 86.97 26.03
C VAL G 334 22.55 87.53 25.10
N LYS G 335 23.65 88.03 25.70
CA LYS G 335 24.79 88.56 24.98
C LYS G 335 26.01 87.68 25.24
N LEU G 336 26.81 87.42 24.20
CA LEU G 336 28.00 86.59 24.33
C LEU G 336 29.28 87.40 24.17
N VAL G 347 28.43 84.64 29.40
CA VAL G 347 27.08 84.90 28.92
C VAL G 347 26.37 85.89 29.85
N VAL G 348 25.78 86.95 29.29
CA VAL G 348 25.08 87.97 30.08
C VAL G 348 23.61 88.02 29.71
N ALA G 349 22.70 87.99 30.69
CA ALA G 349 21.27 88.05 30.43
C ALA G 349 20.84 89.46 30.08
N MET G 350 20.32 89.67 28.87
CA MET G 350 19.87 90.98 28.42
C MET G 350 18.39 91.21 28.74
N GLU G 351 17.51 90.26 28.38
CA GLU G 351 16.08 90.37 28.60
C GLU G 351 15.45 89.04 28.99
N THR G 352 14.39 89.10 29.79
CA THR G 352 13.67 87.91 30.23
C THR G 352 12.20 88.00 29.81
N PHE G 353 11.61 86.89 29.40
CA PHE G 353 10.21 86.85 29.00
C PHE G 353 9.51 85.79 29.81
N THR G 354 8.57 86.22 30.66
CA THR G 354 7.82 85.37 31.56
C THR G 354 7.20 84.15 30.89
N ASN G 355 7.46 82.97 31.45
CA ASN G 355 6.92 81.71 30.95
C ASN G 355 6.31 80.95 32.11
N LEU G 356 4.98 80.89 32.14
CA LEU G 356 4.23 80.19 33.18
C LEU G 356 4.27 78.65 33.05
N GLY G 357 4.63 78.15 31.88
CA GLY G 357 4.67 76.72 31.64
C GLY G 357 5.92 76.07 32.16
N PRO G 358 5.82 74.87 32.79
CA PRO G 358 4.61 74.08 33.03
C PRO G 358 3.89 74.38 34.35
N ILE G 359 2.56 74.48 34.28
CA ILE G 359 1.72 74.70 35.45
C ILE G 359 1.33 73.34 35.99
N VAL G 360 1.76 72.99 37.20
CA VAL G 360 1.46 71.69 37.77
C VAL G 360 0.32 71.73 38.79
N ASP G 361 0.17 72.86 39.50
CA ASP G 361 -0.89 73.07 40.48
C ASP G 361 -1.02 74.56 40.79
N MET G 362 -2.21 74.98 41.21
CA MET G 362 -2.47 76.39 41.49
C MET G 362 -3.62 76.57 42.50
N CYS G 363 -3.89 77.82 42.92
CA CYS G 363 -4.96 78.13 43.85
C CYS G 363 -5.42 79.57 43.69
N VAL G 364 -6.71 79.83 43.92
CA VAL G 364 -7.27 81.17 43.82
C VAL G 364 -7.35 81.77 45.21
N VAL G 365 -6.69 82.92 45.41
CA VAL G 365 -6.61 83.61 46.70
C VAL G 365 -7.01 85.08 46.58
N ASP G 366 -7.73 85.61 47.59
CA ASP G 366 -8.12 87.02 47.67
C ASP G 366 -7.11 87.68 48.60
N LEU G 367 -5.96 88.08 48.07
CA LEU G 367 -4.87 88.63 48.85
C LEU G 367 -5.08 90.06 49.41
N GLU G 368 -5.34 91.06 48.54
CA GLU G 368 -5.47 92.44 49.02
C GLU G 368 -6.91 93.01 48.98
N ARG G 369 -7.55 93.03 47.80
CA ARG G 369 -8.87 93.64 47.64
C ARG G 369 -10.02 92.86 48.29
N GLN G 370 -9.85 91.55 48.51
CA GLN G 370 -10.87 90.66 49.08
C GLN G 370 -12.16 90.56 48.24
N GLY G 371 -12.07 90.90 46.96
CA GLY G 371 -13.18 90.87 46.02
C GLY G 371 -12.69 90.53 44.63
N GLN G 372 -11.51 91.02 44.26
CA GLN G 372 -10.88 90.72 42.99
C GLN G 372 -9.92 89.58 43.25
N GLY G 373 -10.17 88.44 42.62
CA GLY G 373 -9.36 87.26 42.80
C GLY G 373 -7.97 87.35 42.23
N GLN G 374 -7.05 86.58 42.81
CA GLN G 374 -5.67 86.48 42.36
C GLN G 374 -5.29 85.00 42.26
N LEU G 375 -4.43 84.66 41.31
CA LEU G 375 -4.03 83.27 41.09
C LEU G 375 -2.58 83.05 41.46
N VAL G 376 -2.29 81.95 42.17
CA VAL G 376 -0.91 81.61 42.54
C VAL G 376 -0.58 80.23 42.00
N THR G 377 0.29 80.17 40.99
CA THR G 377 0.62 78.91 40.33
C THR G 377 2.03 78.39 40.60
N CYS G 378 2.21 77.07 40.47
CA CYS G 378 3.50 76.42 40.59
C CYS G 378 3.99 76.23 39.17
N SER G 379 4.86 77.14 38.70
CA SER G 379 5.40 77.08 37.35
C SER G 379 6.87 76.67 37.35
N GLY G 380 7.38 76.27 36.19
CA GLY G 380 8.77 75.88 36.06
C GLY G 380 9.09 74.51 36.59
N ALA G 381 10.36 74.11 36.45
CA ALA G 381 10.88 72.83 36.91
C ALA G 381 12.39 72.92 37.06
N PHE G 382 12.95 72.15 37.99
CA PHE G 382 14.39 72.11 38.26
C PHE G 382 14.87 73.53 38.68
N LYS G 383 16.04 74.02 38.19
CA LYS G 383 16.53 75.36 38.52
C LYS G 383 15.58 76.49 38.08
N GLU G 384 14.69 76.20 37.13
CA GLU G 384 13.72 77.18 36.66
C GLU G 384 12.43 77.24 37.48
N GLY G 385 12.29 76.39 38.50
CA GLY G 385 11.12 76.32 39.36
C GLY G 385 10.81 77.65 40.01
N SER G 386 9.53 78.04 40.01
CA SER G 386 9.10 79.33 40.55
C SER G 386 7.58 79.43 40.79
N LEU G 387 7.17 80.38 41.63
CA LEU G 387 5.76 80.63 41.91
C LEU G 387 5.34 81.89 41.17
N ARG G 388 4.20 81.84 40.47
CA ARG G 388 3.71 82.99 39.74
C ARG G 388 2.43 83.54 40.33
N ILE G 389 2.33 84.87 40.44
CA ILE G 389 1.14 85.51 40.99
C ILE G 389 0.51 86.32 39.88
N ILE G 390 -0.73 85.99 39.52
CA ILE G 390 -1.42 86.63 38.41
C ILE G 390 -2.68 87.37 38.87
N ARG G 391 -2.85 88.61 38.40
CA ARG G 391 -4.00 89.45 38.73
C ARG G 391 -4.43 90.32 37.54
N ASN G 392 -5.64 90.90 37.61
CA ASN G 392 -6.13 91.78 36.54
C ASN G 392 -5.64 93.23 36.76
N GLY G 393 -5.93 94.13 35.81
CA GLY G 393 -5.52 95.52 35.91
C GLY G 393 -6.33 96.31 36.93
N LYS G 709 -4.79 94.09 30.38
CA LYS G 709 -3.57 93.29 30.44
C LYS G 709 -3.37 92.69 31.83
N LEU G 710 -2.89 91.45 31.89
CA LEU G 710 -2.66 90.77 33.15
C LEU G 710 -1.35 91.22 33.80
N HIS G 711 -1.33 91.32 35.14
CA HIS G 711 -0.13 91.66 35.88
C HIS G 711 0.43 90.37 36.48
N ILE G 712 1.72 90.11 36.27
CA ILE G 712 2.34 88.90 36.78
C ILE G 712 3.54 89.22 37.66
N ARG G 713 3.70 88.49 38.78
CA ARG G 713 4.83 88.65 39.67
C ARG G 713 5.54 87.30 39.78
N THR G 714 6.86 87.28 39.56
CA THR G 714 7.65 86.06 39.58
C THR G 714 8.39 85.88 40.90
N VAL G 715 8.41 84.65 41.43
CA VAL G 715 9.11 84.31 42.66
C VAL G 715 9.96 83.06 42.41
N PRO G 716 11.25 83.23 42.11
CA PRO G 716 12.09 82.05 41.83
C PRO G 716 12.28 81.14 43.04
N LEU G 717 12.39 79.83 42.79
CA LEU G 717 12.56 78.81 43.82
C LEU G 717 13.81 77.94 43.60
N TYR G 718 14.24 77.78 42.33
CA TYR G 718 15.42 77.00 41.96
C TYR G 718 15.28 75.51 42.33
N GLU G 719 14.03 75.01 42.34
CA GLU G 719 13.66 73.61 42.61
C GLU G 719 12.22 73.37 42.17
N SER G 720 11.92 72.15 41.74
CA SER G 720 10.60 71.79 41.22
C SER G 720 9.43 71.90 42.20
N PRO G 721 8.51 72.84 41.99
CA PRO G 721 7.32 72.89 42.84
C PRO G 721 6.29 71.85 42.37
N ARG G 722 5.51 71.30 43.30
CA ARG G 722 4.55 70.25 42.99
C ARG G 722 3.10 70.67 43.31
N LYS G 723 2.76 70.89 44.58
CA LYS G 723 1.41 71.27 44.97
C LYS G 723 1.40 72.63 45.69
N ILE G 724 0.20 73.19 45.96
CA ILE G 724 0.06 74.47 46.67
C ILE G 724 -1.31 74.65 47.29
N CYS G 725 -1.35 75.22 48.50
CA CYS G 725 -2.58 75.53 49.23
C CYS G 725 -2.39 76.83 50.03
N TYR G 726 -3.50 77.46 50.43
CA TYR G 726 -3.44 78.73 51.14
C TYR G 726 -4.09 78.64 52.52
N GLN G 727 -3.46 79.28 53.52
CA GLN G 727 -4.00 79.31 54.88
C GLN G 727 -4.22 80.76 55.30
N GLU G 728 -5.49 81.19 55.37
CA GLU G 728 -5.88 82.55 55.73
C GLU G 728 -5.62 82.85 57.19
N VAL G 729 -5.89 81.87 58.06
CA VAL G 729 -5.69 82.00 59.50
C VAL G 729 -4.25 82.37 59.85
N SER G 730 -3.28 81.74 59.17
CA SER G 730 -1.87 82.05 59.41
C SER G 730 -1.23 82.97 58.36
N GLN G 731 -1.98 83.35 57.31
CA GLN G 731 -1.55 84.23 56.22
C GLN G 731 -0.28 83.70 55.57
N CYS G 732 -0.32 82.43 55.16
CA CYS G 732 0.82 81.77 54.54
C CYS G 732 0.43 80.67 53.55
N PHE G 733 1.31 80.38 52.59
CA PHE G 733 1.10 79.35 51.59
C PHE G 733 1.94 78.12 51.90
N GLY G 734 1.38 76.96 51.57
CA GLY G 734 2.07 75.67 51.73
C GLY G 734 2.38 75.11 50.37
N VAL G 735 3.66 74.84 50.08
CA VAL G 735 4.07 74.34 48.76
C VAL G 735 4.92 73.08 48.87
N LEU G 736 4.52 72.00 48.19
CA LEU G 736 5.32 70.79 48.14
C LEU G 736 6.39 71.02 47.08
N SER G 737 7.64 70.70 47.38
CA SER G 737 8.73 70.91 46.44
C SER G 737 9.67 69.70 46.40
N SER G 738 10.48 69.63 45.36
CA SER G 738 11.43 68.53 45.21
C SER G 738 12.70 69.01 44.53
N ARG G 739 13.83 68.87 45.21
CA ARG G 739 15.12 69.26 44.63
C ARG G 739 15.94 68.02 44.28
N ILE G 740 16.89 68.17 43.37
CA ILE G 740 17.75 67.06 42.97
C ILE G 740 19.11 67.16 43.63
N GLU G 741 19.52 66.09 44.29
CA GLU G 741 20.82 66.01 44.90
C GLU G 741 21.57 64.81 44.30
N VAL G 742 22.90 64.84 44.33
CA VAL G 742 23.69 63.75 43.79
C VAL G 742 24.39 62.96 44.90
N GLN G 743 24.52 61.65 44.70
CA GLN G 743 25.12 60.75 45.68
C GLN G 743 26.64 60.91 45.70
N ASP G 744 27.21 61.08 46.89
CA ASP G 744 28.65 61.27 47.07
C ASP G 744 29.38 59.95 47.32
N THR G 745 30.71 59.97 47.13
CA THR G 745 31.56 58.81 47.39
C THR G 745 31.74 58.57 48.89
N SER G 746 31.64 59.64 49.72
CA SER G 746 31.77 59.57 51.17
C SER G 746 30.54 59.05 51.92
N GLY G 747 29.48 58.70 51.20
CA GLY G 747 28.27 58.16 51.82
C GLY G 747 27.23 59.19 52.23
N GLY G 748 26.95 60.12 51.34
CA GLY G 748 25.95 61.15 51.59
C GLY G 748 25.40 61.78 50.33
N THR G 749 24.75 62.93 50.46
CA THR G 749 24.21 63.64 49.30
C THR G 749 24.64 65.10 49.27
N THR G 750 24.73 65.67 48.08
CA THR G 750 25.11 67.07 47.92
C THR G 750 24.22 67.75 46.88
N ALA G 751 23.70 68.93 47.20
CA ALA G 751 22.85 69.66 46.27
C ALA G 751 23.69 70.33 45.18
N LEU G 752 23.12 70.50 43.99
CA LEU G 752 23.83 71.10 42.87
C LEU G 752 23.96 72.62 43.02
N ARG G 753 22.86 73.29 43.35
CA ARG G 753 22.84 74.75 43.50
C ARG G 753 21.92 75.17 44.66
N PRO G 754 22.03 76.42 45.17
CA PRO G 754 21.15 76.83 46.27
C PRO G 754 19.69 76.95 45.82
N SER G 755 18.78 76.37 46.61
CA SER G 755 17.34 76.39 46.34
C SER G 755 16.56 76.93 47.57
N ALA G 756 15.22 76.96 47.50
CA ALA G 756 14.39 77.45 48.59
C ALA G 756 14.51 76.60 49.85
N SER G 757 14.61 75.28 49.70
CA SER G 757 14.71 74.38 50.85
C SER G 757 16.06 74.46 51.56
N THR G 758 17.12 74.91 50.87
CA THR G 758 18.44 75.05 51.47
C THR G 758 18.67 76.45 52.06
N GLN G 759 17.96 77.46 51.54
CA GLN G 759 18.07 78.83 52.03
C GLN G 759 16.87 79.22 52.89
N ALA G 760 16.23 78.25 53.55
CA ALA G 760 15.08 78.51 54.41
C ALA G 760 15.52 79.15 55.69
N LEU G 761 14.76 80.15 56.15
CA LEU G 761 15.03 80.84 57.42
C LEU G 761 14.99 79.86 58.59
N SER G 762 14.13 78.84 58.50
CA SER G 762 13.99 77.79 59.48
C SER G 762 13.75 76.47 58.73
N SER G 763 14.44 75.40 59.10
CA SER G 763 14.25 74.10 58.47
C SER G 763 14.15 72.97 59.50
N SER G 764 13.67 71.78 59.08
CA SER G 764 13.49 70.65 59.98
C SER G 764 13.47 69.31 59.22
N VAL G 765 13.47 68.16 59.96
CA VAL G 765 13.41 66.83 59.36
C VAL G 765 12.40 65.95 60.10
N SER G 766 11.86 64.92 59.41
CA SER G 766 10.91 64.00 60.03
C SER G 766 11.61 62.88 60.83
N SER G 767 10.88 62.20 61.72
CA SER G 767 11.41 61.10 62.55
C SER G 767 11.68 59.84 61.74
N SER G 768 12.95 59.60 61.41
CA SER G 768 13.44 58.49 60.57
C SER G 768 13.00 57.09 61.00
N LYS G 769 12.73 56.25 59.98
CA LYS G 769 12.32 54.84 60.06
C LYS G 769 12.93 54.07 58.87
N LEU G 770 13.11 52.74 59.01
CA LEU G 770 13.67 51.83 58.00
C LEU G 770 15.07 52.20 57.51
N PHE G 782 29.08 57.45 43.49
CA PHE G 782 27.91 56.82 42.88
C PHE G 782 27.44 57.63 41.68
N GLY G 783 27.27 58.94 41.86
CA GLY G 783 26.87 59.85 40.80
C GLY G 783 25.40 59.85 40.43
N GLU G 784 24.60 58.99 41.07
CA GLU G 784 23.17 58.91 40.80
C GLU G 784 22.42 60.13 41.32
N GLU G 785 21.28 60.46 40.70
CA GLU G 785 20.46 61.58 41.13
C GLU G 785 19.34 61.08 42.03
N VAL G 786 19.10 61.78 43.14
CA VAL G 786 18.05 61.42 44.09
C VAL G 786 17.15 62.64 44.31
N GLU G 787 15.84 62.42 44.34
CA GLU G 787 14.87 63.49 44.54
C GLU G 787 14.58 63.65 46.04
N VAL G 788 14.91 64.81 46.58
CA VAL G 788 14.67 65.10 48.00
C VAL G 788 13.41 65.95 48.10
N HIS G 789 12.38 65.43 48.79
CA HIS G 789 11.11 66.12 48.93
C HIS G 789 11.01 67.00 50.18
N ASN G 790 10.40 68.19 50.01
CA ASN G 790 10.26 69.17 51.09
C ASN G 790 8.87 69.82 51.10
N LEU G 791 8.47 70.37 52.24
CA LEU G 791 7.23 71.12 52.37
C LEU G 791 7.65 72.52 52.79
N LEU G 792 7.32 73.52 51.97
CA LEU G 792 7.70 74.90 52.25
C LEU G 792 6.53 75.74 52.72
N ILE G 793 6.76 76.54 53.76
CA ILE G 793 5.76 77.47 54.28
C ILE G 793 6.27 78.86 53.92
N ILE G 794 5.50 79.62 53.13
CA ILE G 794 5.91 80.92 52.61
C ILE G 794 4.96 82.04 53.02
N ASP G 795 5.48 83.25 53.25
CA ASP G 795 4.66 84.41 53.63
C ASP G 795 3.91 84.94 52.41
N GLN G 796 2.68 85.44 52.61
CA GLN G 796 1.85 85.94 51.52
C GLN G 796 2.20 87.36 51.04
N HIS G 797 3.05 88.09 51.77
CA HIS G 797 3.44 89.43 51.34
C HIS G 797 4.88 89.46 50.82
N THR G 798 5.83 88.98 51.62
CA THR G 798 7.25 88.99 51.24
C THR G 798 7.66 87.83 50.35
N PHE G 799 6.90 86.72 50.40
CA PHE G 799 7.19 85.50 49.66
C PHE G 799 8.51 84.87 50.06
N GLU G 800 8.87 85.00 51.34
CA GLU G 800 10.09 84.43 51.87
C GLU G 800 9.88 82.99 52.29
N VAL G 801 10.94 82.19 52.25
CA VAL G 801 10.84 80.80 52.65
C VAL G 801 10.90 80.74 54.18
N LEU G 802 9.74 80.91 54.83
CA LEU G 802 9.65 80.91 56.28
C LEU G 802 10.09 79.59 56.88
N HIS G 803 9.57 78.47 56.37
CA HIS G 803 9.94 77.15 56.87
C HIS G 803 10.11 76.13 55.75
N ALA G 804 10.94 75.11 55.98
CA ALA G 804 11.17 74.03 55.03
C ALA G 804 11.34 72.70 55.76
N HIS G 805 10.33 71.84 55.69
CA HIS G 805 10.40 70.54 56.36
C HIS G 805 10.84 69.48 55.37
N GLN G 806 11.93 68.76 55.69
CA GLN G 806 12.45 67.70 54.85
C GLN G 806 11.86 66.37 55.26
N PHE G 807 11.21 65.71 54.31
CA PHE G 807 10.59 64.42 54.55
C PHE G 807 11.60 63.27 54.68
N LEU G 808 11.12 62.07 55.07
CA LEU G 808 11.96 60.88 55.23
C LEU G 808 12.64 60.46 53.91
N GLN G 809 13.64 59.59 54.01
CA GLN G 809 14.35 59.10 52.84
C GLN G 809 13.45 58.16 52.04
N ASN G 810 13.53 58.25 50.71
CA ASN G 810 12.75 57.42 49.79
C ASN G 810 11.25 57.58 50.01
N GLU G 811 10.83 58.82 50.21
CA GLU G 811 9.43 59.18 50.43
C GLU G 811 9.04 60.26 49.43
N TYR G 812 7.83 60.16 48.88
CA TYR G 812 7.35 61.11 47.88
C TYR G 812 6.07 61.77 48.35
N ALA G 813 6.04 63.11 48.37
CA ALA G 813 4.83 63.84 48.75
C ALA G 813 3.92 63.87 47.53
N LEU G 814 2.65 63.47 47.70
CA LEU G 814 1.72 63.39 46.57
C LEU G 814 0.56 64.36 46.67
N SER G 815 0.04 64.59 47.87
CA SER G 815 -1.10 65.47 48.05
C SER G 815 -0.89 66.50 49.17
N LEU G 816 -1.74 67.54 49.22
CA LEU G 816 -1.64 68.59 50.22
C LEU G 816 -2.95 69.35 50.36
N VAL G 817 -3.47 69.47 51.59
CA VAL G 817 -4.71 70.18 51.90
C VAL G 817 -4.51 71.09 53.13
N SER G 818 -5.27 72.17 53.23
CA SER G 818 -5.22 73.08 54.37
C SER G 818 -6.65 73.39 54.79
N CYS G 819 -7.08 72.88 55.96
CA CYS G 819 -8.45 73.05 56.44
C CYS G 819 -8.58 72.74 57.92
N LYS G 820 -9.74 73.06 58.51
CA LYS G 820 -10.04 72.73 59.90
C LYS G 820 -10.83 71.42 59.90
N LEU G 821 -10.52 70.51 60.83
CA LEU G 821 -11.24 69.24 60.89
C LEU G 821 -11.88 69.01 62.25
N GLY G 822 -13.07 68.45 62.25
CA GLY G 822 -13.84 68.17 63.45
C GLY G 822 -14.30 69.45 64.11
N LYS G 823 -14.12 69.54 65.43
CA LYS G 823 -14.48 70.75 66.17
C LYS G 823 -13.26 71.59 66.55
N ASP G 824 -12.09 71.33 65.96
CA ASP G 824 -10.86 72.03 66.26
C ASP G 824 -10.79 73.32 65.44
N PRO G 825 -10.65 74.47 66.12
CA PRO G 825 -10.57 75.75 65.39
C PRO G 825 -9.23 76.01 64.72
N ASN G 826 -8.18 75.23 65.03
CA ASN G 826 -6.87 75.42 64.43
C ASN G 826 -6.89 74.92 62.99
N THR G 827 -6.21 75.65 62.09
CA THR G 827 -6.13 75.24 60.70
C THR G 827 -4.81 74.51 60.52
N TYR G 828 -4.86 73.32 59.92
CA TYR G 828 -3.68 72.48 59.75
C TYR G 828 -3.27 72.30 58.30
N PHE G 829 -2.02 71.85 58.07
CA PHE G 829 -1.47 71.52 56.75
C PHE G 829 -1.33 70.00 56.70
N ILE G 830 -2.20 69.33 55.96
CA ILE G 830 -2.22 67.88 55.88
C ILE G 830 -1.48 67.41 54.63
N VAL G 831 -0.53 66.48 54.78
CA VAL G 831 0.28 65.97 53.67
C VAL G 831 0.19 64.45 53.52
N GLY G 832 -0.01 63.98 52.29
CA GLY G 832 -0.08 62.55 51.99
C GLY G 832 1.13 62.08 51.23
N THR G 833 1.87 61.11 51.78
CA THR G 833 3.10 60.62 51.17
C THR G 833 3.09 59.12 50.83
N ALA G 834 4.10 58.65 50.06
CA ALA G 834 4.24 57.24 49.67
C ALA G 834 5.71 56.82 49.72
N MET G 835 6.00 55.64 50.25
CA MET G 835 7.39 55.17 50.30
C MET G 835 7.78 54.55 48.98
N VAL G 836 8.64 55.24 48.22
CA VAL G 836 9.09 54.79 46.92
C VAL G 836 10.42 54.05 46.99
N TYR G 837 10.47 52.83 46.46
CA TYR G 837 11.70 52.06 46.43
C TYR G 837 11.93 51.55 45.01
N PRO G 838 13.18 51.60 44.53
CA PRO G 838 13.45 51.12 43.16
C PRO G 838 13.16 49.64 42.92
N GLU G 839 12.94 48.86 43.99
CA GLU G 839 12.63 47.45 43.88
C GLU G 839 11.12 47.17 43.93
N GLU G 840 10.34 48.06 44.55
CA GLU G 840 8.90 47.91 44.64
C GLU G 840 8.21 48.77 43.58
N ALA G 841 7.59 48.14 42.58
CA ALA G 841 6.89 48.89 41.53
C ALA G 841 5.65 49.56 42.11
N GLU G 842 4.83 48.82 42.87
CA GLU G 842 3.66 49.38 43.53
C GLU G 842 4.05 49.65 44.97
N PRO G 843 3.75 50.85 45.50
CA PRO G 843 4.13 51.12 46.89
C PRO G 843 3.28 50.35 47.89
N LYS G 844 3.89 49.88 48.97
CA LYS G 844 3.18 49.14 50.00
C LYS G 844 3.18 49.87 51.37
N GLN G 845 3.65 51.12 51.40
CA GLN G 845 3.73 51.94 52.61
C GLN G 845 3.38 53.39 52.28
N GLY G 846 3.04 54.15 53.31
CA GLY G 846 2.69 55.56 53.16
C GLY G 846 2.29 56.22 54.46
N ARG G 847 2.29 57.55 54.49
CA ARG G 847 1.93 58.28 55.70
C ARG G 847 0.98 59.43 55.40
N ILE G 848 0.19 59.82 56.41
CA ILE G 848 -0.68 60.98 56.35
C ILE G 848 -0.27 61.78 57.57
N VAL G 849 0.42 62.90 57.36
CA VAL G 849 0.95 63.70 58.46
C VAL G 849 0.27 65.07 58.58
N VAL G 850 -0.26 65.37 59.77
CA VAL G 850 -0.92 66.63 60.06
C VAL G 850 0.09 67.59 60.71
N PHE G 851 0.26 68.78 60.13
CA PHE G 851 1.19 69.79 60.68
C PHE G 851 0.43 71.06 61.08
N GLN G 852 0.95 71.83 62.06
CA GLN G 852 0.33 73.11 62.42
C GLN G 852 1.34 74.23 62.33
N TYR G 853 0.99 75.31 61.63
CA TYR G 853 1.86 76.47 61.56
C TYR G 853 1.28 77.54 62.45
N SER G 854 1.99 77.87 63.53
CA SER G 854 1.54 78.88 64.48
C SER G 854 2.76 79.50 65.15
N ASP G 855 2.76 80.83 65.26
CA ASP G 855 3.83 81.61 65.87
C ASP G 855 5.19 81.45 65.18
N GLY G 856 5.19 81.08 63.91
CA GLY G 856 6.41 80.91 63.12
C GLY G 856 7.10 79.58 63.28
N LYS G 857 6.42 78.58 63.87
CA LYS G 857 7.01 77.25 64.08
C LYS G 857 6.11 76.16 63.51
N LEU G 858 6.68 75.21 62.77
CA LEU G 858 5.91 74.10 62.23
C LEU G 858 6.12 72.88 63.11
N GLN G 859 5.02 72.28 63.60
CA GLN G 859 5.12 71.12 64.48
C GLN G 859 4.33 69.92 63.95
N THR G 860 4.89 68.71 64.08
CA THR G 860 4.21 67.51 63.64
C THR G 860 3.12 67.18 64.65
N VAL G 861 1.88 67.48 64.31
CA VAL G 861 0.73 67.29 65.18
C VAL G 861 0.30 65.82 65.29
N ALA G 862 0.05 65.17 64.14
CA ALA G 862 -0.38 63.77 64.14
C ALA G 862 0.22 63.02 62.97
N GLU G 863 0.37 61.70 63.14
CA GLU G 863 0.94 60.85 62.10
C GLU G 863 0.14 59.57 62.00
N LYS G 864 -0.28 59.19 60.79
CA LYS G 864 -1.05 57.97 60.58
C LYS G 864 -0.41 57.17 59.46
N GLU G 865 -0.12 55.89 59.70
CA GLU G 865 0.49 55.05 58.69
C GLU G 865 -0.54 54.27 57.89
N VAL G 866 -0.31 54.14 56.59
CA VAL G 866 -1.20 53.41 55.68
C VAL G 866 -0.37 52.43 54.84
N LYS G 867 -0.99 51.33 54.42
CA LYS G 867 -0.31 50.33 53.60
C LYS G 867 -0.49 50.61 52.11
N GLY G 868 -0.15 51.83 51.70
CA GLY G 868 -0.28 52.24 50.31
C GLY G 868 0.03 53.71 50.09
N ALA G 869 -0.10 54.15 48.84
CA ALA G 869 0.19 55.54 48.47
C ALA G 869 -1.00 56.46 48.65
N VAL G 870 -0.78 57.64 49.25
CA VAL G 870 -1.83 58.61 49.45
C VAL G 870 -1.83 59.56 48.25
N TYR G 871 -2.52 59.14 47.17
CA TYR G 871 -2.56 59.89 45.91
C TYR G 871 -3.22 61.26 46.01
N SER G 872 -4.37 61.35 46.68
CA SER G 872 -5.08 62.62 46.80
C SER G 872 -5.89 62.69 48.09
N MET G 873 -6.13 63.92 48.56
CA MET G 873 -6.92 64.17 49.76
C MET G 873 -7.82 65.38 49.55
N VAL G 874 -8.95 65.42 50.27
CA VAL G 874 -9.91 66.53 50.19
C VAL G 874 -10.63 66.75 51.53
N GLU G 875 -11.14 67.97 51.77
CA GLU G 875 -11.90 68.25 52.97
C GLU G 875 -13.34 67.89 52.65
N PHE G 876 -13.93 67.02 53.46
CA PHE G 876 -15.30 66.58 53.24
C PHE G 876 -16.15 66.82 54.46
N ASN G 877 -16.83 67.97 54.51
CA ASN G 877 -17.72 68.38 55.61
C ASN G 877 -17.13 68.14 57.01
N GLY G 878 -15.97 68.73 57.27
CA GLY G 878 -15.30 68.61 58.55
C GLY G 878 -14.42 67.38 58.71
N LYS G 879 -14.55 66.41 57.81
CA LYS G 879 -13.74 65.20 57.85
C LYS G 879 -12.67 65.20 56.75
N LEU G 880 -11.72 64.24 56.80
CA LEU G 880 -10.65 64.18 55.81
C LEU G 880 -10.80 62.96 54.93
N LEU G 881 -11.08 63.16 53.64
CA LEU G 881 -11.21 62.07 52.70
C LEU G 881 -9.89 61.87 52.00
N ALA G 882 -9.42 60.62 51.91
CA ALA G 882 -8.15 60.32 51.28
C ALA G 882 -8.23 59.06 50.41
N SER G 883 -7.30 58.91 49.45
CA SER G 883 -7.27 57.76 48.58
C SER G 883 -5.97 57.00 48.80
N ILE G 884 -6.07 55.69 48.98
CA ILE G 884 -4.92 54.83 49.21
C ILE G 884 -5.01 53.68 48.24
N ASN G 885 -4.18 53.71 47.18
CA ASN G 885 -4.16 52.69 46.13
C ASN G 885 -5.56 52.56 45.50
N SER G 886 -6.21 51.39 45.55
CA SER G 886 -7.55 51.22 44.99
C SER G 886 -8.65 51.38 46.06
N THR G 887 -8.35 52.07 47.17
CA THR G 887 -9.30 52.25 48.26
C THR G 887 -9.50 53.74 48.56
N VAL G 888 -10.67 54.09 49.10
CA VAL G 888 -10.99 55.45 49.51
C VAL G 888 -11.35 55.38 50.99
N ARG G 889 -10.65 56.14 51.83
CA ARG G 889 -10.86 56.11 53.26
C ARG G 889 -11.23 57.47 53.82
N LEU G 890 -12.20 57.51 54.74
CA LEU G 890 -12.64 58.76 55.36
C LEU G 890 -12.22 58.78 56.84
N TYR G 891 -11.44 59.78 57.22
CA TYR G 891 -10.92 59.92 58.58
C TYR G 891 -11.64 60.99 59.37
N GLU G 892 -11.81 60.74 60.67
CA GLU G 892 -12.41 61.69 61.59
C GLU G 892 -11.34 62.16 62.56
N TRP G 893 -11.30 63.46 62.85
CA TRP G 893 -10.31 64.02 63.78
C TRP G 893 -10.84 63.88 65.21
N THR G 894 -10.26 62.98 65.98
CA THR G 894 -10.67 62.72 67.35
C THR G 894 -10.34 63.87 68.31
N THR G 895 -10.96 63.88 69.50
CA THR G 895 -10.67 64.87 70.54
C THR G 895 -9.21 64.73 71.00
N GLU G 896 -8.65 63.50 70.99
CA GLU G 896 -7.26 63.26 71.36
C GLU G 896 -6.24 63.73 70.30
N LYS G 897 -6.71 64.48 69.28
CA LYS G 897 -5.93 65.03 68.18
C LYS G 897 -5.26 63.95 67.32
N GLU G 898 -6.05 62.95 66.94
CA GLU G 898 -5.60 61.87 66.09
C GLU G 898 -6.60 61.64 64.94
N LEU G 899 -6.37 60.63 64.09
CA LEU G 899 -7.25 60.33 62.99
C LEU G 899 -7.78 58.92 63.13
N ARG G 900 -9.10 58.76 63.03
CA ARG G 900 -9.74 57.47 63.17
C ARG G 900 -10.49 57.15 61.89
N THR G 901 -10.28 55.95 61.36
CA THR G 901 -10.97 55.51 60.16
C THR G 901 -12.46 55.35 60.46
N GLU G 902 -13.33 55.78 59.54
CA GLU G 902 -14.77 55.68 59.74
C GLU G 902 -15.37 54.63 58.82
N CYS G 903 -15.05 54.73 57.53
CA CYS G 903 -15.56 53.80 56.53
C CYS G 903 -14.54 53.60 55.40
N ASN G 904 -14.71 52.52 54.63
CA ASN G 904 -13.82 52.21 53.53
C ASN G 904 -14.58 51.83 52.27
N HIS G 905 -13.98 52.09 51.11
CA HIS G 905 -14.59 51.72 49.85
C HIS G 905 -13.54 51.17 48.93
N TYR G 906 -13.62 49.88 48.65
CA TYR G 906 -12.66 49.21 47.79
C TYR G 906 -13.14 49.33 46.36
N ASN G 907 -12.51 50.22 45.62
CA ASN G 907 -12.87 50.54 44.24
C ASN G 907 -12.27 49.57 43.23
N ASN G 908 -12.95 49.43 42.10
CA ASN G 908 -12.53 48.57 41.00
C ASN G 908 -11.33 49.17 40.22
N ILE G 909 -10.95 50.43 40.48
CA ILE G 909 -9.86 51.13 39.79
C ILE G 909 -8.90 51.84 40.79
N MET G 910 -7.76 52.39 40.31
CA MET G 910 -6.83 53.10 41.18
C MET G 910 -7.30 54.54 41.41
N ALA G 911 -7.54 54.91 42.67
CA ALA G 911 -8.06 56.22 43.03
C ALA G 911 -7.03 57.35 42.97
N LEU G 912 -6.77 57.91 41.77
CA LEU G 912 -5.80 59.01 41.66
C LEU G 912 -6.43 60.38 41.89
N TYR G 913 -7.51 60.69 41.16
CA TYR G 913 -8.19 61.98 41.28
C TYR G 913 -9.35 61.94 42.24
N LEU G 914 -9.46 62.95 43.09
CA LEU G 914 -10.55 63.04 44.05
C LEU G 914 -11.11 64.45 44.10
N LYS G 915 -12.44 64.57 43.92
CA LYS G 915 -13.13 65.86 43.99
C LYS G 915 -14.44 65.71 44.78
N THR G 916 -14.91 66.81 45.40
CA THR G 916 -16.13 66.75 46.21
C THR G 916 -17.01 68.00 46.11
N LYS G 917 -18.31 67.83 46.41
CA LYS G 917 -19.31 68.88 46.44
C LYS G 917 -20.48 68.38 47.26
N GLY G 918 -20.66 68.96 48.44
CA GLY G 918 -21.73 68.56 49.35
C GLY G 918 -21.46 67.17 49.86
N ASP G 919 -22.37 66.23 49.57
CA ASP G 919 -22.19 64.83 49.95
C ASP G 919 -21.82 63.93 48.75
N PHE G 920 -21.39 64.52 47.63
CA PHE G 920 -21.03 63.79 46.43
C PHE G 920 -19.51 63.79 46.25
N ILE G 921 -18.95 62.64 45.88
CA ILE G 921 -17.50 62.48 45.69
C ILE G 921 -17.22 61.86 44.32
N LEU G 922 -16.27 62.42 43.56
CA LEU G 922 -15.89 61.89 42.26
C LEU G 922 -14.48 61.32 42.31
N VAL G 923 -14.32 60.07 41.87
CA VAL G 923 -13.04 59.37 41.86
C VAL G 923 -12.65 59.08 40.41
N GLY G 924 -11.38 59.28 40.07
CA GLY G 924 -10.91 59.03 38.71
C GLY G 924 -9.54 58.39 38.64
N ASP G 925 -9.31 57.54 37.61
CA ASP G 925 -7.99 56.93 37.43
C ASP G 925 -7.25 57.52 36.21
N LEU G 926 -6.01 57.08 35.94
CA LEU G 926 -5.22 57.61 34.83
C LEU G 926 -5.72 57.22 33.43
N MET G 927 -6.61 56.24 33.34
CA MET G 927 -7.13 55.79 32.05
C MET G 927 -8.62 56.08 31.88
N ARG G 928 -9.02 57.32 32.22
CA ARG G 928 -10.37 57.88 32.09
C ARG G 928 -11.49 57.04 32.75
N SER G 929 -11.14 56.07 33.61
CA SER G 929 -12.17 55.30 34.31
C SER G 929 -12.70 56.21 35.39
N VAL G 930 -13.97 56.60 35.30
CA VAL G 930 -14.60 57.52 36.24
C VAL G 930 -15.63 56.80 37.10
N LEU G 931 -15.68 57.13 38.38
CA LEU G 931 -16.60 56.52 39.33
C LEU G 931 -17.18 57.59 40.25
N LEU G 932 -18.47 57.49 40.60
CA LEU G 932 -19.09 58.45 41.50
C LEU G 932 -19.55 57.75 42.78
N LEU G 933 -19.28 58.38 43.92
CA LEU G 933 -19.68 57.85 45.22
C LEU G 933 -20.47 58.90 46.00
N ALA G 934 -21.27 58.43 46.96
CA ALA G 934 -22.04 59.32 47.81
C ALA G 934 -21.92 58.84 49.23
N TYR G 935 -21.41 59.68 50.11
CA TYR G 935 -21.27 59.32 51.51
C TYR G 935 -22.65 59.43 52.13
N LYS G 936 -23.15 58.32 52.66
CA LYS G 936 -24.45 58.30 53.30
C LYS G 936 -24.22 58.72 54.74
N PRO G 937 -24.69 59.91 55.17
CA PRO G 937 -24.43 60.35 56.56
C PRO G 937 -25.09 59.42 57.58
N MET G 938 -26.32 59.05 57.28
CA MET G 938 -27.18 58.18 58.06
C MET G 938 -26.61 56.77 58.23
N GLU G 939 -26.09 56.17 57.16
CA GLU G 939 -25.54 54.83 57.19
C GLU G 939 -24.06 54.79 57.61
N GLY G 940 -23.34 55.86 57.38
CA GLY G 940 -21.92 55.94 57.71
C GLY G 940 -21.03 55.15 56.78
N ASN G 941 -21.41 55.05 55.50
CA ASN G 941 -20.62 54.33 54.50
C ASN G 941 -20.75 54.97 53.08
N PHE G 942 -20.15 54.36 52.05
CA PHE G 942 -20.24 54.87 50.68
C PHE G 942 -21.18 54.04 49.81
N GLU G 943 -21.60 54.60 48.67
CA GLU G 943 -22.49 53.92 47.76
C GLU G 943 -22.08 54.26 46.33
N GLU G 944 -21.89 53.25 45.46
CA GLU G 944 -21.51 53.51 44.08
C GLU G 944 -22.72 54.04 43.32
N ILE G 945 -22.60 55.25 42.79
CA ILE G 945 -23.72 55.90 42.11
C ILE G 945 -23.72 55.65 40.61
N ALA G 946 -22.63 55.97 39.92
CA ALA G 946 -22.53 55.80 38.47
C ALA G 946 -21.06 55.63 38.03
N ARG G 947 -20.85 55.07 36.84
CA ARG G 947 -19.50 54.87 36.31
C ARG G 947 -19.48 54.87 34.79
N ASP G 948 -18.30 55.18 34.21
CA ASP G 948 -18.08 55.18 32.76
C ASP G 948 -16.62 54.87 32.53
N PHE G 949 -16.33 53.65 32.05
CA PHE G 949 -14.95 53.22 31.86
C PHE G 949 -14.52 53.19 30.39
N ASN G 950 -14.12 54.34 29.84
CA ASN G 950 -13.59 54.43 28.49
C ASN G 950 -12.09 54.64 28.67
N PRO G 951 -11.24 53.75 28.12
CA PRO G 951 -9.79 53.89 28.36
C PRO G 951 -9.07 54.92 27.50
N ASN G 952 -8.66 56.02 28.14
CA ASN G 952 -7.91 57.12 27.52
C ASN G 952 -7.15 57.87 28.63
N TRP G 953 -5.91 58.30 28.36
CA TRP G 953 -5.09 58.98 29.37
C TRP G 953 -5.69 60.25 29.97
N MET G 954 -6.25 60.15 31.17
CA MET G 954 -6.80 61.29 31.89
C MET G 954 -5.66 62.14 32.45
N SER G 955 -5.84 63.47 32.46
CA SER G 955 -4.80 64.37 32.96
C SER G 955 -5.21 65.14 34.21
N ALA G 956 -6.52 65.44 34.34
CA ALA G 956 -7.09 66.15 35.48
C ALA G 956 -8.63 66.11 35.45
N VAL G 957 -9.28 66.35 36.60
CA VAL G 957 -10.75 66.34 36.69
C VAL G 957 -11.26 67.43 37.66
N GLU G 958 -12.55 67.79 37.55
CA GLU G 958 -13.20 68.79 38.40
C GLU G 958 -14.72 68.69 38.34
N ILE G 959 -15.41 69.02 39.43
CA ILE G 959 -16.86 69.00 39.49
C ILE G 959 -17.42 70.37 39.09
N LEU G 960 -18.32 70.38 38.11
CA LEU G 960 -18.96 71.63 37.68
C LEU G 960 -20.12 71.91 38.62
N ASP G 961 -21.10 71.01 38.67
CA ASP G 961 -22.26 71.10 39.54
C ASP G 961 -22.69 69.68 40.00
N ASP G 962 -23.86 69.54 40.63
CA ASP G 962 -24.33 68.26 41.12
C ASP G 962 -24.71 67.25 40.01
N ASP G 963 -24.60 67.64 38.73
CA ASP G 963 -24.95 66.76 37.63
C ASP G 963 -23.89 66.72 36.52
N ASN G 964 -23.07 67.79 36.39
CA ASN G 964 -22.05 67.87 35.35
C ASN G 964 -20.63 67.74 35.91
N PHE G 965 -19.74 67.05 35.18
CA PHE G 965 -18.36 66.82 35.62
C PHE G 965 -17.39 66.97 34.45
N LEU G 966 -16.41 67.87 34.56
CA LEU G 966 -15.43 68.13 33.51
C LEU G 966 -14.10 67.44 33.78
N GLY G 967 -13.55 66.83 32.75
CA GLY G 967 -12.24 66.19 32.80
C GLY G 967 -11.45 66.45 31.55
N ALA G 968 -10.12 66.39 31.65
CA ALA G 968 -9.24 66.56 30.49
C ALA G 968 -8.59 65.22 30.21
N GLU G 969 -8.57 64.80 28.94
CA GLU G 969 -8.02 63.49 28.58
C GLU G 969 -6.95 63.57 27.46
N ASN G 970 -6.49 62.41 26.95
CA ASN G 970 -5.44 62.25 25.95
C ASN G 970 -5.76 62.99 24.67
N ALA G 971 -4.70 63.42 23.98
CA ALA G 971 -4.70 64.19 22.75
C ALA G 971 -5.29 65.58 22.96
N PHE G 972 -4.97 66.18 24.12
CA PHE G 972 -5.31 67.56 24.48
C PHE G 972 -6.81 67.85 24.42
N ASN G 973 -7.63 66.88 24.86
CA ASN G 973 -9.08 66.99 24.81
C ASN G 973 -9.73 67.26 26.16
N LEU G 974 -10.98 67.77 26.14
CA LEU G 974 -11.77 68.02 27.33
C LEU G 974 -13.12 67.35 27.14
N PHE G 975 -13.51 66.52 28.10
CA PHE G 975 -14.78 65.82 28.05
C PHE G 975 -15.61 66.12 29.30
N VAL G 976 -16.94 66.13 29.16
CA VAL G 976 -17.85 66.39 30.25
C VAL G 976 -18.88 65.27 30.35
N CYS G 977 -19.00 64.65 31.52
CA CYS G 977 -19.97 63.60 31.76
C CYS G 977 -21.16 64.12 32.57
N GLN G 978 -22.32 63.47 32.42
CA GLN G 978 -23.53 63.88 33.12
C GLN G 978 -24.27 62.68 33.67
N LYS G 979 -24.84 62.83 34.87
CA LYS G 979 -25.64 61.78 35.49
C LYS G 979 -27.12 62.14 35.34
N ASP G 980 -27.98 61.14 35.07
CA ASP G 980 -29.41 61.41 34.93
C ASP G 980 -30.15 60.96 36.17
N SER G 981 -30.45 61.89 37.07
CA SER G 981 -31.16 61.56 38.31
C SER G 981 -32.64 61.25 38.09
N ALA G 982 -33.24 61.76 37.00
CA ALA G 982 -34.64 61.50 36.71
C ALA G 982 -34.82 60.37 35.68
N ALA G 983 -33.88 59.42 35.63
CA ALA G 983 -33.96 58.28 34.71
C ALA G 983 -34.92 57.24 35.25
N THR G 984 -35.72 56.61 34.38
CA THR G 984 -36.70 55.62 34.80
C THR G 984 -36.08 54.28 35.18
N THR G 985 -35.02 53.84 34.48
CA THR G 985 -34.39 52.55 34.79
C THR G 985 -33.13 52.71 35.62
N ASP G 986 -32.85 51.72 36.48
CA ASP G 986 -31.67 51.70 37.33
C ASP G 986 -30.36 51.58 36.56
N GLU G 987 -30.40 51.10 35.31
CA GLU G 987 -29.21 50.98 34.48
C GLU G 987 -28.79 52.34 33.91
N GLU G 988 -29.77 53.19 33.59
CA GLU G 988 -29.51 54.52 33.06
C GLU G 988 -28.97 55.45 34.14
N ARG G 989 -29.50 55.34 35.36
CA ARG G 989 -29.03 56.19 36.46
C ARG G 989 -27.62 55.83 36.91
N GLN G 990 -27.23 54.55 36.79
CA GLN G 990 -25.87 54.14 37.15
C GLN G 990 -24.85 54.28 36.00
N HIS G 991 -25.25 54.94 34.90
CA HIS G 991 -24.36 55.15 33.76
C HIS G 991 -24.14 56.65 33.52
N LEU G 992 -22.93 57.02 33.11
CA LEU G 992 -22.59 58.40 32.83
C LEU G 992 -22.58 58.63 31.33
N GLN G 993 -23.18 59.71 30.87
CA GLN G 993 -23.24 60.01 29.45
C GLN G 993 -22.18 61.03 29.07
N GLU G 994 -21.39 60.74 28.03
CA GLU G 994 -20.38 61.68 27.56
C GLU G 994 -21.11 62.75 26.75
N VAL G 995 -21.63 63.76 27.44
CA VAL G 995 -22.43 64.82 26.84
C VAL G 995 -21.64 66.01 26.31
N GLY G 996 -20.34 66.05 26.56
CA GLY G 996 -19.49 67.13 26.09
C GLY G 996 -18.15 66.64 25.62
N LEU G 997 -17.75 67.04 24.42
CA LEU G 997 -16.45 66.68 23.85
C LEU G 997 -15.85 67.90 23.16
N PHE G 998 -14.54 68.09 23.31
CA PHE G 998 -13.86 69.25 22.72
C PHE G 998 -12.35 69.02 22.65
N HIS G 999 -11.68 69.63 21.65
CA HIS G 999 -10.22 69.55 21.53
C HIS G 999 -9.66 70.90 21.91
N LEU G 1000 -9.05 70.98 23.08
CA LEU G 1000 -8.48 72.23 23.58
C LEU G 1000 -7.16 72.58 22.93
N GLY G 1001 -6.34 71.58 22.68
CA GLY G 1001 -5.01 71.80 22.14
C GLY G 1001 -3.97 72.04 23.22
N GLU G 1002 -4.36 71.87 24.50
CA GLU G 1002 -3.47 72.04 25.65
C GLU G 1002 -3.57 70.86 26.60
N PHE G 1003 -2.50 70.64 27.39
CA PHE G 1003 -2.48 69.54 28.35
C PHE G 1003 -2.78 70.10 29.74
N VAL G 1004 -4.03 69.99 30.19
CA VAL G 1004 -4.47 70.50 31.48
C VAL G 1004 -3.91 69.69 32.64
N ASN G 1005 -3.49 70.36 33.71
CA ASN G 1005 -2.95 69.68 34.88
C ASN G 1005 -3.67 70.01 36.17
N VAL G 1006 -4.30 71.19 36.24
CA VAL G 1006 -4.98 71.61 37.46
C VAL G 1006 -6.27 72.38 37.17
N PHE G 1007 -7.31 72.17 38.01
CA PHE G 1007 -8.60 72.85 37.91
C PHE G 1007 -8.93 73.52 39.26
N CYS G 1008 -9.35 74.81 39.23
CA CYS G 1008 -9.68 75.57 40.43
C CYS G 1008 -11.03 76.26 40.33
N HIS G 1009 -11.61 76.62 41.46
CA HIS G 1009 -12.88 77.32 41.49
C HIS G 1009 -12.68 78.76 41.89
N GLY G 1010 -13.28 79.67 41.14
CA GLY G 1010 -13.15 81.10 41.40
C GLY G 1010 -12.93 81.90 40.12
N SER G 1011 -12.70 83.20 40.27
CA SER G 1011 -12.47 84.07 39.11
C SER G 1011 -11.53 85.22 39.45
N LEU G 1012 -10.97 85.87 38.42
CA LEU G 1012 -10.07 86.99 38.62
C LEU G 1012 -10.73 88.36 38.50
N VAL G 1013 -12.02 88.43 38.11
CA VAL G 1013 -12.70 89.70 37.98
C VAL G 1013 -13.42 90.10 39.27
N MET G 1014 -13.55 91.40 39.51
CA MET G 1014 -14.21 91.95 40.69
C MET G 1014 -15.66 91.48 40.78
N GLN G 1015 -15.96 90.61 41.74
CA GLN G 1015 -17.31 90.10 41.92
C GLN G 1015 -18.18 91.10 42.66
N SER G 1021 -28.10 89.47 36.83
CA SER G 1021 -28.43 89.27 35.42
C SER G 1021 -27.20 88.81 34.61
N THR G 1022 -26.38 87.95 35.21
CA THR G 1022 -25.19 87.44 34.55
C THR G 1022 -25.53 86.23 33.67
N PRO G 1023 -25.04 86.21 32.42
CA PRO G 1023 -25.33 85.07 31.53
C PRO G 1023 -24.52 83.82 31.84
N THR G 1024 -23.43 83.94 32.61
CA THR G 1024 -22.57 82.80 32.91
C THR G 1024 -22.78 82.31 34.37
N GLN G 1025 -23.03 81.01 34.53
CA GLN G 1025 -23.24 80.37 35.82
C GLN G 1025 -22.03 79.50 36.10
N GLY G 1026 -21.40 79.72 37.24
CA GLY G 1026 -20.21 78.96 37.61
C GLY G 1026 -18.94 79.54 37.03
N SER G 1027 -17.79 79.11 37.55
CA SER G 1027 -16.49 79.60 37.10
C SER G 1027 -15.39 78.62 37.49
N VAL G 1028 -14.74 78.02 36.50
CA VAL G 1028 -13.66 77.05 36.76
C VAL G 1028 -12.41 77.42 35.97
N LEU G 1029 -11.34 77.80 36.66
CA LEU G 1029 -10.08 78.12 36.02
C LEU G 1029 -9.25 76.86 35.82
N PHE G 1030 -8.38 76.85 34.81
CA PHE G 1030 -7.52 75.70 34.55
C PHE G 1030 -6.15 76.11 34.05
N GLY G 1031 -5.15 75.33 34.45
CA GLY G 1031 -3.77 75.56 34.07
C GLY G 1031 -3.25 74.43 33.22
N THR G 1032 -2.38 74.75 32.24
CA THR G 1032 -1.82 73.78 31.30
C THR G 1032 -0.27 73.78 31.28
N VAL G 1033 0.35 72.82 30.57
CA VAL G 1033 1.79 72.65 30.47
C VAL G 1033 2.47 73.78 29.69
N ASN G 1034 1.77 74.36 28.71
CA ASN G 1034 2.34 75.44 27.90
C ASN G 1034 2.14 76.85 28.47
N GLY G 1035 1.68 76.96 29.70
CA GLY G 1035 1.44 78.25 30.33
C GLY G 1035 0.11 78.89 30.00
N MET G 1036 -0.74 78.19 29.24
CA MET G 1036 -2.05 78.71 28.87
C MET G 1036 -3.03 78.54 30.01
N ILE G 1037 -3.57 79.65 30.50
CA ILE G 1037 -4.57 79.63 31.56
C ILE G 1037 -5.90 79.93 30.91
N GLY G 1038 -6.91 79.14 31.23
CA GLY G 1038 -8.24 79.34 30.68
C GLY G 1038 -9.33 79.33 31.72
N LEU G 1039 -10.54 79.71 31.30
CA LEU G 1039 -11.70 79.74 32.16
C LEU G 1039 -12.86 79.02 31.48
N VAL G 1040 -13.53 78.13 32.20
CA VAL G 1040 -14.68 77.40 31.69
C VAL G 1040 -15.88 77.69 32.59
N THR G 1041 -17.05 77.93 31.98
CA THR G 1041 -18.28 78.19 32.71
C THR G 1041 -19.45 77.46 32.05
N SER G 1042 -20.63 77.45 32.70
CA SER G 1042 -21.81 76.83 32.13
C SER G 1042 -22.75 77.89 31.55
N LEU G 1043 -23.49 77.54 30.51
CA LEU G 1043 -24.41 78.46 29.86
C LEU G 1043 -25.86 77.94 29.88
N SER G 1044 -26.81 78.78 29.45
CA SER G 1044 -28.20 78.36 29.32
C SER G 1044 -28.45 77.81 27.90
N GLU G 1045 -29.59 77.13 27.70
CA GLU G 1045 -29.91 76.53 26.41
C GLU G 1045 -29.97 77.57 25.28
N SER G 1046 -30.71 78.67 25.49
CA SER G 1046 -30.86 79.73 24.49
C SER G 1046 -29.53 80.38 24.12
N TRP G 1047 -28.69 80.68 25.12
CA TRP G 1047 -27.40 81.29 24.88
C TRP G 1047 -26.48 80.35 24.11
N TYR G 1048 -26.54 79.05 24.40
CA TYR G 1048 -25.75 78.05 23.71
C TYR G 1048 -26.12 78.00 22.23
N ASN G 1049 -27.44 77.96 21.92
CA ASN G 1049 -27.92 77.89 20.55
C ASN G 1049 -27.51 79.12 19.73
N LEU G 1050 -27.62 80.31 20.32
CA LEU G 1050 -27.26 81.56 19.66
C LEU G 1050 -25.75 81.60 19.36
N LEU G 1051 -24.93 81.20 20.34
CA LEU G 1051 -23.49 81.20 20.19
C LEU G 1051 -22.99 80.16 19.19
N LEU G 1052 -23.69 79.03 19.08
CA LEU G 1052 -23.29 77.98 18.12
C LEU G 1052 -23.62 78.43 16.70
N ASP G 1053 -24.76 79.08 16.50
CA ASP G 1053 -25.13 79.62 15.19
C ASP G 1053 -24.12 80.71 14.79
N MET G 1054 -23.72 81.54 15.76
CA MET G 1054 -22.73 82.60 15.57
C MET G 1054 -21.38 82.01 15.19
N GLN G 1055 -21.00 80.87 15.79
CA GLN G 1055 -19.75 80.18 15.50
C GLN G 1055 -19.68 79.77 14.04
N ASN G 1056 -20.76 79.19 13.51
CA ASN G 1056 -20.81 78.73 12.12
C ASN G 1056 -20.73 79.91 11.15
N ARG G 1057 -21.45 80.99 11.46
CA ARG G 1057 -21.46 82.19 10.62
C ARG G 1057 -20.11 82.93 10.66
N LEU G 1058 -19.41 82.87 11.79
CA LEU G 1058 -18.11 83.52 11.93
C LEU G 1058 -17.04 82.77 11.15
N ASN G 1059 -17.10 81.43 11.15
CA ASN G 1059 -16.14 80.62 10.41
C ASN G 1059 -16.17 80.89 8.91
N LYS G 1060 -17.33 81.26 8.39
CA LYS G 1060 -17.47 81.55 6.97
C LYS G 1060 -16.80 82.87 6.56
N VAL G 1061 -16.55 83.78 7.51
CA VAL G 1061 -15.94 85.07 7.18
C VAL G 1061 -14.51 85.24 7.70
N ILE G 1062 -14.16 84.66 8.85
CA ILE G 1062 -12.81 84.82 9.42
C ILE G 1062 -11.79 84.05 8.62
N LYS G 1063 -10.69 84.72 8.24
CA LYS G 1063 -9.64 84.07 7.49
C LYS G 1063 -8.83 83.20 8.44
N SER G 1064 -8.72 81.91 8.11
CA SER G 1064 -7.98 80.96 8.94
C SER G 1064 -6.51 80.97 8.55
N VAL G 1065 -5.63 80.88 9.54
CA VAL G 1065 -4.20 80.85 9.28
C VAL G 1065 -3.86 79.48 8.72
N GLY G 1066 -3.63 79.44 7.42
CA GLY G 1066 -3.34 78.20 6.72
C GLY G 1066 -4.55 77.52 6.11
N LYS G 1067 -5.70 78.24 6.05
CA LYS G 1067 -6.97 77.74 5.49
C LYS G 1067 -7.43 76.43 6.14
N ILE G 1068 -7.39 76.37 7.47
CA ILE G 1068 -7.79 75.19 8.22
C ILE G 1068 -9.16 75.42 8.85
N GLU G 1069 -10.12 74.52 8.57
CA GLU G 1069 -11.48 74.62 9.10
C GLU G 1069 -11.47 74.59 10.62
N HIS G 1070 -12.12 75.58 11.24
CA HIS G 1070 -12.21 75.68 12.70
C HIS G 1070 -12.93 74.48 13.29
N SER G 1071 -13.95 73.95 12.58
CA SER G 1071 -14.72 72.79 13.01
C SER G 1071 -13.82 71.58 13.18
N PHE G 1072 -12.82 71.42 12.31
CA PHE G 1072 -11.89 70.30 12.36
C PHE G 1072 -10.84 70.49 13.47
N TRP G 1073 -10.42 71.73 13.70
CA TRP G 1073 -9.43 72.04 14.74
C TRP G 1073 -9.98 71.79 16.14
N ARG G 1074 -11.25 72.11 16.36
CA ARG G 1074 -11.87 71.89 17.66
C ARG G 1074 -12.58 70.55 17.77
N SER G 1075 -12.20 69.57 16.95
CA SER G 1075 -12.83 68.25 16.98
C SER G 1075 -12.05 67.33 17.87
N PHE G 1076 -12.76 66.61 18.78
CA PHE G 1076 -12.20 65.59 19.67
C PHE G 1076 -11.44 64.57 18.83
N HIS G 1077 -10.13 64.50 19.03
CA HIS G 1077 -9.29 63.65 18.21
C HIS G 1077 -8.42 62.72 19.02
N THR G 1078 -8.39 61.45 18.62
CA THR G 1078 -7.52 60.40 19.14
C THR G 1078 -6.99 59.61 17.93
N GLU G 1079 -5.98 58.75 18.13
CA GLU G 1079 -5.42 57.97 17.05
C GLU G 1079 -6.40 56.96 16.43
N ARG G 1080 -7.53 56.68 17.10
CA ARG G 1080 -8.50 55.72 16.59
C ARG G 1080 -9.84 56.37 16.21
N LYS G 1081 -10.26 57.42 16.92
CA LYS G 1081 -11.55 58.06 16.63
C LYS G 1081 -11.46 59.58 16.66
N THR G 1082 -12.16 60.24 15.73
CA THR G 1082 -12.19 61.69 15.65
C THR G 1082 -13.63 62.18 15.51
N GLU G 1083 -14.19 62.71 16.60
CA GLU G 1083 -15.57 63.19 16.64
C GLU G 1083 -15.62 64.72 16.74
N PRO G 1084 -16.70 65.37 16.27
CA PRO G 1084 -16.78 66.84 16.37
C PRO G 1084 -17.20 67.32 17.76
N ALA G 1085 -16.91 68.60 18.06
CA ALA G 1085 -17.24 69.19 19.35
C ALA G 1085 -18.72 69.29 19.60
N THR G 1086 -19.13 68.92 20.82
CA THR G 1086 -20.53 68.96 21.27
C THR G 1086 -20.57 69.46 22.71
N GLY G 1087 -21.56 70.29 23.02
CA GLY G 1087 -21.73 70.83 24.36
C GLY G 1087 -20.69 71.85 24.76
N PHE G 1088 -20.04 72.48 23.77
CA PHE G 1088 -19.00 73.47 24.03
C PHE G 1088 -19.07 74.66 23.09
N ILE G 1089 -18.58 75.82 23.55
CA ILE G 1089 -18.52 77.05 22.76
C ILE G 1089 -17.11 77.65 22.86
N ASP G 1090 -16.44 77.83 21.71
CA ASP G 1090 -15.09 78.39 21.66
C ASP G 1090 -15.14 79.89 21.96
N GLY G 1091 -14.61 80.25 23.11
CA GLY G 1091 -14.57 81.62 23.61
C GLY G 1091 -13.73 82.56 22.79
N ASP G 1092 -12.61 82.06 22.27
CA ASP G 1092 -11.71 82.88 21.47
C ASP G 1092 -12.36 83.28 20.15
N LEU G 1093 -13.11 82.36 19.53
CA LEU G 1093 -13.80 82.63 18.28
C LEU G 1093 -14.94 83.62 18.49
N ILE G 1094 -15.65 83.52 19.62
CA ILE G 1094 -16.74 84.43 19.93
C ILE G 1094 -16.20 85.83 20.21
N GLU G 1095 -15.07 85.92 20.92
CA GLU G 1095 -14.44 87.21 21.22
C GLU G 1095 -13.82 87.86 19.99
N SER G 1096 -13.37 87.05 19.01
CA SER G 1096 -12.78 87.56 17.78
C SER G 1096 -13.77 88.35 16.90
N PHE G 1097 -15.06 88.38 17.25
CA PHE G 1097 -16.07 89.13 16.52
C PHE G 1097 -15.82 90.64 16.63
N LEU G 1098 -15.29 91.11 17.79
CA LEU G 1098 -15.04 92.53 18.01
C LEU G 1098 -13.83 93.07 17.24
N ASP G 1099 -12.91 92.20 16.82
CA ASP G 1099 -11.70 92.63 16.13
C ASP G 1099 -11.85 92.82 14.61
N ILE G 1100 -12.82 92.14 13.99
CA ILE G 1100 -13.02 92.25 12.54
C ILE G 1100 -13.61 93.60 12.12
N SER G 1101 -13.53 93.92 10.82
CA SER G 1101 -14.08 95.16 10.29
C SER G 1101 -15.62 95.19 10.38
N ARG G 1102 -16.20 96.40 10.33
CA ARG G 1102 -17.65 96.59 10.41
C ARG G 1102 -18.43 95.97 9.24
N PRO G 1103 -17.97 96.04 7.95
CA PRO G 1103 -18.72 95.38 6.88
C PRO G 1103 -18.85 93.87 7.12
N LYS G 1104 -17.81 93.23 7.66
CA LYS G 1104 -17.84 91.81 7.97
C LYS G 1104 -18.72 91.52 9.17
N MET G 1105 -18.79 92.44 10.15
CA MET G 1105 -19.68 92.32 11.32
C MET G 1105 -21.14 92.28 10.83
N GLN G 1106 -21.48 93.12 9.85
CA GLN G 1106 -22.83 93.18 9.28
C GLN G 1106 -23.18 91.88 8.54
N GLU G 1107 -22.19 91.30 7.85
CA GLU G 1107 -22.37 90.05 7.12
C GLU G 1107 -22.68 88.90 8.09
N VAL G 1108 -22.03 88.90 9.27
CA VAL G 1108 -22.24 87.87 10.29
C VAL G 1108 -23.66 87.95 10.88
N VAL G 1109 -24.09 89.15 11.26
CA VAL G 1109 -25.41 89.34 11.88
C VAL G 1109 -26.57 89.44 10.87
N ALA G 1110 -26.36 89.02 9.63
CA ALA G 1110 -27.41 89.06 8.61
C ALA G 1110 -28.36 87.87 8.81
N ASN G 1111 -29.27 87.96 9.79
CA ASN G 1111 -30.23 86.90 10.12
C ASN G 1111 -31.27 86.71 9.02
N THR G 1125 -28.06 95.46 13.32
CA THR G 1125 -27.99 94.72 14.56
C THR G 1125 -26.56 94.34 14.99
N ALA G 1126 -25.53 94.96 14.37
CA ALA G 1126 -24.13 94.66 14.71
C ALA G 1126 -23.74 95.16 16.09
N ASP G 1127 -24.26 96.32 16.48
CA ASP G 1127 -23.95 96.93 17.77
C ASP G 1127 -24.57 96.18 18.95
N ASP G 1128 -25.69 95.49 18.73
CA ASP G 1128 -26.34 94.70 19.78
C ASP G 1128 -25.46 93.50 20.13
N LEU G 1129 -24.89 92.84 19.11
CA LEU G 1129 -23.99 91.70 19.32
C LEU G 1129 -22.68 92.13 19.98
N ILE G 1130 -22.21 93.36 19.71
CA ILE G 1130 -21.01 93.90 20.32
C ILE G 1130 -21.21 93.99 21.85
N LYS G 1131 -22.40 94.41 22.30
CA LYS G 1131 -22.72 94.50 23.72
C LYS G 1131 -22.72 93.13 24.40
N VAL G 1132 -23.22 92.11 23.70
CA VAL G 1132 -23.27 90.73 24.19
C VAL G 1132 -21.85 90.19 24.37
N VAL G 1133 -20.98 90.38 23.37
CA VAL G 1133 -19.60 89.91 23.41
C VAL G 1133 -18.79 90.65 24.49
N GLU G 1134 -19.09 91.95 24.71
CA GLU G 1134 -18.43 92.72 25.75
C GLU G 1134 -18.76 92.16 27.14
N GLU G 1135 -20.03 91.80 27.37
CA GLU G 1135 -20.46 91.21 28.64
C GLU G 1135 -19.74 89.86 28.88
N LEU G 1136 -19.50 89.09 27.80
CA LEU G 1136 -18.79 87.81 27.87
C LEU G 1136 -17.29 87.99 28.12
N THR G 1137 -16.68 89.07 27.61
CA THR G 1137 -15.26 89.34 27.87
C THR G 1137 -15.01 89.78 29.32
N ARG G 1138 -16.04 90.38 29.98
CA ARG G 1138 -15.93 90.86 31.36
C ARG G 1138 -15.83 89.74 32.40
N ILE G 1139 -15.69 88.47 31.99
CA ILE G 1139 -15.59 87.36 32.94
C ILE G 1139 -14.13 86.99 33.28
N HIS G 1140 -13.15 87.50 32.52
CA HIS G 1140 -11.74 87.22 32.77
C HIS G 1140 -10.87 88.47 32.62
N ILE H 1 13.33 17.51 35.61
CA ILE H 1 12.70 18.38 34.61
C ILE H 1 13.21 18.00 33.23
N ASN H 2 12.57 17.00 32.59
CA ASN H 2 13.00 16.54 31.27
C ASN H 2 11.86 15.92 30.45
N PHE H 3 10.63 16.36 30.69
CA PHE H 3 9.44 15.82 30.02
C PHE H 3 9.34 16.16 28.52
N ASP H 4 9.34 17.47 28.19
CA ASP H 4 9.20 18.09 26.86
C ASP H 4 7.92 18.88 26.82
N THR H 5 8.02 20.20 27.00
CA THR H 5 6.90 21.12 27.00
C THR H 5 6.14 21.21 25.67
N SER H 6 6.73 20.72 24.56
CA SER H 6 6.08 20.78 23.26
C SER H 6 5.13 19.61 22.98
N LEU H 7 5.13 18.57 23.82
CA LEU H 7 4.24 17.42 23.64
C LEU H 7 2.75 17.76 23.82
N PRO H 8 2.32 18.45 24.91
CA PRO H 8 0.89 18.74 25.06
C PRO H 8 0.35 19.76 24.09
N THR H 9 1.13 20.77 23.71
CA THR H 9 0.67 21.80 22.76
C THR H 9 0.20 21.21 21.43
N SER H 10 0.80 20.08 21.02
CA SER H 10 0.44 19.40 19.78
C SER H 10 -0.85 18.59 19.89
N HIS H 11 -1.26 18.23 21.12
CA HIS H 11 -2.45 17.42 21.42
C HIS H 11 -2.37 16.10 20.67
N THR H 12 -1.28 15.35 20.93
CA THR H 12 -0.99 14.07 20.32
C THR H 12 -2.06 13.00 20.58
N TYR H 13 -2.78 13.13 21.70
CA TYR H 13 -3.85 12.19 22.07
C TYR H 13 -5.00 12.12 21.07
N LEU H 14 -5.12 13.12 20.17
CA LEU H 14 -6.19 13.13 19.18
C LEU H 14 -5.96 12.18 17.99
N GLY H 15 -4.75 11.61 17.87
CA GLY H 15 -4.45 10.66 16.81
C GLY H 15 -3.66 11.22 15.65
N ALA H 16 -3.94 10.70 14.44
CA ALA H 16 -3.28 11.07 13.20
C ALA H 16 -3.40 12.56 12.88
N ASP H 17 -2.45 13.09 12.08
CA ASP H 17 -2.39 14.48 11.68
C ASP H 17 -3.68 14.99 11.04
N MET H 18 -4.02 16.25 11.33
CA MET H 18 -5.24 16.87 10.82
C MET H 18 -5.00 17.77 9.62
N GLU H 19 -6.07 18.05 8.85
CA GLU H 19 -6.03 18.95 7.71
C GLU H 19 -6.00 20.37 8.24
N GLU H 20 -4.83 21.03 8.16
CA GLU H 20 -4.68 22.38 8.68
C GLU H 20 -5.12 23.48 7.73
N PHE H 21 -5.61 24.57 8.31
CA PHE H 21 -6.01 25.78 7.60
C PHE H 21 -5.24 26.94 8.23
N HIS H 22 -4.77 27.89 7.42
CA HIS H 22 -4.00 29.02 7.93
C HIS H 22 -4.54 30.40 7.55
N GLY H 23 -5.55 30.44 6.68
CA GLY H 23 -6.16 31.69 6.26
C GLY H 23 -6.87 32.34 7.43
N ARG H 24 -6.54 33.61 7.72
CA ARG H 24 -7.13 34.29 8.86
C ARG H 24 -8.29 35.20 8.49
N THR H 25 -9.48 34.86 8.98
CA THR H 25 -10.68 35.63 8.75
C THR H 25 -10.89 36.55 9.94
N LEU H 26 -10.72 37.86 9.74
CA LEU H 26 -10.89 38.83 10.82
C LEU H 26 -11.84 39.92 10.38
N HIS H 27 -12.96 40.06 11.11
CA HIS H 27 -13.97 41.06 10.79
C HIS H 27 -13.55 42.45 11.29
N ASP H 28 -14.21 43.51 10.78
CA ASP H 28 -13.93 44.88 11.21
C ASP H 28 -14.40 45.11 12.63
N ASP H 29 -13.85 46.13 13.30
CA ASP H 29 -14.24 46.46 14.67
C ASP H 29 -15.61 47.12 14.68
N ASP H 30 -16.44 46.77 15.68
CA ASP H 30 -17.81 47.27 15.85
C ASP H 30 -18.79 46.76 14.76
N SER H 31 -18.34 45.83 13.90
CA SER H 31 -19.18 45.26 12.86
C SER H 31 -20.15 44.25 13.43
N CYS H 32 -21.34 44.12 12.83
CA CYS H 32 -22.34 43.18 13.31
C CYS H 32 -22.29 41.88 12.52
N GLN H 33 -21.99 40.76 13.20
CA GLN H 33 -21.88 39.46 12.55
C GLN H 33 -22.84 38.44 13.15
N VAL H 34 -23.47 37.63 12.30
CA VAL H 34 -24.36 36.56 12.76
C VAL H 34 -23.57 35.28 12.62
N ILE H 35 -23.22 34.69 13.77
CA ILE H 35 -22.36 33.51 13.79
C ILE H 35 -23.03 32.38 14.57
N PRO H 36 -22.91 31.12 14.10
CA PRO H 36 -23.51 30.01 14.86
C PRO H 36 -22.75 29.71 16.15
N VAL H 37 -23.45 29.10 17.12
CA VAL H 37 -22.86 28.75 18.40
C VAL H 37 -22.90 27.24 18.59
N LEU H 38 -21.84 26.66 19.16
CA LEU H 38 -21.83 25.23 19.45
C LEU H 38 -22.60 25.01 20.76
N PRO H 39 -23.48 24.00 20.81
CA PRO H 39 -24.30 23.80 22.01
C PRO H 39 -23.59 23.30 23.26
N GLN H 40 -22.80 22.20 23.15
CA GLN H 40 -22.14 21.63 24.33
C GLN H 40 -20.83 22.32 24.73
N VAL H 41 -20.55 23.53 24.22
CA VAL H 41 -19.33 24.23 24.61
C VAL H 41 -19.58 25.19 25.76
N MET H 42 -19.29 24.73 26.98
CA MET H 42 -19.50 25.54 28.19
C MET H 42 -18.23 26.30 28.63
N MET H 43 -17.17 26.31 27.83
CA MET H 43 -15.93 26.97 28.19
C MET H 43 -15.92 28.45 27.83
N ILE H 44 -15.19 29.29 28.59
CA ILE H 44 -15.07 30.71 28.27
C ILE H 44 -13.74 30.92 27.58
N LEU H 45 -13.78 31.03 26.25
CA LEU H 45 -12.59 31.17 25.41
C LEU H 45 -11.95 32.55 25.46
N ILE H 46 -10.63 32.59 25.36
CA ILE H 46 -9.84 33.82 25.33
C ILE H 46 -9.10 33.88 23.98
N PRO H 47 -9.03 35.05 23.33
CA PRO H 47 -8.30 35.14 22.04
C PRO H 47 -6.87 34.63 22.14
N GLY H 48 -6.45 33.83 21.16
CA GLY H 48 -5.12 33.24 21.13
C GLY H 48 -5.00 31.92 21.86
N GLN H 49 -6.09 31.47 22.52
CA GLN H 49 -6.08 30.22 23.26
C GLN H 49 -6.53 29.06 22.37
N THR H 50 -5.79 27.97 22.41
CA THR H 50 -6.10 26.77 21.64
C THR H 50 -7.26 26.03 22.29
N LEU H 51 -8.23 25.57 21.49
CA LEU H 51 -9.39 24.85 21.98
C LEU H 51 -9.66 23.58 21.17
N PRO H 52 -9.40 22.40 21.75
CA PRO H 52 -9.68 21.15 21.05
C PRO H 52 -11.10 20.67 21.32
N LEU H 53 -11.74 20.06 20.32
CA LEU H 53 -13.11 19.59 20.44
C LEU H 53 -13.29 18.25 19.75
N GLN H 54 -14.12 17.37 20.32
CA GLN H 54 -14.47 16.08 19.73
C GLN H 54 -15.98 16.04 19.72
N LEU H 55 -16.60 16.12 18.54
CA LEU H 55 -18.06 16.17 18.45
C LEU H 55 -18.67 14.85 18.01
N PHE H 56 -19.85 14.53 18.56
CA PHE H 56 -20.52 13.25 18.31
C PHE H 56 -21.90 13.41 17.68
N HIS H 57 -22.69 14.37 18.16
CA HIS H 57 -24.06 14.62 17.67
C HIS H 57 -24.04 14.94 16.18
N PRO H 58 -25.00 14.41 15.40
CA PRO H 58 -25.00 14.69 13.95
C PRO H 58 -25.17 16.16 13.59
N GLN H 59 -25.88 16.93 14.44
CA GLN H 59 -26.09 18.36 14.23
C GLN H 59 -24.75 19.11 14.33
N GLU H 60 -23.92 18.72 15.30
CA GLU H 60 -22.61 19.33 15.54
C GLU H 60 -21.69 19.05 14.35
N VAL H 61 -21.72 17.81 13.83
CA VAL H 61 -20.91 17.41 12.70
C VAL H 61 -21.36 18.12 11.42
N SER H 62 -22.67 18.29 11.24
CA SER H 62 -23.21 18.97 10.07
C SER H 62 -22.84 20.44 10.09
N MET H 63 -22.86 21.08 11.26
CA MET H 63 -22.50 22.49 11.37
C MET H 63 -21.01 22.67 11.04
N VAL H 64 -20.16 21.75 11.51
CA VAL H 64 -18.72 21.78 11.24
C VAL H 64 -18.47 21.63 9.75
N ARG H 65 -19.17 20.69 9.09
CA ARG H 65 -19.01 20.48 7.66
C ARG H 65 -19.42 21.72 6.87
N ASN H 66 -20.50 22.38 7.31
CA ASN H 66 -20.97 23.61 6.66
C ASN H 66 -19.97 24.75 6.86
N LEU H 67 -19.28 24.80 8.01
CA LEU H 67 -18.30 25.84 8.28
C LEU H 67 -16.95 25.61 7.62
N ILE H 68 -16.55 24.35 7.37
CA ILE H 68 -15.26 24.05 6.73
C ILE H 68 -15.14 24.73 5.36
N GLN H 69 -16.25 24.82 4.62
CA GLN H 69 -16.27 25.46 3.30
C GLN H 69 -16.46 26.98 3.38
N LYS H 70 -17.14 27.46 4.43
CA LYS H 70 -17.38 28.89 4.61
C LYS H 70 -16.15 29.61 5.25
N ASP H 71 -16.34 30.42 6.31
CA ASP H 71 -15.25 31.15 6.96
C ASP H 71 -14.55 30.39 8.09
N ARG H 72 -15.02 29.17 8.42
CA ARG H 72 -14.50 28.31 9.50
C ARG H 72 -14.50 28.98 10.86
N THR H 73 -15.40 29.96 11.07
CA THR H 73 -15.46 30.69 12.31
C THR H 73 -16.80 30.49 12.98
N PHE H 74 -16.76 30.11 14.25
CA PHE H 74 -17.96 29.95 15.05
C PHE H 74 -17.83 30.79 16.33
N ALA H 75 -18.89 30.84 17.15
CA ALA H 75 -18.87 31.62 18.37
C ALA H 75 -18.86 30.75 19.61
N VAL H 76 -18.23 31.27 20.67
CA VAL H 76 -18.19 30.60 21.95
C VAL H 76 -18.69 31.57 23.00
N LEU H 77 -19.90 31.32 23.49
CA LEU H 77 -20.52 32.20 24.46
C LEU H 77 -19.93 32.04 25.85
N ALA H 78 -19.89 33.14 26.59
CA ALA H 78 -19.41 33.13 27.96
C ALA H 78 -20.65 33.03 28.83
N TYR H 79 -21.11 31.81 29.06
CA TYR H 79 -22.30 31.55 29.84
C TYR H 79 -22.16 31.99 31.29
N SER H 80 -22.84 33.08 31.66
CA SER H 80 -22.84 33.57 33.04
C SER H 80 -23.73 32.63 33.87
N ASN H 81 -24.92 32.30 33.34
CA ASN H 81 -25.85 31.36 33.93
C ASN H 81 -26.02 30.22 32.92
N VAL H 82 -25.26 29.14 33.09
CA VAL H 82 -25.24 27.98 32.20
C VAL H 82 -26.61 27.28 32.11
N GLN H 83 -27.38 27.32 33.19
CA GLN H 83 -28.69 26.70 33.25
C GLN H 83 -29.70 27.36 32.30
N GLU H 84 -29.78 28.69 32.32
CA GLU H 84 -30.72 29.41 31.45
C GLU H 84 -30.09 29.90 30.14
N ARG H 85 -28.85 29.47 29.82
CA ARG H 85 -28.14 29.82 28.61
C ARG H 85 -27.99 31.33 28.41
N GLU H 86 -27.73 32.06 29.50
CA GLU H 86 -27.57 33.50 29.44
C GLU H 86 -26.11 33.86 29.14
N ALA H 87 -25.88 34.72 28.15
CA ALA H 87 -24.53 35.13 27.78
C ALA H 87 -24.56 36.54 27.22
N GLN H 88 -23.81 37.44 27.86
CA GLN H 88 -23.73 38.84 27.42
C GLN H 88 -22.49 39.11 26.58
N PHE H 89 -21.42 38.33 26.79
CA PHE H 89 -20.17 38.46 26.04
C PHE H 89 -19.71 37.09 25.49
N GLY H 90 -18.64 37.07 24.73
CA GLY H 90 -18.10 35.84 24.17
C GLY H 90 -16.89 36.04 23.29
N THR H 91 -16.32 34.94 22.76
CA THR H 91 -15.14 35.04 21.90
C THR H 91 -15.28 34.16 20.66
N THR H 92 -14.93 34.69 19.48
CA THR H 92 -14.99 33.94 18.23
C THR H 92 -13.88 32.88 18.21
N ALA H 93 -14.12 31.79 17.50
CA ALA H 93 -13.15 30.70 17.40
C ALA H 93 -13.00 30.24 15.95
N GLU H 94 -11.78 30.31 15.43
CA GLU H 94 -11.51 29.92 14.05
C GLU H 94 -10.89 28.54 14.04
N ILE H 95 -11.45 27.64 13.25
CA ILE H 95 -10.94 26.28 13.16
C ILE H 95 -9.62 26.29 12.40
N TYR H 96 -8.56 25.79 13.04
CA TYR H 96 -7.24 25.74 12.39
C TYR H 96 -6.80 24.30 12.04
N ALA H 97 -7.53 23.27 12.51
CA ALA H 97 -7.22 21.88 12.19
C ALA H 97 -8.50 21.04 12.29
N TYR H 98 -8.68 20.09 11.37
CA TYR H 98 -9.87 19.25 11.39
C TYR H 98 -9.58 17.86 10.80
N ARG H 99 -10.28 16.85 11.32
CA ARG H 99 -10.14 15.48 10.85
C ARG H 99 -11.39 14.68 11.19
N GLU H 100 -12.05 14.15 10.16
CA GLU H 100 -13.24 13.33 10.35
C GLU H 100 -12.86 11.86 10.40
N GLU H 101 -13.51 11.09 11.26
CA GLU H 101 -13.27 9.66 11.42
C GLU H 101 -14.59 8.95 11.66
N GLN H 102 -14.79 7.75 11.10
CA GLN H 102 -16.03 7.01 11.33
C GLN H 102 -15.87 6.04 12.50
N ASP H 103 -15.32 6.50 13.62
CA ASP H 103 -15.09 5.64 14.78
C ASP H 103 -16.37 5.17 15.47
N PHE H 104 -16.56 3.84 15.46
CA PHE H 104 -17.69 3.15 16.08
C PHE H 104 -19.04 3.46 15.43
N GLY H 105 -19.08 3.38 14.11
CA GLY H 105 -20.29 3.58 13.31
C GLY H 105 -20.87 4.97 13.23
N ILE H 106 -20.53 5.83 14.20
CA ILE H 106 -21.03 7.20 14.26
C ILE H 106 -19.98 8.18 13.75
N GLU H 107 -20.43 9.29 13.16
CA GLU H 107 -19.55 10.31 12.61
C GLU H 107 -18.82 11.06 13.71
N ILE H 108 -17.52 10.77 13.88
CA ILE H 108 -16.72 11.45 14.90
C ILE H 108 -15.89 12.52 14.21
N VAL H 109 -15.87 13.72 14.78
CA VAL H 109 -15.09 14.81 14.20
C VAL H 109 -14.18 15.43 15.24
N LYS H 110 -12.88 15.50 14.91
CA LYS H 110 -11.89 16.08 15.80
C LYS H 110 -11.46 17.43 15.23
N VAL H 111 -11.61 18.49 16.01
CA VAL H 111 -11.32 19.84 15.56
C VAL H 111 -10.42 20.58 16.56
N LYS H 112 -9.49 21.39 16.05
CA LYS H 112 -8.64 22.23 16.87
C LYS H 112 -8.94 23.65 16.43
N ALA H 113 -9.44 24.48 17.35
CA ALA H 113 -9.80 25.86 17.06
C ALA H 113 -8.92 26.85 17.86
N ILE H 114 -8.86 28.11 17.43
CA ILE H 114 -8.11 29.13 18.15
C ILE H 114 -8.96 30.39 18.31
N GLY H 115 -8.83 31.07 19.45
CA GLY H 115 -9.56 32.30 19.71
C GLY H 115 -9.10 33.41 18.78
N ARG H 116 -10.01 34.32 18.41
CA ARG H 116 -9.66 35.40 17.50
C ARG H 116 -10.06 36.77 18.04
N GLN H 117 -11.36 37.06 18.13
CA GLN H 117 -11.85 38.36 18.56
C GLN H 117 -12.88 38.25 19.66
N ARG H 118 -12.91 39.24 20.53
CA ARG H 118 -13.90 39.32 21.59
C ARG H 118 -15.17 39.94 21.03
N PHE H 119 -16.32 39.69 21.67
CA PHE H 119 -17.58 40.23 21.19
C PHE H 119 -18.62 40.48 22.29
N LYS H 120 -19.59 41.36 22.00
CA LYS H 120 -20.71 41.66 22.86
C LYS H 120 -21.95 41.08 22.17
N VAL H 121 -22.76 40.31 22.90
CA VAL H 121 -23.96 39.69 22.36
C VAL H 121 -25.10 40.69 22.21
N LEU H 122 -25.71 40.74 21.02
CA LEU H 122 -26.83 41.65 20.77
C LEU H 122 -28.15 40.88 20.82
N GLU H 123 -28.21 39.72 20.16
CA GLU H 123 -29.42 38.91 20.12
C GLU H 123 -29.08 37.43 19.95
N LEU H 124 -29.89 36.56 20.55
CA LEU H 124 -29.70 35.12 20.43
C LEU H 124 -30.94 34.51 19.83
N ARG H 125 -30.79 33.82 18.70
CA ARG H 125 -31.93 33.17 18.06
C ARG H 125 -31.68 31.68 17.91
N THR H 126 -32.74 30.89 18.09
CA THR H 126 -32.64 29.44 17.94
C THR H 126 -33.48 29.00 16.74
N GLN H 127 -32.83 28.40 15.75
CA GLN H 127 -33.49 27.96 14.52
C GLN H 127 -34.37 26.71 14.73
N SER H 128 -35.19 26.37 13.73
CA SER H 128 -36.08 25.21 13.77
C SER H 128 -35.32 23.88 13.82
N ASP H 129 -34.10 23.85 13.25
CA ASP H 129 -33.27 22.65 13.23
C ASP H 129 -32.47 22.40 14.52
N GLY H 130 -32.82 23.06 15.62
CA GLY H 130 -32.15 22.87 16.90
C GLY H 130 -30.93 23.75 17.15
N ILE H 131 -30.08 23.92 16.12
CA ILE H 131 -28.86 24.72 16.25
C ILE H 131 -29.17 26.21 16.42
N GLN H 132 -28.37 26.92 17.22
CA GLN H 132 -28.63 28.34 17.48
C GLN H 132 -27.61 29.28 16.83
N GLN H 133 -28.06 30.49 16.46
CA GLN H 133 -27.20 31.51 15.89
C GLN H 133 -27.25 32.80 16.73
N ALA H 134 -26.19 33.61 16.66
CA ALA H 134 -26.10 34.80 17.48
C ALA H 134 -25.74 36.07 16.71
N LYS H 135 -26.57 37.12 16.85
CA LYS H 135 -26.34 38.43 16.27
C LYS H 135 -25.38 39.10 17.24
N VAL H 136 -24.16 39.37 16.81
CA VAL H 136 -23.10 39.85 17.69
C VAL H 136 -22.38 41.11 17.18
N GLN H 137 -21.83 41.91 18.10
CA GLN H 137 -21.06 43.10 17.74
C GLN H 137 -19.62 42.89 18.18
N ILE H 138 -18.66 43.08 17.26
CA ILE H 138 -17.24 42.91 17.56
C ILE H 138 -16.75 44.01 18.49
N LEU H 139 -16.08 43.61 19.58
CA LEU H 139 -15.54 44.58 20.52
C LEU H 139 -14.18 45.07 20.04
N PRO H 140 -13.98 46.40 20.03
CA PRO H 140 -12.70 46.94 19.53
C PRO H 140 -11.55 46.81 20.52
N GLU H 141 -10.34 46.64 19.98
CA GLU H 141 -9.15 46.57 20.81
C GLU H 141 -8.60 47.97 20.95
N CYS H 142 -8.84 48.59 22.11
CA CYS H 142 -8.38 49.95 22.35
C CYS H 142 -6.89 50.02 22.61
N VAL H 143 -6.13 50.38 21.57
CA VAL H 143 -4.69 50.52 21.63
C VAL H 143 -4.35 51.96 21.98
N LEU H 144 -3.49 52.16 22.98
CA LEU H 144 -3.12 53.51 23.40
C LEU H 144 -1.64 53.76 23.24
N PRO H 145 -1.26 54.98 22.83
CA PRO H 145 0.17 55.31 22.73
C PRO H 145 0.78 55.52 24.12
N SER H 146 2.11 55.68 24.19
CA SER H 146 2.79 55.91 25.47
C SER H 146 2.24 57.14 26.17
N THR H 147 2.02 57.06 27.48
CA THR H 147 1.45 58.15 28.26
C THR H 147 2.22 59.47 28.10
N MET H 148 3.50 59.40 27.75
CA MET H 148 4.33 60.58 27.55
C MET H 148 4.11 61.27 26.21
N SER H 149 3.49 60.60 25.23
CA SER H 149 3.26 61.21 23.91
C SER H 149 2.59 62.58 23.95
N ALA H 150 1.63 62.77 24.86
CA ALA H 150 0.91 64.04 24.97
C ALA H 150 1.65 65.12 25.77
N VAL H 151 2.74 64.77 26.45
CA VAL H 151 3.48 65.73 27.28
C VAL H 151 4.90 65.98 26.74
N GLN H 152 5.47 64.98 26.05
CA GLN H 152 6.82 64.93 25.52
C GLN H 152 7.29 66.18 24.82
N LEU H 153 8.42 66.72 25.27
CA LEU H 153 9.04 67.88 24.66
C LEU H 153 9.68 67.45 23.35
N GLU H 154 9.66 68.32 22.34
CA GLU H 154 10.20 68.02 21.02
C GLU H 154 11.71 67.78 21.05
N SER H 155 12.42 68.49 21.92
CA SER H 155 13.87 68.34 22.07
C SER H 155 14.25 66.98 22.64
N LEU H 156 13.40 66.44 23.54
CA LEU H 156 13.67 65.14 24.16
C LEU H 156 13.10 63.94 23.40
N ASN H 157 12.40 64.18 22.27
CA ASN H 157 11.83 63.11 21.44
C ASN H 157 12.92 62.15 20.96
N LYS H 158 14.10 62.69 20.65
CA LYS H 158 15.22 61.89 20.18
C LYS H 158 15.89 61.03 21.27
N CYS H 159 15.53 61.23 22.54
CA CYS H 159 16.08 60.43 23.63
C CYS H 159 15.11 59.32 24.09
N GLN H 160 14.11 58.99 23.27
CA GLN H 160 13.10 57.99 23.62
C GLN H 160 13.46 56.57 23.22
N ILE H 161 14.47 56.37 22.36
CA ILE H 161 14.88 55.04 21.96
C ILE H 161 16.03 54.58 22.86
N PHE H 162 15.96 53.35 23.39
CA PHE H 162 16.98 52.83 24.29
C PHE H 162 17.66 51.61 23.69
N PRO H 163 18.97 51.45 23.94
CA PRO H 163 19.67 50.27 23.40
C PRO H 163 19.45 49.04 24.28
N CYS H 173 23.64 44.12 34.62
CA CYS H 173 22.65 44.48 35.64
C CYS H 173 21.36 45.00 35.00
N SER H 174 20.32 44.16 34.96
CA SER H 174 19.02 44.49 34.38
C SER H 174 18.24 45.50 35.24
N TYR H 175 18.45 45.45 36.57
CA TYR H 175 17.83 46.34 37.53
C TYR H 175 18.33 47.78 37.28
N LYS H 176 19.63 47.94 37.00
CA LYS H 176 20.20 49.24 36.70
C LYS H 176 19.61 49.79 35.39
N TRP H 177 19.38 48.91 34.40
CA TRP H 177 18.79 49.28 33.12
C TRP H 177 17.36 49.79 33.30
N TRP H 178 16.57 49.16 34.18
CA TRP H 178 15.20 49.58 34.43
C TRP H 178 15.13 50.93 35.13
N GLN H 179 16.10 51.23 36.01
CA GLN H 179 16.16 52.51 36.69
C GLN H 179 16.47 53.61 35.65
N LYS H 180 17.42 53.34 34.75
CA LYS H 180 17.80 54.28 33.69
C LYS H 180 16.63 54.49 32.73
N TYR H 181 15.90 53.42 32.41
CA TYR H 181 14.73 53.44 31.53
C TYR H 181 13.65 54.34 32.11
N GLN H 182 13.41 54.24 33.42
CA GLN H 182 12.38 55.04 34.08
C GLN H 182 12.77 56.52 34.10
N LYS H 183 14.03 56.81 34.39
CA LYS H 183 14.50 58.20 34.43
C LYS H 183 14.50 58.86 33.05
N ARG H 184 14.76 58.08 32.00
CA ARG H 184 14.81 58.61 30.64
C ARG H 184 13.44 58.70 29.96
N LYS H 185 12.70 57.58 29.86
CA LYS H 185 11.41 57.58 29.18
C LYS H 185 10.39 58.48 29.86
N PHE H 186 10.37 58.47 31.18
CA PHE H 186 9.42 59.27 31.94
C PHE H 186 10.05 60.54 32.50
N HIS H 187 11.00 61.14 31.77
CA HIS H 187 11.63 62.36 32.22
C HIS H 187 10.61 63.49 32.22
N CYS H 188 9.81 63.59 31.16
CA CYS H 188 8.78 64.63 31.03
C CYS H 188 7.63 64.48 32.04
N ALA H 189 7.66 63.47 32.92
CA ALA H 189 6.63 63.30 33.93
C ALA H 189 6.62 64.46 34.92
N ASN H 190 7.78 65.12 35.14
CA ASN H 190 7.82 66.27 36.05
C ASN H 190 6.94 67.44 35.57
N LEU H 191 6.54 67.46 34.30
CA LEU H 191 5.65 68.48 33.74
C LEU H 191 4.18 68.27 34.15
N THR H 192 3.84 67.09 34.69
CA THR H 192 2.47 66.75 35.08
C THR H 192 2.29 66.74 36.62
N SER H 193 1.07 66.52 37.11
CA SER H 193 0.78 66.46 38.54
C SER H 193 1.27 65.16 39.20
N TRP H 194 1.81 64.21 38.43
CA TRP H 194 2.20 62.91 38.95
C TRP H 194 3.67 62.59 38.71
N PRO H 195 4.27 61.70 39.53
CA PRO H 195 5.68 61.35 39.34
C PRO H 195 5.90 60.17 38.38
N ARG H 196 7.17 59.86 38.09
CA ARG H 196 7.58 58.78 37.19
C ARG H 196 7.06 57.41 37.59
N TRP H 197 7.23 57.00 38.85
CA TRP H 197 6.81 55.68 39.31
C TRP H 197 5.33 55.41 39.10
N LEU H 198 4.50 56.46 39.01
CA LEU H 198 3.08 56.28 38.77
C LEU H 198 2.86 55.84 37.33
N TYR H 199 3.51 56.53 36.38
CA TYR H 199 3.40 56.19 34.96
C TYR H 199 4.01 54.82 34.67
N SER H 200 5.04 54.40 35.42
CA SER H 200 5.64 53.08 35.26
C SER H 200 4.62 51.95 35.52
N LEU H 201 3.62 52.21 36.37
CA LEU H 201 2.54 51.24 36.62
C LEU H 201 1.61 51.09 35.41
N TYR H 202 1.54 52.11 34.55
CA TYR H 202 0.69 52.10 33.36
C TYR H 202 1.50 51.94 32.05
N ASP H 203 2.74 51.47 32.13
CA ASP H 203 3.58 51.28 30.96
C ASP H 203 3.58 49.80 30.59
N ALA H 204 3.25 49.49 29.34
CA ALA H 204 3.18 48.12 28.84
C ALA H 204 4.45 47.31 29.08
N GLU H 205 5.62 47.88 28.80
CA GLU H 205 6.91 47.21 28.94
C GLU H 205 7.24 46.85 30.38
N THR H 206 6.97 47.75 31.33
CA THR H 206 7.23 47.51 32.74
C THR H 206 6.30 46.41 33.26
N LEU H 207 5.01 46.47 32.88
CA LEU H 207 4.02 45.48 33.27
C LEU H 207 4.39 44.11 32.71
N MET H 208 4.83 44.05 31.45
CA MET H 208 5.23 42.80 30.82
C MET H 208 6.44 42.20 31.51
N ASP H 209 7.40 43.04 31.92
CA ASP H 209 8.59 42.54 32.60
C ASP H 209 8.28 42.01 33.99
N ARG H 210 7.36 42.66 34.72
CA ARG H 210 6.95 42.18 36.04
C ARG H 210 6.24 40.83 35.91
N ILE H 211 5.42 40.67 34.86
CA ILE H 211 4.72 39.42 34.59
C ILE H 211 5.74 38.35 34.20
N LYS H 212 6.77 38.71 33.41
CA LYS H 212 7.84 37.80 33.01
C LYS H 212 8.58 37.29 34.24
N LYS H 213 8.82 38.15 35.24
CA LYS H 213 9.49 37.75 36.47
C LYS H 213 8.66 36.73 37.26
N GLN H 214 7.33 36.85 37.20
CA GLN H 214 6.43 35.90 37.85
C GLN H 214 6.35 34.59 37.06
N LEU H 215 6.44 34.67 35.72
CA LEU H 215 6.39 33.51 34.85
C LEU H 215 7.65 32.67 34.94
N ARG H 216 8.83 33.31 35.05
CA ARG H 216 10.11 32.59 35.19
C ARG H 216 10.12 31.71 36.42
N GLU H 217 9.43 32.13 37.49
CA GLU H 217 9.30 31.35 38.73
C GLU H 217 8.60 30.00 38.47
N TRP H 218 7.76 29.92 37.44
CA TRP H 218 7.01 28.72 37.12
C TRP H 218 7.72 27.86 36.07
N ASP H 219 8.44 28.49 35.14
CA ASP H 219 9.14 27.76 34.07
C ASP H 219 10.47 28.42 33.74
N GLU H 220 11.48 27.62 33.38
CA GLU H 220 12.81 28.16 33.09
C GLU H 220 13.04 28.48 31.61
N ASN H 221 11.97 28.64 30.82
CA ASN H 221 12.10 28.99 29.41
C ASN H 221 12.27 30.50 29.29
N LEU H 222 13.26 30.94 28.49
CA LEU H 222 13.54 32.36 28.31
C LEU H 222 12.44 33.08 27.52
N LYS H 223 12.24 34.36 27.81
CA LYS H 223 11.21 35.17 27.17
C LYS H 223 11.60 35.75 25.81
N ASP H 224 12.82 35.47 25.33
CA ASP H 224 13.30 35.97 24.04
C ASP H 224 12.49 35.37 22.88
N ASP H 225 12.05 34.12 23.01
CA ASP H 225 11.30 33.47 21.94
C ASP H 225 9.89 33.06 22.36
N SER H 226 9.76 32.35 23.49
CA SER H 226 8.49 31.83 23.97
C SER H 226 7.39 32.88 24.14
N LEU H 227 7.74 34.04 24.71
CA LEU H 227 6.74 35.09 24.93
C LEU H 227 6.69 36.13 23.81
N PRO H 228 5.47 36.51 23.38
CA PRO H 228 5.35 37.52 22.33
C PRO H 228 5.72 38.91 22.81
N SER H 229 6.19 39.77 21.89
CA SER H 229 6.57 41.14 22.24
C SER H 229 5.38 42.10 22.23
N ASN H 230 4.36 41.82 21.42
CA ASN H 230 3.16 42.65 21.31
C ASN H 230 2.39 42.59 22.61
N PRO H 231 2.17 43.73 23.28
CA PRO H 231 1.44 43.71 24.56
C PRO H 231 0.01 43.17 24.48
N ILE H 232 -0.64 43.30 23.33
CA ILE H 232 -2.00 42.79 23.15
C ILE H 232 -1.98 41.27 23.18
N ASP H 233 -1.17 40.65 22.31
CA ASP H 233 -1.03 39.20 22.26
C ASP H 233 -0.47 38.65 23.56
N PHE H 234 0.45 39.40 24.19
CA PHE H 234 1.05 39.03 25.47
C PHE H 234 -0.02 38.97 26.55
N SER H 235 -0.88 40.01 26.65
CA SER H 235 -1.93 40.04 27.66
C SER H 235 -2.93 38.92 27.50
N TYR H 236 -3.27 38.58 26.25
CA TYR H 236 -4.20 37.50 25.98
C TYR H 236 -3.60 36.14 26.33
N ARG H 237 -2.30 35.96 26.08
CA ARG H 237 -1.61 34.71 26.40
C ARG H 237 -1.52 34.52 27.91
N VAL H 238 -1.24 35.61 28.65
CA VAL H 238 -1.15 35.55 30.10
C VAL H 238 -2.52 35.23 30.72
N ALA H 239 -3.59 35.84 30.17
CA ALA H 239 -4.97 35.60 30.64
C ALA H 239 -5.41 34.17 30.40
N ALA H 240 -4.99 33.59 29.28
CA ALA H 240 -5.37 32.23 28.91
C ALA H 240 -4.82 31.14 29.84
N CYS H 241 -3.77 31.44 30.61
CA CYS H 241 -3.17 30.45 31.50
C CYS H 241 -3.22 30.85 32.97
N LEU H 242 -4.20 31.66 33.36
CA LEU H 242 -4.35 32.07 34.76
C LEU H 242 -5.57 31.37 35.34
N PRO H 243 -5.38 30.53 36.36
CA PRO H 243 -6.53 29.80 36.93
C PRO H 243 -7.48 30.68 37.72
N ILE H 244 -8.56 31.11 37.08
CA ILE H 244 -9.57 31.96 37.69
C ILE H 244 -10.97 31.40 37.49
N ASP H 245 -11.92 31.82 38.32
CA ASP H 245 -13.30 31.40 38.18
C ASP H 245 -13.98 32.10 37.00
N ASP H 246 -15.13 31.57 36.56
CA ASP H 246 -15.87 32.07 35.42
C ASP H 246 -16.24 33.56 35.51
N VAL H 247 -16.67 34.03 36.69
CA VAL H 247 -17.06 35.43 36.84
C VAL H 247 -15.87 36.37 36.64
N LEU H 248 -14.71 36.05 37.20
CA LEU H 248 -13.52 36.88 37.00
C LEU H 248 -13.02 36.84 35.57
N ARG H 249 -13.18 35.70 34.90
CA ARG H 249 -12.79 35.56 33.51
C ARG H 249 -13.65 36.47 32.62
N ILE H 250 -14.96 36.52 32.90
CA ILE H 250 -15.90 37.38 32.18
C ILE H 250 -15.50 38.85 32.36
N GLN H 251 -15.20 39.26 33.59
CA GLN H 251 -14.78 40.62 33.89
C GLN H 251 -13.49 41.00 33.16
N LEU H 252 -12.52 40.08 33.12
CA LEU H 252 -11.25 40.31 32.43
C LEU H 252 -11.45 40.43 30.92
N LEU H 253 -12.39 39.67 30.37
CA LEU H 253 -12.70 39.71 28.95
C LEU H 253 -13.33 41.04 28.57
N LYS H 254 -14.14 41.64 29.47
CA LYS H 254 -14.78 42.93 29.23
C LYS H 254 -13.78 44.04 28.94
N ILE H 255 -12.57 43.94 29.51
CA ILE H 255 -11.50 44.92 29.34
C ILE H 255 -11.14 45.11 27.88
N GLY H 256 -11.05 46.37 27.44
CA GLY H 256 -10.72 46.70 26.07
C GLY H 256 -9.28 47.04 25.84
N SER H 257 -8.64 47.69 26.82
CA SER H 257 -7.24 48.09 26.69
C SER H 257 -6.30 47.03 27.24
N ALA H 258 -5.19 46.77 26.54
CA ALA H 258 -4.21 45.78 26.99
C ALA H 258 -3.54 46.19 28.30
N ILE H 259 -3.37 47.50 28.52
CA ILE H 259 -2.75 48.03 29.74
C ILE H 259 -3.56 47.64 30.97
N GLN H 260 -4.89 47.84 30.94
CA GLN H 260 -5.76 47.48 32.04
C GLN H 260 -5.80 45.97 32.28
N ARG H 261 -5.71 45.20 31.20
CA ARG H 261 -5.72 43.74 31.25
C ARG H 261 -4.46 43.25 31.96
N LEU H 262 -3.30 43.85 31.64
CA LEU H 262 -2.03 43.48 32.26
C LEU H 262 -2.01 43.89 33.73
N ARG H 263 -2.58 45.06 34.06
CA ARG H 263 -2.64 45.55 35.43
C ARG H 263 -3.48 44.60 36.29
N CYS H 264 -4.61 44.12 35.74
CA CYS H 264 -5.51 43.20 36.43
C CYS H 264 -4.87 41.83 36.61
N GLU H 265 -4.09 41.37 35.61
CA GLU H 265 -3.41 40.08 35.68
C GLU H 265 -2.35 40.10 36.78
N LEU H 266 -1.55 41.18 36.85
CA LEU H 266 -0.51 41.32 37.87
C LEU H 266 -1.13 41.39 39.25
N ASP H 267 -2.23 42.12 39.40
CA ASP H 267 -2.91 42.24 40.68
C ASP H 267 -3.44 40.89 41.12
N ILE H 268 -4.04 40.11 40.21
CA ILE H 268 -4.58 38.79 40.53
C ILE H 268 -3.44 37.85 40.95
N MET H 269 -2.31 37.90 40.24
CA MET H 269 -1.15 37.06 40.54
C MET H 269 -0.58 37.35 41.92
N ASN H 270 -0.65 38.60 42.37
CA ASN H 270 -0.13 38.97 43.69
C ASN H 270 -1.15 38.73 44.79
N LYS H 271 -2.43 38.99 44.53
CA LYS H 271 -3.48 38.80 45.54
C LYS H 271 -3.83 37.34 45.79
N CYS H 272 -4.33 36.63 44.77
CA CYS H 272 -4.74 35.24 44.91
C CYS H 272 -3.56 34.29 45.01
N THR H 273 -3.07 34.09 46.22
CA THR H 273 -1.97 33.17 46.45
C THR H 273 -2.49 31.73 46.73
N SER H 274 -3.76 31.60 47.10
CA SER H 274 -4.35 30.30 47.41
C SER H 274 -5.37 29.88 46.35
N LEU H 275 -5.58 28.58 46.22
CA LEU H 275 -6.53 28.00 45.29
C LEU H 275 -7.32 26.95 46.04
N CYS H 276 -8.57 27.29 46.35
CA CYS H 276 -9.47 26.43 47.10
C CYS H 276 -10.48 25.70 46.18
N CYS H 277 -11.29 24.79 46.75
CA CYS H 277 -12.33 24.10 46.00
C CYS H 277 -13.44 25.10 45.69
N LYS H 278 -13.97 25.06 44.47
CA LYS H 278 -15.04 25.97 44.07
C LYS H 278 -16.33 25.64 44.80
N GLN H 279 -16.60 24.34 45.00
CA GLN H 279 -17.81 23.90 45.67
C GLN H 279 -17.73 24.12 47.18
N CYS H 280 -16.59 23.78 47.80
CA CYS H 280 -16.39 23.92 49.24
C CYS H 280 -16.21 25.38 49.64
N GLN H 281 -15.33 26.08 48.91
CA GLN H 281 -14.92 27.47 49.14
C GLN H 281 -13.94 27.60 50.33
N GLU H 282 -13.98 26.65 51.27
CA GLU H 282 -13.11 26.66 52.45
C GLU H 282 -11.97 25.65 52.37
N THR H 283 -12.10 24.61 51.53
CA THR H 283 -11.07 23.58 51.41
C THR H 283 -9.92 24.03 50.51
N GLU H 284 -8.76 24.29 51.11
CA GLU H 284 -7.58 24.70 50.37
C GLU H 284 -6.99 23.53 49.61
N ILE H 285 -6.73 23.71 48.31
CA ILE H 285 -6.20 22.65 47.47
C ILE H 285 -4.71 22.84 47.20
N THR H 286 -4.33 24.05 46.76
CA THR H 286 -2.93 24.36 46.44
C THR H 286 -2.63 25.88 46.53
N THR H 287 -1.35 26.27 46.38
CA THR H 287 -0.92 27.66 46.38
C THR H 287 -0.15 27.96 45.09
N LYS H 288 0.03 29.24 44.74
CA LYS H 288 0.76 29.62 43.54
C LYS H 288 2.25 29.22 43.58
N ASN H 289 2.78 28.91 44.76
CA ASN H 289 4.16 28.45 44.92
C ASN H 289 4.36 27.09 44.24
N GLU H 290 3.32 26.23 44.28
CA GLU H 290 3.36 24.92 43.65
C GLU H 290 3.09 24.92 42.15
N ILE H 291 2.60 26.04 41.59
CA ILE H 291 2.29 26.13 40.17
C ILE H 291 3.57 26.14 39.33
N PHE H 292 3.56 25.40 38.23
CA PHE H 292 4.68 25.35 37.30
C PHE H 292 4.16 25.06 35.89
N SER H 293 4.88 25.55 34.88
CA SER H 293 4.47 25.35 33.50
C SER H 293 5.03 24.08 32.91
N LEU H 294 4.15 23.15 32.58
CA LEU H 294 4.53 21.90 31.93
C LEU H 294 4.32 21.97 30.39
N SER H 295 3.63 23.02 29.89
CA SER H 295 3.37 23.22 28.48
C SER H 295 3.95 24.57 27.99
N LEU H 296 4.07 24.74 26.67
CA LEU H 296 4.59 25.98 26.08
C LEU H 296 3.61 27.15 26.23
N CYS H 297 2.31 26.87 26.26
CA CYS H 297 1.27 27.89 26.43
C CYS H 297 1.30 28.51 27.84
N GLY H 298 1.66 27.70 28.83
CA GLY H 298 1.74 28.10 30.22
C GLY H 298 1.41 26.96 31.16
N PRO H 299 1.14 27.26 32.43
CA PRO H 299 0.79 26.18 33.38
C PRO H 299 -0.60 25.60 33.13
N MET H 300 -1.53 26.42 32.63
CA MET H 300 -2.89 26.00 32.36
C MET H 300 -3.17 26.04 30.86
N ALA H 301 -3.86 25.03 30.37
CA ALA H 301 -4.24 24.94 28.95
C ALA H 301 -5.53 24.16 28.80
N ALA H 302 -6.27 24.41 27.72
CA ALA H 302 -7.52 23.70 27.47
C ALA H 302 -7.26 22.36 26.79
N TYR H 303 -7.84 21.30 27.32
CA TYR H 303 -7.69 19.97 26.76
C TYR H 303 -9.07 19.30 26.60
N VAL H 304 -9.23 18.45 25.59
CA VAL H 304 -10.50 17.76 25.36
C VAL H 304 -10.40 16.31 25.83
N ASN H 305 -11.48 15.82 26.43
CA ASN H 305 -11.57 14.44 26.91
C ASN H 305 -12.23 13.54 25.83
N PRO H 306 -12.19 12.20 25.96
CA PRO H 306 -12.78 11.34 24.92
C PRO H 306 -14.21 11.65 24.53
N HIS H 307 -15.07 12.04 25.49
CA HIS H 307 -16.47 12.32 25.18
C HIS H 307 -16.77 13.77 24.76
N GLY H 308 -15.73 14.59 24.57
CA GLY H 308 -15.92 15.94 24.06
C GLY H 308 -15.92 17.07 25.06
N TYR H 309 -15.84 16.76 26.35
CA TYR H 309 -15.82 17.78 27.38
C TYR H 309 -14.47 18.49 27.40
N VAL H 310 -14.46 19.80 27.66
CA VAL H 310 -13.23 20.57 27.70
C VAL H 310 -12.83 20.93 29.12
N HIS H 311 -11.55 20.73 29.45
CA HIS H 311 -11.03 21.04 30.77
C HIS H 311 -9.84 21.97 30.66
N GLU H 312 -9.92 23.17 31.24
CA GLU H 312 -8.78 24.08 31.26
C GLU H 312 -7.95 23.61 32.44
N THR H 313 -7.08 22.63 32.19
CA THR H 313 -6.30 21.98 33.22
C THR H 313 -4.99 22.69 33.55
N LEU H 314 -4.73 22.85 34.85
CA LEU H 314 -3.54 23.50 35.40
C LEU H 314 -2.62 22.46 36.02
N THR H 315 -1.31 22.55 35.73
CA THR H 315 -0.33 21.62 36.27
C THR H 315 0.37 22.17 37.50
N VAL H 316 0.32 21.42 38.62
CA VAL H 316 0.94 21.82 39.88
C VAL H 316 1.80 20.69 40.46
N TYR H 317 2.78 21.05 41.30
CA TYR H 317 3.66 20.07 41.92
C TYR H 317 2.94 19.27 43.01
N LYS H 318 2.40 19.94 44.03
CA LYS H 318 1.72 19.27 45.13
C LYS H 318 0.28 19.74 45.30
N ALA H 319 -0.55 18.84 45.82
CA ALA H 319 -1.95 19.13 46.10
C ALA H 319 -2.38 18.34 47.32
N CYS H 320 -3.26 18.94 48.13
CA CYS H 320 -3.72 18.30 49.36
C CYS H 320 -5.25 18.24 49.45
N ASN H 321 -5.78 17.50 50.44
CA ASN H 321 -7.21 17.33 50.66
C ASN H 321 -7.87 16.71 49.44
N LEU H 322 -7.24 15.69 48.87
CA LEU H 322 -7.74 15.02 47.68
C LEU H 322 -7.65 13.50 47.81
N ASN H 323 -8.71 12.79 47.43
CA ASN H 323 -8.71 11.33 47.45
C ASN H 323 -8.67 10.80 46.03
N LEU H 324 -7.99 9.68 45.81
CA LEU H 324 -7.87 9.09 44.48
C LEU H 324 -8.94 8.03 44.25
N ILE H 325 -9.59 8.09 43.08
CA ILE H 325 -10.64 7.14 42.72
C ILE H 325 -10.16 6.28 41.56
N GLY H 326 -10.29 4.97 41.71
CA GLY H 326 -9.88 4.04 40.66
C GLY H 326 -8.38 3.77 40.64
N ARG H 327 -7.90 3.27 39.50
CA ARG H 327 -6.49 2.96 39.33
C ARG H 327 -5.86 3.74 38.17
N PRO H 328 -4.54 3.97 38.20
CA PRO H 328 -3.91 4.73 37.10
C PRO H 328 -4.10 4.12 35.72
N SER H 329 -4.32 4.96 34.71
CA SER H 329 -4.51 4.49 33.35
C SER H 329 -3.82 5.44 32.37
N THR H 330 -3.27 4.89 31.29
CA THR H 330 -2.58 5.70 30.28
C THR H 330 -3.42 5.92 29.00
N GLU H 331 -4.74 5.67 29.08
CA GLU H 331 -5.62 5.80 27.92
C GLU H 331 -6.05 7.24 27.72
N HIS H 332 -5.85 7.76 26.49
CA HIS H 332 -6.20 9.13 26.09
C HIS H 332 -5.56 10.14 27.04
N SER H 333 -4.33 9.88 27.46
CA SER H 333 -3.62 10.78 28.36
C SER H 333 -3.15 12.03 27.62
N TRP H 334 -3.36 13.20 28.23
CA TRP H 334 -2.94 14.47 27.63
C TRP H 334 -1.42 14.70 27.72
N PHE H 335 -0.76 14.03 28.66
CA PHE H 335 0.67 14.14 28.88
C PHE H 335 1.33 12.79 28.60
N PRO H 336 1.84 12.58 27.38
CA PRO H 336 2.46 11.29 27.05
C PRO H 336 3.54 10.84 28.03
N GLY H 337 3.43 9.59 28.47
CA GLY H 337 4.35 9.02 29.44
C GLY H 337 3.87 9.08 30.88
N TYR H 338 2.62 9.52 31.10
CA TYR H 338 2.04 9.63 32.43
C TYR H 338 0.68 8.95 32.50
N ALA H 339 0.33 8.44 33.67
CA ALA H 339 -0.93 7.75 33.92
C ALA H 339 -1.77 8.59 34.88
N TRP H 340 -3.04 8.78 34.54
CA TRP H 340 -3.96 9.58 35.34
C TRP H 340 -4.82 8.76 36.29
N THR H 341 -5.23 9.38 37.40
CA THR H 341 -6.12 8.78 38.40
C THR H 341 -7.04 9.88 38.88
N VAL H 342 -8.36 9.67 38.80
CA VAL H 342 -9.34 10.68 39.20
C VAL H 342 -9.14 11.18 40.64
N ALA H 343 -9.22 12.49 40.84
CA ALA H 343 -9.04 13.08 42.15
C ALA H 343 -10.30 13.80 42.58
N GLN H 344 -10.76 13.54 43.80
CA GLN H 344 -11.95 14.18 44.35
C GLN H 344 -11.64 14.93 45.63
N CYS H 345 -12.47 15.93 45.95
CA CYS H 345 -12.34 16.73 47.16
C CYS H 345 -12.60 15.86 48.39
N LYS H 346 -11.79 16.01 49.44
CA LYS H 346 -11.94 15.24 50.68
C LYS H 346 -13.25 15.52 51.40
N ILE H 347 -13.80 16.73 51.24
CA ILE H 347 -15.02 17.11 51.94
C ILE H 347 -16.25 17.08 51.03
N CYS H 348 -16.13 17.72 49.87
CA CYS H 348 -17.19 17.86 48.86
C CYS H 348 -17.44 16.64 48.02
N ALA H 349 -16.40 15.84 47.80
CA ALA H 349 -16.34 14.73 46.85
C ALA H 349 -16.61 15.17 45.41
N SER H 350 -16.32 16.44 45.10
CA SER H 350 -16.48 16.96 43.75
C SER H 350 -15.19 16.69 43.00
N HIS H 351 -15.31 16.38 41.72
CA HIS H 351 -14.15 16.12 40.89
C HIS H 351 -13.28 17.38 40.78
N ILE H 352 -12.01 17.27 41.12
CA ILE H 352 -11.09 18.40 41.06
C ILE H 352 -10.11 18.26 39.91
N GLY H 353 -9.66 17.03 39.64
CA GLY H 353 -8.73 16.79 38.56
C GLY H 353 -8.20 15.38 38.52
N TRP H 354 -6.92 15.23 38.18
CA TRP H 354 -6.29 13.92 38.07
C TRP H 354 -4.86 13.95 38.62
N LYS H 355 -4.36 12.79 39.05
CA LYS H 355 -2.99 12.68 39.53
C LYS H 355 -2.18 11.95 38.48
N PHE H 356 -1.17 12.60 37.94
CA PHE H 356 -0.35 12.05 36.89
C PHE H 356 0.89 11.41 37.46
N THR H 357 1.10 10.14 37.16
CA THR H 357 2.25 9.37 37.64
C THR H 357 3.06 8.90 36.44
N ALA H 358 4.38 9.05 36.49
CA ALA H 358 5.24 8.63 35.38
C ALA H 358 5.26 7.12 35.22
N THR H 359 5.23 6.66 33.97
CA THR H 359 5.28 5.23 33.69
C THR H 359 6.70 4.67 33.84
N LYS H 360 7.71 5.48 33.49
CA LYS H 360 9.11 5.10 33.60
C LYS H 360 9.79 5.80 34.79
N LYS H 361 10.80 5.15 35.38
CA LYS H 361 11.51 5.69 36.54
C LYS H 361 12.42 6.86 36.17
N ASP H 362 12.95 6.88 34.94
CA ASP H 362 13.86 7.94 34.50
C ASP H 362 13.18 9.29 34.22
N MET H 363 11.85 9.33 34.16
CA MET H 363 11.13 10.57 33.92
C MET H 363 11.16 11.48 35.13
N SER H 364 11.14 12.80 34.91
CA SER H 364 11.17 13.78 35.99
C SER H 364 10.35 15.01 35.59
N PRO H 365 9.38 15.44 36.41
CA PRO H 365 9.01 14.88 37.73
C PRO H 365 8.27 13.55 37.65
N GLN H 366 8.43 12.73 38.68
CA GLN H 366 7.80 11.42 38.76
C GLN H 366 6.29 11.51 38.96
N LYS H 367 5.82 12.57 39.63
CA LYS H 367 4.39 12.75 39.85
C LYS H 367 4.02 14.22 39.90
N PHE H 368 2.82 14.54 39.40
CA PHE H 368 2.27 15.89 39.41
C PHE H 368 0.74 15.87 39.42
N TRP H 369 0.10 17.04 39.58
CA TRP H 369 -1.34 17.12 39.62
C TRP H 369 -1.89 18.01 38.52
N GLY H 370 -3.01 17.59 37.95
CA GLY H 370 -3.69 18.34 36.91
C GLY H 370 -5.09 18.71 37.39
N LEU H 371 -5.33 19.99 37.65
CA LEU H 371 -6.62 20.43 38.19
C LEU H 371 -7.46 21.19 37.17
N THR H 372 -8.76 20.87 37.09
CA THR H 372 -9.65 21.56 36.16
C THR H 372 -10.07 22.92 36.71
N ARG H 373 -9.99 23.97 35.88
CA ARG H 373 -10.32 25.35 36.25
C ARG H 373 -11.76 25.51 36.72
N SER H 374 -12.68 24.81 36.05
CA SER H 374 -14.10 24.83 36.39
C SER H 374 -14.41 24.36 37.81
N ALA H 375 -13.48 23.63 38.44
CA ALA H 375 -13.66 23.14 39.80
C ALA H 375 -12.81 23.86 40.85
N LEU H 376 -12.08 24.92 40.47
CA LEU H 376 -11.23 25.65 41.41
C LEU H 376 -11.76 27.07 41.68
N LEU H 377 -11.28 27.69 42.76
CA LEU H 377 -11.66 29.04 43.15
C LEU H 377 -10.46 29.76 43.74
N PRO H 378 -10.06 30.91 43.17
CA PRO H 378 -8.91 31.64 43.72
C PRO H 378 -9.27 32.34 45.02
N THR H 379 -8.41 32.21 46.04
CA THR H 379 -8.68 32.79 47.35
C THR H 379 -7.54 33.68 47.84
N ILE H 380 -7.90 34.82 48.40
CA ILE H 380 -6.97 35.77 48.99
C ILE H 380 -6.79 35.37 50.46
N PRO H 381 -5.54 35.34 50.96
CA PRO H 381 -5.34 34.96 52.37
C PRO H 381 -5.88 35.97 53.38
N ASP H 382 -5.87 35.60 54.68
CA ASP H 382 -6.38 36.40 55.80
C ASP H 382 -7.92 36.53 55.68
N THR H 383 -8.54 37.72 55.89
CA THR H 383 -9.99 37.85 55.80
C THR H 383 -10.40 39.08 54.98
N GLU H 384 -10.98 38.84 53.79
CA GLU H 384 -11.44 39.88 52.86
C GLU H 384 -12.34 39.28 51.74
N ASP H 385 -13.01 40.14 50.95
CA ASP H 385 -13.87 39.70 49.86
C ASP H 385 -13.10 39.66 48.50
N GLU H 386 -13.79 39.44 47.37
CA GLU H 386 -13.14 39.36 46.06
C GLU H 386 -13.24 40.65 45.25
N ILE H 387 -12.09 41.16 44.76
CA ILE H 387 -12.03 42.38 43.95
C ILE H 387 -10.88 42.34 42.94
N SER H 388 -11.10 42.84 41.72
CA SER H 388 -10.07 42.85 40.69
C SER H 388 -9.81 44.23 40.10
N PRO H 389 -8.78 44.94 40.60
CA PRO H 389 -8.46 46.28 40.09
C PRO H 389 -8.04 46.35 38.62
N ASP H 390 -8.52 47.39 37.91
CA ASP H 390 -8.28 47.67 36.50
C ASP H 390 -8.74 46.53 35.58
N GLY I 1 -16.80 -6.00 38.63
CA GLY I 1 -15.44 -6.32 39.04
C GLY I 1 -14.39 -5.53 38.27
N GLU I 2 -14.36 -5.72 36.95
CA GLU I 2 -13.41 -5.02 36.05
C GLU I 2 -13.72 -3.52 35.84
N ARG I 3 -14.81 -3.03 36.45
CA ARG I 3 -15.29 -1.65 36.37
C ARG I 3 -15.60 -1.20 34.94
N PRO I 4 -16.73 -1.64 34.37
CA PRO I 4 -17.05 -1.24 32.99
C PRO I 4 -17.85 0.05 32.86
N PHE I 5 -18.54 0.47 33.93
CA PHE I 5 -19.34 1.70 33.89
C PHE I 5 -18.43 2.90 34.15
N HIS I 6 -18.23 3.77 33.15
CA HIS I 6 -17.35 4.93 33.31
C HIS I 6 -18.08 6.27 33.18
N CYS I 7 -17.54 7.31 33.82
CA CYS I 7 -18.10 8.66 33.78
C CYS I 7 -17.63 9.39 32.54
N ASN I 8 -18.56 9.84 31.69
CA ASN I 8 -18.24 10.55 30.46
C ASN I 8 -17.45 11.85 30.71
N GLN I 9 -17.74 12.54 31.82
CA GLN I 9 -17.09 13.81 32.16
C GLN I 9 -15.63 13.69 32.62
N CYS I 10 -15.37 12.88 33.67
CA CYS I 10 -14.02 12.78 34.22
C CYS I 10 -13.31 11.46 33.91
N GLY I 11 -14.07 10.39 33.79
CA GLY I 11 -13.50 9.07 33.48
C GLY I 11 -13.41 8.14 34.67
N ALA I 12 -14.28 8.35 35.67
CA ALA I 12 -14.28 7.54 36.87
C ALA I 12 -14.78 6.12 36.60
N SER I 13 -13.95 5.11 36.87
CA SER I 13 -14.30 3.71 36.65
C SER I 13 -15.17 3.23 37.81
N PHE I 14 -16.27 2.52 37.51
CA PHE I 14 -17.19 2.02 38.51
C PHE I 14 -17.61 0.59 38.24
N THR I 15 -17.68 -0.23 39.29
CA THR I 15 -18.06 -1.63 39.19
C THR I 15 -19.58 -1.82 38.99
N GLN I 16 -20.40 -0.85 39.43
CA GLN I 16 -21.84 -0.93 39.28
C GLN I 16 -22.47 0.33 38.67
N LYS I 17 -23.66 0.20 38.08
CA LYS I 17 -24.38 1.30 37.45
C LYS I 17 -24.91 2.32 38.47
N GLY I 18 -25.28 1.85 39.64
CA GLY I 18 -25.77 2.70 40.73
C GLY I 18 -24.70 3.64 41.24
N ASN I 19 -23.45 3.18 41.25
CA ASN I 19 -22.30 3.98 41.68
C ASN I 19 -22.05 5.13 40.70
N LEU I 20 -22.20 4.85 39.40
CA LEU I 20 -22.00 5.82 38.34
C LEU I 20 -23.10 6.88 38.30
N LEU I 21 -24.37 6.45 38.43
CA LEU I 21 -25.52 7.37 38.42
C LEU I 21 -25.49 8.40 39.55
N ARG I 22 -24.87 8.05 40.67
CA ARG I 22 -24.76 8.96 41.80
C ARG I 22 -23.59 9.94 41.55
N HIS I 23 -22.47 9.42 41.03
CA HIS I 23 -21.28 10.21 40.71
C HIS I 23 -21.55 11.29 39.65
N ILE I 24 -22.41 11.00 38.67
CA ILE I 24 -22.73 11.99 37.63
C ILE I 24 -23.54 13.16 38.21
N LYS I 25 -24.35 12.91 39.26
CA LYS I 25 -25.12 13.95 39.92
C LYS I 25 -24.22 14.91 40.74
N LEU I 26 -23.02 14.46 41.12
CA LEU I 26 -22.05 15.28 41.86
C LEU I 26 -21.49 16.39 40.97
N HIS I 27 -21.35 16.13 39.66
CA HIS I 27 -20.87 17.13 38.71
C HIS I 27 -21.92 18.22 38.48
N SER I 28 -23.22 17.87 38.57
CA SER I 28 -24.33 18.78 38.37
C SER I 28 -24.36 19.88 39.45
N GLY I 29 -24.01 19.52 40.68
CA GLY I 29 -23.99 20.41 41.83
C GLY I 29 -23.07 21.61 41.74
N MET J 1 -3.79 36.23 -43.85
CA MET J 1 -3.18 36.31 -45.17
C MET J 1 -2.11 35.24 -45.41
N SER J 2 -1.51 34.70 -44.34
CA SER J 2 -0.46 33.70 -44.49
C SER J 2 -0.94 32.24 -44.47
N TYR J 3 -1.68 31.84 -43.43
CA TYR J 3 -2.21 30.49 -43.21
C TYR J 3 -1.12 29.41 -43.24
N ASN J 4 -0.61 29.02 -42.07
CA ASN J 4 0.41 27.99 -41.97
C ASN J 4 0.02 26.91 -40.92
N TYR J 5 0.74 25.79 -40.91
CA TYR J 5 0.47 24.67 -40.01
C TYR J 5 1.76 24.24 -39.35
N VAL J 6 1.81 24.25 -38.02
CA VAL J 6 3.01 23.87 -37.28
C VAL J 6 2.77 22.64 -36.39
N VAL J 7 3.51 21.56 -36.62
CA VAL J 7 3.35 20.34 -35.85
C VAL J 7 4.68 19.86 -35.25
N THR J 8 4.62 19.11 -34.15
CA THR J 8 5.82 18.58 -33.51
C THR J 8 6.06 17.16 -34.01
N ALA J 9 7.23 16.92 -34.59
CA ALA J 9 7.59 15.59 -35.08
C ALA J 9 8.37 14.80 -34.01
N GLN J 10 9.11 15.50 -33.14
CA GLN J 10 9.87 14.88 -32.07
C GLN J 10 9.70 15.69 -30.80
N LYS J 11 9.29 15.03 -29.71
CA LYS J 11 9.10 15.65 -28.40
C LYS J 11 10.44 16.15 -27.84
N PRO J 12 10.44 17.22 -27.03
CA PRO J 12 11.71 17.70 -26.46
C PRO J 12 12.37 16.69 -25.52
N THR J 13 13.65 16.39 -25.76
CA THR J 13 14.40 15.37 -25.00
C THR J 13 15.28 15.92 -23.87
N ALA J 14 15.53 17.24 -23.85
CA ALA J 14 16.38 17.84 -22.84
C ALA J 14 15.70 17.95 -21.47
N VAL J 15 16.39 17.53 -20.40
CA VAL J 15 15.82 17.57 -19.06
C VAL J 15 16.17 18.85 -18.30
N ASN J 16 15.17 19.72 -18.08
CA ASN J 16 15.38 20.96 -17.33
C ASN J 16 15.07 20.85 -15.83
N GLY J 17 14.57 19.72 -15.37
CA GLY J 17 14.23 19.53 -13.96
C GLY J 17 13.83 18.11 -13.61
N CYS J 18 14.14 17.68 -12.38
CA CYS J 18 13.79 16.34 -11.92
C CYS J 18 13.61 16.34 -10.40
N VAL J 19 12.62 15.58 -9.90
CA VAL J 19 12.32 15.47 -8.48
C VAL J 19 11.94 14.03 -8.09
N THR J 20 12.03 13.71 -6.81
CA THR J 20 11.65 12.40 -6.29
C THR J 20 10.65 12.54 -5.13
N GLY J 21 9.86 11.51 -4.92
CA GLY J 21 8.86 11.52 -3.85
C GLY J 21 7.90 10.35 -3.92
N HIS J 22 6.65 10.58 -3.51
CA HIS J 22 5.59 9.57 -3.50
C HIS J 22 4.34 10.21 -4.10
N PHE J 23 4.31 10.33 -5.42
CA PHE J 23 3.23 10.99 -6.14
C PHE J 23 2.02 10.09 -6.46
N THR J 24 2.27 8.86 -6.91
CA THR J 24 1.21 7.93 -7.27
C THR J 24 0.58 7.26 -6.04
N SER J 25 1.42 6.88 -5.07
CA SER J 25 0.98 6.23 -3.84
C SER J 25 2.07 6.37 -2.77
N ALA J 26 1.67 6.31 -1.49
CA ALA J 26 2.62 6.43 -0.38
C ALA J 26 3.67 5.31 -0.33
N GLU J 27 3.40 4.17 -0.97
CA GLU J 27 4.33 3.06 -0.99
C GLU J 27 5.29 3.13 -2.19
N ASP J 28 4.77 3.47 -3.37
CA ASP J 28 5.59 3.57 -4.58
C ASP J 28 6.56 4.74 -4.50
N LEU J 29 7.77 4.55 -5.03
CA LEU J 29 8.77 5.60 -5.05
C LEU J 29 8.75 6.20 -6.44
N ASN J 30 8.34 7.47 -6.55
CA ASN J 30 8.21 8.12 -7.85
C ASN J 30 9.33 9.06 -8.21
N LEU J 31 9.65 9.12 -9.50
CA LEU J 31 10.66 10.00 -10.06
C LEU J 31 9.98 10.76 -11.20
N LEU J 32 9.91 12.09 -11.06
CA LEU J 32 9.25 12.95 -12.04
C LEU J 32 10.31 13.72 -12.84
N ILE J 33 10.27 13.59 -14.18
CA ILE J 33 11.24 14.26 -15.05
C ILE J 33 10.52 15.25 -15.95
N ALA J 34 10.95 16.51 -15.95
CA ALA J 34 10.35 17.53 -16.79
C ALA J 34 11.18 17.75 -18.04
N LYS J 35 10.53 17.82 -19.19
CA LYS J 35 11.20 18.05 -20.45
C LYS J 35 10.50 19.21 -21.15
N ASN J 36 10.71 20.41 -20.62
CA ASN J 36 10.12 21.67 -21.07
C ASN J 36 8.57 21.65 -20.97
N THR J 37 7.87 21.20 -22.02
CA THR J 37 6.40 21.17 -22.01
C THR J 37 5.82 19.80 -21.66
N ARG J 38 6.67 18.78 -21.50
CA ARG J 38 6.26 17.42 -21.20
C ARG J 38 6.65 17.05 -19.78
N LEU J 39 5.86 16.16 -19.16
CA LEU J 39 6.13 15.67 -17.81
C LEU J 39 6.01 14.15 -17.78
N GLU J 40 7.09 13.46 -17.38
CA GLU J 40 7.10 12.00 -17.35
C GLU J 40 7.19 11.49 -15.93
N ILE J 41 6.34 10.52 -15.58
CA ILE J 41 6.34 9.92 -14.25
C ILE J 41 6.86 8.50 -14.35
N TYR J 42 7.75 8.11 -13.43
CA TYR J 42 8.29 6.76 -13.40
C TYR J 42 8.26 6.22 -11.97
N VAL J 43 8.15 4.90 -11.84
CA VAL J 43 8.18 4.26 -10.54
C VAL J 43 9.56 3.63 -10.41
N VAL J 44 10.30 4.00 -9.36
CA VAL J 44 11.63 3.48 -9.11
C VAL J 44 11.53 2.06 -8.62
N THR J 45 11.88 1.11 -9.48
CA THR J 45 11.85 -0.30 -9.14
C THR J 45 13.28 -0.82 -8.91
N ALA J 46 13.42 -2.03 -8.36
CA ALA J 46 14.72 -2.63 -8.13
C ALA J 46 15.47 -2.86 -9.44
N GLU J 47 14.76 -3.17 -10.53
CA GLU J 47 15.34 -3.41 -11.83
C GLU J 47 15.79 -2.12 -12.51
N GLY J 48 14.90 -1.14 -12.56
CA GLY J 48 15.18 0.16 -13.18
C GLY J 48 14.02 1.10 -12.98
N LEU J 49 13.56 1.75 -14.06
CA LEU J 49 12.42 2.65 -13.97
C LEU J 49 11.21 2.05 -14.67
N ARG J 50 10.03 2.27 -14.11
CA ARG J 50 8.79 1.75 -14.68
C ARG J 50 7.93 2.90 -15.16
N PRO J 51 7.79 3.07 -16.48
CA PRO J 51 6.97 4.18 -17.00
C PRO J 51 5.49 3.99 -16.69
N VAL J 52 4.81 5.07 -16.28
CA VAL J 52 3.41 5.01 -15.91
C VAL J 52 2.56 6.00 -16.71
N LYS J 53 2.99 7.26 -16.76
CA LYS J 53 2.24 8.29 -17.45
C LYS J 53 3.15 9.38 -18.02
N GLU J 54 2.79 9.91 -19.19
CA GLU J 54 3.51 10.99 -19.84
C GLU J 54 2.47 12.01 -20.26
N VAL J 55 2.53 13.22 -19.71
CA VAL J 55 1.54 14.26 -20.01
C VAL J 55 2.13 15.46 -20.73
N GLY J 56 1.29 16.16 -21.47
CA GLY J 56 1.68 17.35 -22.20
C GLY J 56 0.94 18.57 -21.69
N MET J 57 1.67 19.53 -21.15
CA MET J 57 1.10 20.74 -20.57
C MET J 57 1.00 21.90 -21.57
N TYR J 58 0.24 22.94 -21.21
CA TYR J 58 0.14 24.15 -22.01
C TYR J 58 0.92 25.24 -21.30
N GLY J 59 2.19 24.96 -21.09
CA GLY J 59 3.12 25.85 -20.40
C GLY J 59 4.51 25.28 -20.31
N LYS J 60 5.52 26.15 -20.28
CA LYS J 60 6.90 25.71 -20.16
C LYS J 60 7.25 25.52 -18.71
N ILE J 61 7.36 24.27 -18.25
CA ILE J 61 7.70 23.94 -16.86
C ILE J 61 8.95 24.68 -16.37
N ALA J 62 8.75 25.68 -15.51
CA ALA J 62 9.87 26.46 -14.96
C ALA J 62 10.17 25.95 -13.55
N VAL J 63 9.13 25.75 -12.73
CA VAL J 63 9.27 25.27 -11.36
C VAL J 63 8.48 23.97 -11.23
N MET J 64 9.08 22.92 -10.66
CA MET J 64 8.40 21.64 -10.47
C MET J 64 8.85 21.08 -9.13
N GLU J 65 7.95 21.08 -8.14
CA GLU J 65 8.28 20.59 -6.80
C GLU J 65 7.17 19.74 -6.20
N LEU J 66 7.53 18.66 -5.50
CA LEU J 66 6.58 17.80 -4.81
C LEU J 66 6.52 18.17 -3.33
N PHE J 67 5.39 17.92 -2.69
CA PHE J 67 5.21 18.24 -1.28
C PHE J 67 4.05 17.46 -0.65
N ARG J 68 4.02 17.35 0.69
CA ARG J 68 2.90 16.68 1.34
C ARG J 68 2.32 17.48 2.48
N PRO J 69 1.12 18.04 2.28
CA PRO J 69 0.45 18.74 3.39
C PRO J 69 0.00 17.74 4.46
N LYS J 70 -0.06 18.16 5.74
CA LYS J 70 -0.47 17.23 6.79
C LYS J 70 -1.95 16.86 6.66
N GLY J 71 -2.21 15.56 6.63
CA GLY J 71 -3.55 15.03 6.43
C GLY J 71 -3.74 14.35 5.08
N GLU J 72 -2.85 14.65 4.12
CA GLU J 72 -2.92 14.07 2.77
C GLU J 72 -2.35 12.66 2.73
N SER J 73 -2.96 11.80 1.91
CA SER J 73 -2.55 10.41 1.78
C SER J 73 -1.22 10.26 1.04
N LYS J 74 -0.98 11.13 0.05
CA LYS J 74 0.24 11.08 -0.74
C LYS J 74 0.72 12.48 -1.14
N ASP J 75 1.88 12.57 -1.81
CA ASP J 75 2.44 13.85 -2.24
C ASP J 75 1.69 14.46 -3.40
N LEU J 76 1.60 15.78 -3.41
CA LEU J 76 0.99 16.54 -4.48
C LEU J 76 2.12 17.25 -5.25
N LEU J 77 1.88 17.59 -6.51
CA LEU J 77 2.88 18.26 -7.32
C LEU J 77 2.51 19.72 -7.57
N PHE J 78 3.50 20.59 -7.69
CA PHE J 78 3.26 21.99 -8.00
C PHE J 78 4.11 22.32 -9.22
N ILE J 79 3.47 22.86 -10.27
CA ILE J 79 4.20 23.25 -11.47
C ILE J 79 3.88 24.70 -11.86
N LEU J 80 4.92 25.53 -11.92
CA LEU J 80 4.79 26.93 -12.33
C LEU J 80 5.39 27.04 -13.73
N THR J 81 4.64 27.56 -14.69
CA THR J 81 5.11 27.66 -16.08
C THR J 81 5.90 28.98 -16.34
N ALA J 82 6.47 29.15 -17.55
CA ALA J 82 7.21 30.35 -17.93
C ALA J 82 6.28 31.57 -17.98
N LYS J 83 5.02 31.36 -18.41
CA LYS J 83 4.04 32.45 -18.46
C LYS J 83 3.37 32.72 -17.10
N TYR J 84 4.03 32.29 -16.00
CA TYR J 84 3.60 32.47 -14.62
C TYR J 84 2.29 31.75 -14.26
N ASN J 85 1.97 30.64 -14.96
CA ASN J 85 0.77 29.88 -14.65
C ASN J 85 1.11 28.82 -13.62
N ALA J 86 0.53 28.93 -12.43
CA ALA J 86 0.79 27.99 -11.35
C ALA J 86 -0.38 27.01 -11.20
N CYS J 87 -0.07 25.74 -10.90
CA CYS J 87 -1.10 24.73 -10.69
C CYS J 87 -0.61 23.62 -9.77
N ILE J 88 -1.51 23.13 -8.91
CA ILE J 88 -1.22 22.01 -8.04
C ILE J 88 -1.95 20.81 -8.60
N LEU J 89 -1.24 19.70 -8.78
CA LEU J 89 -1.80 18.51 -9.37
C LEU J 89 -1.76 17.30 -8.43
N GLU J 90 -2.70 16.38 -8.63
CA GLU J 90 -2.79 15.14 -7.87
C GLU J 90 -2.92 13.97 -8.85
N TYR J 91 -2.39 12.81 -8.47
CA TYR J 91 -2.47 11.62 -9.31
C TYR J 91 -3.70 10.80 -8.92
N LYS J 92 -4.50 10.38 -9.92
CA LYS J 92 -5.68 9.54 -9.64
C LYS J 92 -5.74 8.34 -10.58
N GLN J 93 -5.83 7.12 -10.02
CA GLN J 93 -5.86 5.89 -10.80
C GLN J 93 -7.05 5.04 -10.39
N SER J 94 -7.95 4.75 -11.34
CA SER J 94 -9.12 3.93 -11.06
C SER J 94 -9.06 2.67 -11.91
N GLY J 95 -8.21 1.74 -11.51
CA GLY J 95 -8.02 0.49 -12.24
C GLY J 95 -6.93 0.66 -13.28
N GLU J 96 -7.33 0.83 -14.54
CA GLU J 96 -6.37 1.06 -15.62
C GLU J 96 -6.48 2.45 -16.25
N SER J 97 -7.44 3.28 -15.81
CA SER J 97 -7.59 4.63 -16.32
C SER J 97 -6.76 5.60 -15.47
N ILE J 98 -5.74 6.21 -16.08
CA ILE J 98 -4.87 7.14 -15.36
C ILE J 98 -5.08 8.56 -15.85
N ASP J 99 -5.53 9.43 -14.95
CA ASP J 99 -5.76 10.84 -15.29
C ASP J 99 -5.11 11.74 -14.25
N ILE J 100 -4.54 12.87 -14.69
CA ILE J 100 -3.91 13.81 -13.78
C ILE J 100 -4.89 14.93 -13.48
N ILE J 101 -5.30 15.06 -12.23
CA ILE J 101 -6.27 16.07 -11.84
C ILE J 101 -5.64 17.37 -11.37
N THR J 102 -6.38 18.48 -11.51
CA THR J 102 -5.91 19.80 -11.09
C THR J 102 -6.67 20.24 -9.85
N ARG J 103 -5.99 20.33 -8.72
CA ARG J 103 -6.62 20.73 -7.45
C ARG J 103 -6.85 22.25 -7.41
N ALA J 104 -5.85 23.01 -7.84
CA ALA J 104 -5.94 24.47 -7.85
C ALA J 104 -5.11 25.04 -9.00
N HIS J 105 -5.60 26.10 -9.63
CA HIS J 105 -4.90 26.73 -10.75
C HIS J 105 -5.08 28.25 -10.74
N GLY J 106 -4.17 28.96 -11.39
CA GLY J 106 -4.23 30.41 -11.46
C GLY J 106 -2.96 31.05 -11.97
N ASN J 107 -3.02 32.33 -12.34
CA ASN J 107 -1.86 33.05 -12.83
C ASN J 107 -1.36 34.03 -11.77
N VAL J 108 -0.04 34.08 -11.57
CA VAL J 108 0.58 34.96 -10.58
C VAL J 108 1.31 36.17 -11.19
N GLN J 109 1.27 36.33 -12.51
CA GLN J 109 1.94 37.42 -13.20
C GLN J 109 1.42 38.78 -12.75
N ASP J 110 2.31 39.63 -12.25
CA ASP J 110 1.95 40.97 -11.83
C ASP J 110 1.88 41.88 -13.06
N ARG J 111 1.04 42.92 -13.00
CA ARG J 111 0.90 43.86 -14.11
C ARG J 111 2.17 44.70 -14.31
N ILE J 112 2.92 44.96 -13.24
CA ILE J 112 4.16 45.74 -13.27
C ILE J 112 5.26 44.99 -12.50
N GLY J 113 6.48 45.03 -13.01
CA GLY J 113 7.61 44.38 -12.37
C GLY J 113 8.70 44.00 -13.33
N ARG J 114 9.95 43.99 -12.85
CA ARG J 114 11.08 43.63 -13.68
C ARG J 114 11.50 42.20 -13.38
N PRO J 115 11.35 41.29 -14.36
CA PRO J 115 11.74 39.89 -14.14
C PRO J 115 13.19 39.77 -13.70
N SER J 116 13.43 38.98 -12.68
CA SER J 116 14.76 38.84 -12.11
C SER J 116 15.82 38.31 -13.05
N GLU J 117 17.09 38.66 -12.78
CA GLU J 117 18.22 38.21 -13.57
C GLU J 117 18.49 36.74 -13.34
N THR J 118 18.36 36.29 -12.08
CA THR J 118 18.57 34.88 -11.70
C THR J 118 17.33 33.98 -11.99
N GLY J 119 16.41 34.47 -12.83
CA GLY J 119 15.22 33.74 -13.22
C GLY J 119 14.21 33.51 -12.11
N ILE J 120 13.14 32.80 -12.45
CA ILE J 120 12.07 32.49 -11.52
C ILE J 120 12.56 31.48 -10.48
N ILE J 121 12.28 31.75 -9.21
CA ILE J 121 12.64 30.84 -8.13
C ILE J 121 11.37 30.43 -7.40
N GLY J 122 11.25 29.14 -7.11
CA GLY J 122 10.09 28.59 -6.41
C GLY J 122 10.46 27.64 -5.31
N ILE J 123 10.01 27.92 -4.09
CA ILE J 123 10.31 27.08 -2.93
C ILE J 123 9.06 26.77 -2.13
N ILE J 124 9.08 25.64 -1.41
CA ILE J 124 7.97 25.21 -0.56
C ILE J 124 8.48 24.99 0.86
N ASP J 125 7.70 25.44 1.85
CA ASP J 125 8.03 25.32 3.26
C ASP J 125 8.06 23.85 3.68
N PRO J 126 8.98 23.44 4.57
CA PRO J 126 9.05 22.03 4.98
C PRO J 126 7.74 21.47 5.55
N GLU J 127 7.01 22.28 6.34
CA GLU J 127 5.73 21.86 6.91
C GLU J 127 4.54 22.04 5.94
N CYS J 128 4.79 22.51 4.71
CA CYS J 128 3.83 22.78 3.63
C CYS J 128 2.79 23.80 4.05
N ARG J 129 3.25 24.96 4.53
CA ARG J 129 2.39 26.05 5.00
C ARG J 129 2.14 27.12 3.94
N MET J 130 3.06 27.27 2.98
CA MET J 130 2.96 28.28 1.92
C MET J 130 3.95 28.00 0.77
N ILE J 131 3.76 28.68 -0.36
CA ILE J 131 4.68 28.56 -1.49
C ILE J 131 5.28 29.93 -1.72
N GLY J 132 6.60 30.00 -1.72
CA GLY J 132 7.32 31.25 -1.93
C GLY J 132 7.86 31.35 -3.34
N LEU J 133 7.58 32.48 -3.99
CA LEU J 133 8.02 32.71 -5.36
C LEU J 133 8.83 34.00 -5.48
N ARG J 134 9.89 33.95 -6.29
CA ARG J 134 10.69 35.14 -6.57
C ARG J 134 10.61 35.33 -8.08
N LEU J 135 9.87 36.34 -8.51
CA LEU J 135 9.70 36.60 -9.94
C LEU J 135 10.27 37.97 -10.31
N TYR J 136 10.10 38.96 -9.42
CA TYR J 136 10.56 40.31 -9.68
C TYR J 136 11.51 40.76 -8.58
N ASP J 137 12.60 41.41 -8.96
CA ASP J 137 13.61 41.90 -8.03
C ASP J 137 12.99 42.87 -7.02
N GLY J 138 13.12 42.55 -5.73
CA GLY J 138 12.56 43.38 -4.67
C GLY J 138 11.16 43.00 -4.22
N LEU J 139 10.57 41.96 -4.82
CA LEU J 139 9.24 41.50 -4.45
C LEU J 139 9.22 40.00 -4.20
N PHE J 140 8.76 39.59 -3.02
CA PHE J 140 8.64 38.18 -2.71
C PHE J 140 7.17 37.80 -2.63
N LYS J 141 6.72 36.97 -3.58
CA LYS J 141 5.34 36.54 -3.65
C LYS J 141 5.06 35.33 -2.76
N VAL J 142 4.01 35.43 -1.93
CA VAL J 142 3.65 34.34 -1.02
C VAL J 142 2.27 33.80 -1.38
N ILE J 143 2.15 32.48 -1.56
CA ILE J 143 0.88 31.82 -1.87
C ILE J 143 0.50 30.89 -0.73
N PRO J 144 -0.51 31.22 0.07
CA PRO J 144 -0.92 30.33 1.16
C PRO J 144 -1.43 28.97 0.66
N LEU J 145 -1.00 27.87 1.30
CA LEU J 145 -1.36 26.51 0.93
C LEU J 145 -2.62 25.91 1.64
N ASP J 146 -3.82 26.43 1.36
CA ASP J 146 -5.03 25.87 2.00
C ASP J 146 -6.07 25.38 0.98
N ARG J 147 -6.99 24.53 1.44
CA ARG J 147 -8.06 23.94 0.63
C ARG J 147 -8.94 24.96 -0.08
N ASP J 148 -9.34 26.05 0.60
CA ASP J 148 -10.19 27.07 -0.01
C ASP J 148 -9.43 28.06 -0.93
N ASN J 149 -8.14 27.82 -1.17
CA ASN J 149 -7.35 28.68 -2.05
C ASN J 149 -7.28 28.04 -3.45
N LYS J 150 -8.45 27.79 -4.05
CA LYS J 150 -8.51 27.16 -5.36
C LYS J 150 -8.03 28.09 -6.47
N GLU J 151 -8.23 29.41 -6.29
CA GLU J 151 -7.76 30.38 -7.28
C GLU J 151 -6.26 30.72 -7.16
N LEU J 152 -5.57 30.18 -6.14
CA LEU J 152 -4.16 30.41 -5.86
C LEU J 152 -3.85 31.88 -5.67
N LYS J 153 -4.54 32.50 -4.69
CA LYS J 153 -4.37 33.90 -4.34
C LYS J 153 -2.99 34.13 -3.73
N ALA J 154 -2.36 35.25 -4.09
CA ALA J 154 -1.02 35.53 -3.59
C ALA J 154 -0.84 36.99 -3.19
N PHE J 155 0.15 37.27 -2.33
CA PHE J 155 0.44 38.63 -1.89
C PHE J 155 1.94 38.89 -1.90
N ASN J 156 2.32 40.13 -2.21
CA ASN J 156 3.73 40.50 -2.28
C ASN J 156 4.25 41.13 -1.01
N ILE J 157 5.52 40.88 -0.70
CA ILE J 157 6.20 41.48 0.45
C ILE J 157 7.45 42.19 -0.07
N ARG J 158 7.68 43.43 0.38
CA ARG J 158 8.86 44.18 -0.07
C ARG J 158 10.15 43.63 0.53
N LEU J 159 11.15 43.45 -0.32
CA LEU J 159 12.45 42.93 0.04
C LEU J 159 13.48 43.91 -0.52
N GLU J 160 14.09 44.76 0.33
CA GLU J 160 15.06 45.74 -0.16
C GLU J 160 16.35 45.13 -0.71
N GLU J 161 16.61 43.84 -0.43
CA GLU J 161 17.76 43.14 -0.99
C GLU J 161 17.33 42.87 -2.43
N LEU J 162 17.83 43.67 -3.38
CA LEU J 162 17.39 43.60 -4.76
C LEU J 162 18.00 42.46 -5.55
N HIS J 163 19.34 42.35 -5.50
CA HIS J 163 20.04 41.32 -6.25
C HIS J 163 20.18 40.05 -5.43
N VAL J 164 19.10 39.29 -5.28
CA VAL J 164 19.14 38.03 -4.54
C VAL J 164 19.59 36.92 -5.46
N ILE J 165 20.67 36.25 -5.12
CA ILE J 165 21.23 35.16 -5.90
C ILE J 165 20.43 33.87 -5.71
N ASP J 166 20.18 33.46 -4.47
CA ASP J 166 19.41 32.24 -4.19
C ASP J 166 18.66 32.37 -2.87
N VAL J 167 17.60 31.58 -2.70
CA VAL J 167 16.78 31.58 -1.49
C VAL J 167 16.18 30.19 -1.26
N LYS J 168 16.10 29.77 0.00
CA LYS J 168 15.57 28.46 0.41
C LYS J 168 14.81 28.58 1.75
N PHE J 169 14.00 27.56 2.08
CA PHE J 169 13.31 27.52 3.36
C PHE J 169 14.17 26.80 4.39
N LEU J 170 13.99 27.09 5.69
CA LEU J 170 14.79 26.43 6.72
C LEU J 170 14.01 25.39 7.52
N TYR J 171 14.66 24.27 7.86
CA TYR J 171 14.06 23.16 8.58
C TYR J 171 14.24 23.33 10.09
N GLY J 172 13.34 22.75 10.86
CA GLY J 172 13.39 22.81 12.31
C GLY J 172 13.16 24.20 12.88
N CYS J 173 12.47 25.05 12.11
CA CYS J 173 12.18 26.40 12.56
C CYS J 173 10.70 26.52 12.84
N GLN J 174 10.35 26.99 14.06
CA GLN J 174 8.96 27.14 14.51
C GLN J 174 8.15 28.06 13.59
N ALA J 175 8.81 29.07 13.02
CA ALA J 175 8.19 30.01 12.10
C ALA J 175 8.74 29.76 10.69
N PRO J 176 7.95 30.03 9.63
CA PRO J 176 8.45 29.81 8.27
C PRO J 176 9.60 30.76 7.89
N THR J 177 10.84 30.33 8.13
CA THR J 177 12.05 31.10 7.92
C THR J 177 12.68 30.88 6.55
N ILE J 178 13.07 31.96 5.90
CA ILE J 178 13.75 31.91 4.61
C ILE J 178 15.20 32.35 4.76
N CYS J 179 16.12 31.60 4.14
CA CYS J 179 17.55 31.88 4.14
C CYS J 179 17.93 32.21 2.71
N PHE J 180 18.54 33.37 2.49
CA PHE J 180 18.91 33.76 1.13
C PHE J 180 20.27 34.43 1.04
N VAL J 181 20.93 34.27 -0.12
CA VAL J 181 22.22 34.90 -0.38
C VAL J 181 21.99 35.98 -1.43
N TYR J 182 22.43 37.21 -1.14
CA TYR J 182 22.27 38.35 -2.03
C TYR J 182 23.61 39.12 -2.19
N GLN J 183 23.61 40.16 -3.05
CA GLN J 183 24.79 40.99 -3.23
C GLN J 183 24.45 42.47 -3.06
N ASP J 184 25.38 43.22 -2.49
CA ASP J 184 25.29 44.67 -2.29
C ASP J 184 26.68 45.31 -2.58
N PRO J 185 26.83 46.65 -2.64
CA PRO J 185 28.16 47.23 -2.92
C PRO J 185 29.28 46.77 -1.99
N GLN J 186 28.96 46.37 -0.76
CA GLN J 186 29.96 45.89 0.20
C GLN J 186 30.41 44.43 -0.02
N GLY J 187 29.70 43.69 -0.87
CA GLY J 187 30.00 42.30 -1.16
C GLY J 187 28.79 41.40 -1.13
N ARG J 188 29.00 40.07 -1.13
CA ARG J 188 27.91 39.12 -1.07
C ARG J 188 27.68 38.70 0.37
N HIS J 189 26.40 38.62 0.77
CA HIS J 189 26.07 38.28 2.15
C HIS J 189 24.92 37.28 2.25
N VAL J 190 24.84 36.55 3.36
CA VAL J 190 23.75 35.62 3.62
C VAL J 190 22.86 36.25 4.71
N LYS J 191 21.53 36.20 4.52
CA LYS J 191 20.60 36.83 5.45
C LYS J 191 19.35 35.98 5.66
N THR J 192 18.70 36.12 6.82
CA THR J 192 17.49 35.34 7.13
C THR J 192 16.31 36.23 7.48
N TYR J 193 15.10 35.76 7.18
CA TYR J 193 13.85 36.48 7.47
C TYR J 193 12.76 35.50 7.91
N GLU J 194 11.77 36.00 8.67
CA GLU J 194 10.64 35.18 9.10
C GLU J 194 9.40 35.68 8.39
N VAL J 195 8.73 34.80 7.64
CA VAL J 195 7.53 35.18 6.90
C VAL J 195 6.31 35.07 7.79
N SER J 196 5.64 36.19 8.07
CA SER J 196 4.45 36.20 8.91
C SER J 196 3.20 36.34 8.06
N LEU J 197 2.25 35.39 8.19
CA LEU J 197 1.01 35.40 7.42
C LEU J 197 -0.02 36.35 8.00
N ARG J 198 -0.08 36.47 9.33
CA ARG J 198 -1.02 37.37 9.98
C ARG J 198 -0.65 38.81 9.65
N GLU J 199 0.65 39.13 9.75
CA GLU J 199 1.13 40.47 9.44
C GLU J 199 1.33 40.70 7.93
N LYS J 200 1.41 39.61 7.13
CA LYS J 200 1.67 39.64 5.69
C LYS J 200 2.97 40.41 5.41
N GLU J 201 3.97 40.22 6.30
CA GLU J 201 5.24 40.94 6.24
C GLU J 201 6.42 40.06 6.73
N PHE J 202 7.61 40.67 6.91
CA PHE J 202 8.79 39.99 7.40
C PHE J 202 9.13 40.40 8.81
N ASN J 203 9.73 39.48 9.56
CA ASN J 203 10.18 39.71 10.93
C ASN J 203 11.66 39.31 11.04
N LYS J 204 12.38 39.85 12.03
CA LYS J 204 13.81 39.56 12.25
C LYS J 204 14.16 38.08 12.17
N GLY J 205 15.18 37.76 11.39
CA GLY J 205 15.63 36.39 11.20
C GLY J 205 16.25 35.79 12.44
N PRO J 206 16.39 34.46 12.46
CA PRO J 206 16.97 33.80 13.65
C PRO J 206 18.44 34.13 13.86
N TRP J 207 19.20 34.34 12.77
CA TRP J 207 20.61 34.69 12.90
C TRP J 207 21.00 35.92 12.09
N LYS J 208 22.08 36.61 12.53
CA LYS J 208 22.60 37.84 11.95
C LYS J 208 23.19 37.66 10.54
N GLN J 209 23.40 38.79 9.84
CA GLN J 209 23.95 38.79 8.50
C GLN J 209 25.45 38.54 8.49
N GLU J 210 25.88 37.43 7.89
CA GLU J 210 27.30 37.10 7.81
C GLU J 210 27.84 37.34 6.41
N ASN J 211 29.05 37.87 6.31
CA ASN J 211 29.68 38.12 5.01
C ASN J 211 30.20 36.78 4.49
N VAL J 212 29.91 36.47 3.22
CA VAL J 212 30.31 35.21 2.59
C VAL J 212 31.22 35.44 1.34
N GLU J 213 31.69 34.36 0.67
CA GLU J 213 32.54 34.41 -0.52
C GLU J 213 31.92 35.29 -1.59
N ALA J 214 32.74 36.06 -2.32
CA ALA J 214 32.25 36.91 -3.40
C ALA J 214 31.67 36.11 -4.59
N GLU J 215 31.92 34.80 -4.64
CA GLU J 215 31.40 33.94 -5.70
C GLU J 215 30.35 32.93 -5.20
N ALA J 216 29.68 33.23 -4.06
CA ALA J 216 28.65 32.36 -3.50
C ALA J 216 27.48 32.28 -4.47
N SER J 217 27.24 31.10 -5.05
CA SER J 217 26.17 30.96 -6.04
C SER J 217 24.98 30.10 -5.60
N MET J 218 25.22 29.02 -4.87
CA MET J 218 24.16 28.08 -4.50
C MET J 218 23.88 27.99 -3.00
N VAL J 219 22.62 27.76 -2.61
CA VAL J 219 22.20 27.58 -1.23
C VAL J 219 21.51 26.23 -1.09
N ILE J 220 21.82 25.48 -0.02
CA ILE J 220 21.23 24.18 0.24
C ILE J 220 20.59 24.13 1.62
N ALA J 221 19.29 23.77 1.69
CA ALA J 221 18.54 23.68 2.93
C ALA J 221 18.88 22.39 3.66
N VAL J 222 19.46 22.51 4.86
CA VAL J 222 19.83 21.33 5.65
C VAL J 222 18.67 20.88 6.52
N PRO J 223 18.26 19.60 6.43
CA PRO J 223 17.16 19.12 7.26
C PRO J 223 17.60 18.72 8.67
N GLU J 224 16.64 18.33 9.53
CA GLU J 224 16.92 17.90 10.90
C GLU J 224 17.77 16.61 10.90
N PRO J 225 18.57 16.39 11.95
CA PRO J 225 18.74 17.19 13.17
C PRO J 225 19.75 18.34 13.05
N PHE J 226 20.44 18.47 11.92
CA PHE J 226 21.46 19.50 11.73
C PHE J 226 20.89 20.93 11.67
N GLY J 227 19.95 21.17 10.75
CA GLY J 227 19.36 22.50 10.57
C GLY J 227 20.29 23.46 9.85
N GLY J 228 19.86 24.70 9.68
CA GLY J 228 20.67 25.72 9.03
C GLY J 228 20.79 25.56 7.53
N ALA J 229 21.79 26.20 6.92
CA ALA J 229 21.98 26.13 5.46
C ALA J 229 23.44 26.10 5.00
N ILE J 230 23.69 25.46 3.86
CA ILE J 230 25.02 25.34 3.25
C ILE J 230 25.14 26.30 2.07
N ILE J 231 26.29 26.97 1.93
CA ILE J 231 26.52 27.91 0.84
C ILE J 231 27.68 27.43 -0.03
N ILE J 232 27.42 27.21 -1.32
CA ILE J 232 28.42 26.73 -2.26
C ILE J 232 28.79 27.80 -3.28
N GLY J 233 30.08 27.95 -3.54
CA GLY J 233 30.57 28.92 -4.50
C GLY J 233 31.55 28.32 -5.49
N GLN J 234 32.52 29.11 -5.92
CA GLN J 234 33.53 28.65 -6.87
C GLN J 234 34.69 27.96 -6.14
N GLU J 235 35.09 28.48 -4.96
CA GLU J 235 36.23 27.94 -4.23
C GLU J 235 35.92 27.49 -2.81
N SER J 236 34.79 27.93 -2.24
CA SER J 236 34.48 27.61 -0.85
C SER J 236 33.13 26.92 -0.63
N ILE J 237 33.04 26.14 0.45
CA ILE J 237 31.82 25.46 0.86
C ILE J 237 31.65 25.75 2.35
N THR J 238 30.66 26.56 2.71
CA THR J 238 30.44 26.96 4.10
C THR J 238 29.12 26.46 4.67
N TYR J 239 29.02 26.43 6.01
CA TYR J 239 27.83 26.01 6.74
C TYR J 239 27.43 27.12 7.70
N HIS J 240 26.13 27.43 7.78
CA HIS J 240 25.65 28.50 8.64
C HIS J 240 24.46 28.03 9.48
N ASN J 241 24.60 28.05 10.80
CA ASN J 241 23.53 27.62 11.70
C ASN J 241 23.47 28.52 12.95
N GLY J 242 23.61 29.82 12.73
CA GLY J 242 23.59 30.79 13.82
C GLY J 242 24.96 30.98 14.44
N ASP J 243 25.20 30.36 15.59
CA ASP J 243 26.49 30.45 16.27
C ASP J 243 27.53 29.47 15.69
N LYS J 244 27.08 28.42 14.99
CA LYS J 244 27.99 27.43 14.39
C LYS J 244 28.39 27.84 12.97
N TYR J 245 29.70 27.87 12.70
CA TYR J 245 30.21 28.23 11.39
C TYR J 245 31.35 27.31 10.99
N LEU J 246 31.21 26.66 9.85
CA LEU J 246 32.27 25.81 9.31
C LEU J 246 32.57 26.24 7.89
N ALA J 247 33.85 26.19 7.51
CA ALA J 247 34.26 26.61 6.17
C ALA J 247 35.41 25.77 5.66
N ILE J 248 35.22 25.15 4.50
CA ILE J 248 36.26 24.34 3.88
C ILE J 248 36.58 24.86 2.49
N ALA J 249 37.85 24.76 2.08
CA ALA J 249 38.26 25.21 0.75
C ALA J 249 38.91 24.06 -0.02
N PRO J 250 38.11 23.09 -0.50
CA PRO J 250 38.70 21.96 -1.23
C PRO J 250 39.21 22.37 -2.60
N PRO J 251 40.49 22.11 -2.90
CA PRO J 251 41.03 22.48 -4.21
C PRO J 251 40.50 21.64 -5.37
N ILE J 252 39.85 20.50 -5.08
CA ILE J 252 39.29 19.60 -6.08
C ILE J 252 38.15 20.23 -6.90
N ILE J 253 37.45 21.22 -6.33
CA ILE J 253 36.34 21.85 -7.02
C ILE J 253 36.69 23.17 -7.72
N LYS J 254 37.89 23.70 -7.50
CA LYS J 254 38.33 24.96 -8.10
C LYS J 254 38.32 24.96 -9.63
N GLN J 255 38.44 23.76 -10.24
CA GLN J 255 38.48 23.56 -11.69
C GLN J 255 37.22 24.06 -12.38
N SER J 256 36.06 23.92 -11.73
CA SER J 256 34.80 24.38 -12.28
C SER J 256 33.77 24.69 -11.19
N THR J 257 32.81 25.56 -11.48
CA THR J 257 31.79 25.94 -10.49
C THR J 257 30.70 24.86 -10.38
N ILE J 258 30.21 24.60 -9.16
CA ILE J 258 29.14 23.64 -8.92
C ILE J 258 27.80 24.31 -9.27
N VAL J 259 26.95 23.62 -10.03
CA VAL J 259 25.69 24.21 -10.49
C VAL J 259 24.43 23.46 -10.05
N CYS J 260 24.52 22.16 -9.78
CA CYS J 260 23.34 21.39 -9.39
C CYS J 260 23.63 20.49 -8.19
N HIS J 261 22.56 20.03 -7.51
CA HIS J 261 22.67 19.19 -6.34
C HIS J 261 21.37 18.42 -6.05
N ASN J 262 21.41 17.54 -5.05
CA ASN J 262 20.27 16.80 -4.51
C ASN J 262 20.65 16.10 -3.21
N ARG J 263 19.66 15.82 -2.37
CA ARG J 263 19.85 15.17 -1.09
C ARG J 263 19.91 13.65 -1.24
N VAL J 264 20.92 13.01 -0.64
CA VAL J 264 21.06 11.57 -0.70
C VAL J 264 20.40 10.94 0.53
N ASP J 265 20.82 11.37 1.73
CA ASP J 265 20.26 10.86 2.98
C ASP J 265 19.27 11.87 3.52
N PRO J 266 18.04 11.45 3.84
CA PRO J 266 17.03 12.40 4.33
C PRO J 266 17.43 13.17 5.59
N ASN J 267 18.34 12.63 6.40
CA ASN J 267 18.81 13.33 7.60
C ASN J 267 19.77 14.48 7.29
N GLY J 268 20.42 14.45 6.13
CA GLY J 268 21.34 15.51 5.72
C GLY J 268 22.80 15.16 5.92
N SER J 269 23.13 13.86 5.86
CA SER J 269 24.51 13.41 6.04
C SER J 269 25.29 13.32 4.74
N ARG J 270 24.60 13.07 3.62
CA ARG J 270 25.27 12.97 2.32
C ARG J 270 24.51 13.74 1.26
N TYR J 271 25.24 14.48 0.41
CA TYR J 271 24.68 15.26 -0.68
C TYR J 271 25.50 15.03 -1.96
N LEU J 272 24.85 15.17 -3.13
CA LEU J 272 25.55 15.03 -4.41
C LEU J 272 25.73 16.39 -5.04
N LEU J 273 26.88 16.62 -5.68
CA LEU J 273 27.18 17.90 -6.33
C LEU J 273 27.64 17.68 -7.76
N GLY J 274 27.15 18.48 -8.69
CA GLY J 274 27.53 18.40 -10.09
C GLY J 274 28.06 19.72 -10.61
N ASP J 275 29.20 19.69 -11.32
CA ASP J 275 29.78 20.93 -11.86
C ASP J 275 29.46 21.10 -13.37
N MET J 276 29.98 22.17 -13.99
CA MET J 276 29.78 22.46 -15.42
C MET J 276 30.53 21.50 -16.34
N GLU J 277 31.57 20.82 -15.85
CA GLU J 277 32.35 19.90 -16.69
C GLU J 277 31.89 18.43 -16.63
N GLY J 278 30.79 18.16 -15.96
CA GLY J 278 30.23 16.82 -15.86
C GLY J 278 30.68 16.01 -14.65
N ARG J 279 31.66 16.51 -13.89
CA ARG J 279 32.18 15.81 -12.72
C ARG J 279 31.15 15.73 -11.62
N LEU J 280 31.06 14.57 -10.96
CA LEU J 280 30.11 14.35 -9.88
C LEU J 280 30.86 14.14 -8.58
N PHE J 281 30.64 15.02 -7.60
CA PHE J 281 31.29 14.97 -6.29
C PHE J 281 30.27 14.55 -5.22
N MET J 282 30.78 14.12 -4.06
CA MET J 282 29.93 13.74 -2.93
C MET J 282 30.34 14.54 -1.70
N LEU J 283 29.39 15.29 -1.14
CA LEU J 283 29.61 16.06 0.08
C LEU J 283 29.12 15.22 1.27
N LEU J 284 29.94 15.13 2.31
CA LEU J 284 29.62 14.41 3.53
C LEU J 284 29.62 15.36 4.71
N LEU J 285 28.68 15.18 5.62
CA LEU J 285 28.58 16.00 6.82
C LEU J 285 28.73 15.09 8.03
N GLU J 286 29.72 15.35 8.88
CA GLU J 286 29.99 14.50 10.05
C GLU J 286 29.14 14.85 11.26
N LYS J 287 28.59 13.83 11.94
CA LYS J 287 27.79 14.04 13.12
C LYS J 287 28.61 13.81 14.38
N VAL J 295 24.78 15.10 17.12
CA VAL J 295 24.06 16.33 17.45
C VAL J 295 24.68 17.53 16.72
N THR J 296 26.00 17.74 16.87
CA THR J 296 26.67 18.86 16.24
C THR J 296 27.45 18.43 14.99
N LEU J 297 27.71 19.39 14.08
CA LEU J 297 28.45 19.13 12.87
C LEU J 297 29.94 19.12 13.20
N LYS J 298 30.57 17.94 13.12
CA LYS J 298 31.99 17.82 13.43
C LYS J 298 32.86 18.46 12.35
N ASP J 299 32.64 18.07 11.09
CA ASP J 299 33.41 18.59 9.94
C ASP J 299 32.70 18.27 8.61
N LEU J 300 33.18 18.84 7.50
CA LEU J 300 32.66 18.60 6.16
C LEU J 300 33.72 17.87 5.32
N ARG J 301 33.29 17.16 4.28
CA ARG J 301 34.22 16.41 3.43
C ARG J 301 33.69 16.33 2.01
N VAL J 302 34.57 16.46 1.02
CA VAL J 302 34.17 16.37 -0.39
C VAL J 302 35.07 15.38 -1.13
N GLU J 303 34.48 14.36 -1.76
CA GLU J 303 35.23 13.37 -2.53
C GLU J 303 34.69 13.33 -3.95
N LEU J 304 35.57 13.40 -4.97
CA LEU J 304 35.11 13.29 -6.35
C LEU J 304 34.75 11.83 -6.62
N LEU J 305 33.54 11.59 -7.10
CA LEU J 305 33.08 10.23 -7.38
C LEU J 305 33.48 9.78 -8.79
N GLY J 306 33.32 10.67 -9.77
CA GLY J 306 33.66 10.35 -11.14
C GLY J 306 33.15 11.35 -12.17
N GLU J 307 33.01 10.89 -13.42
CA GLU J 307 32.54 11.74 -14.50
C GLU J 307 31.26 11.22 -15.11
N THR J 308 30.22 12.06 -15.08
CA THR J 308 28.90 11.77 -15.64
C THR J 308 28.59 12.80 -16.76
N SER J 309 27.40 12.74 -17.38
CA SER J 309 27.01 13.72 -18.39
C SER J 309 26.92 15.11 -17.75
N ILE J 310 27.05 16.18 -18.55
CA ILE J 310 26.97 17.55 -18.03
C ILE J 310 25.57 17.81 -17.53
N ALA J 311 25.40 17.70 -16.21
CA ALA J 311 24.10 17.77 -15.57
C ALA J 311 23.51 19.15 -15.37
N GLU J 312 22.19 19.19 -15.48
CA GLU J 312 21.32 20.34 -15.23
C GLU J 312 20.66 20.13 -13.85
N CYS J 313 20.27 18.88 -13.54
CA CYS J 313 19.64 18.49 -12.29
C CYS J 313 20.08 17.08 -11.89
N LEU J 314 20.19 16.82 -10.59
CA LEU J 314 20.57 15.51 -10.07
C LEU J 314 19.52 14.98 -9.09
N THR J 315 19.49 13.65 -8.84
CA THR J 315 18.59 13.02 -7.87
C THR J 315 19.05 11.62 -7.47
N TYR J 316 18.90 11.28 -6.19
CA TYR J 316 19.24 9.96 -5.68
C TYR J 316 17.99 9.12 -5.70
N LEU J 317 18.09 7.87 -6.14
CA LEU J 317 16.92 7.02 -6.25
C LEU J 317 16.83 5.99 -5.12
N ASP J 318 17.93 5.29 -4.83
CA ASP J 318 18.07 4.27 -3.78
C ASP J 318 19.03 3.16 -4.25
N ASN J 319 19.64 2.44 -3.29
CA ASN J 319 20.58 1.34 -3.57
C ASN J 319 21.70 1.75 -4.52
N GLY J 320 22.26 2.92 -4.28
CA GLY J 320 23.36 3.45 -5.06
C GLY J 320 23.02 3.88 -6.47
N VAL J 321 21.72 3.91 -6.81
CA VAL J 321 21.28 4.33 -8.15
C VAL J 321 21.03 5.84 -8.17
N VAL J 322 21.60 6.52 -9.18
CA VAL J 322 21.47 7.96 -9.33
C VAL J 322 21.02 8.32 -10.75
N PHE J 323 20.20 9.36 -10.89
CA PHE J 323 19.74 9.84 -12.19
C PHE J 323 20.42 11.18 -12.51
N VAL J 324 21.05 11.28 -13.69
CA VAL J 324 21.72 12.49 -14.13
C VAL J 324 20.87 13.20 -15.21
N GLY J 325 20.07 14.16 -14.80
CA GLY J 325 19.23 14.91 -15.74
C GLY J 325 20.04 15.98 -16.43
N SER J 326 20.34 15.79 -17.71
CA SER J 326 21.15 16.74 -18.45
C SER J 326 20.42 17.43 -19.59
N ARG J 327 20.88 18.64 -19.93
CA ARG J 327 20.34 19.45 -21.04
C ARG J 327 21.25 19.42 -22.26
N LEU J 328 22.56 19.15 -22.06
CA LEU J 328 23.55 19.16 -23.13
C LEU J 328 23.79 17.79 -23.74
N GLY J 329 23.88 16.78 -22.91
CA GLY J 329 24.12 15.43 -23.38
C GLY J 329 23.04 14.45 -23.01
N ASP J 330 23.26 13.17 -23.34
CA ASP J 330 22.31 12.10 -23.06
C ASP J 330 22.13 11.96 -21.55
N SER J 331 20.87 11.90 -21.10
CA SER J 331 20.59 11.71 -19.68
C SER J 331 21.03 10.31 -19.27
N GLN J 332 21.57 10.16 -18.06
CA GLN J 332 22.10 8.88 -17.61
C GLN J 332 21.48 8.35 -16.33
N LEU J 333 21.54 7.04 -16.17
CA LEU J 333 21.17 6.34 -14.95
C LEU J 333 22.46 5.63 -14.58
N VAL J 334 23.04 5.97 -13.44
CA VAL J 334 24.34 5.42 -13.04
C VAL J 334 24.30 4.69 -11.69
N LYS J 335 25.32 3.87 -11.43
CA LYS J 335 25.47 3.12 -10.19
C LYS J 335 26.72 3.62 -9.46
N LEU J 336 26.64 3.78 -8.13
CA LEU J 336 27.77 4.25 -7.34
C LEU J 336 28.31 3.15 -6.45
N VAL J 347 32.01 5.43 -10.51
CA VAL J 347 30.69 5.59 -11.11
C VAL J 347 30.57 4.73 -12.38
N VAL J 348 29.51 3.94 -12.48
CA VAL J 348 29.29 3.06 -13.64
C VAL J 348 28.01 3.45 -14.37
N ALA J 349 28.07 3.62 -15.71
CA ALA J 349 26.90 3.97 -16.49
C ALA J 349 25.99 2.75 -16.67
N MET J 350 24.75 2.82 -16.16
CA MET J 350 23.78 1.73 -16.28
C MET J 350 22.93 1.86 -17.54
N GLU J 351 22.33 3.04 -17.77
CA GLU J 351 21.46 3.27 -18.92
C GLU J 351 21.64 4.67 -19.50
N THR J 352 21.44 4.80 -20.82
CA THR J 352 21.55 6.06 -21.51
C THR J 352 20.24 6.41 -22.20
N PHE J 353 19.88 7.70 -22.20
CA PHE J 353 18.65 8.15 -22.83
C PHE J 353 18.98 9.24 -23.83
N THR J 354 18.74 8.97 -25.12
CA THR J 354 19.02 9.89 -26.22
C THR J 354 18.50 11.31 -25.98
N ASN J 355 19.39 12.30 -26.10
CA ASN J 355 19.04 13.71 -25.94
C ASN J 355 19.59 14.50 -27.12
N LEU J 356 18.69 14.88 -28.04
CA LEU J 356 19.04 15.65 -29.23
C LEU J 356 19.40 17.11 -28.94
N GLY J 357 19.01 17.62 -27.78
CA GLY J 357 19.26 19.01 -27.43
C GLY J 357 20.66 19.25 -26.91
N PRO J 358 21.33 20.33 -27.33
CA PRO J 358 20.88 21.39 -28.24
C PRO J 358 21.19 21.15 -29.72
N ILE J 359 20.21 21.42 -30.60
CA ILE J 359 20.40 21.29 -32.04
C ILE J 359 20.84 22.64 -32.55
N VAL J 360 22.07 22.74 -33.08
CA VAL J 360 22.61 24.02 -33.55
C VAL J 360 22.51 24.19 -35.07
N ASP J 361 22.57 23.08 -35.81
CA ASP J 361 22.46 23.05 -37.26
C ASP J 361 22.17 21.63 -37.74
N MET J 362 21.52 21.51 -38.89
CA MET J 362 21.15 20.21 -39.43
C MET J 362 21.01 20.24 -40.97
N CYS J 363 20.84 19.06 -41.59
CA CYS J 363 20.68 18.95 -43.04
C CYS J 363 19.83 17.74 -43.40
N VAL J 364 18.99 17.86 -44.43
CA VAL J 364 18.16 16.75 -44.87
C VAL J 364 18.89 16.01 -45.99
N VAL J 365 19.31 14.78 -45.72
CA VAL J 365 20.07 13.94 -46.64
C VAL J 365 19.35 12.62 -46.94
N ASP J 366 19.29 12.23 -48.21
CA ASP J 366 18.67 10.96 -48.59
C ASP J 366 19.81 9.96 -48.80
N LEU J 367 20.02 9.07 -47.83
CA LEU J 367 21.15 8.14 -47.87
C LEU J 367 20.89 6.75 -48.47
N GLU J 368 19.84 6.03 -48.04
CA GLU J 368 19.64 4.66 -48.52
C GLU J 368 18.46 4.45 -49.48
N ARG J 369 17.22 4.79 -49.07
CA ARG J 369 16.03 4.54 -49.88
C ARG J 369 15.88 5.41 -51.12
N GLN J 370 16.54 6.58 -51.16
CA GLN J 370 16.45 7.54 -52.29
C GLN J 370 15.02 8.09 -52.52
N GLY J 371 14.19 8.05 -51.48
CA GLY J 371 12.82 8.54 -51.48
C GLY J 371 12.39 8.99 -50.11
N GLN J 372 12.85 8.26 -49.07
CA GLN J 372 12.56 8.58 -47.67
C GLN J 372 13.74 9.37 -47.13
N GLY J 373 13.52 10.63 -46.82
CA GLY J 373 14.57 11.51 -46.32
C GLY J 373 15.03 11.20 -44.91
N GLN J 374 16.29 11.55 -44.61
CA GLN J 374 16.89 11.36 -43.29
C GLN J 374 17.48 12.67 -42.80
N LEU J 375 17.42 12.93 -41.50
CA LEU J 375 17.93 14.16 -40.93
C LEU J 375 19.24 13.93 -40.17
N VAL J 376 20.22 14.82 -40.33
CA VAL J 376 21.50 14.70 -39.62
C VAL J 376 21.74 15.98 -38.84
N THR J 377 21.54 15.95 -37.52
CA THR J 377 21.68 17.13 -36.68
C THR J 377 23.03 17.21 -35.93
N CYS J 378 23.39 18.44 -35.50
CA CYS J 378 24.58 18.68 -34.70
C CYS J 378 24.08 18.85 -33.27
N SER J 379 24.00 17.76 -32.52
CA SER J 379 23.50 17.80 -31.15
C SER J 379 24.63 17.79 -30.12
N GLY J 380 24.31 18.19 -28.89
CA GLY J 380 25.28 18.20 -27.82
C GLY J 380 26.27 19.34 -27.87
N ALA J 381 27.10 19.43 -26.85
CA ALA J 381 28.14 20.45 -26.71
C ALA J 381 29.24 19.94 -25.79
N PHE J 382 30.47 20.42 -26.01
CA PHE J 382 31.65 20.03 -25.23
C PHE J 382 31.86 18.49 -25.34
N LYS J 383 32.19 17.78 -24.26
CA LYS J 383 32.37 16.32 -24.30
C LYS J 383 31.11 15.55 -24.72
N GLU J 384 29.94 16.19 -24.61
CA GLU J 384 28.68 15.57 -25.01
C GLU J 384 28.33 15.75 -26.50
N GLY J 385 29.17 16.46 -27.26
CA GLY J 385 28.96 16.72 -28.68
C GLY J 385 28.80 15.46 -29.48
N SER J 386 27.87 15.48 -30.46
CA SER J 386 27.57 14.30 -31.29
C SER J 386 26.73 14.64 -32.54
N LEU J 387 26.64 13.71 -33.50
CA LEU J 387 25.82 13.90 -34.69
C LEU J 387 24.72 12.85 -34.70
N ARG J 388 23.46 13.29 -34.68
CA ARG J 388 22.33 12.37 -34.64
C ARG J 388 21.68 12.17 -36.00
N ILE J 389 21.37 10.91 -36.35
CA ILE J 389 20.74 10.58 -37.62
C ILE J 389 19.34 10.11 -37.34
N ILE J 390 18.34 10.81 -37.86
CA ILE J 390 16.94 10.52 -37.60
C ILE J 390 16.19 10.13 -38.87
N ARG J 391 15.41 9.03 -38.82
CA ARG J 391 14.62 8.59 -39.96
C ARG J 391 13.31 7.91 -39.50
N ASN J 392 12.31 7.84 -40.39
CA ASN J 392 11.03 7.23 -40.05
C ASN J 392 11.08 5.71 -40.14
N GLY J 393 10.70 5.05 -39.06
CA GLY J 393 10.70 3.59 -38.99
C GLY J 393 9.53 2.97 -39.71
N LYS J 709 7.09 5.29 -34.77
CA LYS J 709 8.22 5.66 -33.93
C LYS J 709 9.43 6.02 -34.78
N LEU J 710 10.18 7.05 -34.37
CA LEU J 710 11.37 7.48 -35.09
C LEU J 710 12.57 6.62 -34.74
N HIS J 711 13.47 6.40 -35.70
CA HIS J 711 14.70 5.66 -35.45
C HIS J 711 15.83 6.67 -35.34
N ILE J 712 16.66 6.55 -34.31
CA ILE J 712 17.77 7.48 -34.11
C ILE J 712 19.10 6.74 -33.98
N ARG J 713 20.15 7.26 -34.62
CA ARG J 713 21.48 6.70 -34.52
C ARG J 713 22.42 7.77 -33.98
N THR J 714 23.17 7.44 -32.92
CA THR J 714 24.07 8.38 -32.26
C THR J 714 25.51 8.20 -32.71
N VAL J 715 26.23 9.31 -32.95
CA VAL J 715 27.64 9.29 -33.33
C VAL J 715 28.39 10.28 -32.44
N PRO J 716 29.02 9.81 -31.35
CA PRO J 716 29.72 10.75 -30.45
C PRO J 716 30.93 11.42 -31.10
N LEU J 717 31.20 12.66 -30.68
CA LEU J 717 32.33 13.44 -31.20
C LEU J 717 33.25 13.95 -30.09
N TYR J 718 32.70 14.16 -28.87
CA TYR J 718 33.47 14.63 -27.70
C TYR J 718 34.04 16.05 -27.91
N GLU J 719 33.35 16.87 -28.73
CA GLU J 719 33.67 18.26 -29.03
C GLU J 719 32.46 18.93 -29.67
N SER J 720 32.30 20.23 -29.43
CA SER J 720 31.16 21.00 -29.91
C SER J 720 31.00 21.09 -31.42
N PRO J 721 29.94 20.48 -31.98
CA PRO J 721 29.68 20.64 -33.42
C PRO J 721 28.97 21.97 -33.68
N ARG J 722 29.26 22.63 -34.81
CA ARG J 722 28.66 23.93 -35.11
C ARG J 722 27.77 23.90 -36.36
N LYS J 723 28.34 23.64 -37.54
CA LYS J 723 27.58 23.61 -38.79
C LYS J 723 27.69 22.23 -39.46
N ILE J 724 26.89 21.97 -40.52
CA ILE J 724 26.92 20.70 -41.24
C ILE J 724 26.38 20.84 -42.67
N CYS J 725 27.06 20.20 -43.62
CA CYS J 725 26.66 20.20 -45.03
C CYS J 725 26.94 18.83 -45.67
N TYR J 726 26.22 18.50 -46.74
CA TYR J 726 26.38 17.21 -47.40
C TYR J 726 26.94 17.33 -48.82
N GLN J 727 27.89 16.47 -49.17
CA GLN J 727 28.49 16.46 -50.51
C GLN J 727 28.24 15.09 -51.12
N GLU J 728 27.29 15.01 -52.07
CA GLU J 728 26.90 13.77 -52.72
C GLU J 728 27.97 13.22 -53.64
N VAL J 729 28.64 14.12 -54.38
CA VAL J 729 29.71 13.78 -55.31
C VAL J 729 30.83 12.98 -54.63
N SER J 730 31.21 13.38 -53.42
CA SER J 730 32.26 12.66 -52.69
C SER J 730 31.74 11.74 -51.56
N GLN J 731 30.43 11.77 -51.28
CA GLN J 731 29.77 10.98 -50.24
C GLN J 731 30.34 11.27 -48.85
N CYS J 732 30.37 12.55 -48.47
CA CYS J 732 30.91 12.96 -47.18
C CYS J 732 30.20 14.19 -46.60
N PHE J 733 30.29 14.34 -45.27
CA PHE J 733 29.69 15.46 -44.56
C PHE J 733 30.76 16.44 -44.10
N GLY J 734 30.56 17.71 -44.38
CA GLY J 734 31.46 18.75 -43.91
C GLY J 734 30.93 19.24 -42.58
N VAL J 735 31.71 19.08 -41.51
CA VAL J 735 31.25 19.45 -40.16
C VAL J 735 32.20 20.41 -39.47
N LEU J 736 31.74 21.63 -39.20
CA LEU J 736 32.55 22.59 -38.45
C LEU J 736 32.49 22.17 -36.99
N SER J 737 33.63 22.15 -36.29
CA SER J 737 33.67 21.75 -34.89
C SER J 737 34.61 22.66 -34.07
N SER J 738 34.49 22.61 -32.76
CA SER J 738 35.34 23.41 -31.89
C SER J 738 35.61 22.67 -30.60
N ARG J 739 36.88 22.47 -30.30
CA ARG J 739 37.28 21.81 -29.06
C ARG J 739 37.93 22.82 -28.10
N ILE J 740 37.93 22.51 -26.80
CA ILE J 740 38.52 23.40 -25.82
C ILE J 740 39.87 22.87 -25.37
N GLU J 741 40.91 23.72 -25.46
CA GLU J 741 42.26 23.38 -25.03
C GLU J 741 42.72 24.40 -23.97
N VAL J 742 43.48 23.96 -22.98
CA VAL J 742 43.94 24.85 -21.92
C VAL J 742 45.39 25.29 -22.13
N GLN J 743 45.71 26.50 -21.69
CA GLN J 743 47.03 27.07 -21.84
C GLN J 743 48.07 26.37 -20.97
N ASP J 744 49.15 25.89 -21.58
CA ASP J 744 50.22 25.21 -20.88
C ASP J 744 51.19 26.20 -20.24
N THR J 745 51.89 25.77 -19.19
CA THR J 745 52.91 26.58 -18.55
C THR J 745 54.12 26.78 -19.49
N SER J 746 54.37 25.81 -20.40
CA SER J 746 55.47 25.86 -21.36
C SER J 746 55.21 26.75 -22.60
N GLY J 747 54.07 27.43 -22.66
CA GLY J 747 53.76 28.31 -23.76
C GLY J 747 53.11 27.64 -24.96
N GLY J 748 52.28 26.64 -24.69
CA GLY J 748 51.55 25.91 -25.72
C GLY J 748 50.12 25.64 -25.28
N THR J 749 49.48 24.65 -25.89
CA THR J 749 48.12 24.26 -25.50
C THR J 749 48.00 22.75 -25.37
N THR J 750 47.07 22.28 -24.54
CA THR J 750 46.86 20.86 -24.32
C THR J 750 45.37 20.57 -24.27
N ALA J 751 44.91 19.54 -25.00
CA ALA J 751 43.51 19.15 -25.00
C ALA J 751 43.15 18.41 -23.72
N LEU J 752 41.90 18.53 -23.27
CA LEU J 752 41.45 17.88 -22.04
C LEU J 752 41.24 16.39 -22.24
N ARG J 753 40.52 16.00 -23.30
CA ARG J 753 40.21 14.61 -23.57
C ARG J 753 40.26 14.32 -25.08
N PRO J 754 40.33 13.03 -25.51
CA PRO J 754 40.35 12.75 -26.95
C PRO J 754 39.03 13.09 -27.61
N SER J 755 39.10 13.77 -28.75
CA SER J 755 37.92 14.17 -29.51
C SER J 755 38.04 13.72 -31.00
N ALA J 756 37.08 14.10 -31.86
CA ALA J 756 37.11 13.73 -33.27
C ALA J 756 38.30 14.33 -34.02
N SER J 757 38.67 15.58 -33.71
CA SER J 757 39.77 16.27 -34.37
C SER J 757 41.16 15.74 -33.99
N THR J 758 41.28 15.11 -32.82
CA THR J 758 42.54 14.53 -32.37
C THR J 758 42.68 13.06 -32.79
N GLN J 759 41.56 12.36 -33.01
CA GLN J 759 41.55 10.97 -33.44
C GLN J 759 41.23 10.83 -34.93
N ALA J 760 41.55 11.85 -35.73
CA ALA J 760 41.28 11.83 -37.16
C ALA J 760 42.28 10.95 -37.87
N LEU J 761 41.79 10.17 -38.84
CA LEU J 761 42.64 9.29 -39.64
C LEU J 761 43.70 10.10 -40.40
N SER J 762 43.36 11.32 -40.83
CA SER J 762 44.28 12.22 -41.53
C SER J 762 43.98 13.66 -41.09
N SER J 763 44.98 14.41 -40.64
CA SER J 763 44.78 15.79 -40.18
C SER J 763 45.72 16.80 -40.88
N SER J 764 45.43 18.10 -40.76
CA SER J 764 46.22 19.15 -41.42
C SER J 764 46.07 20.52 -40.72
N VAL J 765 46.88 21.53 -41.12
CA VAL J 765 46.81 22.88 -40.58
C VAL J 765 46.85 23.93 -41.71
N SER J 766 46.31 25.12 -41.45
CA SER J 766 46.32 26.21 -42.43
C SER J 766 47.65 27.00 -42.40
N SER J 767 47.95 27.76 -43.48
CA SER J 767 49.17 28.56 -43.58
C SER J 767 49.16 29.78 -42.66
N SER J 768 49.88 29.67 -41.52
CA SER J 768 49.97 30.67 -40.45
C SER J 768 50.37 32.08 -40.89
N LYS J 769 49.78 33.10 -40.23
CA LYS J 769 50.03 34.52 -40.46
C LYS J 769 50.11 35.30 -39.13
N LEU J 770 50.83 36.45 -39.12
CA LEU J 770 51.03 37.32 -37.96
C LEU J 770 51.72 36.62 -36.79
N PHE J 782 48.95 29.50 -17.63
CA PHE J 782 47.88 30.47 -17.51
C PHE J 782 46.61 29.83 -16.93
N GLY J 783 46.23 28.66 -17.47
CA GLY J 783 45.01 27.98 -17.07
C GLY J 783 43.77 28.42 -17.85
N GLU J 784 43.90 29.41 -18.73
CA GLU J 784 42.79 29.92 -19.53
C GLU J 784 42.33 28.91 -20.58
N GLU J 785 41.07 28.99 -20.98
CA GLU J 785 40.52 28.10 -21.99
C GLU J 785 40.54 28.79 -23.34
N VAL J 786 40.96 28.07 -24.39
CA VAL J 786 41.01 28.59 -25.75
C VAL J 786 40.26 27.64 -26.68
N GLU J 787 39.45 28.19 -27.58
CA GLU J 787 38.66 27.39 -28.50
C GLU J 787 39.44 27.14 -29.79
N VAL J 788 39.69 25.87 -30.11
CA VAL J 788 40.40 25.48 -31.32
C VAL J 788 39.41 24.95 -32.34
N HIS J 789 39.25 25.67 -33.45
CA HIS J 789 38.31 25.30 -34.49
C HIS J 789 38.87 24.34 -35.50
N ASN J 790 38.01 23.46 -36.01
CA ASN J 790 38.37 22.44 -36.98
C ASN J 790 37.27 22.20 -38.00
N LEU J 791 37.63 21.66 -39.16
CA LEU J 791 36.67 21.29 -40.19
C LEU J 791 36.85 19.80 -40.38
N LEU J 792 35.78 19.04 -40.13
CA LEU J 792 35.80 17.58 -40.19
C LEU J 792 35.11 17.02 -41.43
N ILE J 793 35.79 16.13 -42.15
CA ILE J 793 35.21 15.46 -43.31
C ILE J 793 34.90 14.05 -42.83
N ILE J 794 33.60 13.72 -42.77
CA ILE J 794 33.09 12.46 -42.23
C ILE J 794 32.41 11.59 -43.30
N ASP J 795 32.66 10.28 -43.29
CA ASP J 795 32.06 9.34 -44.23
C ASP J 795 30.54 9.20 -43.98
N GLN J 796 29.75 9.04 -45.04
CA GLN J 796 28.30 8.93 -44.91
C GLN J 796 27.81 7.55 -44.45
N HIS J 797 28.65 6.51 -44.52
CA HIS J 797 28.24 5.17 -44.11
C HIS J 797 28.81 4.78 -42.74
N THR J 798 30.14 4.82 -42.59
CA THR J 798 30.82 4.45 -41.35
C THR J 798 30.84 5.55 -40.30
N PHE J 799 30.66 6.81 -40.72
CA PHE J 799 30.72 7.99 -39.86
C PHE J 799 32.08 8.15 -39.19
N GLU J 800 33.15 7.77 -39.90
CA GLU J 800 34.51 7.89 -39.40
C GLU J 800 35.05 9.27 -39.70
N VAL J 801 35.96 9.75 -38.86
CA VAL J 801 36.57 11.05 -39.06
C VAL J 801 37.66 10.92 -40.12
N LEU J 802 37.27 11.00 -41.39
CA LEU J 802 38.21 10.85 -42.50
C LEU J 802 39.29 11.92 -42.49
N HIS J 803 38.92 13.19 -42.33
CA HIS J 803 39.89 14.28 -42.30
C HIS J 803 39.54 15.34 -41.26
N ALA J 804 40.54 16.04 -40.74
CA ALA J 804 40.35 17.11 -39.77
C ALA J 804 41.33 18.24 -40.03
N HIS J 805 40.84 19.37 -40.57
CA HIS J 805 41.70 20.51 -40.86
C HIS J 805 41.62 21.52 -39.72
N GLN J 806 42.77 21.85 -39.13
CA GLN J 806 42.85 22.80 -38.04
C GLN J 806 43.10 24.20 -38.58
N PHE J 807 42.21 25.13 -38.25
CA PHE J 807 42.30 26.51 -38.69
C PHE J 807 43.40 27.30 -37.97
N LEU J 808 43.66 28.54 -38.43
CA LEU J 808 44.67 29.42 -37.83
C LEU J 808 44.33 29.76 -36.37
N GLN J 809 45.32 30.32 -35.65
CA GLN J 809 45.14 30.72 -34.27
C GLN J 809 44.26 31.95 -34.19
N ASN J 810 43.37 32.00 -33.19
CA ASN J 810 42.45 33.11 -32.95
C ASN J 810 41.53 33.35 -34.14
N GLU J 811 41.04 32.26 -34.72
CA GLU J 811 40.15 32.28 -35.86
C GLU J 811 38.89 31.48 -35.54
N TYR J 812 37.72 31.97 -35.96
CA TYR J 812 36.45 31.33 -35.68
C TYR J 812 35.72 31.01 -36.98
N ALA J 813 35.35 29.75 -37.18
CA ALA J 813 34.58 29.34 -38.36
C ALA J 813 33.12 29.69 -38.10
N LEU J 814 32.48 30.41 -39.02
CA LEU J 814 31.11 30.86 -38.81
C LEU J 814 30.09 30.25 -39.77
N SER J 815 30.49 30.05 -41.03
CA SER J 815 29.60 29.51 -42.04
C SER J 815 30.21 28.36 -42.83
N LEU J 816 29.38 27.59 -43.55
CA LEU J 816 29.85 26.45 -44.33
C LEU J 816 28.83 26.07 -45.41
N VAL J 817 29.31 25.96 -46.67
CA VAL J 817 28.47 25.59 -47.83
C VAL J 817 29.20 24.55 -48.68
N SER J 818 28.47 23.70 -49.40
CA SER J 818 29.04 22.71 -50.31
C SER J 818 28.27 22.76 -51.62
N CYS J 819 28.92 23.25 -52.69
CA CYS J 819 28.27 23.42 -53.99
C CYS J 819 29.29 23.60 -55.13
N LYS J 820 28.82 23.54 -56.38
CA LYS J 820 29.65 23.80 -57.54
C LYS J 820 29.47 25.26 -57.93
N LEU J 821 30.56 25.95 -58.29
CA LEU J 821 30.47 27.35 -58.67
C LEU J 821 31.05 27.60 -60.06
N GLY J 822 30.38 28.48 -60.80
CA GLY J 822 30.77 28.83 -62.16
C GLY J 822 30.55 27.67 -63.11
N LYS J 823 31.55 27.39 -63.94
CA LYS J 823 31.48 26.27 -64.87
C LYS J 823 32.36 25.08 -64.42
N ASP J 824 32.80 25.06 -63.15
CA ASP J 824 33.64 24.01 -62.62
C ASP J 824 32.78 22.85 -62.14
N PRO J 825 33.01 21.65 -62.68
CA PRO J 825 32.22 20.49 -62.25
C PRO J 825 32.59 19.92 -60.87
N ASN J 826 33.73 20.34 -60.30
CA ASN J 826 34.14 19.85 -58.99
C ASN J 826 33.28 20.48 -57.90
N THR J 827 32.94 19.70 -56.87
CA THR J 827 32.16 20.22 -55.76
C THR J 827 33.12 20.57 -54.65
N TYR J 828 33.01 21.78 -54.11
CA TYR J 828 33.92 22.25 -53.09
C TYR J 828 33.26 22.48 -51.73
N PHE J 829 34.08 22.58 -50.68
CA PHE J 829 33.63 22.92 -49.34
C PHE J 829 34.11 24.34 -49.10
N ILE J 830 33.18 25.27 -48.93
CA ILE J 830 33.51 26.67 -48.73
C ILE J 830 33.28 27.05 -47.29
N VAL J 831 34.27 27.69 -46.66
CA VAL J 831 34.18 28.07 -45.26
C VAL J 831 34.42 29.58 -45.10
N GLY J 832 33.65 30.21 -44.20
CA GLY J 832 33.75 31.63 -43.90
C GLY J 832 34.16 31.84 -42.46
N THR J 833 35.34 32.42 -42.24
CA THR J 833 35.88 32.61 -40.91
C THR J 833 36.03 34.10 -40.49
N ALA J 834 36.42 34.36 -39.22
CA ALA J 834 36.64 35.70 -38.68
C ALA J 834 37.76 35.66 -37.64
N MET J 835 38.66 36.64 -37.66
CA MET J 835 39.76 36.69 -36.70
C MET J 835 39.29 37.33 -35.39
N VAL J 836 39.19 36.50 -34.34
CA VAL J 836 38.73 36.95 -33.04
C VAL J 836 39.89 37.27 -32.11
N TYR J 837 39.90 38.49 -31.56
CA TYR J 837 40.93 38.90 -30.62
C TYR J 837 40.26 39.48 -29.38
N PRO J 838 40.75 39.14 -28.18
CA PRO J 838 40.14 39.67 -26.94
C PRO J 838 40.19 41.19 -26.79
N GLU J 839 40.98 41.88 -27.61
CA GLU J 839 41.09 43.32 -27.59
C GLU J 839 40.18 44.00 -28.62
N GLU J 840 39.82 43.30 -29.71
CA GLU J 840 38.94 43.84 -30.73
C GLU J 840 37.52 43.34 -30.53
N ALA J 841 36.59 44.23 -30.15
CA ALA J 841 35.20 43.84 -29.96
C ALA J 841 34.56 43.48 -31.31
N GLU J 842 34.73 44.33 -32.33
CA GLU J 842 34.23 44.04 -33.66
C GLU J 842 35.39 43.51 -34.46
N PRO J 843 35.22 42.39 -35.19
CA PRO J 843 36.35 41.86 -35.97
C PRO J 843 36.66 42.72 -37.17
N LYS J 844 37.94 42.88 -37.49
CA LYS J 844 38.37 43.66 -38.64
C LYS J 844 39.10 42.82 -39.71
N GLN J 845 39.09 41.50 -39.56
CA GLN J 845 39.74 40.57 -40.47
C GLN J 845 38.86 39.32 -40.65
N GLY J 846 39.13 38.57 -41.70
CA GLY J 846 38.40 37.35 -41.99
C GLY J 846 38.85 36.69 -43.29
N ARG J 847 38.50 35.41 -43.45
CA ARG J 847 38.87 34.68 -44.65
C ARG J 847 37.70 33.89 -45.22
N ILE J 848 37.74 33.63 -46.52
CA ILE J 848 36.79 32.77 -47.21
C ILE J 848 37.68 31.77 -47.91
N VAL J 849 37.66 30.53 -47.46
CA VAL J 849 38.52 29.51 -48.02
C VAL J 849 37.71 28.45 -48.75
N VAL J 850 38.23 27.99 -49.88
CA VAL J 850 37.59 26.96 -50.67
C VAL J 850 38.49 25.72 -50.63
N PHE J 851 37.94 24.57 -50.20
CA PHE J 851 38.68 23.31 -50.15
C PHE J 851 38.04 22.29 -51.08
N GLN J 852 38.83 21.30 -51.53
CA GLN J 852 38.28 20.23 -52.37
C GLN J 852 38.61 18.89 -51.76
N TYR J 853 37.60 18.03 -51.61
CA TYR J 853 37.81 16.69 -51.10
C TYR J 853 37.72 15.73 -52.27
N SER J 854 38.84 15.10 -52.60
CA SER J 854 38.91 14.18 -53.73
C SER J 854 40.01 13.17 -53.46
N ASP J 855 39.72 11.87 -53.70
CA ASP J 855 40.65 10.77 -53.51
C ASP J 855 41.15 10.60 -52.07
N GLY J 856 40.39 11.11 -51.10
CA GLY J 856 40.72 11.00 -49.69
C GLY J 856 41.68 12.05 -49.16
N LYS J 857 41.89 13.14 -49.93
CA LYS J 857 42.80 14.20 -49.53
C LYS J 857 42.11 15.57 -49.60
N LEU J 858 42.26 16.39 -48.55
CA LEU J 858 41.67 17.73 -48.55
C LEU J 858 42.75 18.73 -48.92
N GLN J 859 42.51 19.55 -49.95
CA GLN J 859 43.50 20.53 -50.39
C GLN J 859 42.96 21.95 -50.40
N THR J 860 43.79 22.91 -50.00
CA THR J 860 43.41 24.32 -49.98
C THR J 860 43.39 24.83 -51.41
N VAL J 861 42.20 24.94 -52.00
CA VAL J 861 42.05 25.38 -53.39
C VAL J 861 42.24 26.89 -53.58
N ALA J 862 41.47 27.70 -52.85
CA ALA J 862 41.56 29.15 -52.98
C ALA J 862 41.35 29.85 -51.65
N GLU J 863 41.93 31.04 -51.50
CA GLU J 863 41.83 31.80 -50.27
C GLU J 863 41.59 33.26 -50.59
N LYS J 864 40.59 33.88 -49.94
CA LYS J 864 40.27 35.28 -50.17
C LYS J 864 40.15 35.99 -48.84
N GLU J 865 40.88 37.10 -48.66
CA GLU J 865 40.84 37.85 -47.42
C GLU J 865 39.81 38.96 -47.46
N VAL J 866 39.10 39.16 -46.35
CA VAL J 866 38.09 40.20 -46.21
C VAL J 866 38.33 41.00 -44.93
N LYS J 867 37.93 42.27 -44.91
CA LYS J 867 38.11 43.13 -43.75
C LYS J 867 36.89 43.06 -42.83
N GLY J 868 36.51 41.86 -42.43
CA GLY J 868 35.37 41.65 -41.57
C GLY J 868 35.03 40.20 -41.36
N ALA J 869 33.96 39.93 -40.61
CA ALA J 869 33.52 38.57 -40.30
C ALA J 869 32.57 38.01 -41.33
N VAL J 870 32.82 36.76 -41.78
CA VAL J 870 31.96 36.10 -42.76
C VAL J 870 30.87 35.33 -42.01
N TYR J 871 29.79 36.04 -41.62
CA TYR J 871 28.70 35.47 -40.82
C TYR J 871 27.94 34.34 -41.50
N SER J 872 27.59 34.52 -42.77
CA SER J 872 26.84 33.48 -43.50
C SER J 872 27.15 33.50 -44.99
N MET J 873 26.97 32.34 -45.64
CA MET J 873 27.19 32.18 -47.07
C MET J 873 26.09 31.31 -47.67
N VAL J 874 25.81 31.50 -48.97
CA VAL J 874 24.79 30.74 -49.69
C VAL J 874 25.16 30.57 -51.18
N GLU J 875 24.65 29.53 -51.83
CA GLU J 875 24.88 29.34 -53.26
C GLU J 875 23.79 30.13 -53.98
N PHE J 876 24.18 31.05 -54.85
CA PHE J 876 23.22 31.87 -55.56
C PHE J 876 23.42 31.74 -57.06
N ASN J 877 22.67 30.83 -57.70
CA ASN J 877 22.71 30.58 -59.14
C ASN J 877 24.13 30.49 -59.72
N GLY J 878 24.93 29.56 -59.21
CA GLY J 878 26.29 29.35 -59.66
C GLY J 878 27.33 30.25 -59.03
N LYS J 879 26.90 31.32 -58.35
CA LYS J 879 27.81 32.24 -57.69
C LYS J 879 27.79 32.06 -56.16
N LEU J 880 28.72 32.70 -55.45
CA LEU J 880 28.78 32.58 -53.99
C LEU J 880 28.42 33.88 -53.30
N LEU J 881 27.29 33.89 -52.60
CA LEU J 881 26.86 35.08 -51.87
C LEU J 881 27.34 34.97 -50.44
N ALA J 882 27.95 36.03 -49.92
CA ALA J 882 28.46 36.04 -48.55
C ALA J 882 28.15 37.36 -47.84
N SER J 883 28.17 37.34 -46.50
CA SER J 883 27.91 38.54 -45.70
C SER J 883 29.15 38.88 -44.89
N ILE J 884 29.57 40.13 -44.94
CA ILE J 884 30.75 40.60 -44.22
C ILE J 884 30.34 41.82 -43.44
N ASN J 885 30.18 41.68 -42.11
CA ASN J 885 29.76 42.76 -41.22
C ASN J 885 28.40 43.35 -41.70
N SER J 886 28.32 44.64 -42.05
CA SER J 886 27.09 45.24 -42.54
C SER J 886 27.03 45.27 -44.07
N THR J 887 27.79 44.42 -44.75
CA THR J 887 27.84 44.38 -46.21
C THR J 887 27.49 42.99 -46.74
N VAL J 888 26.97 42.93 -47.96
CA VAL J 888 26.67 41.67 -48.63
C VAL J 888 27.46 41.68 -49.94
N ARG J 889 28.28 40.66 -50.16
CA ARG J 889 29.14 40.60 -51.33
C ARG J 889 28.89 39.34 -52.15
N LEU J 890 28.85 39.48 -53.49
CA LEU J 890 28.64 38.35 -54.39
C LEU J 890 29.92 38.06 -55.16
N TYR J 891 30.43 36.83 -55.04
CA TYR J 891 31.68 36.41 -55.67
C TYR J 891 31.44 35.50 -56.86
N GLU J 892 32.28 35.64 -57.89
CA GLU J 892 32.23 34.80 -59.08
C GLU J 892 33.50 33.96 -59.11
N TRP J 893 33.36 32.67 -59.44
CA TRP J 893 34.51 31.76 -59.51
C TRP J 893 35.17 31.89 -60.88
N THR J 894 36.35 32.50 -60.93
CA THR J 894 37.09 32.71 -62.18
C THR J 894 37.65 31.42 -62.76
N THR J 895 38.04 31.45 -64.05
CA THR J 895 38.68 30.32 -64.72
C THR J 895 40.02 29.98 -64.03
N GLU J 896 40.73 30.99 -63.50
CA GLU J 896 41.99 30.79 -62.78
C GLU J 896 41.81 30.17 -61.39
N LYS J 897 40.59 29.71 -61.05
CA LYS J 897 40.22 29.09 -59.79
C LYS J 897 40.37 30.02 -58.60
N GLU J 898 39.85 31.24 -58.74
CA GLU J 898 39.88 32.24 -57.69
C GLU J 898 38.48 32.86 -57.52
N LEU J 899 38.33 33.85 -56.62
CA LEU J 899 37.06 34.51 -56.41
C LEU J 899 37.19 35.99 -56.70
N ARG J 900 36.27 36.51 -57.51
CA ARG J 900 36.29 37.92 -57.90
C ARG J 900 35.00 38.56 -57.45
N THR J 901 35.10 39.72 -56.77
CA THR J 901 33.93 40.46 -56.32
C THR J 901 33.20 40.99 -57.54
N GLU J 902 31.86 40.94 -57.52
CA GLU J 902 31.05 41.42 -58.64
C GLU J 902 30.31 42.67 -58.24
N CYS J 903 29.60 42.63 -57.11
CA CYS J 903 28.84 43.77 -56.62
C CYS J 903 28.81 43.80 -55.08
N ASN J 904 28.46 44.96 -54.51
CA ASN J 904 28.39 45.12 -53.08
C ASN J 904 27.12 45.82 -52.65
N HIS J 905 26.67 45.54 -51.43
CA HIS J 905 25.50 46.20 -50.89
C HIS J 905 25.74 46.53 -49.44
N TYR J 906 25.89 47.82 -49.17
CA TYR J 906 26.11 48.29 -47.82
C TYR J 906 24.74 48.40 -47.17
N ASN J 907 24.45 47.51 -46.23
CA ASN J 907 23.17 47.45 -45.52
C ASN J 907 23.15 48.31 -44.28
N ASN J 908 21.95 48.77 -43.91
CA ASN J 908 21.73 49.59 -42.72
C ASN J 908 21.82 48.77 -41.42
N ILE J 909 21.92 47.43 -41.49
CA ILE J 909 22.00 46.54 -40.33
C ILE J 909 23.13 45.48 -40.48
N MET J 910 23.42 44.70 -39.42
CA MET J 910 24.45 43.66 -39.51
C MET J 910 23.89 42.39 -40.16
N ALA J 911 24.49 41.97 -41.27
CA ALA J 911 24.01 40.83 -42.03
C ALA J 911 24.36 39.47 -41.43
N LEU J 912 23.55 39.00 -40.46
CA LEU J 912 23.81 37.71 -39.83
C LEU J 912 23.16 36.55 -40.59
N TYR J 913 21.85 36.62 -40.82
CA TYR J 913 21.14 35.55 -41.51
C TYR J 913 21.01 35.82 -42.99
N LEU J 914 21.25 34.80 -43.81
CA LEU J 914 21.13 34.91 -45.26
C LEU J 914 20.40 33.72 -45.84
N LYS J 915 19.36 34.00 -46.61
CA LYS J 915 18.57 32.96 -47.29
C LYS J 915 18.26 33.38 -48.74
N THR J 916 18.07 32.40 -49.63
CA THR J 916 17.81 32.71 -51.04
C THR J 916 16.79 31.79 -51.71
N LYS J 917 16.17 32.28 -52.79
CA LYS J 917 15.22 31.54 -53.61
C LYS J 917 15.12 32.26 -54.95
N GLY J 918 15.64 31.63 -55.99
CA GLY J 918 15.66 32.21 -57.33
C GLY J 918 16.58 33.41 -57.37
N ASP J 919 16.03 34.59 -57.67
CA ASP J 919 16.81 35.83 -57.66
C ASP J 919 16.47 36.72 -56.43
N PHE J 920 15.84 36.15 -55.40
CA PHE J 920 15.46 36.89 -54.19
C PHE J 920 16.37 36.48 -53.04
N ILE J 921 16.82 37.46 -52.24
CA ILE J 921 17.70 37.23 -51.11
C ILE J 921 17.15 37.89 -49.85
N LEU J 922 17.10 37.17 -48.72
CA LEU J 922 16.62 37.71 -47.46
C LEU J 922 17.78 37.86 -46.47
N VAL J 923 17.92 39.05 -45.90
CA VAL J 923 18.97 39.36 -44.93
C VAL J 923 18.33 39.68 -43.58
N GLY J 924 18.89 39.17 -42.50
CA GLY J 924 18.36 39.44 -41.16
C GLY J 924 19.41 39.67 -40.11
N ASP J 925 19.10 40.51 -39.10
CA ASP J 925 20.05 40.75 -38.01
C ASP J 925 19.54 40.11 -36.68
N LEU J 926 20.31 40.22 -35.59
CA LEU J 926 19.94 39.61 -34.31
C LEU J 926 18.76 40.28 -33.60
N MET J 927 18.36 41.48 -34.03
CA MET J 927 17.26 42.20 -33.40
C MET J 927 16.07 42.36 -34.32
N ARG J 928 15.71 41.28 -35.04
CA ARG J 928 14.58 41.16 -35.95
C ARG J 928 14.49 42.23 -37.06
N SER J 929 15.63 42.76 -37.52
CA SER J 929 15.60 43.73 -38.60
C SER J 929 15.62 42.92 -39.90
N VAL J 930 14.48 42.88 -40.59
CA VAL J 930 14.36 42.09 -41.81
C VAL J 930 14.49 42.96 -43.06
N LEU J 931 15.42 42.61 -43.96
CA LEU J 931 15.63 43.36 -45.20
C LEU J 931 15.58 42.39 -46.39
N LEU J 932 14.97 42.81 -47.50
CA LEU J 932 14.89 41.97 -48.70
C LEU J 932 15.64 42.62 -49.84
N LEU J 933 16.42 41.83 -50.57
CA LEU J 933 17.19 42.29 -51.71
C LEU J 933 16.89 41.44 -52.94
N ALA J 934 17.14 41.99 -54.13
CA ALA J 934 16.95 41.27 -55.36
C ALA J 934 18.13 41.55 -56.26
N TYR J 935 18.85 40.50 -56.65
CA TYR J 935 20.00 40.66 -57.53
C TYR J 935 19.47 40.87 -58.93
N LYS J 936 19.80 42.01 -59.52
CA LYS J 936 19.37 42.34 -60.87
C LYS J 936 20.40 41.73 -61.81
N PRO J 937 20.05 40.68 -62.59
CA PRO J 937 21.05 40.04 -63.46
C PRO J 937 21.58 40.99 -64.52
N MET J 938 20.65 41.74 -65.12
CA MET J 938 20.90 42.73 -66.16
C MET J 938 21.77 43.89 -65.70
N GLU J 939 21.52 44.41 -64.50
CA GLU J 939 22.29 45.54 -63.98
C GLU J 939 23.57 45.13 -63.25
N GLY J 940 23.60 43.91 -62.73
CA GLY J 940 24.76 43.39 -62.01
C GLY J 940 24.93 44.00 -60.64
N ASN J 941 23.82 44.33 -59.97
CA ASN J 941 23.83 44.90 -58.62
C ASN J 941 22.62 44.50 -57.79
N PHE J 942 22.49 45.02 -56.55
CA PHE J 942 21.37 44.69 -55.68
C PHE J 942 20.37 45.84 -55.61
N GLU J 943 19.15 45.55 -55.15
CA GLU J 943 18.12 46.56 -55.01
C GLU J 943 17.31 46.27 -53.73
N GLU J 944 17.14 47.27 -52.86
CA GLU J 944 16.37 47.08 -51.63
C GLU J 944 14.90 47.00 -51.97
N ILE J 945 14.28 45.87 -51.64
CA ILE J 945 12.88 45.63 -51.99
C ILE J 945 11.92 46.03 -50.88
N ALA J 946 12.10 45.50 -49.66
CA ALA J 946 11.23 45.79 -48.53
C ALA J 946 11.97 45.60 -47.20
N ARG J 947 11.47 46.22 -46.12
CA ARG J 947 12.08 46.10 -44.80
C ARG J 947 11.06 46.25 -43.68
N ASP J 948 11.36 45.68 -42.52
CA ASP J 948 10.48 45.79 -41.36
C ASP J 948 11.33 45.75 -40.10
N PHE J 949 11.38 46.88 -39.40
CA PHE J 949 12.21 46.97 -38.20
C PHE J 949 11.38 46.97 -36.92
N ASN J 950 11.41 45.85 -36.20
CA ASN J 950 10.74 45.69 -34.92
C ASN J 950 11.78 45.01 -34.04
N PRO J 951 12.39 45.76 -33.10
CA PRO J 951 13.48 45.17 -32.31
C PRO J 951 13.08 44.07 -31.33
N ASN J 952 13.50 42.85 -31.62
CA ASN J 952 13.28 41.66 -30.80
C ASN J 952 14.33 40.60 -31.17
N TRP J 953 14.87 39.88 -30.19
CA TRP J 953 15.93 38.90 -30.44
C TRP J 953 15.57 37.78 -31.42
N MET J 954 16.04 37.90 -32.66
CA MET J 954 15.83 36.88 -33.69
C MET J 954 16.76 35.69 -33.42
N SER J 955 16.28 34.47 -33.69
CA SER J 955 17.09 33.27 -33.44
C SER J 955 17.44 32.51 -34.72
N ALA J 956 16.56 32.57 -35.73
CA ALA J 956 16.75 31.92 -37.04
C ALA J 956 15.69 32.40 -38.06
N VAL J 957 15.96 32.24 -39.36
CA VAL J 957 15.05 32.65 -40.41
C VAL J 957 15.06 31.66 -41.59
N GLU J 958 14.01 31.69 -42.44
CA GLU J 958 13.88 30.81 -43.61
C GLU J 958 12.82 31.36 -44.58
N ILE J 959 13.02 31.11 -45.88
CA ILE J 959 12.08 31.52 -46.91
C ILE J 959 11.05 30.43 -47.15
N LEU J 960 9.77 30.77 -47.05
CA LEU J 960 8.70 29.83 -47.31
C LEU J 960 8.47 29.77 -48.84
N ASP J 961 8.12 30.92 -49.43
CA ASP J 961 7.89 31.09 -50.86
C ASP J 961 8.31 32.51 -51.30
N ASP J 962 8.03 32.89 -52.56
CA ASP J 962 8.39 34.21 -53.07
C ASP J 962 7.65 35.38 -52.41
N ASP J 963 6.74 35.10 -51.46
CA ASP J 963 5.97 36.15 -50.78
C ASP J 963 5.95 36.00 -49.26
N ASN J 964 6.12 34.76 -48.75
CA ASN J 964 6.06 34.48 -47.31
C ASN J 964 7.44 34.17 -46.71
N PHE J 965 7.73 34.68 -45.50
CA PHE J 965 9.03 34.46 -44.84
C PHE J 965 8.84 34.17 -43.36
N LEU J 966 9.33 33.02 -42.88
CA LEU J 966 9.20 32.61 -41.49
C LEU J 966 10.48 32.86 -40.71
N GLY J 967 10.32 33.40 -39.51
CA GLY J 967 11.42 33.65 -38.59
C GLY J 967 11.04 33.34 -37.16
N ALA J 968 12.04 33.21 -36.28
CA ALA J 968 11.77 32.95 -34.88
C ALA J 968 12.22 34.13 -34.02
N GLU J 969 11.31 34.66 -33.20
CA GLU J 969 11.54 35.81 -32.33
C GLU J 969 11.85 35.40 -30.87
N ASN J 970 12.25 36.39 -30.04
CA ASN J 970 12.48 36.23 -28.59
C ASN J 970 11.21 35.75 -27.90
N ALA J 971 11.40 35.12 -26.73
CA ALA J 971 10.38 34.51 -25.90
C ALA J 971 9.69 33.34 -26.58
N PHE J 972 10.50 32.55 -27.33
CA PHE J 972 10.11 31.30 -27.98
C PHE J 972 8.97 31.45 -28.98
N ASN J 973 8.96 32.55 -29.72
CA ASN J 973 7.90 32.85 -30.68
C ASN J 973 8.31 32.63 -32.13
N LEU J 974 7.32 32.53 -33.04
CA LEU J 974 7.51 32.38 -34.47
C LEU J 974 6.66 33.42 -35.18
N PHE J 975 7.27 34.20 -36.06
CA PHE J 975 6.57 35.24 -36.80
C PHE J 975 6.76 35.04 -38.31
N VAL J 976 5.77 35.42 -39.10
CA VAL J 976 5.83 35.30 -40.55
C VAL J 976 5.50 36.65 -41.20
N CYS J 977 6.40 37.14 -42.05
CA CYS J 977 6.22 38.40 -42.76
C CYS J 977 5.84 38.16 -44.22
N GLN J 978 5.11 39.10 -44.83
CA GLN J 978 4.67 38.96 -46.20
C GLN J 978 4.87 40.26 -46.98
N LYS J 979 5.26 40.15 -48.25
CA LYS J 979 5.42 41.32 -49.11
C LYS J 979 4.22 41.41 -50.05
N ASP J 980 3.73 42.64 -50.30
CA ASP J 980 2.58 42.82 -51.17
C ASP J 980 3.03 43.28 -52.54
N SER J 981 3.10 42.33 -53.47
CA SER J 981 3.53 42.56 -54.84
C SER J 981 2.49 43.33 -55.67
N ALA J 982 1.21 43.26 -55.28
CA ALA J 982 0.14 43.97 -56.00
C ALA J 982 -0.31 45.22 -55.26
N ALA J 983 0.58 45.88 -54.51
CA ALA J 983 0.23 47.09 -53.78
C ALA J 983 0.25 48.30 -54.72
N THR J 984 -0.70 49.22 -54.54
CA THR J 984 -0.81 50.39 -55.42
C THR J 984 0.25 51.45 -55.12
N THR J 985 0.63 51.66 -53.86
CA THR J 985 1.63 52.66 -53.51
C THR J 985 3.01 52.05 -53.26
N ASP J 986 4.07 52.82 -53.54
CA ASP J 986 5.46 52.39 -53.35
C ASP J 986 5.81 52.16 -51.88
N GLU J 987 5.14 52.88 -50.96
CA GLU J 987 5.41 52.72 -49.53
C GLU J 987 4.88 51.39 -49.00
N GLU J 988 3.78 50.89 -49.58
CA GLU J 988 3.20 49.61 -49.17
C GLU J 988 4.03 48.44 -49.71
N ARG J 989 4.53 48.56 -50.95
CA ARG J 989 5.34 47.48 -51.52
C ARG J 989 6.72 47.36 -50.84
N GLN J 990 7.26 48.49 -50.35
CA GLN J 990 8.54 48.47 -49.64
C GLN J 990 8.40 48.18 -48.13
N HIS J 991 7.20 47.78 -47.66
CA HIS J 991 6.97 47.46 -46.27
C HIS J 991 6.54 46.00 -46.11
N LEU J 992 6.98 45.35 -45.03
CA LEU J 992 6.63 43.96 -44.75
C LEU J 992 5.55 43.92 -43.68
N GLN J 993 4.53 43.11 -43.88
CA GLN J 993 3.44 43.00 -42.92
C GLN J 993 3.60 41.78 -42.04
N GLU J 994 3.52 41.95 -40.71
CA GLU J 994 3.61 40.81 -39.80
C GLU J 994 2.25 40.11 -39.84
N VAL J 995 2.09 39.20 -40.80
CA VAL J 995 0.84 38.49 -41.02
C VAL J 995 0.68 37.19 -40.21
N GLY J 996 1.72 36.76 -39.52
CA GLY J 996 1.66 35.55 -38.72
C GLY J 996 2.40 35.67 -37.41
N LEU J 997 1.74 35.33 -36.29
CA LEU J 997 2.34 35.36 -34.95
C LEU J 997 1.95 34.11 -34.20
N PHE J 998 2.88 33.53 -33.43
CA PHE J 998 2.63 32.30 -32.68
C PHE J 998 3.66 32.11 -31.57
N HIS J 999 3.26 31.44 -30.48
CA HIS J 999 4.14 31.10 -29.37
C HIS J 999 4.44 29.61 -29.46
N LEU J 1000 5.65 29.25 -29.86
CA LEU J 1000 6.03 27.86 -30.01
C LEU J 1000 6.41 27.22 -28.68
N GLY J 1001 7.07 27.96 -27.82
CA GLY J 1001 7.55 27.43 -26.55
C GLY J 1001 8.93 26.79 -26.67
N GLU J 1002 9.57 26.92 -27.84
CA GLU J 1002 10.90 26.38 -28.12
C GLU J 1002 11.83 27.43 -28.73
N PHE J 1003 13.14 27.25 -28.57
CA PHE J 1003 14.11 28.18 -29.13
C PHE J 1003 14.69 27.58 -30.40
N VAL J 1004 14.19 28.04 -31.56
CA VAL J 1004 14.61 27.55 -32.87
C VAL J 1004 16.03 28.01 -33.22
N ASN J 1005 16.82 27.12 -33.82
CA ASN J 1005 18.18 27.48 -34.22
C ASN J 1005 18.46 27.20 -35.69
N VAL J 1006 17.74 26.24 -36.30
CA VAL J 1006 17.96 25.87 -37.68
C VAL J 1006 16.64 25.64 -38.44
N PHE J 1007 16.61 25.97 -39.73
CA PHE J 1007 15.44 25.81 -40.59
C PHE J 1007 15.89 25.14 -41.91
N CYS J 1008 15.38 23.92 -42.20
CA CYS J 1008 15.76 23.16 -43.39
C CYS J 1008 14.56 22.89 -44.32
N HIS J 1009 14.85 22.57 -45.58
CA HIS J 1009 13.79 22.26 -46.54
C HIS J 1009 13.82 20.77 -46.84
N GLY J 1010 12.65 20.16 -46.82
CA GLY J 1010 12.51 18.73 -47.07
C GLY J 1010 11.58 18.05 -46.08
N SER J 1011 11.47 16.73 -46.18
CA SER J 1011 10.60 15.96 -45.29
C SER J 1011 11.15 14.56 -45.02
N LEU J 1012 10.66 13.91 -43.96
CA LEU J 1012 11.09 12.57 -43.62
C LEU J 1012 10.18 11.46 -44.12
N VAL J 1013 9.02 11.79 -44.73
CA VAL J 1013 8.12 10.77 -45.24
C VAL J 1013 8.42 10.43 -46.70
N MET J 1014 8.07 9.20 -47.10
CA MET J 1014 8.28 8.68 -48.45
C MET J 1014 7.53 9.51 -49.49
N GLN J 1015 8.25 10.32 -50.27
CA GLN J 1015 7.64 11.17 -51.28
C GLN J 1015 7.28 10.36 -52.53
N SER J 1021 -3.18 15.97 -55.04
CA SER J 1021 -4.25 15.81 -54.05
C SER J 1021 -3.81 16.06 -52.61
N THR J 1022 -2.60 16.61 -52.38
CA THR J 1022 -2.11 16.85 -51.03
C THR J 1022 -2.61 18.20 -50.48
N PRO J 1023 -3.12 18.21 -49.25
CA PRO J 1023 -3.60 19.47 -48.67
C PRO J 1023 -2.49 20.42 -48.20
N THR J 1024 -1.26 19.90 -48.03
CA THR J 1024 -0.15 20.72 -47.51
C THR J 1024 0.83 21.08 -48.66
N GLN J 1025 1.14 22.37 -48.80
CA GLN J 1025 2.05 22.89 -49.81
C GLN J 1025 3.31 23.34 -49.09
N GLY J 1026 4.46 22.82 -49.51
CA GLY J 1026 5.72 23.16 -48.88
C GLY J 1026 6.02 22.32 -47.67
N SER J 1027 7.29 22.34 -47.21
CA SER J 1027 7.72 21.56 -46.06
C SER J 1027 9.01 22.15 -45.49
N VAL J 1028 8.95 22.68 -44.26
CA VAL J 1028 10.11 23.28 -43.60
C VAL J 1028 10.33 22.67 -42.21
N LEU J 1029 11.44 21.93 -42.05
CA LEU J 1029 11.77 21.33 -40.75
C LEU J 1029 12.55 22.32 -39.90
N PHE J 1030 12.47 22.19 -38.58
CA PHE J 1030 13.20 23.07 -37.68
C PHE J 1030 13.67 22.35 -36.43
N GLY J 1031 14.85 22.72 -35.95
CA GLY J 1031 15.45 22.12 -34.76
C GLY J 1031 15.60 23.11 -33.63
N THR J 1032 15.24 22.70 -32.41
CA THR J 1032 15.29 23.59 -31.25
C THR J 1032 16.35 23.15 -30.20
N VAL J 1033 16.63 24.02 -29.20
CA VAL J 1033 17.61 23.81 -28.13
C VAL J 1033 17.24 22.64 -27.22
N ASN J 1034 15.94 22.39 -27.03
CA ASN J 1034 15.49 21.30 -26.17
C ASN J 1034 15.36 19.94 -26.86
N GLY J 1035 15.84 19.81 -28.09
CA GLY J 1035 15.77 18.56 -28.83
C GLY J 1035 14.50 18.38 -29.66
N MET J 1036 13.52 19.27 -29.47
CA MET J 1036 12.26 19.20 -30.19
C MET J 1036 12.43 19.56 -31.66
N ILE J 1037 12.02 18.64 -32.54
CA ILE J 1037 12.07 18.83 -33.98
C ILE J 1037 10.63 18.97 -34.46
N GLY J 1038 10.39 19.94 -35.30
CA GLY J 1038 9.05 20.17 -35.82
C GLY J 1038 9.01 20.32 -37.32
N LEU J 1039 7.81 20.46 -37.84
CA LEU J 1039 7.59 20.67 -39.26
C LEU J 1039 6.53 21.74 -39.46
N VAL J 1040 6.82 22.70 -40.34
CA VAL J 1040 5.89 23.77 -40.67
C VAL J 1040 5.60 23.73 -42.17
N THR J 1041 4.33 23.90 -42.54
CA THR J 1041 3.92 23.92 -43.94
C THR J 1041 2.87 25.01 -44.17
N SER J 1042 2.52 25.29 -45.44
CA SER J 1042 1.51 26.27 -45.75
C SER J 1042 0.18 25.59 -46.09
N LEU J 1043 -0.94 26.26 -45.80
CA LEU J 1043 -2.26 25.71 -46.06
C LEU J 1043 -3.09 26.61 -46.99
N SER J 1044 -4.27 26.14 -47.42
CA SER J 1044 -5.18 26.94 -48.23
C SER J 1044 -6.16 27.69 -47.31
N GLU J 1045 -6.87 28.69 -47.84
CA GLU J 1045 -7.81 29.48 -47.05
C GLU J 1045 -8.90 28.64 -46.39
N SER J 1046 -9.57 27.78 -47.18
CA SER J 1046 -10.65 26.92 -46.67
C SER J 1046 -10.18 25.98 -45.58
N TRP J 1047 -9.01 25.34 -45.78
CA TRP J 1047 -8.46 24.42 -44.80
C TRP J 1047 -8.10 25.14 -43.50
N TYR J 1048 -7.59 26.37 -43.61
CA TYR J 1048 -7.23 27.17 -42.44
C TYR J 1048 -8.48 27.49 -41.62
N ASN J 1049 -9.56 27.93 -42.27
CA ASN J 1049 -10.81 28.29 -41.61
C ASN J 1049 -11.41 27.09 -40.87
N LEU J 1050 -11.43 25.92 -41.52
CA LEU J 1050 -11.99 24.70 -40.93
C LEU J 1050 -11.17 24.27 -39.72
N LEU J 1051 -9.84 24.32 -39.82
CA LEU J 1051 -8.97 23.91 -38.73
C LEU J 1051 -9.01 24.88 -37.54
N LEU J 1052 -9.23 26.17 -37.80
CA LEU J 1052 -9.33 27.15 -36.72
C LEU J 1052 -10.63 26.98 -35.95
N ASP J 1053 -11.73 26.70 -36.66
CA ASP J 1053 -13.01 26.44 -36.01
C ASP J 1053 -12.91 25.16 -35.17
N MET J 1054 -12.21 24.14 -35.70
CA MET J 1054 -11.96 22.87 -35.03
C MET J 1054 -11.13 23.09 -33.76
N GLN J 1055 -10.15 24.01 -33.82
CA GLN J 1055 -9.30 24.33 -32.67
C GLN J 1055 -10.13 24.86 -31.50
N ASN J 1056 -11.06 25.79 -31.78
CA ASN J 1056 -11.90 26.37 -30.75
C ASN J 1056 -12.84 25.34 -30.13
N ARG J 1057 -13.43 24.47 -30.97
CA ARG J 1057 -14.34 23.42 -30.51
C ARG J 1057 -13.61 22.34 -29.71
N LEU J 1058 -12.34 22.06 -30.06
CA LEU J 1058 -11.54 21.06 -29.36
C LEU J 1058 -11.14 21.56 -27.99
N ASN J 1059 -10.80 22.85 -27.87
CA ASN J 1059 -10.43 23.43 -26.58
C ASN J 1059 -11.53 23.34 -25.54
N LYS J 1060 -12.78 23.37 -25.99
CA LYS J 1060 -13.92 23.27 -25.09
C LYS J 1060 -14.10 21.87 -24.49
N VAL J 1061 -13.53 20.83 -25.13
CA VAL J 1061 -13.70 19.46 -24.63
C VAL J 1061 -12.42 18.84 -24.05
N ILE J 1062 -11.24 19.18 -24.59
CA ILE J 1062 -9.98 18.60 -24.11
C ILE J 1062 -9.60 19.13 -22.74
N LYS J 1063 -9.29 18.23 -21.82
CA LYS J 1063 -8.88 18.61 -20.47
C LYS J 1063 -7.44 19.11 -20.51
N SER J 1064 -7.22 20.33 -20.03
CA SER J 1064 -5.89 20.92 -20.01
C SER J 1064 -5.16 20.55 -18.73
N VAL J 1065 -3.86 20.28 -18.84
CA VAL J 1065 -3.06 19.94 -17.67
C VAL J 1065 -2.84 21.22 -16.87
N GLY J 1066 -3.54 21.33 -15.76
CA GLY J 1066 -3.47 22.51 -14.92
C GLY J 1066 -4.54 23.55 -15.21
N LYS J 1067 -5.55 23.20 -16.03
CA LYS J 1067 -6.66 24.07 -16.43
C LYS J 1067 -6.20 25.38 -17.06
N ILE J 1068 -5.23 25.30 -17.99
CA ILE J 1068 -4.69 26.46 -18.67
C ILE J 1068 -5.26 26.56 -20.08
N GLU J 1069 -5.85 27.71 -20.42
CA GLU J 1069 -6.44 27.95 -21.73
C GLU J 1069 -5.40 27.82 -22.83
N HIS J 1070 -5.69 26.99 -23.85
CA HIS J 1070 -4.81 26.77 -24.98
C HIS J 1070 -4.58 28.06 -25.77
N SER J 1071 -5.60 28.91 -25.86
CA SER J 1071 -5.54 30.20 -26.57
C SER J 1071 -4.46 31.09 -25.95
N PHE J 1072 -4.33 31.05 -24.61
CA PHE J 1072 -3.35 31.85 -23.90
C PHE J 1072 -1.93 31.27 -24.03
N TRP J 1073 -1.83 29.94 -24.06
CA TRP J 1073 -0.53 29.27 -24.18
C TRP J 1073 0.11 29.51 -25.54
N ARG J 1074 -0.71 29.53 -26.60
CA ARG J 1074 -0.19 29.77 -27.94
C ARG J 1074 -0.23 31.24 -28.34
N SER J 1075 -0.26 32.16 -27.38
CA SER J 1075 -0.29 33.59 -27.67
C SER J 1075 1.10 34.16 -27.70
N PHE J 1076 1.42 34.93 -28.75
CA PHE J 1076 2.70 35.66 -28.91
C PHE J 1076 2.93 36.51 -27.66
N HIS J 1077 3.98 36.18 -26.91
CA HIS J 1077 4.23 36.85 -25.65
C HIS J 1077 5.62 37.41 -25.55
N THR J 1078 5.73 38.66 -25.09
CA THR J 1078 6.97 39.35 -24.77
C THR J 1078 6.73 40.11 -23.44
N GLU J 1079 7.79 40.61 -22.81
CA GLU J 1079 7.65 41.33 -21.54
C GLU J 1079 6.86 42.64 -21.65
N ARG J 1080 6.63 43.14 -22.88
CA ARG J 1080 5.88 44.38 -23.06
C ARG J 1080 4.53 44.19 -23.76
N LYS J 1081 4.43 43.22 -24.67
CA LYS J 1081 3.19 43.00 -25.41
C LYS J 1081 2.84 41.52 -25.55
N THR J 1082 1.55 41.19 -25.41
CA THR J 1082 1.07 39.82 -25.53
C THR J 1082 -0.14 39.79 -26.46
N GLU J 1083 0.07 39.31 -27.70
CA GLU J 1083 -0.98 39.23 -28.71
C GLU J 1083 -1.38 37.77 -28.98
N PRO J 1084 -2.62 37.50 -29.44
CA PRO J 1084 -3.00 36.11 -29.74
C PRO J 1084 -2.48 35.62 -31.08
N ALA J 1085 -2.44 34.30 -31.27
CA ALA J 1085 -1.95 33.68 -32.50
C ALA J 1085 -2.81 33.98 -33.71
N THR J 1086 -2.17 34.33 -34.83
CA THR J 1086 -2.81 34.63 -36.10
C THR J 1086 -2.01 34.00 -37.23
N GLY J 1087 -2.68 33.46 -38.23
CA GLY J 1087 -2.04 32.84 -39.38
C GLY J 1087 -1.35 31.53 -39.08
N PHE J 1088 -1.75 30.86 -37.98
CA PHE J 1088 -1.15 29.58 -37.59
C PHE J 1088 -2.17 28.58 -37.09
N ILE J 1089 -1.85 27.28 -37.22
CA ILE J 1089 -2.69 26.18 -36.75
C ILE J 1089 -1.84 25.21 -35.93
N ASP J 1090 -2.21 24.99 -34.66
CA ASP J 1090 -1.50 24.10 -33.76
C ASP J 1090 -1.74 22.64 -34.14
N GLY J 1091 -0.73 22.03 -34.73
CA GLY J 1091 -0.76 20.65 -35.19
C GLY J 1091 -0.94 19.61 -34.11
N ASP J 1092 -0.37 19.86 -32.94
CA ASP J 1092 -0.48 18.94 -31.81
C ASP J 1092 -1.92 18.86 -31.27
N LEU J 1093 -2.67 19.96 -31.40
CA LEU J 1093 -4.07 20.02 -30.97
C LEU J 1093 -4.98 19.36 -32.01
N ILE J 1094 -4.68 19.56 -33.30
CA ILE J 1094 -5.47 18.95 -34.37
C ILE J 1094 -5.31 17.43 -34.37
N GLU J 1095 -4.08 16.95 -34.13
CA GLU J 1095 -3.80 15.51 -34.07
C GLU J 1095 -4.40 14.86 -32.84
N SER J 1096 -4.54 15.60 -31.73
CA SER J 1096 -5.12 15.07 -30.50
C SER J 1096 -6.62 14.72 -30.61
N PHE J 1097 -7.25 15.01 -31.76
CA PHE J 1097 -8.65 14.66 -31.99
C PHE J 1097 -8.81 13.14 -32.09
N LEU J 1098 -7.81 12.43 -32.63
CA LEU J 1098 -7.88 10.98 -32.78
C LEU J 1098 -7.73 10.20 -31.46
N ASP J 1099 -7.14 10.83 -30.43
CA ASP J 1099 -6.92 10.15 -29.15
C ASP J 1099 -8.12 10.17 -28.18
N ILE J 1100 -9.01 11.14 -28.31
CA ILE J 1100 -10.17 11.25 -27.42
C ILE J 1100 -11.24 10.18 -27.70
N SER J 1101 -12.16 9.98 -26.76
CA SER J 1101 -13.24 8.99 -26.91
C SER J 1101 -14.22 9.41 -28.02
N ARG J 1102 -14.98 8.43 -28.55
CA ARG J 1102 -15.96 8.67 -29.61
C ARG J 1102 -17.11 9.61 -29.20
N PRO J 1103 -17.69 9.53 -27.98
CA PRO J 1103 -18.75 10.49 -27.60
C PRO J 1103 -18.27 11.93 -27.67
N LYS J 1104 -17.01 12.17 -27.28
CA LYS J 1104 -16.42 13.51 -27.33
C LYS J 1104 -16.12 13.92 -28.78
N MET J 1105 -15.77 12.97 -29.65
CA MET J 1105 -15.55 13.24 -31.07
C MET J 1105 -16.85 13.74 -31.71
N GLN J 1106 -17.98 13.14 -31.32
CA GLN J 1106 -19.30 13.53 -31.82
C GLN J 1106 -19.67 14.94 -31.36
N GLU J 1107 -19.30 15.29 -30.12
CA GLU J 1107 -19.55 16.61 -29.55
C GLU J 1107 -18.78 17.69 -30.32
N VAL J 1108 -17.55 17.37 -30.76
CA VAL J 1108 -16.71 18.30 -31.50
C VAL J 1108 -17.28 18.57 -32.90
N VAL J 1109 -17.67 17.52 -33.62
CA VAL J 1109 -18.19 17.65 -34.99
C VAL J 1109 -19.69 17.99 -35.05
N ALA J 1110 -20.28 18.46 -33.94
CA ALA J 1110 -21.69 18.84 -33.92
C ALA J 1110 -21.86 20.22 -34.54
N ASN J 1111 -21.86 20.29 -35.88
CA ASN J 1111 -21.99 21.53 -36.64
C ASN J 1111 -23.39 22.13 -36.51
N THR J 1125 -20.73 12.41 -38.56
CA THR J 1125 -19.62 12.97 -39.32
C THR J 1125 -18.26 12.87 -38.62
N ALA J 1126 -18.16 12.06 -37.55
CA ALA J 1126 -16.90 11.91 -36.81
C ALA J 1126 -15.84 11.16 -37.61
N ASP J 1127 -16.26 10.15 -38.37
CA ASP J 1127 -15.35 9.35 -39.17
C ASP J 1127 -14.74 10.11 -40.36
N ASP J 1128 -15.46 11.11 -40.88
CA ASP J 1128 -14.96 11.93 -41.99
C ASP J 1128 -13.78 12.78 -41.49
N LEU J 1129 -13.90 13.35 -40.29
CA LEU J 1129 -12.83 14.16 -39.70
C LEU J 1129 -11.62 13.30 -39.34
N ILE J 1130 -11.84 12.02 -38.98
CA ILE J 1130 -10.75 11.10 -38.68
C ILE J 1130 -9.87 10.90 -39.92
N LYS J 1131 -10.49 10.79 -41.10
CA LYS J 1131 -9.76 10.64 -42.36
C LYS J 1131 -8.91 11.87 -42.68
N VAL J 1132 -9.44 13.07 -42.40
CA VAL J 1132 -8.75 14.32 -42.62
C VAL J 1132 -7.51 14.42 -41.72
N VAL J 1133 -7.67 14.11 -40.43
CA VAL J 1133 -6.57 14.16 -39.47
C VAL J 1133 -5.50 13.10 -39.79
N GLU J 1134 -5.92 11.94 -40.31
CA GLU J 1134 -4.97 10.88 -40.70
C GLU J 1134 -4.09 11.35 -41.85
N GLU J 1135 -4.69 12.04 -42.84
CA GLU J 1135 -3.95 12.57 -43.98
C GLU J 1135 -2.93 13.63 -43.51
N LEU J 1136 -3.29 14.42 -42.48
CA LEU J 1136 -2.42 15.44 -41.89
C LEU J 1136 -1.27 14.81 -41.09
N THR J 1137 -1.50 13.67 -40.43
CA THR J 1137 -0.43 12.98 -39.68
C THR J 1137 0.60 12.33 -40.61
N ARG J 1138 0.19 11.97 -41.85
CA ARG J 1138 1.07 11.34 -42.83
C ARG J 1138 2.17 12.25 -43.38
N ILE J 1139 2.33 13.46 -42.84
CA ILE J 1139 3.36 14.38 -43.33
C ILE J 1139 4.68 14.29 -42.54
N HIS J 1140 4.68 13.62 -41.37
CA HIS J 1140 5.88 13.47 -40.56
C HIS J 1140 6.02 12.04 -40.01
N ILE K 1 43.51 72.93 -17.66
CA ILE K 1 42.17 72.38 -17.48
C ILE K 1 41.67 72.76 -16.09
N ASN K 2 41.09 73.96 -15.95
CA ASN K 2 40.59 74.43 -14.66
C ASN K 2 39.42 75.41 -14.78
N PHE K 3 38.63 75.28 -15.86
CA PHE K 3 37.51 76.19 -16.13
C PHE K 3 36.33 76.04 -15.16
N ASP K 4 35.74 74.82 -15.06
CA ASP K 4 34.57 74.42 -14.28
C ASP K 4 33.47 74.01 -15.24
N THR K 5 33.33 72.70 -15.43
CA THR K 5 32.32 72.12 -16.32
C THR K 5 30.87 72.36 -15.90
N SER K 6 30.64 72.79 -14.65
CA SER K 6 29.28 73.04 -14.17
C SER K 6 28.75 74.45 -14.48
N LEU K 7 29.60 75.35 -14.97
CA LEU K 7 29.17 76.71 -15.32
C LEU K 7 28.19 76.77 -16.51
N PRO K 8 28.48 76.10 -17.66
CA PRO K 8 27.54 76.19 -18.79
C PRO K 8 26.22 75.45 -18.59
N THR K 9 26.23 74.32 -17.87
CA THR K 9 25.00 73.55 -17.62
C THR K 9 23.93 74.39 -16.92
N SER K 10 24.34 75.34 -16.09
CA SER K 10 23.41 76.21 -15.38
C SER K 10 22.83 77.33 -16.25
N HIS K 11 23.50 77.67 -17.37
CA HIS K 11 23.11 78.74 -18.29
C HIS K 11 22.99 80.05 -17.54
N THR K 12 24.10 80.45 -16.90
CA THR K 12 24.20 81.67 -16.10
C THR K 12 23.94 82.94 -16.89
N TYR K 13 24.18 82.91 -18.21
CA TYR K 13 23.97 84.06 -19.09
C TYR K 13 22.52 84.54 -19.16
N LEU K 14 21.56 83.71 -18.73
CA LEU K 14 20.14 84.07 -18.75
C LEU K 14 19.71 85.03 -17.62
N GLY K 15 20.59 85.26 -16.64
CA GLY K 15 20.30 86.18 -15.55
C GLY K 15 19.88 85.56 -14.24
N ALA K 16 18.97 86.25 -13.53
CA ALA K 16 18.46 85.82 -12.23
C ALA K 16 17.76 84.45 -12.27
N ASP K 17 17.72 83.78 -11.10
CA ASP K 17 17.12 82.46 -10.95
C ASP K 17 15.68 82.38 -11.43
N MET K 18 15.31 81.25 -12.02
CA MET K 18 13.98 81.04 -12.57
C MET K 18 13.06 80.23 -11.65
N GLU K 19 11.74 80.33 -11.88
CA GLU K 19 10.73 79.57 -11.14
C GLU K 19 10.76 78.14 -11.67
N GLU K 20 11.30 77.21 -10.89
CA GLU K 20 11.41 75.82 -11.33
C GLU K 20 10.17 74.98 -11.09
N PHE K 21 9.96 74.01 -11.97
CA PHE K 21 8.89 73.02 -11.90
C PHE K 21 9.54 71.64 -11.96
N HIS K 22 9.04 70.70 -11.17
CA HIS K 22 9.62 69.34 -11.14
C HIS K 22 8.63 68.21 -11.40
N GLY K 23 7.34 68.53 -11.49
CA GLY K 23 6.31 67.54 -11.77
C GLY K 23 6.47 66.99 -13.17
N ARG K 24 6.56 65.66 -13.30
CA ARG K 24 6.79 65.06 -14.61
C ARG K 24 5.52 64.54 -15.25
N THR K 25 5.15 65.14 -16.38
CA THR K 25 3.98 64.74 -17.15
C THR K 25 4.42 63.80 -18.26
N LEU K 26 4.04 62.52 -18.15
CA LEU K 26 4.42 61.53 -19.15
C LEU K 26 3.19 60.79 -19.64
N HIS K 27 2.91 60.89 -20.95
CA HIS K 27 1.75 60.23 -21.55
C HIS K 27 2.00 58.74 -21.78
N ASP K 28 0.92 57.97 -22.01
CA ASP K 28 1.05 56.54 -22.28
C ASP K 28 1.68 56.30 -23.66
N ASP K 29 2.25 55.11 -23.86
CA ASP K 29 2.87 54.77 -25.14
C ASP K 29 1.80 54.49 -26.18
N ASP K 30 2.04 54.95 -27.43
CA ASP K 30 1.11 54.84 -28.55
C ASP K 30 -0.17 55.69 -28.40
N SER K 31 -0.24 56.53 -27.38
CA SER K 31 -1.39 57.40 -27.14
C SER K 31 -1.37 58.59 -28.10
N CYS K 32 -2.55 59.08 -28.47
CA CYS K 32 -2.66 60.21 -29.39
C CYS K 32 -2.82 61.53 -28.64
N GLN K 33 -1.86 62.45 -28.78
CA GLN K 33 -1.90 63.73 -28.08
C GLN K 33 -1.83 64.91 -29.05
N VAL K 34 -2.61 65.95 -28.80
CA VAL K 34 -2.61 67.16 -29.60
C VAL K 34 -1.84 68.19 -28.79
N ILE K 35 -0.65 68.54 -29.29
CA ILE K 35 0.25 69.42 -28.56
C ILE K 35 0.65 70.61 -29.44
N PRO K 36 0.72 71.84 -28.87
CA PRO K 36 1.14 72.99 -29.68
C PRO K 36 2.61 72.95 -30.04
N VAL K 37 2.98 73.64 -31.13
CA VAL K 37 4.35 73.69 -31.59
C VAL K 37 4.85 75.13 -31.56
N LEU K 38 6.10 75.35 -31.16
CA LEU K 38 6.70 76.67 -31.18
C LEU K 38 7.16 76.97 -32.60
N PRO K 39 6.89 78.17 -33.11
CA PRO K 39 7.24 78.46 -34.51
C PRO K 39 8.73 78.63 -34.81
N GLN K 40 9.46 79.47 -34.06
CA GLN K 40 10.87 79.72 -34.34
C GLN K 40 11.84 78.67 -33.80
N VAL K 41 11.36 77.48 -33.41
CA VAL K 41 12.23 76.42 -32.92
C VAL K 41 12.63 75.46 -34.04
N MET K 42 13.79 75.70 -34.65
CA MET K 42 14.29 74.87 -35.74
C MET K 42 15.22 73.74 -35.30
N MET K 43 15.35 73.50 -34.00
CA MET K 43 16.27 72.48 -33.48
C MET K 43 15.60 71.11 -33.40
N ILE K 44 16.40 70.03 -33.54
CA ILE K 44 15.88 68.68 -33.41
C ILE K 44 16.24 68.18 -32.01
N LEU K 45 15.27 68.22 -31.11
CA LEU K 45 15.46 67.84 -29.71
C LEU K 45 15.56 66.35 -29.47
N ILE K 46 16.36 65.95 -28.49
CA ILE K 46 16.56 64.57 -28.07
C ILE K 46 16.11 64.44 -26.61
N PRO K 47 15.40 63.36 -26.23
CA PRO K 47 14.95 63.22 -24.83
C PRO K 47 16.10 63.30 -23.84
N GLY K 48 15.92 64.07 -22.76
CA GLY K 48 16.94 64.27 -21.75
C GLY K 48 17.87 65.44 -22.03
N GLN K 49 17.74 66.09 -23.18
CA GLN K 49 18.58 67.21 -23.54
C GLN K 49 17.96 68.53 -23.08
N THR K 50 18.78 69.40 -22.52
CA THR K 50 18.34 70.71 -22.05
C THR K 50 18.22 71.68 -23.23
N LEU K 51 17.14 72.46 -23.27
CA LEU K 51 16.89 73.43 -24.33
C LEU K 51 16.47 74.80 -23.78
N PRO K 52 17.35 75.80 -23.89
CA PRO K 52 17.00 77.15 -23.42
C PRO K 52 16.34 77.96 -24.54
N LEU K 53 15.39 78.81 -24.19
CA LEU K 53 14.67 79.62 -25.17
C LEU K 53 14.40 81.03 -24.64
N GLN K 54 14.47 82.03 -25.52
CA GLN K 54 14.16 83.41 -25.19
C GLN K 54 13.14 83.87 -26.21
N LEU K 55 11.88 84.07 -25.80
CA LEU K 55 10.83 84.44 -26.73
C LEU K 55 10.45 85.91 -26.66
N PHE K 56 10.12 86.50 -27.83
CA PHE K 56 9.82 87.92 -27.95
C PHE K 56 8.42 88.20 -28.47
N HIS K 57 7.99 87.45 -29.49
CA HIS K 57 6.68 87.63 -30.13
C HIS K 57 5.56 87.45 -29.10
N PRO K 58 4.51 88.29 -29.16
CA PRO K 58 3.43 88.16 -28.17
C PRO K 58 2.70 86.82 -28.21
N GLN K 59 2.62 86.19 -29.40
CA GLN K 59 1.97 84.90 -29.57
C GLN K 59 2.73 83.81 -28.81
N GLU K 60 4.07 83.85 -28.87
CA GLU K 60 4.93 82.90 -28.20
C GLU K 60 4.79 83.04 -26.69
N VAL K 61 4.75 84.28 -26.19
CA VAL K 61 4.60 84.57 -24.77
C VAL K 61 3.23 84.13 -24.26
N SER K 62 2.18 84.33 -25.07
CA SER K 62 0.83 83.94 -24.72
C SER K 62 0.71 82.42 -24.63
N MET K 63 1.35 81.71 -25.57
CA MET K 63 1.31 80.25 -25.56
C MET K 63 2.03 79.71 -24.33
N VAL K 64 3.16 80.32 -23.97
CA VAL K 64 3.93 79.93 -22.79
C VAL K 64 3.10 80.15 -21.52
N ARG K 65 2.42 81.30 -21.42
CA ARG K 65 1.58 81.59 -20.26
C ARG K 65 0.45 80.59 -20.15
N ASN K 66 -0.15 80.20 -21.27
CA ASN K 66 -1.23 79.21 -21.29
C ASN K 66 -0.71 77.84 -20.89
N LEU K 67 0.53 77.49 -21.24
CA LEU K 67 1.11 76.21 -20.88
C LEU K 67 1.61 76.13 -19.44
N ILE K 68 2.03 77.25 -18.84
CA ILE K 68 2.53 77.26 -17.46
C ILE K 68 1.48 76.71 -16.47
N GLN K 69 0.20 76.99 -16.73
CA GLN K 69 -0.90 76.52 -15.89
C GLN K 69 -1.35 75.10 -16.27
N LYS K 70 -1.21 74.71 -17.53
CA LYS K 70 -1.62 73.39 -18.00
C LYS K 70 -0.54 72.32 -17.70
N ASP K 71 -0.13 71.49 -18.69
CA ASP K 71 0.85 70.43 -18.49
C ASP K 71 2.31 70.85 -18.72
N ARG K 72 2.54 72.11 -19.13
CA ARG K 72 3.87 72.69 -19.43
C ARG K 72 4.64 71.92 -20.49
N THR K 73 3.92 71.21 -21.37
CA THR K 73 4.56 70.40 -22.39
C THR K 73 4.19 70.88 -23.77
N PHE K 74 5.20 71.11 -24.60
CA PHE K 74 5.00 71.51 -25.98
C PHE K 74 5.76 70.55 -26.92
N ALA K 75 5.59 70.70 -28.25
CA ALA K 75 6.23 69.82 -29.21
C ALA K 75 7.35 70.49 -29.97
N VAL K 76 8.42 69.73 -30.26
CA VAL K 76 9.57 70.21 -31.01
C VAL K 76 9.66 69.36 -32.28
N LEU K 77 9.19 69.90 -33.41
CA LEU K 77 9.20 69.15 -34.66
C LEU K 77 10.60 68.99 -35.21
N ALA K 78 10.86 67.86 -35.86
CA ALA K 78 12.13 67.60 -36.49
C ALA K 78 11.94 67.95 -37.96
N TYR K 79 12.13 69.22 -38.28
CA TYR K 79 11.95 69.73 -39.63
C TYR K 79 12.94 69.12 -40.61
N SER K 80 12.46 68.24 -41.50
CA SER K 80 13.30 67.64 -42.53
C SER K 80 13.55 68.71 -43.61
N ASN K 81 12.50 69.42 -44.03
CA ASN K 81 12.60 70.53 -44.96
C ASN K 81 12.06 71.76 -44.23
N VAL K 82 12.98 72.55 -43.64
CA VAL K 82 12.68 73.74 -42.85
C VAL K 82 11.91 74.80 -43.64
N GLN K 83 12.15 74.89 -44.95
CA GLN K 83 11.48 75.85 -45.81
C GLN K 83 9.98 75.58 -45.94
N GLU K 84 9.60 74.33 -46.19
CA GLU K 84 8.19 73.97 -46.33
C GLU K 84 7.53 73.46 -45.04
N ARG K 85 8.24 73.55 -43.89
CA ARG K 85 7.75 73.14 -42.58
C ARG K 85 7.30 71.68 -42.54
N GLU K 86 8.02 70.79 -43.22
CA GLU K 86 7.68 69.37 -43.24
C GLU K 86 8.33 68.66 -42.07
N ALA K 87 7.57 67.86 -41.32
CA ALA K 87 8.10 67.11 -40.19
C ALA K 87 7.33 65.82 -39.98
N GLN K 88 8.04 64.69 -40.03
CA GLN K 88 7.43 63.38 -39.85
C GLN K 88 7.59 62.87 -38.41
N PHE K 89 8.65 63.29 -37.72
CA PHE K 89 8.92 62.90 -36.34
C PHE K 89 9.20 64.14 -35.47
N GLY K 90 9.50 63.92 -34.18
CA GLY K 90 9.82 65.00 -33.26
C GLY K 90 9.95 64.56 -31.82
N THR K 91 10.22 65.51 -30.90
CA THR K 91 10.36 65.19 -29.48
C THR K 91 9.58 66.19 -28.62
N THR K 92 8.88 65.71 -27.59
CA THR K 92 8.16 66.58 -26.68
C THR K 92 9.15 67.29 -25.75
N ALA K 93 8.78 68.48 -25.28
CA ALA K 93 9.65 69.27 -24.40
C ALA K 93 8.85 69.80 -23.21
N GLU K 94 9.29 69.47 -22.00
CA GLU K 94 8.61 69.91 -20.79
C GLU K 94 9.38 71.07 -20.19
N ILE K 95 8.69 72.16 -19.90
CA ILE K 95 9.32 73.33 -19.31
C ILE K 95 9.68 73.04 -17.86
N TYR K 96 10.96 73.17 -17.51
CA TYR K 96 11.41 72.93 -16.14
C TYR K 96 11.84 74.23 -15.41
N ALA K 97 11.94 75.36 -16.13
CA ALA K 97 12.29 76.64 -15.53
C ALA K 97 11.72 77.78 -16.36
N TYR K 98 11.20 78.83 -15.72
CA TYR K 98 10.64 79.97 -16.45
C TYR K 98 10.78 81.26 -15.66
N ARG K 99 10.94 82.38 -16.38
CA ARG K 99 11.06 83.69 -15.78
C ARG K 99 10.66 84.76 -16.79
N GLU K 100 9.64 85.55 -16.45
CA GLU K 100 9.18 86.63 -17.30
C GLU K 100 9.85 87.93 -16.87
N GLU K 101 10.27 88.75 -17.83
CA GLU K 101 10.94 90.01 -17.53
C GLU K 101 10.40 91.14 -18.40
N GLN K 102 9.59 92.03 -17.83
CA GLN K 102 9.06 93.16 -18.58
C GLN K 102 10.10 94.25 -18.65
N ASP K 103 11.04 94.13 -19.59
CA ASP K 103 12.11 95.11 -19.73
C ASP K 103 11.92 96.00 -20.94
N PHE K 104 11.66 97.28 -20.69
CA PHE K 104 11.48 98.35 -21.66
C PHE K 104 10.31 98.14 -22.61
N GLY K 105 9.12 97.98 -22.04
CA GLY K 105 7.88 97.84 -22.79
C GLY K 105 7.60 96.50 -23.46
N ILE K 106 8.63 95.68 -23.67
CA ILE K 106 8.44 94.40 -24.35
C ILE K 106 8.47 93.21 -23.39
N GLU K 107 7.45 92.34 -23.50
CA GLU K 107 7.35 91.16 -22.66
C GLU K 107 8.33 90.08 -23.09
N ILE K 108 9.44 89.94 -22.37
CA ILE K 108 10.47 88.96 -22.67
C ILE K 108 10.27 87.77 -21.77
N VAL K 109 10.37 86.55 -22.31
CA VAL K 109 10.22 85.35 -21.49
C VAL K 109 11.40 84.41 -21.68
N LYS K 110 12.03 84.02 -20.58
CA LYS K 110 13.16 83.11 -20.60
C LYS K 110 12.70 81.77 -20.05
N VAL K 111 12.87 80.71 -20.85
CA VAL K 111 12.41 79.37 -20.49
C VAL K 111 13.52 78.33 -20.68
N LYS K 112 13.58 77.35 -19.78
CA LYS K 112 14.49 76.23 -19.88
C LYS K 112 13.61 75.00 -19.94
N ALA K 113 13.69 74.24 -21.03
CA ALA K 113 12.87 73.04 -21.21
C ALA K 113 13.77 71.79 -21.34
N ILE K 114 13.20 70.60 -21.13
CA ILE K 114 13.96 69.35 -21.24
C ILE K 114 13.16 68.36 -22.09
N GLY K 115 13.87 67.54 -22.85
CA GLY K 115 13.23 66.52 -23.67
C GLY K 115 12.56 65.47 -22.82
N ARG K 116 11.50 64.84 -23.35
CA ARG K 116 10.79 63.81 -22.61
C ARG K 116 10.54 62.55 -23.43
N GLN K 117 9.66 62.62 -24.44
CA GLN K 117 9.30 61.47 -25.24
C GLN K 117 9.41 61.74 -26.72
N ARG K 118 9.73 60.71 -27.48
CA ARG K 118 9.80 60.80 -28.93
C ARG K 118 8.39 60.63 -29.50
N PHE K 119 8.16 61.12 -30.73
CA PHE K 119 6.83 61.00 -31.34
C PHE K 119 6.82 60.93 -32.87
N LYS K 120 5.74 60.37 -33.43
CA LYS K 120 5.51 60.30 -34.86
C LYS K 120 4.36 61.25 -35.17
N VAL K 121 4.54 62.14 -36.14
CA VAL K 121 3.52 63.11 -36.52
C VAL K 121 2.38 62.47 -37.32
N LEU K 122 1.14 62.70 -36.92
CA LEU K 122 -0.02 62.16 -37.63
C LEU K 122 -0.67 63.25 -38.48
N GLU K 123 -0.86 64.44 -37.91
CA GLU K 123 -1.48 65.56 -38.63
C GLU K 123 -0.99 66.90 -38.08
N LEU K 124 -0.90 67.89 -38.95
CA LEU K 124 -0.46 69.24 -38.56
C LEU K 124 -1.56 70.22 -38.90
N ARG K 125 -2.06 70.95 -37.90
CA ARG K 125 -3.11 71.93 -38.14
C ARG K 125 -2.65 73.31 -37.70
N THR K 126 -3.03 74.35 -38.44
CA THR K 126 -2.69 75.70 -38.09
C THR K 126 -3.96 76.48 -37.79
N GLN K 127 -4.08 76.97 -36.55
CA GLN K 127 -5.26 77.70 -36.11
C GLN K 127 -5.36 79.11 -36.73
N SER K 128 -6.53 79.77 -36.58
CA SER K 128 -6.79 81.11 -37.08
C SER K 128 -5.90 82.17 -36.42
N ASP K 129 -5.48 81.93 -35.17
CA ASP K 129 -4.64 82.86 -34.42
C ASP K 129 -3.13 82.74 -34.72
N GLY K 130 -2.78 82.09 -35.82
CA GLY K 130 -1.39 81.96 -36.24
C GLY K 130 -0.62 80.78 -35.67
N ILE K 131 -0.81 80.49 -34.38
CA ILE K 131 -0.10 79.39 -33.71
C ILE K 131 -0.59 78.03 -34.24
N GLN K 132 0.32 77.04 -34.33
CA GLN K 132 -0.04 75.73 -34.86
C GLN K 132 -0.04 74.61 -33.83
N GLN K 133 -0.91 73.62 -34.02
CA GLN K 133 -1.00 72.46 -33.15
C GLN K 133 -0.78 71.16 -33.94
N ALA K 134 -0.33 70.10 -33.26
CA ALA K 134 -0.01 68.84 -33.93
C ALA K 134 -0.64 67.61 -33.31
N LYS K 135 -1.38 66.82 -34.11
CA LYS K 135 -1.98 65.56 -33.69
C LYS K 135 -0.84 64.56 -33.81
N VAL K 136 -0.40 64.01 -32.68
CA VAL K 136 0.79 63.18 -32.62
C VAL K 136 0.59 61.83 -31.91
N GLN K 137 1.38 60.82 -32.29
CA GLN K 137 1.34 59.51 -31.64
C GLN K 137 2.66 59.27 -30.92
N ILE K 138 2.61 58.93 -29.63
CA ILE K 138 3.81 58.68 -28.84
C ILE K 138 4.52 57.40 -29.30
N LEU K 139 5.84 57.47 -29.54
CA LEU K 139 6.61 56.30 -29.94
C LEU K 139 7.04 55.51 -28.70
N PRO K 140 6.81 54.19 -28.70
CA PRO K 140 7.17 53.39 -27.53
C PRO K 140 8.65 53.10 -27.38
N GLU K 141 9.13 52.99 -26.13
CA GLU K 141 10.52 52.66 -25.87
C GLU K 141 10.62 51.16 -25.76
N CYS K 142 11.12 50.50 -26.81
CA CYS K 142 11.22 49.04 -26.83
C CYS K 142 12.38 48.55 -25.97
N VAL K 143 12.06 48.13 -24.73
CA VAL K 143 13.04 47.61 -23.78
C VAL K 143 13.14 46.11 -23.97
N LEU K 144 14.37 45.59 -24.08
CA LEU K 144 14.57 44.17 -24.28
C LEU K 144 15.39 43.57 -23.17
N PRO K 145 15.05 42.34 -22.75
CA PRO K 145 15.88 41.67 -21.73
C PRO K 145 17.19 41.15 -22.35
N SER K 146 18.10 40.64 -21.50
CA SER K 146 19.37 40.10 -21.99
C SER K 146 19.15 38.99 -23.00
N THR K 147 19.92 38.99 -24.09
CA THR K 147 19.78 38.00 -25.17
C THR K 147 19.82 36.55 -24.67
N MET K 148 20.48 36.31 -23.53
CA MET K 148 20.58 34.98 -22.95
C MET K 148 19.34 34.53 -22.22
N SER K 149 18.42 35.43 -21.86
CA SER K 149 17.21 35.07 -21.13
C SER K 149 16.40 33.93 -21.78
N ALA K 150 16.32 33.92 -23.11
CA ALA K 150 15.57 32.89 -23.82
C ALA K 150 16.33 31.57 -24.03
N VAL K 151 17.62 31.53 -23.72
CA VAL K 151 18.43 30.32 -23.92
C VAL K 151 18.96 29.75 -22.59
N GLN K 152 19.14 30.63 -21.59
CA GLN K 152 19.71 30.36 -20.28
C GLN K 152 19.21 29.12 -19.59
N LEU K 153 20.14 28.25 -19.20
CA LEU K 153 19.82 27.04 -18.47
C LEU K 153 19.48 27.42 -17.03
N GLU K 154 18.54 26.69 -16.42
CA GLU K 154 18.08 26.98 -15.06
C GLU K 154 19.18 26.81 -14.01
N SER K 155 20.08 25.84 -14.24
CA SER K 155 21.20 25.56 -13.33
C SER K 155 22.22 26.71 -13.35
N LEU K 156 22.40 27.36 -14.51
CA LEU K 156 23.35 28.46 -14.63
C LEU K 156 22.77 29.84 -14.34
N ASN K 157 21.46 29.93 -14.03
CA ASN K 157 20.80 31.19 -13.71
C ASN K 157 21.46 31.87 -12.51
N LYS K 158 21.91 31.08 -11.53
CA LYS K 158 22.57 31.59 -10.34
C LYS K 158 24.00 32.12 -10.57
N CYS K 159 24.57 31.88 -11.75
CA CYS K 159 25.91 32.36 -12.08
C CYS K 159 25.87 33.63 -12.95
N GLN K 160 24.71 34.32 -13.02
CA GLN K 160 24.54 35.51 -13.83
C GLN K 160 24.89 36.82 -13.14
N ILE K 161 25.06 36.82 -11.81
CA ILE K 161 25.42 38.02 -11.09
C ILE K 161 26.94 38.06 -10.91
N PHE K 162 27.57 39.20 -11.21
CA PHE K 162 29.02 39.33 -11.12
C PHE K 162 29.42 40.37 -10.09
N PRO K 163 30.51 40.16 -9.35
CA PRO K 163 30.94 41.17 -8.36
C PRO K 163 31.72 42.30 -9.01
N CYS K 173 42.94 44.78 -13.09
CA CYS K 173 42.87 44.58 -14.52
C CYS K 173 41.42 44.49 -15.00
N SER K 174 40.91 45.59 -15.60
CA SER K 174 39.55 45.67 -16.11
C SER K 174 39.34 44.81 -17.36
N TYR K 175 40.39 44.66 -18.18
CA TYR K 175 40.39 43.86 -19.39
C TYR K 175 40.17 42.38 -19.02
N LYS K 176 40.82 41.92 -17.94
CA LYS K 176 40.64 40.55 -17.46
C LYS K 176 39.21 40.33 -16.98
N TRP K 177 38.61 41.34 -16.34
CA TRP K 177 37.24 41.28 -15.86
C TRP K 177 36.26 41.15 -17.02
N TRP K 178 36.50 41.87 -18.13
CA TRP K 178 35.62 41.81 -19.29
C TRP K 178 35.69 40.46 -19.99
N GLN K 179 36.87 39.81 -19.99
CA GLN K 179 37.03 38.49 -20.57
C GLN K 179 36.24 37.47 -19.73
N LYS K 180 36.33 37.58 -18.39
CA LYS K 180 35.61 36.69 -17.48
C LYS K 180 34.10 36.90 -17.62
N TYR K 181 33.68 38.17 -17.77
CA TYR K 181 32.29 38.56 -17.93
C TYR K 181 31.71 37.92 -19.19
N GLN K 182 32.45 37.94 -20.29
CA GLN K 182 32.00 37.37 -21.55
C GLN K 182 31.88 35.86 -21.47
N LYS K 183 32.86 35.20 -20.84
CA LYS K 183 32.82 33.74 -20.70
C LYS K 183 31.70 33.27 -19.78
N ARG K 184 31.37 34.07 -18.75
CA ARG K 184 30.33 33.68 -17.81
C ARG K 184 28.91 34.04 -18.26
N LYS K 185 28.65 35.31 -18.57
CA LYS K 185 27.31 35.75 -18.97
C LYS K 185 26.84 35.08 -20.25
N PHE K 186 27.74 34.95 -21.22
CA PHE K 186 27.39 34.35 -22.50
C PHE K 186 27.86 32.92 -22.62
N HIS K 187 27.83 32.17 -21.51
CA HIS K 187 28.24 30.77 -21.54
C HIS K 187 27.24 29.97 -22.37
N CYS K 188 25.94 30.21 -22.16
CA CYS K 188 24.88 29.52 -22.89
C CYS K 188 24.82 29.85 -24.39
N ALA K 189 25.72 30.73 -24.89
CA ALA K 189 25.74 31.05 -26.33
C ALA K 189 26.13 29.84 -27.18
N ASN K 190 26.85 28.84 -26.59
CA ASN K 190 27.19 27.62 -27.33
C ASN K 190 25.95 26.80 -27.71
N LEU K 191 24.80 27.05 -27.07
CA LEU K 191 23.54 26.38 -27.40
C LEU K 191 22.88 26.94 -28.67
N THR K 192 23.35 28.08 -29.17
CA THR K 192 22.79 28.75 -30.35
C THR K 192 23.74 28.62 -31.57
N SER K 193 23.30 29.12 -32.74
CA SER K 193 24.11 29.09 -33.96
C SER K 193 25.25 30.12 -33.96
N TRP K 194 25.34 30.97 -32.92
CA TRP K 194 26.32 32.05 -32.88
C TRP K 194 27.24 31.99 -31.67
N PRO K 195 28.45 32.59 -31.75
CA PRO K 195 29.36 32.57 -30.61
C PRO K 195 29.17 33.75 -29.65
N ARG K 196 29.92 33.73 -28.53
CA ARG K 196 29.87 34.75 -27.49
C ARG K 196 30.16 36.17 -27.98
N TRP K 197 31.26 36.36 -28.72
CA TRP K 197 31.64 37.68 -29.20
C TRP K 197 30.57 38.38 -30.03
N LEU K 198 29.66 37.60 -30.65
CA LEU K 198 28.58 38.19 -31.43
C LEU K 198 27.57 38.82 -30.48
N TYR K 199 27.15 38.10 -29.44
CA TYR K 199 26.21 38.62 -28.46
C TYR K 199 26.79 39.79 -27.68
N SER K 200 28.13 39.83 -27.49
CA SER K 200 28.80 40.94 -26.81
C SER K 200 28.59 42.26 -27.56
N LEU K 201 28.40 42.21 -28.89
CA LEU K 201 28.10 43.39 -29.69
C LEU K 201 26.68 43.92 -29.44
N TYR K 202 25.76 43.06 -28.99
CA TYR K 202 24.37 43.43 -28.71
C TYR K 202 24.06 43.51 -27.20
N ASP K 203 25.10 43.61 -26.34
CA ASP K 203 24.91 43.70 -24.90
C ASP K 203 25.05 45.14 -24.47
N ALA K 204 24.05 45.66 -23.76
CA ALA K 204 24.03 47.04 -23.30
C ALA K 204 25.27 47.45 -22.50
N GLU K 205 25.72 46.62 -21.56
CA GLU K 205 26.87 46.91 -20.71
C GLU K 205 28.17 47.01 -21.49
N THR K 206 28.39 46.11 -22.45
CA THR K 206 29.60 46.14 -23.27
C THR K 206 29.63 47.39 -24.14
N LEU K 207 28.47 47.72 -24.74
CA LEU K 207 28.36 48.90 -25.58
C LEU K 207 28.59 50.15 -24.78
N MET K 208 28.00 50.23 -23.57
CA MET K 208 28.17 51.38 -22.69
C MET K 208 29.63 51.56 -22.30
N ASP K 209 30.35 50.47 -22.04
CA ASP K 209 31.75 50.55 -21.65
C ASP K 209 32.63 51.01 -22.81
N ARG K 210 32.33 50.55 -24.04
CA ARG K 210 33.08 50.99 -25.21
C ARG K 210 32.87 52.48 -25.45
N ILE K 211 31.63 52.95 -25.25
CA ILE K 211 31.30 54.37 -25.38
C ILE K 211 32.00 55.18 -24.27
N LYS K 212 32.06 54.62 -23.04
CA LYS K 212 32.76 55.25 -21.92
C LYS K 212 34.24 55.42 -22.23
N LYS K 213 34.86 54.43 -22.89
CA LYS K 213 36.26 54.51 -23.28
C LYS K 213 36.51 55.63 -24.30
N GLN K 214 35.54 55.88 -25.18
CA GLN K 214 35.62 56.95 -26.15
C GLN K 214 35.38 58.31 -25.49
N LEU K 215 34.49 58.36 -24.48
CA LEU K 215 34.15 59.56 -23.75
C LEU K 215 35.29 60.03 -22.84
N ARG K 216 35.99 59.08 -22.19
CA ARG K 216 37.14 59.42 -21.33
C ARG K 216 38.24 60.14 -22.11
N GLU K 217 38.40 59.81 -23.40
CA GLU K 217 39.35 60.47 -24.29
C GLU K 217 39.06 61.98 -24.44
N TRP K 218 37.79 62.38 -24.26
CA TRP K 218 37.37 63.76 -24.40
C TRP K 218 37.35 64.50 -23.07
N ASP K 219 37.05 63.80 -21.97
CA ASP K 219 36.99 64.43 -20.65
C ASP K 219 37.48 63.48 -19.56
N GLU K 220 38.13 64.02 -18.53
CA GLU K 220 38.68 63.18 -17.46
C GLU K 220 37.74 62.95 -16.28
N ASN K 221 36.43 63.17 -16.47
CA ASN K 221 35.47 62.94 -15.41
C ASN K 221 35.10 61.46 -15.39
N LEU K 222 35.11 60.85 -14.20
CA LEU K 222 34.81 59.43 -14.03
C LEU K 222 33.34 59.11 -14.30
N LYS K 223 33.07 57.90 -14.79
CA LYS K 223 31.71 57.47 -15.13
C LYS K 223 30.89 56.94 -13.93
N ASP K 224 31.47 56.94 -12.74
CA ASP K 224 30.78 56.47 -11.54
C ASP K 224 29.59 57.36 -11.17
N ASP K 225 29.70 58.66 -11.44
CA ASP K 225 28.64 59.60 -11.10
C ASP K 225 28.07 60.33 -12.32
N SER K 226 28.94 60.93 -13.14
CA SER K 226 28.54 61.71 -14.30
C SER K 226 27.64 60.98 -15.29
N LEU K 227 27.94 59.72 -15.59
CA LEU K 227 27.15 58.95 -16.55
C LEU K 227 26.08 58.10 -15.91
N PRO K 228 24.86 58.11 -16.46
CA PRO K 228 23.78 57.28 -15.90
C PRO K 228 24.00 55.78 -16.17
N SER K 229 23.46 54.93 -15.29
CA SER K 229 23.59 53.49 -15.43
C SER K 229 22.53 52.89 -16.35
N ASN K 230 21.34 53.52 -16.43
CA ASN K 230 20.26 53.04 -17.27
C ASN K 230 20.64 53.18 -18.73
N PRO K 231 20.66 52.08 -19.49
CA PRO K 231 21.05 52.16 -20.91
C PRO K 231 20.17 53.06 -21.77
N ILE K 232 18.89 53.23 -21.41
CA ILE K 232 17.99 54.09 -22.17
C ILE K 232 18.42 55.54 -21.99
N ASP K 233 18.53 56.02 -20.74
CA ASP K 233 18.97 57.38 -20.44
C ASP K 233 20.40 57.63 -20.92
N PHE K 234 21.26 56.60 -20.82
CA PHE K 234 22.63 56.65 -21.28
C PHE K 234 22.67 56.89 -22.80
N SER K 235 21.88 56.12 -23.56
CA SER K 235 21.83 56.23 -25.02
C SER K 235 21.35 57.60 -25.48
N TYR K 236 20.36 58.16 -24.76
CA TYR K 236 19.84 59.47 -25.09
C TYR K 236 20.85 60.58 -24.77
N ARG K 237 21.60 60.43 -23.68
CA ARG K 237 22.61 61.41 -23.29
C ARG K 237 23.76 61.41 -24.29
N VAL K 238 24.18 60.22 -24.75
CA VAL K 238 25.25 60.10 -25.73
C VAL K 238 24.83 60.72 -27.07
N ALA K 239 23.58 60.46 -27.49
CA ALA K 239 23.03 61.00 -28.73
C ALA K 239 22.95 62.52 -28.72
N ALA K 240 22.62 63.09 -27.55
CA ALA K 240 22.46 64.54 -27.38
C ALA K 240 23.75 65.33 -27.54
N CYS K 241 24.91 64.69 -27.42
CA CYS K 241 26.18 65.39 -27.54
C CYS K 241 27.06 64.89 -28.68
N LEU K 242 26.46 64.31 -29.72
CA LEU K 242 27.20 63.83 -30.87
C LEU K 242 26.97 64.76 -32.04
N PRO K 243 28.02 65.42 -32.55
CA PRO K 243 27.83 66.36 -33.66
C PRO K 243 27.51 65.70 -34.99
N ILE K 244 26.22 65.63 -35.31
CA ILE K 244 25.74 65.03 -36.55
C ILE K 244 24.80 65.98 -37.30
N ASP K 245 24.61 65.73 -38.58
CA ASP K 245 23.69 66.52 -39.39
C ASP K 245 22.24 66.15 -39.07
N ASP K 246 21.30 67.01 -39.49
CA ASP K 246 19.88 66.82 -39.23
C ASP K 246 19.31 65.50 -39.73
N VAL K 247 19.69 65.06 -40.94
CA VAL K 247 19.18 63.81 -41.49
C VAL K 247 19.59 62.61 -40.62
N LEU K 248 20.86 62.54 -40.18
CA LEU K 248 21.31 61.44 -39.33
C LEU K 248 20.66 61.50 -37.95
N ARG K 249 20.39 62.70 -37.45
CA ARG K 249 19.73 62.87 -36.16
C ARG K 249 18.31 62.32 -36.23
N ILE K 250 17.60 62.60 -37.34
CA ILE K 250 16.25 62.10 -37.57
C ILE K 250 16.25 60.56 -37.59
N GLN K 251 17.21 59.96 -38.31
CA GLN K 251 17.35 58.51 -38.40
C GLN K 251 17.61 57.89 -37.03
N LEU K 252 18.47 58.51 -36.22
CA LEU K 252 18.79 58.03 -34.88
C LEU K 252 17.57 58.11 -33.95
N LEU K 253 16.76 59.16 -34.13
CA LEU K 253 15.55 59.35 -33.34
C LEU K 253 14.52 58.27 -33.65
N LYS K 254 14.44 57.82 -34.92
CA LYS K 254 13.51 56.76 -35.35
C LYS K 254 13.71 55.47 -34.58
N ILE K 255 14.95 55.19 -34.14
CA ILE K 255 15.29 53.97 -33.39
C ILE K 255 14.47 53.85 -32.11
N GLY K 256 13.91 52.66 -31.89
CA GLY K 256 13.10 52.39 -30.72
C GLY K 256 13.84 51.70 -29.58
N SER K 257 14.76 50.80 -29.91
CA SER K 257 15.51 50.07 -28.89
C SER K 257 16.78 50.80 -28.51
N ALA K 258 17.10 50.84 -27.21
CA ALA K 258 18.32 51.50 -26.74
C ALA K 258 19.58 50.79 -27.26
N ILE K 259 19.52 49.45 -27.47
CA ILE K 259 20.64 48.66 -27.98
C ILE K 259 21.04 49.10 -29.38
N GLN K 260 20.05 49.25 -30.26
CA GLN K 260 20.25 49.70 -31.64
C GLN K 260 20.76 51.15 -31.68
N ARG K 261 20.35 51.97 -30.71
CA ARG K 261 20.77 53.36 -30.59
C ARG K 261 22.25 53.41 -30.24
N LEU K 262 22.67 52.61 -29.25
CA LEU K 262 24.07 52.54 -28.80
C LEU K 262 24.98 51.99 -29.89
N ARG K 263 24.52 50.97 -30.62
CA ARG K 263 25.28 50.38 -31.72
C ARG K 263 25.55 51.43 -32.80
N CYS K 264 24.53 52.22 -33.13
CA CYS K 264 24.62 53.27 -34.13
C CYS K 264 25.57 54.37 -33.67
N GLU K 265 25.50 54.75 -32.39
CA GLU K 265 26.38 55.77 -31.82
C GLU K 265 27.84 55.35 -31.89
N LEU K 266 28.14 54.11 -31.51
CA LEU K 266 29.51 53.60 -31.54
C LEU K 266 30.03 53.56 -32.96
N ASP K 267 29.18 53.14 -33.91
CA ASP K 267 29.57 53.07 -35.31
C ASP K 267 29.88 54.47 -35.85
N ILE K 268 29.04 55.46 -35.51
CA ILE K 268 29.25 56.84 -35.94
C ILE K 268 30.55 57.39 -35.36
N MET K 269 30.81 57.11 -34.09
CA MET K 269 32.03 57.58 -33.41
C MET K 269 33.29 57.01 -34.06
N ASN K 270 33.22 55.77 -34.56
CA ASN K 270 34.37 55.14 -35.20
C ASN K 270 34.51 55.55 -36.67
N LYS K 271 33.40 55.67 -37.39
CA LYS K 271 33.43 56.02 -38.81
C LYS K 271 33.75 57.50 -39.06
N CYS K 272 32.88 58.41 -38.59
CA CYS K 272 33.08 59.84 -38.80
C CYS K 272 34.20 60.42 -37.96
N THR K 273 35.43 60.36 -38.46
CA THR K 273 36.56 60.95 -37.76
C THR K 273 36.79 62.41 -38.18
N SER K 274 36.19 62.86 -39.29
CA SER K 274 36.35 64.22 -39.76
C SER K 274 35.04 65.00 -39.66
N LEU K 275 35.14 66.33 -39.58
CA LEU K 275 34.01 67.23 -39.49
C LEU K 275 34.20 68.37 -40.48
N CYS K 276 33.58 68.27 -41.65
CA CYS K 276 33.66 69.28 -42.71
C CYS K 276 32.53 70.32 -42.65
N CYS K 277 32.64 71.41 -43.41
CA CYS K 277 31.60 72.43 -43.50
C CYS K 277 30.37 71.81 -44.14
N LYS K 278 29.19 72.13 -43.62
CA LYS K 278 27.94 71.60 -44.17
C LYS K 278 27.64 72.19 -45.53
N GLN K 279 27.95 73.48 -45.71
CA GLN K 279 27.70 74.17 -46.97
C GLN K 279 28.73 73.75 -48.03
N CYS K 280 30.01 73.72 -47.66
CA CYS K 280 31.09 73.37 -48.58
C CYS K 280 31.10 71.88 -48.91
N GLN K 281 31.02 71.05 -47.86
CA GLN K 281 31.10 69.59 -47.91
C GLN K 281 32.55 69.09 -48.15
N GLU K 282 33.41 69.93 -48.73
CA GLU K 282 34.81 69.56 -48.98
C GLU K 282 35.79 70.22 -48.02
N THR K 283 35.40 71.34 -47.38
CA THR K 283 36.28 72.05 -46.47
C THR K 283 36.34 71.41 -45.10
N GLU K 284 37.47 70.79 -44.77
CA GLU K 284 37.66 70.14 -43.47
C GLU K 284 37.84 71.19 -42.39
N ILE K 285 37.09 71.07 -41.30
CA ILE K 285 37.17 72.04 -40.21
C ILE K 285 37.93 71.48 -39.01
N THR K 286 37.58 70.27 -38.58
CA THR K 286 38.22 69.64 -37.42
C THR K 286 38.08 68.09 -37.45
N THR K 287 38.74 67.39 -36.52
CA THR K 287 38.68 65.94 -36.37
C THR K 287 38.22 65.58 -34.94
N LYS K 288 37.77 64.34 -34.73
CA LYS K 288 37.35 63.91 -33.40
C LYS K 288 38.48 63.89 -32.36
N ASN K 289 39.74 63.91 -32.81
CA ASN K 289 40.90 63.97 -31.93
C ASN K 289 40.92 65.29 -31.16
N GLU K 290 40.46 66.39 -31.78
CA GLU K 290 40.42 67.71 -31.16
C GLU K 290 39.19 67.93 -30.26
N ILE K 291 38.19 67.05 -30.33
CA ILE K 291 36.97 67.18 -29.52
C ILE K 291 37.26 66.92 -28.06
N PHE K 292 36.69 67.75 -27.18
CA PHE K 292 36.82 67.59 -25.74
C PHE K 292 35.57 68.14 -25.05
N SER K 293 35.23 67.59 -23.88
CA SER K 293 34.05 68.04 -23.15
C SER K 293 34.36 69.17 -22.20
N LEU K 294 33.78 70.34 -22.45
CA LEU K 294 33.91 71.49 -21.58
C LEU K 294 32.70 71.64 -20.64
N SER K 295 31.62 70.87 -20.87
CA SER K 295 30.40 70.89 -20.06
C SER K 295 30.11 69.50 -19.46
N LEU K 296 29.23 69.43 -18.45
CA LEU K 296 28.87 68.16 -17.81
C LEU K 296 28.01 67.27 -18.73
N CYS K 297 27.21 67.90 -19.62
CA CYS K 297 26.36 67.18 -20.56
C CYS K 297 27.19 66.44 -21.63
N GLY K 298 28.33 67.02 -21.99
CA GLY K 298 29.24 66.47 -22.98
C GLY K 298 29.97 67.56 -23.75
N PRO K 299 30.57 67.21 -24.89
CA PRO K 299 31.26 68.23 -25.69
C PRO K 299 30.31 69.19 -26.39
N MET K 300 29.12 68.70 -26.76
CA MET K 300 28.12 69.50 -27.45
C MET K 300 26.90 69.69 -26.58
N ALA K 301 26.35 70.91 -26.57
CA ALA K 301 25.16 71.25 -25.80
C ALA K 301 24.39 72.36 -26.48
N ALA K 302 23.08 72.46 -26.21
CA ALA K 302 22.25 73.50 -26.81
C ALA K 302 22.30 74.76 -25.98
N TYR K 303 22.52 75.89 -26.64
CA TYR K 303 22.54 77.19 -25.97
C TYR K 303 21.68 78.19 -26.75
N VAL K 304 21.14 79.18 -26.05
CA VAL K 304 20.31 80.20 -26.69
C VAL K 304 21.07 81.53 -26.78
N ASN K 305 20.87 82.26 -27.87
CA ASN K 305 21.49 83.56 -28.05
C ASN K 305 20.49 84.67 -27.61
N PRO K 306 20.92 85.95 -27.47
CA PRO K 306 19.98 86.99 -27.02
C PRO K 306 18.70 87.10 -27.83
N HIS K 307 18.77 86.88 -29.15
CA HIS K 307 17.60 86.96 -30.03
C HIS K 307 16.64 85.78 -29.98
N GLY K 308 17.05 84.68 -29.36
CA GLY K 308 16.20 83.50 -29.26
C GLY K 308 16.58 82.31 -30.11
N TYR K 309 17.62 82.46 -30.95
CA TYR K 309 18.10 81.36 -31.80
C TYR K 309 18.84 80.33 -30.96
N VAL K 310 18.69 79.05 -31.29
CA VAL K 310 19.34 77.98 -30.55
C VAL K 310 20.51 77.39 -31.34
N HIS K 311 21.64 77.19 -30.68
CA HIS K 311 22.82 76.62 -31.31
C HIS K 311 23.32 75.43 -30.51
N GLU K 312 23.34 74.23 -31.12
CA GLU K 312 23.89 73.05 -30.46
C GLU K 312 25.39 73.17 -30.69
N THR K 313 26.06 73.89 -29.80
CA THR K 313 27.48 74.19 -29.94
C THR K 313 28.40 73.12 -29.36
N LEU K 314 29.43 72.77 -30.13
CA LEU K 314 30.44 71.76 -29.79
C LEU K 314 31.77 72.45 -29.48
N THR K 315 32.43 72.05 -28.39
CA THR K 315 33.72 72.63 -27.98
C THR K 315 34.90 71.78 -28.47
N VAL K 316 35.80 72.39 -29.22
CA VAL K 316 36.99 71.71 -29.75
C VAL K 316 38.27 72.50 -29.45
N TYR K 317 39.42 71.80 -29.43
CA TYR K 317 40.70 72.45 -29.15
C TYR K 317 41.16 73.30 -30.33
N LYS K 318 41.32 72.68 -31.52
CA LYS K 318 41.79 73.40 -32.70
C LYS K 318 40.82 73.33 -33.86
N ALA K 319 40.85 74.35 -34.71
CA ALA K 319 40.01 74.42 -35.90
C ALA K 319 40.78 75.16 -37.00
N CYS K 320 40.60 74.74 -38.24
CA CYS K 320 41.28 75.35 -39.37
C CYS K 320 40.31 75.80 -40.47
N ASN K 321 40.83 76.54 -41.46
CA ASN K 321 40.06 77.07 -42.59
C ASN K 321 38.93 77.96 -42.08
N LEU K 322 39.24 78.84 -41.12
CA LEU K 322 38.27 79.75 -40.54
C LEU K 322 38.83 81.15 -40.38
N ASN K 323 38.04 82.16 -40.76
CA ASN K 323 38.43 83.56 -40.61
C ASN K 323 37.63 84.20 -39.50
N LEU K 324 38.24 85.11 -38.74
CA LEU K 324 37.56 85.78 -37.64
C LEU K 324 36.96 87.10 -38.08
N ILE K 325 35.71 87.35 -37.70
CA ILE K 325 34.99 88.57 -38.05
C ILE K 325 34.76 89.39 -36.78
N GLY K 326 35.12 90.66 -36.83
CA GLY K 326 34.94 91.55 -35.70
C GLY K 326 36.00 91.39 -34.63
N ARG K 327 35.71 91.88 -33.42
CA ARG K 327 36.64 91.80 -32.30
C ARG K 327 36.04 91.01 -31.12
N PRO K 328 36.87 90.42 -30.25
CA PRO K 328 36.33 89.65 -29.13
C PRO K 328 35.41 90.45 -28.20
N SER K 329 34.35 89.79 -27.71
CA SER K 329 33.39 90.42 -26.81
C SER K 329 32.94 89.45 -25.73
N THR K 330 32.69 89.94 -24.52
CA THR K 330 32.24 89.08 -23.41
C THR K 330 30.74 89.23 -23.10
N GLU K 331 29.96 89.81 -24.02
CA GLU K 331 28.54 90.03 -23.81
C GLU K 331 27.72 88.81 -24.12
N HIS K 332 26.87 88.38 -23.17
CA HIS K 332 25.99 87.21 -23.27
C HIS K 332 26.78 85.93 -23.56
N SER K 333 28.02 85.84 -23.09
CA SER K 333 28.88 84.70 -23.32
C SER K 333 28.36 83.45 -22.60
N TRP K 334 28.31 82.33 -23.31
CA TRP K 334 27.85 81.07 -22.74
C TRP K 334 28.88 80.43 -21.80
N PHE K 335 30.16 80.79 -21.94
CA PHE K 335 31.24 80.27 -21.13
C PHE K 335 31.86 81.42 -20.34
N PRO K 336 31.42 81.61 -19.08
CA PRO K 336 31.94 82.72 -18.27
C PRO K 336 33.47 82.76 -18.18
N GLY K 337 34.04 83.93 -18.44
CA GLY K 337 35.48 84.15 -18.43
C GLY K 337 36.13 84.06 -19.80
N TYR K 338 35.31 83.95 -20.87
CA TYR K 338 35.81 83.86 -22.23
C TYR K 338 35.12 84.87 -23.14
N ALA K 339 35.84 85.34 -24.16
CA ALA K 339 35.34 86.30 -25.14
C ALA K 339 35.21 85.63 -26.48
N TRP K 340 34.07 85.82 -27.15
CA TRP K 340 33.78 85.21 -28.43
C TRP K 340 34.07 86.14 -29.61
N THR K 341 34.39 85.54 -30.77
CA THR K 341 34.64 86.25 -32.02
C THR K 341 34.06 85.39 -33.12
N VAL K 342 33.17 85.94 -33.95
CA VAL K 342 32.52 85.21 -35.03
C VAL K 342 33.51 84.53 -35.98
N ALA K 343 33.27 83.25 -36.33
CA ALA K 343 34.13 82.49 -37.22
C ALA K 343 33.39 82.05 -38.48
N GLN K 344 33.96 82.36 -39.64
CA GLN K 344 33.35 82.02 -40.92
C GLN K 344 34.24 81.08 -41.70
N CYS K 345 33.64 80.28 -42.58
CA CYS K 345 34.39 79.36 -43.42
C CYS K 345 35.24 80.16 -44.42
N LYS K 346 36.46 79.68 -44.67
CA LYS K 346 37.40 80.33 -45.59
C LYS K 346 36.93 80.33 -47.04
N ILE K 347 36.10 79.36 -47.43
CA ILE K 347 35.66 79.24 -48.81
C ILE K 347 34.24 79.75 -49.05
N CYS K 348 33.25 79.24 -48.30
CA CYS K 348 31.87 79.64 -48.51
C CYS K 348 31.42 80.84 -47.67
N ALA K 349 32.24 81.28 -46.70
CA ALA K 349 31.95 82.39 -45.78
C ALA K 349 30.69 82.19 -44.98
N SER K 350 30.32 80.94 -44.70
CA SER K 350 29.15 80.64 -43.89
C SER K 350 29.57 80.63 -42.43
N HIS K 351 28.71 81.14 -41.54
CA HIS K 351 29.02 81.18 -40.11
C HIS K 351 29.12 79.76 -39.52
N ILE K 352 30.30 79.41 -39.00
CA ILE K 352 30.56 78.09 -38.44
C ILE K 352 30.46 78.08 -36.93
N GLY K 353 30.90 79.16 -36.29
CA GLY K 353 30.86 79.27 -34.85
C GLY K 353 31.56 80.48 -34.29
N TRP K 354 32.23 80.31 -33.15
CA TRP K 354 32.93 81.40 -32.48
C TRP K 354 34.27 80.93 -31.91
N LYS K 355 35.19 81.88 -31.74
CA LYS K 355 36.49 81.59 -31.15
C LYS K 355 36.49 82.16 -29.75
N PHE K 356 36.65 81.30 -28.74
CA PHE K 356 36.65 81.73 -27.36
C PHE K 356 38.04 81.93 -26.83
N THR K 357 38.31 83.13 -26.34
CA THR K 357 39.61 83.50 -25.80
C THR K 357 39.46 83.87 -24.33
N ALA K 358 40.34 83.36 -23.47
CA ALA K 358 40.27 83.64 -22.05
C ALA K 358 40.58 85.09 -21.74
N THR K 359 39.83 85.68 -20.81
CA THR K 359 40.04 87.08 -20.42
C THR K 359 41.26 87.20 -19.50
N LYS K 360 41.48 86.20 -18.63
CA LYS K 360 42.60 86.17 -17.69
C LYS K 360 43.68 85.19 -18.17
N LYS K 361 44.95 85.47 -17.82
CA LYS K 361 46.09 84.64 -18.20
C LYS K 361 46.14 83.31 -17.46
N ASP K 362 45.64 83.28 -16.22
CA ASP K 362 45.67 82.06 -15.39
C ASP K 362 44.67 80.98 -15.83
N MET K 363 43.71 81.32 -16.70
CA MET K 363 42.74 80.35 -17.18
C MET K 363 43.37 79.34 -18.13
N SER K 364 42.84 78.10 -18.12
CA SER K 364 43.34 77.05 -19.00
C SER K 364 42.18 76.14 -19.40
N PRO K 365 41.97 75.90 -20.72
CA PRO K 365 42.77 76.39 -21.85
C PRO K 365 42.58 77.87 -22.15
N GLN K 366 43.62 78.50 -22.68
CA GLN K 366 43.59 79.92 -23.01
C GLN K 366 42.68 80.22 -24.20
N LYS K 367 42.54 79.27 -25.13
CA LYS K 367 41.69 79.46 -26.29
C LYS K 367 41.08 78.16 -26.77
N PHE K 368 39.85 78.23 -27.27
CA PHE K 368 39.13 77.07 -27.81
C PHE K 368 38.11 77.51 -28.87
N TRP K 369 37.47 76.55 -29.55
CA TRP K 369 36.51 76.85 -30.59
C TRP K 369 35.14 76.26 -30.28
N GLY K 370 34.10 77.02 -30.58
CA GLY K 370 32.73 76.59 -30.39
C GLY K 370 32.02 76.57 -31.73
N LEU K 371 31.70 75.37 -32.23
CA LEU K 371 31.09 75.24 -33.55
C LEU K 371 29.61 74.85 -33.49
N THR K 372 28.76 75.52 -34.28
CA THR K 372 27.33 75.19 -34.29
C THR K 372 27.07 73.94 -35.13
N ARG K 373 26.28 73.01 -34.59
CA ARG K 373 25.96 71.74 -35.25
C ARG K 373 25.26 71.93 -36.58
N SER K 374 24.34 72.91 -36.65
CA SER K 374 23.60 73.22 -37.87
C SER K 374 24.51 73.62 -39.05
N ALA K 375 25.77 73.99 -38.79
CA ALA K 375 26.70 74.37 -39.84
C ALA K 375 27.81 73.35 -40.09
N LEU K 376 27.76 72.17 -39.43
CA LEU K 376 28.78 71.14 -39.61
C LEU K 376 28.24 69.89 -40.32
N LEU K 377 29.15 69.06 -40.86
CA LEU K 377 28.81 67.83 -41.55
C LEU K 377 29.84 66.76 -41.24
N PRO K 378 29.42 65.61 -40.70
CA PRO K 378 30.39 64.54 -40.40
C PRO K 378 30.86 63.83 -41.66
N THR K 379 32.17 63.62 -41.79
CA THR K 379 32.73 63.00 -42.97
C THR K 379 33.61 61.80 -42.65
N ILE K 380 33.45 60.73 -43.44
CA ILE K 380 34.24 59.52 -43.32
C ILE K 380 35.49 59.71 -44.20
N PRO K 381 36.68 59.36 -43.70
CA PRO K 381 37.89 59.51 -44.52
C PRO K 381 37.96 58.58 -45.73
N ASP K 382 38.96 58.79 -46.61
CA ASP K 382 39.17 58.02 -47.85
C ASP K 382 38.01 58.32 -48.85
N THR K 383 37.43 57.32 -49.55
CA THR K 383 36.36 57.59 -50.51
C THR K 383 35.19 56.60 -50.34
N GLU K 384 34.03 57.12 -49.86
CA GLU K 384 32.82 56.34 -49.63
C GLU K 384 31.60 57.27 -49.38
N ASP K 385 30.38 56.70 -49.37
CA ASP K 385 29.16 57.48 -49.12
C ASP K 385 28.75 57.45 -47.62
N GLU K 386 27.56 57.97 -47.25
CA GLU K 386 27.12 58.01 -45.86
C GLU K 386 26.16 56.87 -45.49
N ILE K 387 26.45 56.14 -44.40
CA ILE K 387 25.62 55.04 -43.93
C ILE K 387 25.72 54.87 -42.40
N SER K 388 24.60 54.58 -41.73
CA SER K 388 24.59 54.41 -40.27
C SER K 388 24.00 53.08 -39.82
N PRO K 389 24.86 52.07 -39.56
CA PRO K 389 24.36 50.75 -39.13
C PRO K 389 23.62 50.74 -37.78
N ASP K 390 22.53 49.96 -37.72
CA ASP K 390 21.64 49.77 -36.58
C ASP K 390 21.04 51.09 -36.10
N GLU L 2 32.44 102.09 -33.30
CA GLU L 2 32.08 101.18 -32.21
C GLU L 2 31.31 99.93 -32.68
N ARG L 3 30.99 99.83 -33.98
CA ARG L 3 30.25 98.72 -34.60
C ARG L 3 28.87 98.53 -33.97
N PRO L 4 27.89 99.37 -34.33
CA PRO L 4 26.56 99.25 -33.73
C PRO L 4 25.60 98.30 -34.45
N PHE L 5 25.85 98.00 -35.73
CA PHE L 5 25.00 97.10 -36.50
C PHE L 5 25.39 95.67 -36.22
N HIS L 6 24.51 94.86 -35.58
CA HIS L 6 24.85 93.48 -35.29
C HIS L 6 23.91 92.46 -35.91
N CYS L 7 24.41 91.24 -36.15
CA CYS L 7 23.64 90.15 -36.76
C CYS L 7 22.79 89.45 -35.72
N ASN L 8 21.48 89.37 -35.96
CA ASN L 8 20.54 88.72 -35.05
C ASN L 8 20.86 87.24 -34.86
N GLN L 9 21.32 86.56 -35.92
CA GLN L 9 21.63 85.13 -35.92
C GLN L 9 22.89 84.73 -35.13
N CYS L 10 24.05 85.34 -35.42
CA CYS L 10 25.30 84.96 -34.76
C CYS L 10 25.85 86.02 -33.80
N GLY L 11 25.61 87.28 -34.11
CA GLY L 11 26.08 88.38 -33.27
C GLY L 11 27.27 89.11 -33.83
N ALA L 12 27.46 89.06 -35.16
CA ALA L 12 28.59 89.72 -35.80
C ALA L 12 28.48 91.24 -35.75
N SER L 13 29.48 91.88 -35.16
CA SER L 13 29.53 93.34 -35.04
C SER L 13 30.00 93.95 -36.35
N PHE L 14 29.30 94.99 -36.82
CA PHE L 14 29.63 95.67 -38.08
C PHE L 14 29.57 97.18 -37.94
N THR L 15 30.53 97.86 -38.55
CA THR L 15 30.60 99.33 -38.53
C THR L 15 29.51 99.95 -39.41
N GLN L 16 29.17 99.29 -40.53
CA GLN L 16 28.19 99.83 -41.47
C GLN L 16 26.99 98.90 -41.71
N LYS L 17 25.87 99.47 -42.16
CA LYS L 17 24.64 98.71 -42.44
C LYS L 17 24.78 97.81 -43.68
N GLY L 18 25.56 98.26 -44.66
CA GLY L 18 25.80 97.50 -45.88
C GLY L 18 26.58 96.23 -45.62
N ASN L 19 27.49 96.26 -44.64
CA ASN L 19 28.27 95.10 -44.24
C ASN L 19 27.38 94.03 -43.60
N LEU L 20 26.41 94.49 -42.79
CA LEU L 20 25.48 93.61 -42.10
C LEU L 20 24.47 92.96 -43.05
N LEU L 21 23.91 93.75 -43.99
CA LEU L 21 22.92 93.24 -44.96
C LEU L 21 23.49 92.14 -45.85
N ARG L 22 24.78 92.18 -46.12
CA ARG L 22 25.43 91.16 -46.94
C ARG L 22 25.70 89.90 -46.09
N HIS L 23 26.14 90.09 -44.85
CA HIS L 23 26.43 89.00 -43.90
C HIS L 23 25.20 88.16 -43.58
N ILE L 24 24.01 88.80 -43.53
CA ILE L 24 22.74 88.11 -43.27
C ILE L 24 22.43 87.13 -44.42
N LYS L 25 22.73 87.51 -45.65
CA LYS L 25 22.50 86.69 -46.82
C LYS L 25 23.40 85.45 -46.89
N LEU L 26 24.55 85.48 -46.19
CA LEU L 26 25.48 84.35 -46.11
C LEU L 26 24.86 83.20 -45.29
N HIS L 27 24.03 83.51 -44.28
CA HIS L 27 23.36 82.50 -43.47
C HIS L 27 22.25 81.81 -44.27
N SER L 28 21.64 82.51 -45.25
CA SER L 28 20.57 81.98 -46.10
C SER L 28 21.10 80.84 -46.99
N GLY L 29 22.33 80.99 -47.48
CA GLY L 29 22.99 79.99 -48.32
C GLY L 29 22.36 79.80 -49.68
#